data_7W5U
#
_entry.id   7W5U
#
_cell.length_a   117.001
_cell.length_b   202.390
_cell.length_c   204.954
_cell.angle_alpha   90.000
_cell.angle_beta   90.000
_cell.angle_gamma   90.000
#
_symmetry.space_group_name_H-M   'P 21 21 21'
#
loop_
_entity.id
_entity.type
_entity.pdbx_description
1 polymer 'Acetyl-CoA carboxylase complex, beta-chain'
2 non-polymer 'SULFATE ION'
3 non-polymer GLYCEROL
4 water water
#
_entity_poly.entity_id   1
_entity_poly.type   'polypeptide(L)'
_entity_poly.pdbx_seq_one_letter_code
;MRKQLDELLDIKESARGGPDPDATRRQHDKGKLTARERIELLLDKDSFQEIEQLRRHRATGFGLEAKKPYTDGVITGWGT
VHGRTVFVYAHDFRIFGGALGEAHAQKIHKLMDMAIAAGAPLVSLNDGAGARIQEGVTALAGYGGIFQRNTRASGVIPQI
SVMLGPCAGGAAYSPALTDFVFMVRGTSQMFITGPDVVRAVTGEEIGQEGLGGADVHSRTSGVAHFAYDDEETCLEEVRF
LLSMLPANNRESAPAVPCDDPADRRGQALYDLVPADGNRPYDMRAVIEEIVDDGTHLEVHERWATNVICTLARLDGKVVG
IVANQPQSLAGVLDIAASEKAASFVQTCDSFNIPLVTLLDVPGFLPGVDQEHNGIIRHGAKLLYAYCNATVPRISLVLRK
AYGGAYIVMDSRSIGADLALAWPTNEIAVMGAEGAAGVIFRRDINAADDPEAVRRQRVEEYKAELMHPYYAAERGLVDDV
IDPADTREVLIRGLAMLRTKHADLPMRKHGNPPQ
;
_entity_poly.pdbx_strand_id   A,B,C,D,E,F
#
loop_
_chem_comp.id
_chem_comp.type
_chem_comp.name
_chem_comp.formula
GOL non-polymer GLYCEROL 'C3 H8 O3'
SO4 non-polymer 'SULFATE ION' 'O4 S -2'
#
# COMPACT_ATOMS: atom_id res chain seq x y z
N ARG A 2 -41.71 18.66 32.92
CA ARG A 2 -42.97 17.96 33.04
C ARG A 2 -42.70 16.62 33.74
N LYS A 3 -43.62 15.67 33.58
CA LYS A 3 -43.68 14.41 34.34
C LYS A 3 -42.50 13.55 33.87
N GLN A 4 -42.22 13.57 32.56
CA GLN A 4 -41.20 12.69 31.91
C GLN A 4 -39.80 13.09 32.36
N LEU A 5 -39.52 14.40 32.47
CA LEU A 5 -38.21 14.93 32.93
C LEU A 5 -37.95 14.51 34.38
N ASP A 6 -38.96 14.59 35.23
CA ASP A 6 -38.90 14.25 36.67
C ASP A 6 -38.62 12.75 36.79
N GLU A 7 -39.33 11.92 36.03
CA GLU A 7 -39.07 10.45 35.98
C GLU A 7 -37.60 10.23 35.57
N LEU A 8 -37.10 10.96 34.56
CA LEU A 8 -35.72 10.80 34.03
C LEU A 8 -34.70 11.17 35.11
N LEU A 9 -34.88 12.28 35.84
CA LEU A 9 -33.96 12.66 36.95
C LEU A 9 -33.98 11.59 38.04
N ASP A 10 -35.14 10.97 38.29
CA ASP A 10 -35.31 9.93 39.36
C ASP A 10 -34.48 8.70 38.91
N ILE A 11 -34.72 8.18 37.69
CA ILE A 11 -34.05 6.94 37.21
C ILE A 11 -32.53 7.21 37.18
N LYS A 12 -32.06 8.37 36.72
CA LYS A 12 -30.61 8.67 36.61
C LYS A 12 -30.00 8.71 38.02
N GLU A 13 -30.69 9.37 38.95
CA GLU A 13 -30.24 9.47 40.35
C GLU A 13 -30.19 8.07 40.97
N SER A 14 -31.15 7.23 40.67
CA SER A 14 -31.25 5.84 41.21
C SER A 14 -30.11 4.98 40.63
N ALA A 15 -29.74 5.18 39.36
CA ALA A 15 -28.62 4.44 38.73
C ALA A 15 -27.28 4.92 39.30
N ARG A 16 -27.09 6.23 39.44
CA ARG A 16 -25.86 6.89 39.97
C ARG A 16 -25.54 6.36 41.37
N GLY A 17 -26.56 6.28 42.24
CA GLY A 17 -26.37 5.93 43.67
C GLY A 17 -26.24 4.45 43.87
N GLY A 18 -26.28 3.66 42.80
CA GLY A 18 -26.13 2.20 42.89
C GLY A 18 -27.34 1.57 43.57
N PRO A 19 -27.24 0.30 44.00
CA PRO A 19 -28.39 -0.46 44.48
C PRO A 19 -28.95 0.02 45.83
N ASP A 20 -28.08 0.39 46.78
CA ASP A 20 -28.49 0.95 48.11
C ASP A 20 -27.33 1.70 48.79
N PRO A 21 -27.58 2.69 49.69
CA PRO A 21 -26.53 3.39 50.43
C PRO A 21 -25.78 2.58 51.51
N ASP A 22 -26.36 1.46 51.99
CA ASP A 22 -25.61 0.50 52.84
C ASP A 22 -24.43 -0.14 52.08
N ALA A 23 -24.58 -0.48 50.80
CA ALA A 23 -23.53 -1.06 49.93
C ALA A 23 -22.41 -0.02 49.76
N THR A 24 -22.74 1.27 49.58
CA THR A 24 -21.75 2.37 49.52
C THR A 24 -20.94 2.42 50.82
N ARG A 25 -21.58 2.32 51.96
CA ARG A 25 -20.93 2.40 53.30
C ARG A 25 -20.02 1.18 53.47
N ARG A 26 -20.48 -0.04 53.15
CA ARG A 26 -19.67 -1.29 53.22
C ARG A 26 -18.39 -1.08 52.39
N GLN A 27 -18.48 -0.39 51.23
CA GLN A 27 -17.33 -0.15 50.31
C GLN A 27 -16.38 0.84 50.99
N HIS A 28 -16.88 1.98 51.48
CA HIS A 28 -16.08 3.01 52.18
C HIS A 28 -15.44 2.43 53.45
N ASP A 29 -16.12 1.50 54.11
CA ASP A 29 -15.65 0.88 55.38
C ASP A 29 -14.40 0.05 55.10
N LYS A 30 -14.27 -0.52 53.89
CA LYS A 30 -13.08 -1.33 53.50
C LYS A 30 -11.91 -0.42 53.10
N GLY A 31 -12.08 0.90 53.12
CA GLY A 31 -11.07 1.87 52.69
C GLY A 31 -11.05 2.00 51.16
N LYS A 32 -12.18 1.73 50.49
CA LYS A 32 -12.30 1.76 49.01
C LYS A 32 -13.20 2.93 48.60
N LEU A 33 -12.98 3.52 47.42
CA LEU A 33 -13.90 4.50 46.81
C LEU A 33 -14.91 3.74 45.94
N THR A 34 -16.00 4.40 45.54
CA THR A 34 -16.97 3.87 44.56
C THR A 34 -16.40 4.09 43.16
N ALA A 35 -16.89 3.32 42.20
CA ALA A 35 -16.58 3.44 40.77
C ALA A 35 -16.69 4.91 40.33
N ARG A 36 -17.75 5.62 40.68
CA ARG A 36 -17.97 7.01 40.23
C ARG A 36 -17.00 7.97 40.90
N GLU A 37 -16.65 7.75 42.16
CA GLU A 37 -15.67 8.61 42.86
C GLU A 37 -14.31 8.45 42.16
N ARG A 38 -13.97 7.23 41.73
CA ARG A 38 -12.69 6.92 41.06
C ARG A 38 -12.64 7.61 39.68
N ILE A 39 -13.73 7.57 38.95
CA ILE A 39 -13.83 8.21 37.61
C ILE A 39 -13.67 9.71 37.78
N GLU A 40 -14.18 10.31 38.85
CA GLU A 40 -14.10 11.77 39.11
C GLU A 40 -12.64 12.16 39.39
N LEU A 41 -11.89 11.34 40.14
CA LEU A 41 -10.45 11.60 40.41
C LEU A 41 -9.63 11.46 39.12
N LEU A 42 -9.95 10.49 38.27
CA LEU A 42 -9.19 10.21 37.02
C LEU A 42 -9.41 11.35 36.02
N LEU A 43 -10.67 11.73 35.78
CA LEU A 43 -11.05 12.62 34.65
C LEU A 43 -11.09 14.08 35.12
N ASP A 44 -10.82 15.00 34.19
CA ASP A 44 -11.04 16.46 34.33
C ASP A 44 -12.48 16.71 34.78
N LYS A 45 -12.71 17.70 35.65
CA LYS A 45 -14.05 18.12 36.14
C LYS A 45 -14.98 18.26 34.94
N ASP A 46 -16.16 17.63 35.02
CA ASP A 46 -17.31 17.85 34.11
C ASP A 46 -17.02 17.33 32.69
N SER A 47 -16.00 16.50 32.50
CA SER A 47 -15.65 15.96 31.15
C SER A 47 -16.41 14.65 30.90
N PHE A 48 -16.80 13.93 31.95
CA PHE A 48 -17.29 12.53 31.84
C PHE A 48 -18.65 12.48 31.12
N GLN A 49 -18.75 11.65 30.10
CA GLN A 49 -19.99 11.35 29.33
C GLN A 49 -20.20 9.86 29.43
N GLU A 50 -21.31 9.44 30.04
CA GLU A 50 -21.56 8.01 30.33
C GLU A 50 -22.35 7.40 29.16
N ILE A 51 -22.10 6.13 28.90
CA ILE A 51 -22.85 5.30 27.91
C ILE A 51 -23.44 4.11 28.68
N GLU A 52 -24.71 3.79 28.40
CA GLU A 52 -25.41 2.58 28.91
C GLU A 52 -25.50 2.62 30.46
N GLN A 53 -25.65 3.82 31.04
CA GLN A 53 -25.98 3.99 32.48
C GLN A 53 -27.18 3.12 32.86
N LEU A 54 -28.22 3.05 32.02
CA LEU A 54 -29.50 2.40 32.37
C LEU A 54 -29.54 0.94 31.93
N ARG A 55 -28.43 0.40 31.44
CA ARG A 55 -28.37 -1.03 31.04
C ARG A 55 -28.68 -1.92 32.24
N ARG A 56 -29.48 -2.97 32.04
CA ARG A 56 -29.84 -3.97 33.07
C ARG A 56 -29.67 -5.37 32.48
N HIS A 57 -29.40 -6.35 33.32
CA HIS A 57 -29.15 -7.73 32.86
C HIS A 57 -30.49 -8.33 32.43
N ARG A 58 -30.42 -9.43 31.69
CA ARG A 58 -31.57 -10.20 31.17
C ARG A 58 -31.43 -11.68 31.55
N ALA A 59 -30.63 -12.03 32.56
CA ALA A 59 -30.40 -13.45 32.97
C ALA A 59 -31.54 -13.89 33.91
N THR A 60 -31.75 -15.20 34.10
CA THR A 60 -32.89 -15.73 34.89
C THR A 60 -32.53 -16.85 35.87
N GLY A 61 -31.36 -17.49 35.82
CA GLY A 61 -31.01 -18.50 36.86
C GLY A 61 -30.98 -17.94 38.28
N PHE A 62 -31.16 -18.81 39.30
CA PHE A 62 -30.69 -18.66 40.70
C PHE A 62 -31.00 -17.28 41.31
N GLY A 63 -32.18 -16.70 41.09
CA GLY A 63 -32.63 -15.48 41.79
C GLY A 63 -32.17 -14.17 41.13
N LEU A 64 -31.52 -14.25 39.96
CA LEU A 64 -31.02 -13.07 39.22
C LEU A 64 -32.20 -12.20 38.75
N GLU A 65 -33.32 -12.79 38.34
CA GLU A 65 -34.49 -12.08 37.74
C GLU A 65 -34.96 -10.99 38.73
N ALA A 66 -34.72 -11.18 40.03
CA ALA A 66 -35.15 -10.30 41.14
C ALA A 66 -34.20 -9.10 41.33
N LYS A 67 -32.92 -9.24 41.01
CA LYS A 67 -31.86 -8.22 41.28
C LYS A 67 -31.25 -7.73 39.95
N LYS A 68 -31.85 -6.70 39.32
CA LYS A 68 -31.45 -6.14 38.00
C LYS A 68 -31.05 -4.67 38.17
N PRO A 69 -29.96 -4.36 38.88
CA PRO A 69 -29.55 -2.96 39.04
C PRO A 69 -29.06 -2.31 37.75
N TYR A 70 -29.37 -1.02 37.62
CA TYR A 70 -28.93 -0.14 36.51
C TYR A 70 -27.40 -0.16 36.44
N THR A 71 -26.85 -0.11 35.22
CA THR A 71 -25.42 -0.18 34.85
C THR A 71 -24.96 -1.64 34.71
N ASP A 72 -25.71 -2.58 35.30
CA ASP A 72 -25.31 -4.00 35.44
C ASP A 72 -23.89 -4.16 35.97
N GLY A 73 -23.34 -3.24 36.75
CA GLY A 73 -22.12 -3.51 37.53
C GLY A 73 -20.86 -2.90 36.91
N VAL A 74 -20.98 -2.16 35.80
CA VAL A 74 -19.81 -1.48 35.20
C VAL A 74 -20.27 -0.11 34.69
N ILE A 75 -19.46 0.91 34.98
CA ILE A 75 -19.64 2.30 34.48
C ILE A 75 -18.70 2.48 33.30
N THR A 76 -19.23 2.88 32.14
CA THR A 76 -18.47 3.02 30.89
C THR A 76 -18.71 4.42 30.33
N GLY A 77 -17.64 5.06 29.88
CA GLY A 77 -17.78 6.31 29.12
C GLY A 77 -16.44 6.87 28.78
N TRP A 78 -16.43 8.15 28.42
CA TRP A 78 -15.21 8.89 28.07
C TRP A 78 -15.23 10.25 28.77
N GLY A 79 -14.06 10.83 28.96
CA GLY A 79 -13.88 12.21 29.38
C GLY A 79 -12.56 12.74 28.84
N THR A 80 -11.91 13.61 29.59
CA THR A 80 -10.58 14.17 29.22
C THR A 80 -9.66 14.01 30.43
N VAL A 81 -8.37 13.84 30.15
CA VAL A 81 -7.25 13.99 31.11
C VAL A 81 -6.30 15.03 30.48
N HIS A 82 -6.12 16.17 31.14
CA HIS A 82 -5.32 17.32 30.64
C HIS A 82 -5.83 17.75 29.26
N GLY A 83 -7.14 17.67 29.02
CA GLY A 83 -7.79 18.17 27.79
C GLY A 83 -7.87 17.14 26.68
N ARG A 84 -7.26 15.97 26.89
CA ARG A 84 -7.18 14.88 25.89
C ARG A 84 -8.21 13.79 26.19
N THR A 85 -8.92 13.32 25.18
CA THR A 85 -10.02 12.37 25.47
C THR A 85 -9.41 11.03 25.92
N VAL A 86 -10.03 10.43 26.92
CA VAL A 86 -9.65 9.11 27.50
C VAL A 86 -10.95 8.32 27.70
N PHE A 87 -10.94 7.04 27.38
CA PHE A 87 -12.08 6.12 27.58
C PHE A 87 -11.81 5.34 28.86
N VAL A 88 -12.86 5.09 29.64
CA VAL A 88 -12.75 4.44 30.98
C VAL A 88 -13.92 3.49 31.19
N TYR A 89 -13.63 2.36 31.81
CA TYR A 89 -14.63 1.48 32.43
C TYR A 89 -14.18 1.19 33.86
N ALA A 90 -15.16 1.08 34.75
CA ALA A 90 -14.97 0.92 36.20
C ALA A 90 -16.01 -0.06 36.74
N HIS A 91 -15.57 -1.18 37.29
CA HIS A 91 -16.44 -2.15 37.97
C HIS A 91 -17.07 -1.50 39.21
N ASP A 92 -18.34 -1.79 39.46
CA ASP A 92 -19.08 -1.40 40.69
C ASP A 92 -19.23 -2.63 41.58
N PHE A 93 -18.38 -2.76 42.59
CA PHE A 93 -18.29 -3.92 43.50
C PHE A 93 -19.63 -4.12 44.24
N ARG A 94 -20.44 -3.07 44.35
CA ARG A 94 -21.75 -3.10 45.06
C ARG A 94 -22.75 -3.98 44.30
N ILE A 95 -22.53 -4.20 43.00
CA ILE A 95 -23.42 -5.01 42.12
C ILE A 95 -22.73 -6.36 41.82
N PHE A 96 -23.23 -7.43 42.41
CA PHE A 96 -22.73 -8.83 42.31
C PHE A 96 -21.21 -8.91 42.52
N GLY A 97 -20.65 -8.13 43.46
CA GLY A 97 -19.21 -8.14 43.76
C GLY A 97 -18.37 -7.69 42.56
N GLY A 98 -18.94 -6.87 41.66
CA GLY A 98 -18.30 -6.38 40.44
C GLY A 98 -18.06 -7.48 39.44
N ALA A 99 -18.64 -8.67 39.64
CA ALA A 99 -18.40 -9.86 38.79
C ALA A 99 -19.06 -9.64 37.43
N LEU A 100 -18.50 -10.30 36.41
CA LEU A 100 -18.80 -10.07 34.97
C LEU A 100 -20.09 -10.81 34.62
N GLY A 101 -21.08 -10.08 34.12
CA GLY A 101 -22.27 -10.67 33.48
C GLY A 101 -22.23 -10.43 31.99
N GLU A 102 -23.18 -11.02 31.28
CA GLU A 102 -23.26 -10.93 29.81
C GLU A 102 -23.45 -9.48 29.39
N ALA A 103 -24.39 -8.75 30.00
CA ALA A 103 -24.71 -7.36 29.61
C ALA A 103 -23.53 -6.43 29.96
N HIS A 104 -23.06 -6.53 31.21
CA HIS A 104 -21.82 -5.90 31.75
C HIS A 104 -20.68 -6.07 30.72
N ALA A 105 -20.44 -7.29 30.22
CA ALA A 105 -19.35 -7.59 29.28
C ALA A 105 -19.57 -6.86 27.95
N GLN A 106 -20.78 -6.89 27.42
CA GLN A 106 -21.10 -6.22 26.14
C GLN A 106 -20.89 -4.70 26.29
N LYS A 107 -21.12 -4.13 27.48
CA LYS A 107 -20.85 -2.69 27.72
C LYS A 107 -19.35 -2.44 27.58
N ILE A 108 -18.53 -3.30 28.18
CA ILE A 108 -17.04 -3.19 28.13
C ILE A 108 -16.58 -3.37 26.68
N HIS A 109 -17.10 -4.37 25.95
CA HIS A 109 -16.77 -4.59 24.51
C HIS A 109 -17.01 -3.29 23.74
N LYS A 110 -18.17 -2.66 23.95
CA LYS A 110 -18.61 -1.45 23.20
C LYS A 110 -17.62 -0.33 23.53
N LEU A 111 -17.25 -0.17 24.81
CA LEU A 111 -16.39 0.97 25.23
C LEU A 111 -14.99 0.75 24.67
N MET A 112 -14.44 -0.46 24.81
CA MET A 112 -13.10 -0.78 24.25
C MET A 112 -13.08 -0.49 22.75
N ASP A 113 -14.13 -0.90 22.03
CA ASP A 113 -14.23 -0.67 20.57
C ASP A 113 -14.22 0.85 20.30
N MET A 114 -14.84 1.66 21.16
CA MET A 114 -14.91 3.12 20.90
C MET A 114 -13.51 3.73 21.07
N ALA A 115 -12.73 3.24 22.04
CA ALA A 115 -11.35 3.70 22.29
C ALA A 115 -10.44 3.39 21.09
N ILE A 116 -10.53 2.16 20.57
CA ILE A 116 -9.75 1.69 19.39
C ILE A 116 -10.15 2.54 18.18
N ALA A 117 -11.44 2.72 17.93
CA ALA A 117 -11.96 3.49 16.77
C ALA A 117 -11.51 4.95 16.85
N ALA A 118 -11.47 5.54 18.05
CA ALA A 118 -11.13 6.97 18.24
C ALA A 118 -9.61 7.17 18.28
N GLY A 119 -8.85 6.12 18.56
CA GLY A 119 -7.41 6.24 18.77
C GLY A 119 -7.13 7.08 20.00
N ALA A 120 -7.65 6.66 21.14
CA ALA A 120 -7.41 7.34 22.43
C ALA A 120 -7.18 6.29 23.52
N PRO A 121 -6.50 6.66 24.62
CA PRO A 121 -6.16 5.68 25.64
C PRO A 121 -7.40 5.06 26.33
N LEU A 122 -7.20 3.87 26.87
CA LEU A 122 -8.23 3.05 27.54
C LEU A 122 -7.75 2.78 28.98
N VAL A 123 -8.50 3.27 29.97
CA VAL A 123 -8.20 3.05 31.42
C VAL A 123 -9.29 2.16 32.02
N SER A 124 -8.88 1.07 32.68
CA SER A 124 -9.78 0.21 33.47
C SER A 124 -9.55 0.50 34.96
N LEU A 125 -10.62 0.78 35.69
CA LEU A 125 -10.63 0.95 37.17
C LEU A 125 -11.26 -0.31 37.73
N ASN A 126 -10.43 -1.29 38.06
CA ASN A 126 -10.85 -2.70 38.29
C ASN A 126 -11.19 -2.90 39.77
N ASP A 127 -12.35 -3.49 40.00
CA ASP A 127 -12.89 -3.83 41.34
C ASP A 127 -14.00 -4.85 41.10
N GLY A 128 -13.61 -6.06 40.76
CA GLY A 128 -14.59 -7.08 40.34
C GLY A 128 -13.94 -8.03 39.37
N ALA A 129 -13.90 -9.30 39.74
CA ALA A 129 -13.25 -10.32 38.92
C ALA A 129 -14.08 -11.59 39.00
N GLY A 130 -13.98 -12.36 37.93
CA GLY A 130 -14.64 -13.66 37.79
C GLY A 130 -16.00 -13.43 37.17
N ALA A 131 -16.49 -14.48 36.53
CA ALA A 131 -17.86 -14.53 35.99
C ALA A 131 -18.82 -14.54 37.18
N ARG A 132 -19.97 -13.88 37.07
CA ARG A 132 -21.14 -14.19 37.92
C ARG A 132 -21.44 -15.68 37.79
N ILE A 133 -21.27 -16.43 38.87
CA ILE A 133 -21.46 -17.91 38.89
C ILE A 133 -22.92 -18.20 38.50
N GLN A 134 -23.85 -17.32 38.84
CA GLN A 134 -25.30 -17.45 38.54
C GLN A 134 -25.56 -17.41 37.04
N GLU A 135 -24.72 -16.72 36.26
CA GLU A 135 -24.92 -16.54 34.79
C GLU A 135 -24.22 -17.67 34.03
N GLY A 136 -23.18 -18.26 34.60
CA GLY A 136 -22.49 -19.44 34.05
C GLY A 136 -21.47 -19.12 32.96
N VAL A 137 -21.21 -20.09 32.09
CA VAL A 137 -20.15 -20.06 31.05
C VAL A 137 -20.46 -18.95 30.04
N THR A 138 -21.73 -18.75 29.73
CA THR A 138 -22.24 -17.60 28.95
C THR A 138 -21.53 -16.30 29.36
N ALA A 139 -21.46 -16.02 30.67
CA ALA A 139 -20.87 -14.78 31.22
C ALA A 139 -19.35 -14.87 31.13
N LEU A 140 -18.80 -16.05 31.45
CA LEU A 140 -17.34 -16.33 31.35
C LEU A 140 -16.85 -15.95 29.94
N ALA A 141 -17.57 -16.34 28.88
CA ALA A 141 -17.19 -16.08 27.46
C ALA A 141 -17.04 -14.58 27.20
N GLY A 142 -17.66 -13.72 28.01
CA GLY A 142 -17.48 -12.25 27.93
C GLY A 142 -16.02 -11.83 28.06
N TYR A 143 -15.21 -12.56 28.82
CA TYR A 143 -13.78 -12.26 29.02
C TYR A 143 -13.03 -12.44 27.68
N GLY A 144 -13.47 -13.38 26.85
CA GLY A 144 -12.85 -13.66 25.54
C GLY A 144 -12.80 -12.40 24.69
N GLY A 145 -13.92 -11.71 24.58
CA GLY A 145 -14.05 -10.47 23.80
C GLY A 145 -13.18 -9.38 24.38
N ILE A 146 -13.02 -9.37 25.70
CA ILE A 146 -12.13 -8.37 26.38
C ILE A 146 -10.69 -8.70 25.99
N PHE A 147 -10.28 -9.96 26.09
CA PHE A 147 -8.92 -10.42 25.74
C PHE A 147 -8.60 -10.07 24.27
N GLN A 148 -9.50 -10.39 23.34
CA GLN A 148 -9.29 -10.09 21.90
C GLN A 148 -9.04 -8.58 21.74
N ARG A 149 -9.78 -7.75 22.46
CA ARG A 149 -9.72 -6.28 22.28
C ARG A 149 -8.44 -5.74 22.94
N ASN A 150 -8.04 -6.31 24.08
CA ASN A 150 -6.74 -5.96 24.69
C ASN A 150 -5.63 -6.25 23.67
N THR A 151 -5.73 -7.39 22.99
CA THR A 151 -4.72 -7.88 22.02
C THR A 151 -4.72 -7.00 20.77
N ARG A 152 -5.89 -6.67 20.21
CA ARG A 152 -6.00 -5.78 19.00
C ARG A 152 -5.44 -4.39 19.32
N ALA A 153 -5.65 -3.92 20.55
CA ALA A 153 -5.31 -2.54 20.99
C ALA A 153 -3.83 -2.46 21.37
N SER A 154 -3.20 -3.60 21.63
CA SER A 154 -1.82 -3.69 22.13
C SER A 154 -0.86 -2.96 21.17
N GLY A 155 -0.19 -1.92 21.64
CA GLY A 155 0.73 -1.09 20.85
C GLY A 155 0.02 -0.20 19.87
N VAL A 156 -1.30 -0.01 20.02
CA VAL A 156 -2.12 0.87 19.13
C VAL A 156 -2.59 2.07 19.94
N ILE A 157 -3.24 1.80 21.07
CA ILE A 157 -3.63 2.83 22.08
C ILE A 157 -3.04 2.41 23.42
N PRO A 158 -2.60 3.38 24.25
CA PRO A 158 -2.15 3.07 25.60
C PRO A 158 -3.28 2.43 26.40
N GLN A 159 -2.98 1.35 27.10
CA GLN A 159 -3.93 0.62 27.97
C GLN A 159 -3.36 0.59 29.39
N ILE A 160 -4.07 1.24 30.32
CA ILE A 160 -3.67 1.33 31.76
C ILE A 160 -4.72 0.59 32.58
N SER A 161 -4.28 -0.32 33.44
CA SER A 161 -5.12 -1.11 34.36
C SER A 161 -4.86 -0.65 35.79
N VAL A 162 -5.88 -0.14 36.48
CA VAL A 162 -5.78 0.26 37.91
C VAL A 162 -6.54 -0.79 38.74
N MET A 163 -5.83 -1.54 39.56
CA MET A 163 -6.39 -2.58 40.43
C MET A 163 -6.74 -1.94 41.79
N LEU A 164 -8.04 -1.84 42.08
CA LEU A 164 -8.56 -1.12 43.28
C LEU A 164 -9.46 -2.07 44.10
N GLY A 165 -9.36 -3.38 43.87
CA GLY A 165 -10.16 -4.38 44.59
C GLY A 165 -9.61 -5.79 44.37
N PRO A 166 -10.33 -6.84 44.84
CA PRO A 166 -9.95 -8.21 44.55
C PRO A 166 -10.04 -8.47 43.04
N CYS A 167 -9.16 -9.34 42.55
CA CYS A 167 -9.11 -9.78 41.14
C CYS A 167 -8.63 -11.24 41.14
N ALA A 168 -9.58 -12.18 41.02
CA ALA A 168 -9.34 -13.63 41.05
C ALA A 168 -9.66 -14.22 39.69
N GLY A 169 -8.80 -15.12 39.20
CA GLY A 169 -9.04 -15.93 37.98
C GLY A 169 -8.63 -15.21 36.70
N GLY A 170 -9.10 -15.78 35.59
CA GLY A 170 -8.94 -15.29 34.21
C GLY A 170 -8.96 -13.77 34.09
N ALA A 171 -9.80 -13.07 34.85
CA ALA A 171 -9.95 -11.59 34.80
C ALA A 171 -8.57 -10.92 34.89
N ALA A 172 -7.64 -11.50 35.66
CA ALA A 172 -6.30 -10.92 35.93
C ALA A 172 -5.49 -10.82 34.63
N TYR A 173 -5.81 -11.63 33.64
CA TYR A 173 -5.11 -11.69 32.34
C TYR A 173 -5.40 -10.43 31.54
N SER A 174 -6.55 -9.79 31.74
CA SER A 174 -6.86 -8.51 31.02
C SER A 174 -5.80 -7.47 31.37
N PRO A 175 -5.57 -7.12 32.66
CA PRO A 175 -4.42 -6.29 33.03
C PRO A 175 -3.04 -6.72 32.52
N ALA A 176 -2.77 -8.02 32.52
CA ALA A 176 -1.51 -8.60 32.01
C ALA A 176 -1.32 -8.26 30.52
N LEU A 177 -2.40 -8.12 29.76
CA LEU A 177 -2.34 -7.76 28.31
C LEU A 177 -2.24 -6.24 28.11
N THR A 178 -2.37 -5.43 29.16
CA THR A 178 -2.32 -3.94 29.04
C THR A 178 -0.86 -3.51 29.19
N ASP A 179 -0.58 -2.23 29.07
CA ASP A 179 0.80 -1.67 29.03
C ASP A 179 1.30 -1.43 30.46
N PHE A 180 0.43 -0.94 31.34
CA PHE A 180 0.82 -0.50 32.72
C PHE A 180 -0.25 -0.95 33.72
N VAL A 181 0.19 -1.61 34.78
CA VAL A 181 -0.67 -2.10 35.89
C VAL A 181 -0.34 -1.32 37.16
N PHE A 182 -1.31 -0.60 37.71
CA PHE A 182 -1.25 0.11 39.01
C PHE A 182 -2.01 -0.69 40.07
N MET A 183 -1.47 -0.80 41.28
CA MET A 183 -2.14 -1.48 42.43
C MET A 183 -2.11 -0.58 43.66
N VAL A 184 -3.17 -0.68 44.47
CA VAL A 184 -3.25 0.00 45.80
C VAL A 184 -3.02 -1.05 46.89
N ARG A 185 -2.09 -0.79 47.81
CA ARG A 185 -1.74 -1.71 48.92
C ARG A 185 -2.95 -1.89 49.84
N GLY A 186 -3.17 -3.12 50.32
CA GLY A 186 -4.24 -3.42 51.29
C GLY A 186 -5.55 -3.74 50.59
N THR A 187 -6.06 -2.84 49.73
CA THR A 187 -7.41 -2.94 49.16
C THR A 187 -7.43 -3.74 47.85
N SER A 188 -6.29 -3.95 47.17
CA SER A 188 -6.20 -4.66 45.86
C SER A 188 -5.34 -5.93 45.95
N GLN A 189 -5.78 -6.97 45.26
CA GLN A 189 -5.06 -8.26 45.10
C GLN A 189 -5.33 -8.82 43.70
N MET A 190 -4.39 -9.61 43.18
CA MET A 190 -4.51 -10.36 41.90
C MET A 190 -3.95 -11.77 42.10
N PHE A 191 -4.72 -12.78 41.74
CA PHE A 191 -4.23 -14.18 41.62
C PHE A 191 -5.16 -14.92 40.67
N ILE A 192 -4.62 -15.97 40.04
CA ILE A 192 -5.41 -16.82 39.12
C ILE A 192 -6.20 -17.86 39.92
N THR A 193 -5.58 -18.43 40.95
CA THR A 193 -6.25 -19.36 41.88
C THR A 193 -6.18 -18.74 43.28
N GLY A 194 -7.35 -18.52 43.89
CA GLY A 194 -7.54 -17.85 45.20
C GLY A 194 -7.12 -18.74 46.37
N PRO A 195 -6.94 -18.16 47.60
CA PRO A 195 -6.40 -18.92 48.73
C PRO A 195 -7.28 -20.11 49.14
N ASP A 196 -8.62 -19.98 49.01
CA ASP A 196 -9.59 -21.07 49.30
C ASP A 196 -9.16 -22.32 48.54
N VAL A 197 -9.01 -22.21 47.22
CA VAL A 197 -8.69 -23.36 46.33
C VAL A 197 -7.25 -23.83 46.56
N VAL A 198 -6.31 -22.94 46.93
CA VAL A 198 -4.89 -23.33 47.16
C VAL A 198 -4.86 -24.27 48.37
N ARG A 199 -5.55 -23.91 49.45
CA ARG A 199 -5.66 -24.70 50.71
C ARG A 199 -6.20 -26.10 50.36
N ALA A 200 -7.41 -26.15 49.75
CA ALA A 200 -8.13 -27.38 49.37
C ALA A 200 -7.24 -28.31 48.54
N VAL A 201 -6.40 -27.80 47.64
CA VAL A 201 -5.66 -28.63 46.64
C VAL A 201 -4.24 -28.90 47.13
N THR A 202 -3.47 -27.87 47.50
CA THR A 202 -2.02 -28.01 47.79
C THR A 202 -1.79 -28.22 49.29
N GLY A 203 -2.70 -27.71 50.15
CA GLY A 203 -2.57 -27.76 51.61
C GLY A 203 -1.69 -26.64 52.17
N GLU A 204 -1.23 -25.71 51.32
CA GLU A 204 -0.56 -24.43 51.68
C GLU A 204 -1.59 -23.49 52.33
N GLU A 205 -1.23 -22.83 53.43
CA GLU A 205 -2.08 -21.86 54.14
C GLU A 205 -1.58 -20.45 53.79
N ILE A 206 -2.41 -19.60 53.19
CA ILE A 206 -2.00 -18.22 52.79
C ILE A 206 -3.24 -17.32 52.69
N GLY A 207 -3.10 -16.06 53.10
CA GLY A 207 -4.13 -15.01 52.95
C GLY A 207 -4.08 -14.39 51.57
N GLN A 208 -5.08 -13.58 51.24
CA GLN A 208 -5.20 -12.85 49.95
C GLN A 208 -3.97 -11.95 49.74
N GLU A 209 -3.56 -11.19 50.78
CA GLU A 209 -2.49 -10.17 50.68
C GLU A 209 -1.13 -10.89 50.47
N GLY A 210 -0.93 -12.02 51.15
CA GLY A 210 0.33 -12.79 51.05
C GLY A 210 0.48 -13.47 49.69
N LEU A 211 -0.64 -13.83 49.06
CA LEU A 211 -0.69 -14.58 47.77
C LEU A 211 -0.50 -13.61 46.60
N GLY A 212 -1.20 -12.47 46.60
CA GLY A 212 -1.33 -11.60 45.43
C GLY A 212 -1.56 -10.14 45.77
N GLY A 213 -1.03 -9.66 46.88
CA GLY A 213 -1.13 -8.24 47.26
C GLY A 213 -0.25 -7.36 46.39
N ALA A 214 -0.43 -6.04 46.50
CA ALA A 214 0.33 -5.03 45.76
C ALA A 214 1.83 -5.23 46.00
N ASP A 215 2.25 -5.62 47.20
CA ASP A 215 3.69 -5.77 47.54
C ASP A 215 4.24 -7.02 46.83
N VAL A 216 3.49 -8.11 46.77
CA VAL A 216 3.90 -9.32 46.00
C VAL A 216 4.18 -8.95 44.52
N HIS A 217 3.25 -8.23 43.89
CA HIS A 217 3.25 -8.02 42.41
C HIS A 217 4.18 -6.86 42.03
N SER A 218 4.40 -5.95 42.98
CA SER A 218 5.24 -4.74 42.86
C SER A 218 6.72 -5.12 43.01
N ARG A 219 7.05 -6.12 43.84
CA ARG A 219 8.44 -6.44 44.27
C ARG A 219 8.91 -7.81 43.78
N THR A 220 8.03 -8.79 43.61
CA THR A 220 8.43 -10.20 43.38
C THR A 220 7.99 -10.67 41.98
N SER A 221 6.71 -10.55 41.62
CA SER A 221 6.15 -11.18 40.39
C SER A 221 6.41 -10.30 39.17
N GLY A 222 6.48 -8.99 39.34
CA GLY A 222 6.62 -8.02 38.23
C GLY A 222 5.31 -7.70 37.54
N VAL A 223 4.19 -8.23 38.03
CA VAL A 223 2.86 -8.02 37.39
C VAL A 223 2.44 -6.56 37.53
N ALA A 224 2.81 -5.90 38.62
CA ALA A 224 2.42 -4.50 38.91
C ALA A 224 3.60 -3.56 38.64
N HIS A 225 3.38 -2.57 37.77
CA HIS A 225 4.37 -1.57 37.36
C HIS A 225 4.46 -0.49 38.45
N PHE A 226 3.37 -0.26 39.16
CA PHE A 226 3.25 0.79 40.22
C PHE A 226 2.41 0.27 41.39
N ALA A 227 2.76 0.75 42.59
CA ALA A 227 2.04 0.44 43.86
C ALA A 227 1.98 1.72 44.70
N TYR A 228 0.86 1.98 45.34
CA TYR A 228 0.58 3.21 46.11
C TYR A 228 -0.15 2.82 47.40
N ASP A 229 -0.07 3.68 48.42
CA ASP A 229 -0.69 3.46 49.75
C ASP A 229 -2.19 3.73 49.68
N ASP A 230 -2.63 4.61 48.78
CA ASP A 230 -4.07 4.99 48.68
C ASP A 230 -4.49 5.22 47.22
N GLU A 231 -5.79 5.26 46.97
CA GLU A 231 -6.40 5.42 45.63
C GLU A 231 -6.10 6.83 45.10
N GLU A 232 -6.07 7.83 45.97
CA GLU A 232 -5.98 9.26 45.53
C GLU A 232 -4.62 9.48 44.82
N THR A 233 -3.53 8.98 45.41
CA THR A 233 -2.15 9.12 44.89
C THR A 233 -2.04 8.31 43.59
N CYS A 234 -2.58 7.10 43.62
CA CYS A 234 -2.60 6.16 42.48
C CYS A 234 -3.20 6.84 41.24
N LEU A 235 -4.39 7.43 41.38
CA LEU A 235 -5.11 8.05 40.24
C LEU A 235 -4.46 9.38 39.84
N GLU A 236 -3.76 10.05 40.75
CA GLU A 236 -2.95 11.25 40.42
C GLU A 236 -1.81 10.84 39.48
N GLU A 237 -1.17 9.70 39.73
CA GLU A 237 -0.01 9.19 38.95
C GLU A 237 -0.49 8.61 37.62
N VAL A 238 -1.69 8.04 37.55
CA VAL A 238 -2.30 7.60 36.28
C VAL A 238 -2.42 8.83 35.37
N ARG A 239 -2.91 9.95 35.89
CA ARG A 239 -3.07 11.19 35.07
C ARG A 239 -1.69 11.67 34.61
N PHE A 240 -0.67 11.52 35.45
CA PHE A 240 0.69 12.00 35.14
C PHE A 240 1.28 11.12 34.04
N LEU A 241 1.13 9.82 34.14
CA LEU A 241 1.55 8.85 33.09
C LEU A 241 0.85 9.20 31.77
N LEU A 242 -0.46 9.43 31.77
CA LEU A 242 -1.21 9.78 30.53
C LEU A 242 -0.61 11.03 29.89
N SER A 243 -0.10 11.98 30.68
CA SER A 243 0.46 13.27 30.18
C SER A 243 1.79 13.04 29.45
N MET A 244 2.42 11.90 29.65
CA MET A 244 3.72 11.50 29.07
C MET A 244 3.53 10.54 27.89
N LEU A 245 2.31 10.08 27.60
CA LEU A 245 2.04 9.10 26.53
C LEU A 245 1.29 9.79 25.40
N PRO A 246 1.44 9.35 24.15
CA PRO A 246 0.60 9.84 23.06
C PRO A 246 -0.80 9.24 23.17
N ALA A 247 -1.75 9.74 22.37
CA ALA A 247 -3.12 9.22 22.31
C ALA A 247 -3.10 7.82 21.67
N ASN A 248 -2.21 7.60 20.72
CA ASN A 248 -2.17 6.38 19.89
C ASN A 248 -0.81 6.27 19.22
N ASN A 249 -0.57 5.18 18.47
CA ASN A 249 0.77 4.87 17.90
C ASN A 249 1.05 5.70 16.66
N ARG A 250 0.14 6.58 16.21
CA ARG A 250 0.38 7.47 15.03
C ARG A 250 0.90 8.85 15.48
N GLU A 251 1.10 9.09 16.78
CA GLU A 251 1.51 10.40 17.33
C GLU A 251 2.73 10.21 18.23
N SER A 252 3.48 11.27 18.46
CA SER A 252 4.57 11.30 19.48
C SER A 252 3.95 11.78 20.79
N ALA A 253 4.59 11.49 21.92
CA ALA A 253 4.14 12.00 23.23
C ALA A 253 4.10 13.52 23.13
N PRO A 254 3.11 14.17 23.77
CA PRO A 254 2.94 15.61 23.61
C PRO A 254 4.10 16.34 24.30
N ALA A 255 4.69 17.32 23.61
CA ALA A 255 5.76 18.20 24.14
C ALA A 255 5.13 19.27 25.05
N VAL A 256 5.89 19.76 26.04
CA VAL A 256 5.47 20.89 26.94
C VAL A 256 6.53 21.98 26.83
N PRO A 257 6.26 23.23 27.26
CA PRO A 257 7.18 24.34 27.05
C PRO A 257 8.58 24.29 27.68
N CYS A 258 8.86 23.91 28.95
CA CYS A 258 10.23 23.74 29.52
C CYS A 258 11.00 25.08 29.71
N ASP A 259 11.14 25.49 30.98
CA ASP A 259 11.98 26.61 31.45
C ASP A 259 13.42 26.17 31.71
N ASP A 260 13.66 24.87 31.86
CA ASP A 260 14.97 24.31 32.27
C ASP A 260 15.90 24.34 31.05
N PRO A 261 16.94 25.21 31.03
CA PRO A 261 17.71 25.42 29.81
C PRO A 261 18.35 24.12 29.30
N ALA A 262 18.40 23.97 27.97
CA ALA A 262 18.98 22.79 27.30
C ALA A 262 20.48 22.69 27.59
N ASP A 263 21.14 23.80 27.91
CA ASP A 263 22.63 23.91 28.06
C ASP A 263 23.03 23.90 29.54
N ARG A 264 22.11 23.58 30.44
CA ARG A 264 22.46 23.57 31.89
C ARG A 264 23.52 22.49 32.12
N ARG A 265 24.66 22.87 32.64
CA ARG A 265 25.78 21.93 32.86
C ARG A 265 25.49 21.07 34.08
N GLY A 266 26.08 19.90 34.15
CA GLY A 266 25.82 19.02 35.30
C GLY A 266 27.13 18.73 35.98
N GLN A 267 27.68 19.77 36.60
CA GLN A 267 28.99 19.72 37.31
C GLN A 267 28.85 18.80 38.54
N ALA A 268 27.64 18.64 39.08
CA ALA A 268 27.32 17.72 40.21
C ALA A 268 27.62 16.25 39.84
N LEU A 269 27.62 15.90 38.56
CA LEU A 269 27.86 14.50 38.10
C LEU A 269 29.30 14.10 38.43
N TYR A 270 30.22 15.06 38.48
CA TYR A 270 31.65 14.82 38.83
C TYR A 270 31.70 14.15 40.22
N ASP A 271 30.85 14.56 41.15
CA ASP A 271 30.83 14.07 42.57
C ASP A 271 29.92 12.84 42.70
N LEU A 272 28.77 12.80 42.00
CA LEU A 272 27.75 11.72 42.15
C LEU A 272 28.35 10.37 41.72
N VAL A 273 29.25 10.37 40.73
CA VAL A 273 29.83 9.13 40.13
C VAL A 273 31.29 9.01 40.54
N PRO A 274 31.64 8.10 41.46
CA PRO A 274 33.04 7.82 41.78
C PRO A 274 33.87 7.44 40.55
N ALA A 275 35.13 7.89 40.49
CA ALA A 275 36.12 7.38 39.52
C ALA A 275 36.57 5.97 39.92
N ASP A 276 36.48 5.61 41.22
CA ASP A 276 36.77 4.23 41.74
C ASP A 276 35.63 3.29 41.28
N GLY A 277 35.90 2.40 40.31
CA GLY A 277 34.90 1.53 39.65
C GLY A 277 34.24 0.52 40.58
N ASN A 278 34.77 0.31 41.80
CA ASN A 278 34.25 -0.66 42.79
C ASN A 278 33.12 -0.04 43.62
N ARG A 279 33.11 1.29 43.78
CA ARG A 279 32.23 2.03 44.73
C ARG A 279 30.88 2.31 44.06
N PRO A 280 29.74 1.98 44.71
CA PRO A 280 28.43 2.23 44.12
C PRO A 280 27.95 3.68 44.21
N TYR A 281 26.84 3.96 43.54
CA TYR A 281 26.09 5.25 43.55
C TYR A 281 24.66 4.95 43.14
N ASP A 282 23.75 5.87 43.39
CA ASP A 282 22.34 5.79 42.94
C ASP A 282 22.28 6.38 41.53
N MET A 283 22.10 5.55 40.51
CA MET A 283 21.97 5.99 39.09
C MET A 283 20.79 6.96 38.94
N ARG A 284 19.79 6.91 39.82
CA ARG A 284 18.64 7.85 39.79
C ARG A 284 19.11 9.27 40.04
N ALA A 285 20.16 9.45 40.85
CA ALA A 285 20.74 10.78 41.16
C ALA A 285 21.31 11.36 39.86
N VAL A 286 21.92 10.50 39.02
CA VAL A 286 22.45 10.90 37.68
C VAL A 286 21.28 11.34 36.78
N ILE A 287 20.23 10.52 36.72
CA ILE A 287 19.04 10.80 35.86
C ILE A 287 18.44 12.14 36.30
N GLU A 288 18.28 12.35 37.62
CA GLU A 288 17.65 13.57 38.20
C GLU A 288 18.47 14.82 37.85
N GLU A 289 19.80 14.72 37.77
CA GLU A 289 20.66 15.85 37.33
C GLU A 289 20.36 16.22 35.88
N ILE A 290 20.21 15.21 35.02
CA ILE A 290 20.20 15.30 33.53
C ILE A 290 18.83 15.78 33.02
N VAL A 291 17.73 15.25 33.54
CA VAL A 291 16.38 15.43 32.94
C VAL A 291 15.75 16.76 33.40
N ASP A 292 14.73 17.23 32.69
CA ASP A 292 14.02 18.50 33.00
C ASP A 292 13.57 18.48 34.46
N ASP A 293 14.07 19.43 35.27
CA ASP A 293 13.62 19.75 36.64
C ASP A 293 13.81 18.55 37.57
N GLY A 294 14.66 17.58 37.22
CA GLY A 294 14.86 16.35 38.02
C GLY A 294 13.61 15.48 38.10
N THR A 295 12.58 15.71 37.27
CA THR A 295 11.31 14.96 37.28
C THR A 295 11.40 13.71 36.40
N HIS A 296 11.06 12.55 36.96
CA HIS A 296 10.91 11.28 36.22
C HIS A 296 9.88 10.37 36.90
N LEU A 297 9.16 9.57 36.11
CA LEU A 297 8.17 8.59 36.61
C LEU A 297 8.74 7.20 36.41
N GLU A 298 9.25 6.60 37.49
CA GLU A 298 9.94 5.30 37.42
C GLU A 298 8.91 4.19 37.27
N VAL A 299 9.10 3.26 36.34
CA VAL A 299 8.19 2.10 36.20
C VAL A 299 8.89 0.86 36.75
N HIS A 300 8.14 -0.01 37.40
CA HIS A 300 8.68 -1.20 38.11
C HIS A 300 9.73 -0.73 39.12
N GLU A 301 9.49 0.38 39.80
CA GLU A 301 10.46 0.97 40.77
C GLU A 301 10.96 -0.10 41.75
N ARG A 302 10.08 -0.97 42.25
CA ARG A 302 10.41 -1.88 43.38
C ARG A 302 10.65 -3.29 42.87
N TRP A 303 10.64 -3.51 41.55
CA TRP A 303 10.97 -4.84 40.95
C TRP A 303 12.30 -4.76 40.20
N ALA A 304 13.14 -5.78 40.34
CA ALA A 304 14.45 -5.87 39.68
C ALA A 304 15.16 -4.50 39.76
N THR A 305 15.47 -4.05 40.96
CA THR A 305 16.03 -2.70 41.22
C THR A 305 17.46 -2.58 40.69
N ASN A 306 18.05 -3.69 40.21
CA ASN A 306 19.36 -3.71 39.49
C ASN A 306 19.25 -2.96 38.14
N VAL A 307 18.04 -2.64 37.67
CA VAL A 307 17.80 -1.78 36.48
C VAL A 307 16.77 -0.73 36.80
N ILE A 308 16.91 0.41 36.15
CA ILE A 308 15.95 1.55 36.20
C ILE A 308 15.33 1.70 34.83
N CYS A 309 14.00 1.71 34.79
CA CYS A 309 13.21 2.13 33.62
C CYS A 309 12.38 3.32 34.05
N THR A 310 12.50 4.48 33.42
CA THR A 310 11.75 5.67 33.87
C THR A 310 11.43 6.58 32.68
N LEU A 311 10.30 7.29 32.78
CA LEU A 311 9.84 8.30 31.81
C LEU A 311 10.18 9.68 32.35
N ALA A 312 10.79 10.53 31.54
CA ALA A 312 11.24 11.88 31.91
C ALA A 312 11.08 12.78 30.69
N ARG A 313 11.52 14.02 30.80
CA ARG A 313 11.49 14.91 29.62
C ARG A 313 12.85 15.56 29.46
N LEU A 314 13.26 15.80 28.22
CA LEU A 314 14.50 16.54 27.90
C LEU A 314 14.07 17.67 26.96
N ASP A 315 14.27 18.91 27.37
CA ASP A 315 13.84 20.10 26.58
C ASP A 315 12.34 19.99 26.28
N GLY A 316 11.54 19.44 27.22
CA GLY A 316 10.07 19.40 27.14
C GLY A 316 9.53 18.19 26.41
N LYS A 317 10.38 17.33 25.86
CA LYS A 317 10.01 16.18 25.01
C LYS A 317 10.23 14.91 25.83
N VAL A 318 9.25 14.02 25.83
CA VAL A 318 9.30 12.74 26.58
C VAL A 318 10.46 11.89 26.07
N VAL A 319 11.16 11.23 27.00
CA VAL A 319 12.19 10.20 26.76
C VAL A 319 11.94 9.07 27.73
N GLY A 320 12.30 7.86 27.32
CA GLY A 320 12.38 6.72 28.21
C GLY A 320 13.83 6.41 28.50
N ILE A 321 14.14 6.14 29.75
CA ILE A 321 15.55 5.93 30.18
C ILE A 321 15.65 4.54 30.79
N VAL A 322 16.57 3.75 30.27
CA VAL A 322 16.96 2.42 30.83
C VAL A 322 18.37 2.61 31.36
N ALA A 323 18.65 2.23 32.61
CA ALA A 323 19.94 2.44 33.25
C ALA A 323 20.23 1.32 34.26
N ASN A 324 21.46 0.82 34.26
CA ASN A 324 21.92 -0.08 35.33
C ASN A 324 22.01 0.73 36.63
N GLN A 325 21.75 0.04 37.75
CA GLN A 325 21.75 0.61 39.12
C GLN A 325 22.91 -0.05 39.86
N PRO A 326 24.10 0.59 39.89
CA PRO A 326 25.25 -0.02 40.58
C PRO A 326 25.07 -0.29 42.08
N GLN A 327 24.18 0.44 42.74
CA GLN A 327 23.72 0.23 44.15
C GLN A 327 23.14 -1.16 44.41
N SER A 328 22.55 -1.80 43.40
CA SER A 328 21.69 -2.99 43.58
C SER A 328 22.24 -4.15 42.74
N LEU A 329 22.67 -5.24 43.38
CA LEU A 329 23.37 -6.40 42.73
C LEU A 329 24.51 -5.91 41.83
N ALA A 330 25.17 -4.80 42.18
CA ALA A 330 26.34 -4.25 41.47
C ALA A 330 25.98 -3.87 40.02
N GLY A 331 24.71 -3.69 39.72
CA GLY A 331 24.21 -3.27 38.40
C GLY A 331 24.25 -4.39 37.36
N VAL A 332 24.38 -5.64 37.76
CA VAL A 332 24.34 -6.78 36.81
C VAL A 332 22.93 -6.86 36.20
N LEU A 333 22.84 -7.42 34.99
CA LEU A 333 21.57 -7.87 34.39
C LEU A 333 21.31 -9.30 34.87
N ASP A 334 20.06 -9.60 35.20
CA ASP A 334 19.57 -10.96 35.56
C ASP A 334 18.26 -11.18 34.81
N ILE A 335 17.56 -12.28 35.09
CA ILE A 335 16.26 -12.62 34.45
C ILE A 335 15.30 -11.44 34.63
N ALA A 336 15.08 -11.03 35.88
CA ALA A 336 14.03 -10.09 36.25
C ALA A 336 14.28 -8.75 35.55
N ALA A 337 15.50 -8.24 35.64
CA ALA A 337 15.92 -6.96 35.01
C ALA A 337 15.73 -7.01 33.49
N SER A 338 16.09 -8.12 32.87
CA SER A 338 15.93 -8.33 31.41
C SER A 338 14.44 -8.24 31.06
N GLU A 339 13.57 -8.93 31.81
CA GLU A 339 12.10 -8.92 31.59
C GLU A 339 11.59 -7.48 31.76
N LYS A 340 12.00 -6.80 32.82
CA LYS A 340 11.54 -5.43 33.15
C LYS A 340 11.91 -4.47 32.02
N ALA A 341 13.18 -4.49 31.58
CA ALA A 341 13.71 -3.54 30.57
C ALA A 341 13.11 -3.87 29.19
N ALA A 342 12.98 -5.15 28.86
CA ALA A 342 12.40 -5.60 27.57
C ALA A 342 10.99 -5.02 27.44
N SER A 343 10.19 -5.18 28.49
CA SER A 343 8.79 -4.68 28.54
C SER A 343 8.77 -3.16 28.33
N PHE A 344 9.68 -2.44 28.98
CA PHE A 344 9.73 -0.95 28.93
C PHE A 344 10.18 -0.49 27.54
N VAL A 345 11.22 -1.10 26.98
CA VAL A 345 11.75 -0.73 25.64
C VAL A 345 10.64 -0.95 24.60
N GLN A 346 9.98 -2.10 24.65
CA GLN A 346 8.90 -2.48 23.72
C GLN A 346 7.77 -1.43 23.78
N THR A 347 7.34 -1.04 24.98
CA THR A 347 6.25 -0.05 25.18
C THR A 347 6.64 1.31 24.60
N CYS A 348 7.81 1.82 24.97
CA CYS A 348 8.32 3.12 24.46
C CYS A 348 8.37 3.07 22.94
N ASP A 349 8.92 2.00 22.38
CA ASP A 349 9.07 1.84 20.92
C ASP A 349 7.70 1.96 20.28
N SER A 350 6.70 1.25 20.79
CA SER A 350 5.38 1.17 20.12
C SER A 350 4.66 2.52 20.23
N PHE A 351 5.00 3.35 21.23
CA PHE A 351 4.38 4.68 21.40
C PHE A 351 5.36 5.82 21.07
N ASN A 352 6.35 5.56 20.22
CA ASN A 352 7.20 6.61 19.56
C ASN A 352 7.94 7.46 20.61
N ILE A 353 8.28 6.86 21.75
CA ILE A 353 9.08 7.52 22.81
C ILE A 353 10.54 7.14 22.60
N PRO A 354 11.41 8.14 22.37
CA PRO A 354 12.84 7.90 22.24
C PRO A 354 13.45 7.21 23.46
N LEU A 355 14.51 6.44 23.24
CA LEU A 355 15.17 5.66 24.29
C LEU A 355 16.61 6.14 24.49
N VAL A 356 16.94 6.43 25.75
CA VAL A 356 18.32 6.73 26.21
C VAL A 356 18.72 5.63 27.18
N THR A 357 19.82 4.94 26.92
CA THR A 357 20.33 3.85 27.77
C THR A 357 21.64 4.33 28.43
N LEU A 358 21.70 4.32 29.76
CA LEU A 358 22.90 4.65 30.56
C LEU A 358 23.52 3.36 31.10
N LEU A 359 24.75 3.04 30.70
CA LEU A 359 25.44 1.78 31.05
C LEU A 359 26.38 1.99 32.25
N ASP A 360 26.30 1.07 33.20
CA ASP A 360 27.34 0.81 34.22
C ASP A 360 27.11 -0.62 34.67
N VAL A 361 27.55 -1.57 33.84
CA VAL A 361 27.16 -2.99 33.92
C VAL A 361 28.40 -3.88 33.83
N PRO A 362 28.69 -4.68 34.88
CA PRO A 362 29.82 -5.60 34.89
C PRO A 362 29.62 -6.93 34.17
N GLY A 363 28.37 -7.29 33.90
CA GLY A 363 28.02 -8.58 33.28
C GLY A 363 26.63 -9.04 33.70
N PHE A 364 26.38 -10.34 33.62
CA PHE A 364 25.11 -10.99 34.02
C PHE A 364 25.30 -11.66 35.38
N LEU A 365 24.21 -11.82 36.14
CA LEU A 365 24.20 -12.54 37.44
C LEU A 365 24.53 -14.01 37.17
N PRO A 366 25.63 -14.52 37.74
CA PRO A 366 26.01 -15.91 37.58
C PRO A 366 25.22 -16.82 38.51
N GLY A 367 25.07 -18.09 38.13
CA GLY A 367 24.54 -19.11 39.05
C GLY A 367 23.62 -20.11 38.37
N VAL A 368 23.47 -21.26 39.00
CA VAL A 368 22.54 -22.34 38.58
C VAL A 368 21.13 -21.76 38.49
N ASP A 369 20.72 -20.95 39.47
CA ASP A 369 19.36 -20.36 39.54
C ASP A 369 19.07 -19.64 38.21
N GLN A 370 19.99 -18.79 37.76
CA GLN A 370 19.84 -17.98 36.53
C GLN A 370 19.85 -18.87 35.29
N GLU A 371 20.78 -19.82 35.15
CA GLU A 371 20.93 -20.62 33.90
C GLU A 371 19.77 -21.60 33.78
N HIS A 372 19.38 -22.23 34.89
CA HIS A 372 18.34 -23.30 34.94
C HIS A 372 16.95 -22.67 34.75
N ASN A 373 16.73 -21.41 35.15
CA ASN A 373 15.43 -20.72 34.95
C ASN A 373 15.44 -19.90 33.67
N GLY A 374 16.50 -20.00 32.86
CA GLY A 374 16.51 -19.58 31.45
C GLY A 374 16.92 -18.12 31.21
N ILE A 375 17.98 -17.62 31.87
CA ILE A 375 18.56 -16.29 31.53
C ILE A 375 18.81 -16.25 30.01
N ILE A 376 19.14 -17.35 29.37
CA ILE A 376 19.39 -17.38 27.89
C ILE A 376 18.14 -16.86 27.16
N ARG A 377 16.95 -17.34 27.50
CA ARG A 377 15.73 -16.91 26.77
C ARG A 377 15.19 -15.59 27.35
N HIS A 378 15.39 -15.28 28.63
CA HIS A 378 14.87 -14.03 29.23
C HIS A 378 15.78 -12.85 28.84
N GLY A 379 17.09 -13.04 28.87
CA GLY A 379 18.04 -12.00 28.39
C GLY A 379 17.81 -11.66 26.94
N ALA A 380 17.43 -12.65 26.13
CA ALA A 380 17.18 -12.47 24.68
C ALA A 380 16.00 -11.53 24.47
N LYS A 381 15.09 -11.41 25.44
CA LYS A 381 13.90 -10.52 25.32
C LYS A 381 14.35 -9.08 25.21
N LEU A 382 15.29 -8.66 26.05
CA LEU A 382 15.83 -7.28 26.05
C LEU A 382 16.55 -7.03 24.73
N LEU A 383 17.39 -7.99 24.33
CA LEU A 383 18.16 -7.93 23.06
C LEU A 383 17.21 -7.74 21.88
N TYR A 384 16.16 -8.55 21.81
CA TYR A 384 15.14 -8.51 20.74
C TYR A 384 14.46 -7.13 20.76
N ALA A 385 14.02 -6.68 21.93
CA ALA A 385 13.29 -5.40 22.06
C ALA A 385 14.15 -4.24 21.51
N TYR A 386 15.44 -4.19 21.85
CA TYR A 386 16.34 -3.12 21.34
C TYR A 386 16.56 -3.31 19.82
N CYS A 387 16.91 -4.51 19.38
CA CYS A 387 17.19 -4.80 17.95
C CYS A 387 15.97 -4.41 17.11
N ASN A 388 14.77 -4.66 17.62
CA ASN A 388 13.50 -4.47 16.87
C ASN A 388 13.01 -3.02 16.98
N ALA A 389 13.63 -2.18 17.80
CA ALA A 389 13.16 -0.81 18.11
C ALA A 389 13.53 0.14 16.97
N THR A 390 12.63 1.06 16.64
CA THR A 390 12.81 2.00 15.51
C THR A 390 12.75 3.45 15.98
N VAL A 391 12.40 3.72 17.22
CA VAL A 391 12.51 5.08 17.81
C VAL A 391 13.97 5.50 17.83
N PRO A 392 14.27 6.81 17.96
CA PRO A 392 15.64 7.26 18.23
C PRO A 392 16.22 6.54 19.44
N ARG A 393 17.45 6.09 19.32
CA ARG A 393 18.14 5.32 20.38
C ARG A 393 19.54 5.88 20.61
N ILE A 394 19.82 6.34 21.83
CA ILE A 394 21.18 6.81 22.24
C ILE A 394 21.62 5.99 23.44
N SER A 395 22.80 5.39 23.38
CA SER A 395 23.45 4.73 24.54
C SER A 395 24.62 5.61 25.02
N LEU A 396 24.87 5.61 26.31
CA LEU A 396 25.90 6.42 27.00
C LEU A 396 26.54 5.54 28.07
N VAL A 397 27.82 5.22 27.92
CA VAL A 397 28.58 4.42 28.93
C VAL A 397 29.18 5.37 29.98
N LEU A 398 28.76 5.24 31.23
CA LEU A 398 29.26 6.04 32.38
C LEU A 398 30.57 5.42 32.88
N ARG A 399 30.56 4.13 33.21
CA ARG A 399 31.74 3.41 33.71
C ARG A 399 31.84 2.05 33.02
N LYS A 400 31.45 0.96 33.67
CA LYS A 400 31.73 -0.40 33.14
C LYS A 400 30.71 -0.72 32.03
N ALA A 401 31.18 -1.41 31.01
CA ALA A 401 30.37 -2.07 29.97
C ALA A 401 31.15 -3.29 29.49
N TYR A 402 30.91 -4.44 30.10
CA TYR A 402 31.68 -5.69 29.88
C TYR A 402 30.84 -6.68 29.08
N GLY A 403 31.43 -7.24 28.02
CA GLY A 403 30.97 -8.48 27.38
C GLY A 403 29.61 -8.33 26.73
N GLY A 404 28.84 -9.41 26.72
CA GLY A 404 27.49 -9.49 26.15
C GLY A 404 26.59 -8.39 26.70
N ALA A 405 26.77 -8.03 27.96
CA ALA A 405 25.95 -6.99 28.61
C ALA A 405 26.16 -5.65 27.90
N TYR A 406 27.38 -5.29 27.53
CA TYR A 406 27.68 -4.05 26.76
C TYR A 406 26.86 -4.10 25.45
N ILE A 407 26.83 -5.26 24.81
CA ILE A 407 26.23 -5.41 23.46
C ILE A 407 24.71 -5.38 23.55
N VAL A 408 24.16 -6.02 24.57
CA VAL A 408 22.69 -6.08 24.82
C VAL A 408 22.14 -4.69 25.17
N MET A 409 22.87 -3.86 25.91
CA MET A 409 22.39 -2.52 26.37
C MET A 409 22.55 -1.49 25.25
N ASP A 410 21.88 -1.70 24.12
CA ASP A 410 21.78 -0.76 22.98
C ASP A 410 23.19 -0.27 22.57
N SER A 411 24.12 -1.18 22.34
CA SER A 411 25.40 -0.91 21.63
C SER A 411 25.09 -0.41 20.24
N ARG A 412 26.00 0.35 19.62
CA ARG A 412 25.97 0.63 18.16
C ARG A 412 25.76 -0.68 17.40
N SER A 413 26.36 -1.79 17.85
CA SER A 413 26.38 -3.06 17.08
C SER A 413 24.96 -3.63 16.93
N ILE A 414 24.02 -3.32 17.84
CA ILE A 414 22.62 -3.80 17.72
C ILE A 414 21.67 -2.68 17.25
N GLY A 415 22.19 -1.51 16.86
CA GLY A 415 21.42 -0.53 16.06
C GLY A 415 21.18 0.82 16.75
N ALA A 416 21.84 1.12 17.87
CA ALA A 416 21.81 2.48 18.45
C ALA A 416 22.24 3.52 17.41
N ASP A 417 21.54 4.64 17.34
CA ASP A 417 21.82 5.73 16.39
C ASP A 417 23.08 6.47 16.85
N LEU A 418 23.26 6.66 18.16
CA LEU A 418 24.45 7.32 18.75
C LEU A 418 24.86 6.56 19.99
N ALA A 419 26.15 6.39 20.18
CA ALA A 419 26.76 5.80 21.39
C ALA A 419 27.80 6.79 21.90
N LEU A 420 27.65 7.20 23.15
CA LEU A 420 28.51 8.19 23.83
C LEU A 420 29.17 7.49 25.01
N ALA A 421 30.25 8.04 25.51
CA ALA A 421 30.96 7.55 26.72
C ALA A 421 31.47 8.75 27.50
N TRP A 422 31.50 8.60 28.82
CA TRP A 422 32.23 9.48 29.74
C TRP A 422 33.69 9.05 29.75
N PRO A 423 34.61 9.94 30.19
CA PRO A 423 36.03 9.61 30.31
C PRO A 423 36.32 8.56 31.38
N THR A 424 35.31 8.15 32.13
CA THR A 424 35.42 7.12 33.18
C THR A 424 35.04 5.75 32.60
N ASN A 425 34.80 5.65 31.28
CA ASN A 425 34.28 4.40 30.67
C ASN A 425 35.35 3.30 30.66
N GLU A 426 34.95 2.06 30.93
CA GLU A 426 35.75 0.83 30.74
C GLU A 426 34.92 -0.10 29.86
N ILE A 427 35.11 -0.06 28.54
CA ILE A 427 34.42 -0.98 27.59
C ILE A 427 35.40 -2.11 27.25
N ALA A 428 35.08 -3.36 27.64
CA ALA A 428 35.98 -4.53 27.44
C ALA A 428 35.19 -5.84 27.34
N VAL A 429 35.85 -6.93 26.97
CA VAL A 429 35.20 -8.26 26.82
C VAL A 429 34.94 -8.84 28.21
N MET A 430 35.77 -8.55 29.21
CA MET A 430 35.54 -8.85 30.65
C MET A 430 36.48 -7.93 31.47
N GLY A 431 36.45 -8.04 32.80
CA GLY A 431 37.45 -7.45 33.72
C GLY A 431 38.85 -7.91 33.35
N ALA A 432 39.86 -7.10 33.67
CA ALA A 432 41.29 -7.31 33.30
C ALA A 432 41.83 -8.59 33.96
N GLU A 433 41.54 -8.75 35.25
CA GLU A 433 41.86 -9.98 36.03
C GLU A 433 41.43 -11.22 35.24
N GLY A 434 40.17 -11.28 34.80
CA GLY A 434 39.62 -12.41 34.02
C GLY A 434 40.32 -12.57 32.67
N ALA A 435 40.35 -11.50 31.87
CA ALA A 435 40.88 -11.55 30.49
C ALA A 435 42.36 -11.91 30.46
N ALA A 436 43.14 -11.27 31.32
CA ALA A 436 44.60 -11.52 31.39
C ALA A 436 44.81 -12.96 31.84
N GLY A 437 43.99 -13.44 32.78
CA GLY A 437 44.11 -14.82 33.24
C GLY A 437 43.89 -15.81 32.12
N VAL A 438 42.86 -15.64 31.29
CA VAL A 438 42.69 -16.61 30.17
C VAL A 438 43.79 -16.45 29.11
N ILE A 439 44.13 -15.22 28.73
CA ILE A 439 45.10 -14.99 27.62
C ILE A 439 46.49 -15.49 27.98
N PHE A 440 46.93 -15.25 29.21
CA PHE A 440 48.31 -15.59 29.65
C PHE A 440 48.31 -16.80 30.56
N ARG A 441 47.27 -17.63 30.50
CA ARG A 441 47.13 -18.84 31.34
C ARG A 441 48.41 -19.67 31.32
N ARG A 442 48.89 -20.06 30.14
CA ARG A 442 50.11 -20.89 30.11
C ARG A 442 51.27 -20.10 30.71
N ASP A 443 51.46 -18.85 30.32
CA ASP A 443 52.61 -18.09 30.86
C ASP A 443 52.48 -17.95 32.38
N ILE A 444 51.31 -17.55 32.88
CA ILE A 444 51.16 -17.39 34.36
C ILE A 444 51.33 -18.74 35.05
N ASN A 445 50.89 -19.84 34.43
CA ASN A 445 51.02 -21.17 35.09
C ASN A 445 52.50 -21.47 35.30
N ALA A 446 53.30 -21.24 34.27
CA ALA A 446 54.77 -21.44 34.30
C ALA A 446 55.46 -20.20 34.88
N ALA A 447 56.78 -20.33 35.12
CA ALA A 447 57.73 -19.28 35.60
C ALA A 447 57.65 -19.05 37.12
N ASP A 448 58.53 -18.19 37.62
CA ASP A 448 58.64 -17.88 39.06
C ASP A 448 57.87 -16.60 39.38
N ASP A 449 57.14 -16.63 40.50
CA ASP A 449 56.33 -15.49 40.99
C ASP A 449 55.15 -15.28 40.05
N PRO A 450 54.40 -16.36 39.76
CA PRO A 450 53.20 -16.28 38.95
C PRO A 450 52.31 -15.12 39.43
N GLU A 451 52.19 -14.96 40.74
CA GLU A 451 51.33 -13.86 41.22
C GLU A 451 51.92 -12.53 40.77
N ALA A 452 53.23 -12.47 40.51
CA ALA A 452 53.85 -11.19 40.08
C ALA A 452 53.75 -11.05 38.56
N VAL A 453 53.75 -12.18 37.83
CA VAL A 453 53.57 -12.21 36.34
C VAL A 453 52.07 -12.01 36.03
N ARG A 454 51.17 -12.54 36.84
CA ARG A 454 49.71 -12.26 36.77
C ARG A 454 49.48 -10.76 36.98
N ARG A 455 49.84 -10.21 38.14
CA ARG A 455 49.66 -8.77 38.50
C ARG A 455 50.22 -7.89 37.38
N GLN A 456 51.31 -8.30 36.72
CA GLN A 456 51.96 -7.51 35.63
C GLN A 456 51.06 -7.50 34.39
N ARG A 457 50.64 -8.68 33.90
CA ARG A 457 49.80 -8.85 32.68
C ARG A 457 48.44 -8.18 32.85
N VAL A 458 47.85 -8.25 34.06
CA VAL A 458 46.57 -7.55 34.41
C VAL A 458 46.77 -6.03 34.25
N GLU A 459 47.85 -5.47 34.80
CA GLU A 459 48.15 -4.02 34.75
C GLU A 459 48.33 -3.60 33.29
N GLU A 460 49.05 -4.41 32.49
CA GLU A 460 49.31 -4.12 31.04
C GLU A 460 47.99 -4.17 30.27
N TYR A 461 47.14 -5.17 30.53
CA TYR A 461 45.82 -5.32 29.88
C TYR A 461 44.97 -4.08 30.20
N LYS A 462 44.85 -3.71 31.47
CA LYS A 462 43.99 -2.58 31.92
C LYS A 462 44.47 -1.27 31.28
N ALA A 463 45.79 -1.06 31.19
CA ALA A 463 46.38 0.20 30.71
C ALA A 463 46.19 0.33 29.19
N GLU A 464 46.33 -0.78 28.46
CA GLU A 464 46.48 -0.80 26.99
C GLU A 464 45.12 -1.00 26.30
N LEU A 465 44.22 -1.82 26.86
CA LEU A 465 42.97 -2.25 26.16
C LEU A 465 41.71 -1.68 26.82
N MET A 466 41.83 -1.07 28.00
CA MET A 466 40.66 -0.67 28.81
C MET A 466 40.75 0.79 29.22
N HIS A 467 41.58 1.57 28.54
CA HIS A 467 41.62 3.04 28.75
C HIS A 467 40.34 3.62 28.15
N PRO A 468 39.94 4.82 28.59
CA PRO A 468 38.69 5.41 28.13
C PRO A 468 38.52 5.71 26.63
N TYR A 469 39.58 5.58 25.82
CA TYR A 469 39.58 6.05 24.40
C TYR A 469 39.62 4.85 23.46
N TYR A 470 39.70 3.64 23.98
CA TYR A 470 39.82 2.40 23.17
C TYR A 470 38.63 2.27 22.20
N ALA A 471 37.41 2.29 22.75
CA ALA A 471 36.16 2.10 21.99
C ALA A 471 36.02 3.24 20.98
N ALA A 472 36.27 4.48 21.39
CA ALA A 472 36.14 5.67 20.52
C ALA A 472 37.12 5.59 19.34
N GLU A 473 38.31 5.05 19.57
CA GLU A 473 39.36 5.01 18.52
C GLU A 473 38.98 3.97 17.47
N ARG A 474 38.12 3.01 17.83
CA ARG A 474 37.71 1.89 16.93
C ARG A 474 36.27 2.04 16.43
N GLY A 475 35.57 3.13 16.78
CA GLY A 475 34.25 3.45 16.25
C GLY A 475 33.10 2.76 16.99
N LEU A 476 33.34 2.06 18.10
CA LEU A 476 32.27 1.44 18.92
C LEU A 476 31.45 2.52 19.62
N VAL A 477 32.07 3.66 19.93
CA VAL A 477 31.33 4.87 20.41
C VAL A 477 31.68 6.05 19.51
N ASP A 478 30.75 7.00 19.43
CA ASP A 478 30.77 8.10 18.45
C ASP A 478 31.54 9.27 19.04
N ASP A 479 31.61 9.36 20.36
CA ASP A 479 32.27 10.49 21.05
C ASP A 479 32.45 10.17 22.54
N VAL A 480 33.50 10.74 23.13
CA VAL A 480 33.74 10.77 24.59
C VAL A 480 33.44 12.19 25.02
N ILE A 481 32.55 12.38 25.99
CA ILE A 481 32.03 13.73 26.34
C ILE A 481 32.38 14.08 27.79
N ASP A 482 32.37 15.39 28.05
CA ASP A 482 32.41 15.94 29.43
C ASP A 482 31.12 15.49 30.11
N PRO A 483 31.18 14.73 31.22
CA PRO A 483 29.97 14.34 31.94
C PRO A 483 28.99 15.49 32.14
N ALA A 484 29.51 16.69 32.37
CA ALA A 484 28.69 17.87 32.70
C ALA A 484 27.94 18.36 31.46
N ASP A 485 28.28 17.89 30.27
CA ASP A 485 27.59 18.26 29.00
C ASP A 485 26.50 17.22 28.67
N THR A 486 26.32 16.16 29.46
CA THR A 486 25.40 15.03 29.16
C THR A 486 24.02 15.54 28.73
N ARG A 487 23.38 16.34 29.56
CA ARG A 487 22.05 16.91 29.28
C ARG A 487 22.02 17.51 27.86
N GLU A 488 22.94 18.41 27.54
CA GLU A 488 22.93 19.14 26.25
C GLU A 488 23.15 18.17 25.08
N VAL A 489 24.07 17.21 25.22
CA VAL A 489 24.44 16.27 24.12
C VAL A 489 23.22 15.39 23.82
N LEU A 490 22.54 14.90 24.85
CA LEU A 490 21.32 14.05 24.65
C LEU A 490 20.25 14.89 23.97
N ILE A 491 20.02 16.12 24.42
CA ILE A 491 18.97 16.99 23.82
C ILE A 491 19.26 17.17 22.32
N ARG A 492 20.52 17.42 21.97
CA ARG A 492 20.89 17.80 20.58
C ARG A 492 20.84 16.55 19.69
N GLY A 493 21.28 15.40 20.22
CA GLY A 493 21.18 14.08 19.56
C GLY A 493 19.73 13.71 19.26
N LEU A 494 18.85 13.78 20.25
CA LEU A 494 17.41 13.45 20.11
C LEU A 494 16.76 14.43 19.12
N ALA A 495 17.19 15.68 19.09
CA ALA A 495 16.57 16.68 18.18
C ALA A 495 16.98 16.35 16.75
N MET A 496 18.22 15.88 16.55
CA MET A 496 18.71 15.49 15.20
C MET A 496 17.96 14.24 14.72
N LEU A 497 17.62 13.34 15.64
CA LEU A 497 17.02 12.01 15.33
C LEU A 497 15.48 12.07 15.32
N ARG A 498 14.87 13.21 15.66
CA ARG A 498 13.40 13.33 15.84
C ARG A 498 12.67 12.82 14.60
N THR A 499 13.17 13.08 13.40
CA THR A 499 12.51 12.71 12.11
C THR A 499 12.91 11.30 11.65
N LYS A 500 13.65 10.54 12.44
CA LYS A 500 14.08 9.16 12.04
C LYS A 500 12.87 8.35 11.57
N HIS A 501 12.87 7.93 10.31
CA HIS A 501 11.99 6.85 9.82
C HIS A 501 12.88 5.62 9.70
N ALA A 502 12.41 4.49 10.22
CA ALA A 502 13.00 3.16 10.00
C ALA A 502 11.87 2.21 9.58
N ASP A 503 12.22 1.21 8.76
CA ASP A 503 11.31 0.18 8.21
C ASP A 503 11.38 -1.04 9.14
N LEU A 504 10.25 -1.67 9.40
CA LEU A 504 10.20 -3.03 10.04
C LEU A 504 10.00 -4.06 8.93
N PRO A 505 10.45 -5.32 9.10
CA PRO A 505 10.34 -6.32 8.02
C PRO A 505 8.86 -6.69 7.75
N MET A 506 8.60 -7.26 6.57
CA MET A 506 7.23 -7.64 6.12
C MET A 506 6.87 -8.98 6.79
N ARG A 507 5.99 -8.95 7.80
CA ARG A 507 5.60 -10.14 8.60
C ARG A 507 4.35 -9.85 9.43
N LYS A 508 3.59 -10.88 9.79
CA LYS A 508 2.47 -10.77 10.76
C LYS A 508 3.01 -10.19 12.08
N HIS A 509 4.12 -10.73 12.56
CA HIS A 509 4.79 -10.41 13.83
C HIS A 509 6.10 -11.19 13.81
N GLY A 510 7.11 -10.71 14.54
CA GLY A 510 8.28 -11.53 14.87
C GLY A 510 7.88 -12.68 15.77
N ASN A 511 8.81 -13.58 16.07
CA ASN A 511 8.66 -14.65 17.10
C ASN A 511 9.63 -14.37 18.23
N PRO A 512 9.43 -13.28 19.02
CA PRO A 512 10.32 -12.97 20.13
C PRO A 512 10.34 -14.14 21.12
N PRO A 513 11.41 -14.27 21.93
CA PRO A 513 11.49 -15.34 22.91
C PRO A 513 10.35 -15.19 23.94
N GLN A 514 9.69 -16.30 24.30
CA GLN A 514 8.67 -16.38 25.39
C GLN A 514 9.38 -16.94 26.64
N ARG B 2 -22.00 -47.43 23.98
CA ARG B 2 -21.83 -46.27 24.93
C ARG B 2 -23.19 -45.59 25.04
N LYS B 3 -23.50 -45.15 26.26
CA LYS B 3 -24.73 -44.40 26.57
C LYS B 3 -24.64 -43.03 25.89
N GLN B 4 -23.44 -42.45 25.89
CA GLN B 4 -23.19 -41.06 25.39
C GLN B 4 -23.41 -41.00 23.87
N LEU B 5 -22.94 -42.01 23.13
CA LEU B 5 -23.10 -42.10 21.66
C LEU B 5 -24.58 -42.22 21.29
N ASP B 6 -25.32 -43.04 22.03
CA ASP B 6 -26.77 -43.29 21.82
C ASP B 6 -27.53 -41.98 22.08
N GLU B 7 -27.21 -41.28 23.16
CA GLU B 7 -27.78 -39.95 23.47
C GLU B 7 -27.48 -39.01 22.28
N LEU B 8 -26.25 -39.01 21.75
CA LEU B 8 -25.83 -38.12 20.65
C LEU B 8 -26.63 -38.42 19.39
N LEU B 9 -26.81 -39.69 19.02
CA LEU B 9 -27.63 -40.07 17.82
C LEU B 9 -29.08 -39.62 18.03
N ASP B 10 -29.59 -39.68 19.26
CA ASP B 10 -31.00 -39.35 19.59
C ASP B 10 -31.16 -37.84 19.42
N ILE B 11 -30.29 -37.03 20.06
CA ILE B 11 -30.38 -35.53 19.99
C ILE B 11 -30.26 -35.11 18.52
N LYS B 12 -29.34 -35.69 17.74
CA LYS B 12 -29.13 -35.27 16.32
C LYS B 12 -30.38 -35.62 15.51
N GLU B 13 -30.94 -36.82 15.72
CA GLU B 13 -32.17 -37.29 15.03
C GLU B 13 -33.32 -36.32 15.39
N SER B 14 -33.40 -35.92 16.66
CA SER B 14 -34.49 -35.06 17.17
C SER B 14 -34.35 -33.65 16.57
N ALA B 15 -33.13 -33.15 16.41
CA ALA B 15 -32.87 -31.80 15.84
C ALA B 15 -33.16 -31.81 14.33
N ARG B 16 -32.70 -32.85 13.63
CA ARG B 16 -32.85 -33.04 12.15
C ARG B 16 -34.34 -33.02 11.78
N GLY B 17 -35.19 -33.73 12.54
CA GLY B 17 -36.62 -33.91 12.23
C GLY B 17 -37.44 -32.70 12.61
N GLY B 18 -36.82 -31.68 13.19
CA GLY B 18 -37.56 -30.49 13.61
C GLY B 18 -38.47 -30.79 14.80
N PRO B 19 -39.39 -29.85 15.13
CA PRO B 19 -40.12 -29.90 16.41
C PRO B 19 -41.16 -31.03 16.48
N ASP B 20 -41.90 -31.28 15.39
CA ASP B 20 -42.90 -32.39 15.31
C ASP B 20 -43.21 -32.73 13.83
N PRO B 21 -43.66 -33.96 13.50
CA PRO B 21 -44.04 -34.34 12.14
C PRO B 21 -45.35 -33.72 11.61
N ASP B 22 -46.23 -33.21 12.49
CA ASP B 22 -47.41 -32.39 12.06
C ASP B 22 -46.97 -31.10 11.36
N ALA B 23 -45.93 -30.43 11.87
CA ALA B 23 -45.35 -29.18 11.29
C ALA B 23 -44.77 -29.49 9.89
N THR B 24 -44.08 -30.63 9.73
CA THR B 24 -43.57 -31.10 8.43
C THR B 24 -44.71 -31.27 7.44
N ARG B 25 -45.82 -31.90 7.85
CA ARG B 25 -46.99 -32.16 6.98
C ARG B 25 -47.61 -30.82 6.58
N ARG B 26 -47.81 -29.90 7.50
CA ARG B 26 -48.38 -28.55 7.24
C ARG B 26 -47.52 -27.83 6.18
N GLN B 27 -46.19 -28.03 6.23
CA GLN B 27 -45.22 -27.40 5.28
C GLN B 27 -45.42 -28.05 3.89
N HIS B 28 -45.41 -29.38 3.82
CA HIS B 28 -45.59 -30.14 2.55
C HIS B 28 -47.00 -29.85 1.97
N ASP B 29 -48.01 -29.63 2.82
CA ASP B 29 -49.41 -29.36 2.42
C ASP B 29 -49.46 -28.04 1.64
N LYS B 30 -48.60 -27.08 1.96
CA LYS B 30 -48.57 -25.75 1.28
C LYS B 30 -47.82 -25.86 -0.06
N GLY B 31 -47.30 -27.03 -0.41
CA GLY B 31 -46.48 -27.22 -1.62
C GLY B 31 -45.05 -26.76 -1.41
N LYS B 32 -44.56 -26.77 -0.17
CA LYS B 32 -43.21 -26.29 0.21
C LYS B 32 -42.36 -27.48 0.65
N LEU B 33 -41.05 -27.40 0.45
CA LEU B 33 -40.07 -28.37 1.01
C LEU B 33 -39.61 -27.86 2.39
N THR B 34 -39.00 -28.75 3.18
CA THR B 34 -38.37 -28.39 4.46
C THR B 34 -37.00 -27.78 4.15
N ALA B 35 -36.47 -27.03 5.11
CA ALA B 35 -35.13 -26.42 5.08
C ALA B 35 -34.10 -27.49 4.69
N ARG B 36 -34.14 -28.68 5.29
CA ARG B 36 -33.11 -29.73 5.02
C ARG B 36 -33.26 -30.31 3.61
N GLU B 37 -34.50 -30.47 3.14
CA GLU B 37 -34.74 -30.98 1.77
C GLU B 37 -34.14 -29.99 0.76
N ARG B 38 -34.29 -28.68 1.03
CA ARG B 38 -33.80 -27.59 0.14
C ARG B 38 -32.27 -27.58 0.11
N ILE B 39 -31.64 -27.73 1.27
CA ILE B 39 -30.15 -27.76 1.40
C ILE B 39 -29.62 -28.97 0.62
N GLU B 40 -30.34 -30.10 0.60
CA GLU B 40 -29.92 -31.34 -0.11
C GLU B 40 -29.99 -31.11 -1.63
N LEU B 41 -31.00 -30.40 -2.11
CA LEU B 41 -31.14 -30.07 -3.56
C LEU B 41 -30.04 -29.07 -3.99
N LEU B 42 -29.70 -28.10 -3.13
CA LEU B 42 -28.70 -27.06 -3.43
C LEU B 42 -27.29 -27.67 -3.48
N LEU B 43 -26.92 -28.45 -2.48
CA LEU B 43 -25.51 -28.88 -2.27
C LEU B 43 -25.27 -30.25 -2.90
N ASP B 44 -24.02 -30.50 -3.32
CA ASP B 44 -23.49 -31.83 -3.71
C ASP B 44 -23.79 -32.84 -2.59
N LYS B 45 -24.10 -34.08 -2.97
CA LYS B 45 -24.39 -35.21 -2.03
C LYS B 45 -23.26 -35.28 -1.00
N ASP B 46 -23.61 -35.31 0.29
CA ASP B 46 -22.72 -35.62 1.44
C ASP B 46 -21.67 -34.51 1.65
N SER B 47 -21.84 -33.31 1.08
CA SER B 47 -20.90 -32.19 1.24
C SER B 47 -21.27 -31.36 2.48
N PHE B 48 -22.54 -31.38 2.91
CA PHE B 48 -23.06 -30.45 3.95
C PHE B 48 -22.43 -30.73 5.31
N GLN B 49 -21.88 -29.69 5.94
CA GLN B 49 -21.32 -29.71 7.30
C GLN B 49 -22.08 -28.62 8.07
N GLU B 50 -22.80 -29.01 9.11
CA GLU B 50 -23.72 -28.11 9.82
C GLU B 50 -22.96 -27.50 11.01
N ILE B 51 -23.31 -26.25 11.34
CA ILE B 51 -22.81 -25.56 12.56
C ILE B 51 -24.04 -25.16 13.39
N GLU B 52 -23.94 -25.35 14.71
CA GLU B 52 -24.93 -24.89 15.72
C GLU B 52 -26.28 -25.58 15.48
N GLN B 53 -26.26 -26.84 15.03
CA GLN B 53 -27.47 -27.68 14.94
C GLN B 53 -28.22 -27.68 16.28
N LEU B 54 -27.51 -27.77 17.41
CA LEU B 54 -28.15 -27.96 18.74
C LEU B 54 -28.41 -26.63 19.44
N ARG B 55 -28.17 -25.50 18.78
CA ARG B 55 -28.45 -24.18 19.36
C ARG B 55 -29.93 -24.07 19.71
N ARG B 56 -30.23 -23.49 20.88
CA ARG B 56 -31.60 -23.22 21.36
C ARG B 56 -31.66 -21.80 21.92
N HIS B 57 -32.83 -21.19 21.92
CA HIS B 57 -33.05 -19.80 22.36
C HIS B 57 -32.90 -19.75 23.88
N ARG B 58 -32.74 -18.55 24.43
CA ARG B 58 -32.68 -18.28 25.89
C ARG B 58 -33.71 -17.21 26.31
N ALA B 59 -34.74 -16.96 25.51
CA ALA B 59 -35.77 -15.92 25.74
C ALA B 59 -36.83 -16.44 26.72
N THR B 60 -37.61 -15.54 27.35
CA THR B 60 -38.55 -15.91 28.45
C THR B 60 -39.92 -15.23 28.35
N GLY B 61 -40.15 -14.21 27.53
CA GLY B 61 -41.53 -13.68 27.38
C GLY B 61 -42.57 -14.71 26.89
N PHE B 62 -43.85 -14.48 27.17
CA PHE B 62 -45.04 -14.96 26.38
C PHE B 62 -44.97 -16.44 25.96
N GLY B 63 -44.58 -17.34 26.87
CA GLY B 63 -44.68 -18.80 26.66
C GLY B 63 -43.47 -19.40 25.95
N LEU B 64 -42.43 -18.59 25.67
CA LEU B 64 -41.25 -19.03 24.88
C LEU B 64 -40.46 -20.10 25.66
N GLU B 65 -40.37 -19.98 26.98
CA GLU B 65 -39.56 -20.89 27.86
C GLU B 65 -39.95 -22.35 27.59
N ALA B 66 -41.19 -22.60 27.16
CA ALA B 66 -41.78 -23.95 26.92
C ALA B 66 -41.40 -24.51 25.54
N LYS B 67 -41.15 -23.67 24.54
CA LYS B 67 -40.85 -24.09 23.14
C LYS B 67 -39.43 -23.64 22.75
N LYS B 68 -38.40 -24.46 23.02
CA LYS B 68 -36.97 -24.20 22.69
C LYS B 68 -36.48 -25.27 21.72
N PRO B 69 -36.98 -25.33 20.47
CA PRO B 69 -36.49 -26.31 19.52
C PRO B 69 -35.03 -26.10 19.09
N TYR B 70 -34.33 -27.21 18.87
CA TYR B 70 -32.96 -27.32 18.33
C TYR B 70 -32.90 -26.57 17.01
N THR B 71 -31.77 -25.87 16.75
CA THR B 71 -31.46 -25.04 15.57
C THR B 71 -31.98 -23.60 15.77
N ASP B 72 -32.92 -23.42 16.68
CA ASP B 72 -33.67 -22.14 16.88
C ASP B 72 -34.19 -21.57 15.56
N GLY B 73 -34.50 -22.39 14.56
CA GLY B 73 -35.31 -21.92 13.41
C GLY B 73 -34.50 -21.60 12.16
N VAL B 74 -33.20 -21.83 12.18
CA VAL B 74 -32.33 -21.61 10.99
C VAL B 74 -31.27 -22.70 10.98
N ILE B 75 -31.05 -23.27 9.79
CA ILE B 75 -29.98 -24.29 9.53
C ILE B 75 -28.84 -23.55 8.83
N THR B 76 -27.64 -23.64 9.39
CA THR B 76 -26.44 -22.94 8.92
C THR B 76 -25.32 -23.94 8.70
N GLY B 77 -24.63 -23.83 7.58
CA GLY B 77 -23.39 -24.60 7.36
C GLY B 77 -22.82 -24.32 6.01
N TRP B 78 -21.92 -25.20 5.59
CA TRP B 78 -21.24 -25.09 4.27
C TRP B 78 -21.27 -26.46 3.60
N GLY B 79 -21.19 -26.47 2.28
CA GLY B 79 -20.96 -27.67 1.48
C GLY B 79 -20.26 -27.29 0.21
N THR B 80 -20.55 -28.01 -0.87
CA THR B 80 -19.96 -27.74 -2.20
C THR B 80 -21.09 -27.69 -3.21
N VAL B 81 -20.89 -26.87 -4.24
CA VAL B 81 -21.68 -26.88 -5.50
C VAL B 81 -20.66 -27.04 -6.62
N HIS B 82 -20.74 -28.14 -7.37
CA HIS B 82 -19.77 -28.52 -8.44
C HIS B 82 -18.35 -28.52 -7.87
N GLY B 83 -18.18 -28.95 -6.61
CA GLY B 83 -16.86 -29.16 -5.98
C GLY B 83 -16.32 -27.92 -5.27
N ARG B 84 -16.97 -26.77 -5.44
CA ARG B 84 -16.54 -25.46 -4.88
C ARG B 84 -17.33 -25.14 -3.62
N THR B 85 -16.66 -24.70 -2.55
CA THR B 85 -17.33 -24.53 -1.25
C THR B 85 -18.32 -23.35 -1.35
N VAL B 86 -19.49 -23.54 -0.75
CA VAL B 86 -20.60 -22.54 -0.69
C VAL B 86 -21.13 -22.57 0.73
N PHE B 87 -21.43 -21.41 1.29
CA PHE B 87 -22.04 -21.26 2.63
C PHE B 87 -23.54 -21.06 2.44
N VAL B 88 -24.35 -21.65 3.32
CA VAL B 88 -25.83 -21.60 3.21
C VAL B 88 -26.45 -21.42 4.59
N TYR B 89 -27.51 -20.63 4.65
CA TYR B 89 -28.47 -20.60 5.76
C TYR B 89 -29.88 -20.74 5.19
N ALA B 90 -30.75 -21.42 5.94
CA ALA B 90 -32.11 -21.81 5.52
C ALA B 90 -33.05 -21.70 6.73
N HIS B 91 -34.01 -20.80 6.66
CA HIS B 91 -35.05 -20.66 7.69
C HIS B 91 -35.90 -21.94 7.73
N ASP B 92 -36.26 -22.37 8.93
CA ASP B 92 -37.17 -23.51 9.19
C ASP B 92 -38.52 -22.92 9.62
N PHE B 93 -39.48 -22.85 8.70
CA PHE B 93 -40.80 -22.24 8.91
C PHE B 93 -41.57 -22.97 10.04
N ARG B 94 -41.21 -24.22 10.31
CA ARG B 94 -41.85 -25.06 11.36
C ARG B 94 -41.57 -24.50 12.76
N ILE B 95 -40.52 -23.70 12.91
CA ILE B 95 -40.09 -23.12 14.22
C ILE B 95 -40.42 -21.62 14.20
N PHE B 96 -41.45 -21.21 14.94
CA PHE B 96 -41.95 -19.82 15.07
C PHE B 96 -42.16 -19.17 13.71
N GLY B 97 -42.65 -19.90 12.71
CA GLY B 97 -42.91 -19.37 11.35
C GLY B 97 -41.63 -18.88 10.68
N GLY B 98 -40.48 -19.44 11.05
CA GLY B 98 -39.16 -19.05 10.53
C GLY B 98 -38.75 -17.66 10.97
N ALA B 99 -39.48 -17.05 11.91
CA ALA B 99 -39.24 -15.67 12.36
C ALA B 99 -37.92 -15.61 13.14
N LEU B 100 -37.30 -14.42 13.12
CA LEU B 100 -35.93 -14.18 13.60
C LEU B 100 -35.93 -14.04 15.12
N GLY B 101 -35.17 -14.87 15.80
CA GLY B 101 -34.85 -14.69 17.23
C GLY B 101 -33.43 -14.23 17.40
N GLU B 102 -33.06 -13.88 18.62
CA GLU B 102 -31.70 -13.42 18.96
C GLU B 102 -30.67 -14.52 18.65
N ALA B 103 -30.88 -15.75 19.08
CA ALA B 103 -29.93 -16.87 18.89
C ALA B 103 -29.84 -17.24 17.40
N HIS B 104 -31.00 -17.42 16.76
CA HIS B 104 -31.22 -17.57 15.29
C HIS B 104 -30.35 -16.53 14.56
N ALA B 105 -30.44 -15.27 14.93
CA ALA B 105 -29.74 -14.15 14.26
C ALA B 105 -28.22 -14.33 14.43
N GLN B 106 -27.75 -14.63 15.63
CA GLN B 106 -26.32 -14.82 15.90
C GLN B 106 -25.79 -16.01 15.08
N LYS B 107 -26.59 -17.03 14.82
CA LYS B 107 -26.17 -18.17 13.95
C LYS B 107 -25.94 -17.66 12.53
N ILE B 108 -26.84 -16.83 12.02
CA ILE B 108 -26.74 -16.24 10.67
C ILE B 108 -25.51 -15.32 10.62
N HIS B 109 -25.32 -14.45 11.62
CA HIS B 109 -24.12 -13.57 11.71
C HIS B 109 -22.87 -14.43 11.57
N LYS B 110 -22.79 -15.53 12.34
CA LYS B 110 -21.59 -16.39 12.41
C LYS B 110 -21.35 -16.99 11.04
N LEU B 111 -22.41 -17.46 10.38
CA LEU B 111 -22.24 -18.15 9.08
C LEU B 111 -21.82 -17.14 8.01
N MET B 112 -22.49 -15.98 7.94
CA MET B 112 -22.13 -14.91 6.98
C MET B 112 -20.66 -14.53 7.18
N ASP B 113 -20.21 -14.38 8.43
CA ASP B 113 -18.80 -14.04 8.74
C ASP B 113 -17.88 -15.13 8.18
N MET B 114 -18.28 -16.40 8.26
CA MET B 114 -17.40 -17.50 7.80
C MET B 114 -17.27 -17.43 6.26
N ALA B 115 -18.34 -17.08 5.56
CA ALA B 115 -18.36 -16.92 4.08
C ALA B 115 -17.42 -15.79 3.66
N ILE B 116 -17.49 -14.63 4.32
CA ILE B 116 -16.63 -13.45 4.05
C ILE B 116 -15.17 -13.82 4.32
N ALA B 117 -14.87 -14.46 5.45
CA ALA B 117 -13.51 -14.86 5.84
C ALA B 117 -12.93 -15.87 4.84
N ALA B 118 -13.74 -16.79 4.32
CA ALA B 118 -13.30 -17.88 3.42
C ALA B 118 -13.22 -17.37 1.97
N GLY B 119 -13.92 -16.28 1.66
CA GLY B 119 -14.05 -15.81 0.27
C GLY B 119 -14.80 -16.84 -0.55
N ALA B 120 -16.00 -17.19 -0.14
CA ALA B 120 -16.87 -18.12 -0.90
C ALA B 120 -18.30 -17.61 -0.93
N PRO B 121 -19.11 -18.02 -1.92
CA PRO B 121 -20.47 -17.50 -2.05
C PRO B 121 -21.37 -17.83 -0.84
N LEU B 122 -22.38 -17.00 -0.65
CA LEU B 122 -23.37 -17.07 0.44
C LEU B 122 -24.76 -17.22 -0.18
N VAL B 123 -25.42 -18.35 0.09
CA VAL B 123 -26.80 -18.63 -0.40
C VAL B 123 -27.76 -18.64 0.80
N SER B 124 -28.83 -17.87 0.73
CA SER B 124 -29.92 -17.87 1.73
C SER B 124 -31.12 -18.61 1.10
N LEU B 125 -31.67 -19.59 1.79
CA LEU B 125 -32.93 -20.31 1.43
C LEU B 125 -34.01 -19.78 2.38
N ASN B 126 -34.71 -18.75 1.96
CA ASN B 126 -35.52 -17.88 2.83
C ASN B 126 -36.95 -18.42 2.92
N ASP B 127 -37.42 -18.57 4.15
CA ASP B 127 -38.78 -19.04 4.48
C ASP B 127 -39.04 -18.61 5.92
N GLY B 128 -39.26 -17.34 6.14
CA GLY B 128 -39.34 -16.80 7.50
C GLY B 128 -38.89 -15.36 7.53
N ALA B 129 -39.77 -14.50 7.96
CA ALA B 129 -39.53 -13.05 7.94
C ALA B 129 -40.18 -12.42 9.16
N GLY B 130 -39.58 -11.33 9.60
CA GLY B 130 -40.03 -10.55 10.75
C GLY B 130 -39.38 -11.10 12.00
N ALA B 131 -39.24 -10.22 12.99
CA ALA B 131 -38.79 -10.60 14.35
C ALA B 131 -39.88 -11.48 14.96
N ARG B 132 -39.50 -12.49 15.73
CA ARG B 132 -40.39 -13.12 16.73
C ARG B 132 -40.92 -12.02 17.62
N ILE B 133 -42.23 -11.78 17.56
CA ILE B 133 -42.91 -10.70 18.31
C ILE B 133 -42.71 -10.98 19.80
N GLN B 134 -42.61 -12.24 20.19
CA GLN B 134 -42.42 -12.68 21.61
C GLN B 134 -41.05 -12.24 22.14
N GLU B 135 -40.04 -12.10 21.28
CA GLU B 135 -38.65 -11.76 21.69
C GLU B 135 -38.47 -10.24 21.68
N GLY B 136 -39.24 -9.51 20.88
CA GLY B 136 -39.30 -8.04 20.88
C GLY B 136 -38.21 -7.41 20.03
N VAL B 137 -37.90 -6.16 20.33
CA VAL B 137 -36.98 -5.28 19.57
C VAL B 137 -35.55 -5.84 19.64
N THR B 138 -35.17 -6.43 20.77
CA THR B 138 -33.95 -7.24 20.95
C THR B 138 -33.72 -8.14 19.72
N ALA B 139 -34.74 -8.88 19.28
CA ALA B 139 -34.64 -9.82 18.14
C ALA B 139 -34.62 -9.03 16.83
N LEU B 140 -35.44 -7.98 16.73
CA LEU B 140 -35.46 -7.07 15.57
C LEU B 140 -34.03 -6.59 15.26
N ALA B 141 -33.26 -6.19 16.27
CA ALA B 141 -31.88 -5.66 16.11
C ALA B 141 -30.96 -6.69 15.44
N GLY B 142 -31.31 -7.97 15.49
CA GLY B 142 -30.60 -9.05 14.77
C GLY B 142 -30.51 -8.79 13.27
N TYR B 143 -31.51 -8.13 12.67
CA TYR B 143 -31.54 -7.82 11.23
C TYR B 143 -30.42 -6.84 10.89
N GLY B 144 -30.09 -5.95 11.83
CA GLY B 144 -29.04 -4.94 11.63
C GLY B 144 -27.71 -5.60 11.26
N GLY B 145 -27.31 -6.61 12.02
CA GLY B 145 -26.06 -7.35 11.79
C GLY B 145 -26.09 -8.07 10.45
N ILE B 146 -27.27 -8.55 10.03
CA ILE B 146 -27.42 -9.21 8.70
C ILE B 146 -27.20 -8.14 7.62
N PHE B 147 -27.86 -6.99 7.75
CA PHE B 147 -27.75 -5.89 6.77
C PHE B 147 -26.27 -5.43 6.66
N GLN B 148 -25.60 -5.20 7.78
CA GLN B 148 -24.17 -4.79 7.78
C GLN B 148 -23.34 -5.81 6.99
N ARG B 149 -23.62 -7.09 7.18
CA ARG B 149 -22.80 -8.16 6.57
C ARG B 149 -23.12 -8.26 5.08
N ASN B 150 -24.40 -8.10 4.70
CA ASN B 150 -24.79 -8.04 3.26
C ASN B 150 -23.99 -6.90 2.62
N THR B 151 -23.89 -5.75 3.30
CA THR B 151 -23.25 -4.52 2.77
C THR B 151 -21.73 -4.72 2.69
N ARG B 152 -21.08 -5.28 3.72
CA ARG B 152 -19.61 -5.56 3.72
C ARG B 152 -19.27 -6.56 2.62
N ALA B 153 -20.16 -7.52 2.36
CA ALA B 153 -19.93 -8.66 1.42
C ALA B 153 -20.23 -8.22 -0.02
N SER B 154 -20.97 -7.14 -0.19
CA SER B 154 -21.44 -6.66 -1.51
C SER B 154 -20.22 -6.40 -2.43
N GLY B 155 -20.16 -7.12 -3.55
CA GLY B 155 -19.07 -7.04 -4.52
C GLY B 155 -17.80 -7.72 -4.02
N VAL B 156 -17.88 -8.53 -2.95
CA VAL B 156 -16.70 -9.24 -2.38
C VAL B 156 -16.91 -10.74 -2.59
N ILE B 157 -18.05 -11.26 -2.13
CA ILE B 157 -18.51 -12.64 -2.40
C ILE B 157 -19.88 -12.58 -3.05
N PRO B 158 -20.18 -13.48 -4.01
CA PRO B 158 -21.53 -13.56 -4.56
C PRO B 158 -22.53 -13.86 -3.46
N GLN B 159 -23.64 -13.14 -3.45
CA GLN B 159 -24.77 -13.35 -2.51
C GLN B 159 -26.03 -13.66 -3.33
N ILE B 160 -26.56 -14.86 -3.18
CA ILE B 160 -27.82 -15.32 -3.85
C ILE B 160 -28.89 -15.53 -2.77
N SER B 161 -30.05 -14.93 -2.98
CA SER B 161 -31.24 -15.05 -2.10
C SER B 161 -32.31 -15.88 -2.82
N VAL B 162 -32.70 -17.02 -2.24
CA VAL B 162 -33.81 -17.87 -2.78
C VAL B 162 -35.02 -17.69 -1.87
N MET B 163 -36.09 -17.12 -2.39
CA MET B 163 -37.35 -16.86 -1.65
C MET B 163 -38.28 -18.05 -1.85
N LEU B 164 -38.51 -18.82 -0.79
CA LEU B 164 -39.26 -20.09 -0.84
C LEU B 164 -40.44 -20.06 0.15
N GLY B 165 -40.82 -18.88 0.62
CA GLY B 165 -41.92 -18.70 1.59
C GLY B 165 -42.30 -17.24 1.71
N PRO B 166 -43.22 -16.91 2.64
CA PRO B 166 -43.57 -15.52 2.91
C PRO B 166 -42.35 -14.74 3.43
N CYS B 167 -42.28 -13.46 3.08
CA CYS B 167 -41.20 -12.54 3.51
C CYS B 167 -41.81 -11.15 3.64
N ALA B 168 -42.16 -10.77 4.87
CA ALA B 168 -42.83 -9.50 5.22
C ALA B 168 -41.89 -8.63 6.03
N GLY B 169 -41.82 -7.35 5.68
CA GLY B 169 -41.12 -6.31 6.47
C GLY B 169 -39.64 -6.21 6.12
N GLY B 170 -38.90 -5.55 7.01
CA GLY B 170 -37.44 -5.33 6.99
C GLY B 170 -36.68 -6.50 6.40
N ALA B 171 -37.03 -7.74 6.75
CA ALA B 171 -36.34 -8.96 6.28
C ALA B 171 -36.11 -8.92 4.76
N ALA B 172 -37.05 -8.36 4.00
CA ALA B 172 -37.03 -8.35 2.51
C ALA B 172 -35.82 -7.54 2.01
N TYR B 173 -35.30 -6.62 2.82
CA TYR B 173 -34.17 -5.74 2.48
C TYR B 173 -32.88 -6.57 2.41
N SER B 174 -32.76 -7.67 3.17
CA SER B 174 -31.57 -8.54 3.09
C SER B 174 -31.41 -9.05 1.64
N PRO B 175 -32.40 -9.75 1.04
CA PRO B 175 -32.35 -10.07 -0.39
C PRO B 175 -32.08 -8.89 -1.36
N ALA B 176 -32.68 -7.73 -1.10
CA ALA B 176 -32.46 -6.50 -1.88
C ALA B 176 -30.97 -6.09 -1.89
N LEU B 177 -30.24 -6.38 -0.82
CA LEU B 177 -28.78 -6.07 -0.71
C LEU B 177 -27.93 -7.16 -1.37
N THR B 178 -28.50 -8.28 -1.78
CA THR B 178 -27.73 -9.40 -2.40
C THR B 178 -27.68 -9.16 -3.89
N ASP B 179 -26.98 -10.02 -4.64
CA ASP B 179 -26.68 -9.83 -6.07
C ASP B 179 -27.84 -10.37 -6.91
N PHE B 180 -28.43 -11.50 -6.52
CA PHE B 180 -29.46 -12.21 -7.30
C PHE B 180 -30.57 -12.70 -6.36
N VAL B 181 -31.81 -12.39 -6.70
CA VAL B 181 -33.03 -12.86 -5.97
C VAL B 181 -33.81 -13.84 -6.85
N PHE B 182 -33.98 -15.08 -6.39
CA PHE B 182 -34.83 -16.14 -7.00
C PHE B 182 -36.15 -16.24 -6.21
N MET B 183 -37.28 -16.40 -6.91
CA MET B 183 -38.62 -16.61 -6.28
C MET B 183 -39.32 -17.81 -6.91
N VAL B 184 -40.11 -18.51 -6.10
CA VAL B 184 -40.99 -19.61 -6.55
C VAL B 184 -42.43 -19.11 -6.58
N ARG B 185 -43.12 -19.27 -7.72
CA ARG B 185 -44.52 -18.81 -7.92
C ARG B 185 -45.46 -19.56 -6.95
N GLY B 186 -46.42 -18.85 -6.37
CA GLY B 186 -47.43 -19.45 -5.48
C GLY B 186 -46.96 -19.49 -4.04
N THR B 187 -45.82 -20.11 -3.76
CA THR B 187 -45.37 -20.42 -2.38
C THR B 187 -44.55 -19.28 -1.76
N SER B 188 -44.01 -18.34 -2.56
CA SER B 188 -43.14 -17.22 -2.08
C SER B 188 -43.78 -15.86 -2.37
N GLN B 189 -43.62 -14.95 -1.42
CA GLN B 189 -44.04 -13.52 -1.54
C GLN B 189 -43.04 -12.64 -0.79
N MET B 190 -42.93 -11.39 -1.21
CA MET B 190 -42.12 -10.34 -0.56
C MET B 190 -42.91 -9.04 -0.54
N PHE B 191 -43.05 -8.40 0.61
CA PHE B 191 -43.56 -7.02 0.74
C PHE B 191 -43.03 -6.44 2.05
N ILE B 192 -42.96 -5.13 2.13
CA ILE B 192 -42.50 -4.41 3.34
C ILE B 192 -43.69 -4.27 4.30
N THR B 193 -44.87 -3.94 3.78
CA THR B 193 -46.12 -3.85 4.56
C THR B 193 -47.11 -4.87 3.97
N GLY B 194 -47.57 -5.81 4.81
CA GLY B 194 -48.42 -6.96 4.43
C GLY B 194 -49.87 -6.56 4.16
N PRO B 195 -50.70 -7.45 3.57
CA PRO B 195 -52.06 -7.09 3.13
C PRO B 195 -52.98 -6.67 4.29
N ASP B 196 -52.81 -7.29 5.45
CA ASP B 196 -53.55 -6.99 6.72
C ASP B 196 -53.42 -5.49 6.97
N VAL B 197 -52.19 -4.98 7.06
CA VAL B 197 -51.89 -3.57 7.42
C VAL B 197 -52.33 -2.64 6.28
N VAL B 198 -52.26 -3.08 5.00
CA VAL B 198 -52.62 -2.17 3.87
C VAL B 198 -54.13 -1.91 3.94
N ARG B 199 -54.93 -2.95 4.19
CA ARG B 199 -56.41 -2.87 4.37
C ARG B 199 -56.73 -1.86 5.48
N ALA B 200 -56.21 -2.12 6.70
CA ALA B 200 -56.42 -1.31 7.92
C ALA B 200 -56.07 0.17 7.68
N VAL B 201 -55.04 0.49 6.90
CA VAL B 201 -54.51 1.89 6.78
C VAL B 201 -55.08 2.55 5.53
N THR B 202 -54.95 1.93 4.35
CA THR B 202 -55.27 2.58 3.05
C THR B 202 -56.71 2.26 2.64
N GLY B 203 -57.26 1.11 3.08
CA GLY B 203 -58.61 0.64 2.71
C GLY B 203 -58.65 -0.10 1.38
N GLU B 204 -57.49 -0.30 0.74
CA GLU B 204 -57.26 -1.18 -0.46
C GLU B 204 -57.39 -2.64 -0.03
N GLU B 205 -58.06 -3.46 -0.83
CA GLU B 205 -58.21 -4.93 -0.64
C GLU B 205 -57.23 -5.64 -1.59
N ILE B 206 -56.33 -6.47 -1.06
CA ILE B 206 -55.36 -7.24 -1.89
C ILE B 206 -54.88 -8.47 -1.11
N GLY B 207 -54.68 -9.59 -1.80
CA GLY B 207 -54.08 -10.83 -1.27
C GLY B 207 -52.56 -10.77 -1.28
N GLN B 208 -51.91 -11.73 -0.64
CA GLN B 208 -50.43 -11.85 -0.58
C GLN B 208 -49.84 -11.94 -2.00
N GLU B 209 -50.43 -12.75 -2.88
CA GLU B 209 -49.88 -13.05 -4.23
C GLU B 209 -50.01 -11.80 -5.12
N GLY B 210 -51.11 -11.05 -4.97
CA GLY B 210 -51.38 -9.84 -5.76
C GLY B 210 -50.45 -8.71 -5.35
N LEU B 211 -50.07 -8.67 -4.07
CA LEU B 211 -49.23 -7.59 -3.47
C LEU B 211 -47.75 -7.82 -3.78
N GLY B 212 -47.25 -9.05 -3.63
CA GLY B 212 -45.81 -9.34 -3.64
C GLY B 212 -45.46 -10.75 -4.08
N GLY B 213 -46.24 -11.32 -4.98
CA GLY B 213 -45.95 -12.66 -5.55
C GLY B 213 -44.76 -12.64 -6.48
N ALA B 214 -44.27 -13.82 -6.87
CA ALA B 214 -43.15 -13.99 -7.81
C ALA B 214 -43.43 -13.25 -9.12
N ASP B 215 -44.67 -13.24 -9.59
CA ASP B 215 -45.03 -12.61 -10.89
C ASP B 215 -44.95 -11.07 -10.74
N VAL B 216 -45.40 -10.52 -9.62
CA VAL B 216 -45.26 -9.06 -9.36
C VAL B 216 -43.77 -8.65 -9.44
N HIS B 217 -42.88 -9.38 -8.77
CA HIS B 217 -41.47 -8.98 -8.54
C HIS B 217 -40.61 -9.35 -9.75
N SER B 218 -41.05 -10.34 -10.51
CA SER B 218 -40.39 -10.89 -11.73
C SER B 218 -40.68 -9.97 -12.92
N ARG B 219 -41.86 -9.34 -12.98
CA ARG B 219 -42.39 -8.65 -14.18
C ARG B 219 -42.56 -7.14 -13.97
N THR B 220 -42.85 -6.68 -12.75
CA THR B 220 -43.26 -5.27 -12.50
C THR B 220 -42.21 -4.54 -11.64
N SER B 221 -41.84 -5.07 -10.47
CA SER B 221 -41.05 -4.33 -9.46
C SER B 221 -39.56 -4.44 -9.78
N GLY B 222 -39.13 -5.54 -10.41
CA GLY B 222 -37.69 -5.78 -10.68
C GLY B 222 -36.94 -6.36 -9.47
N VAL B 223 -37.65 -6.63 -8.36
CA VAL B 223 -37.01 -7.14 -7.13
C VAL B 223 -36.48 -8.56 -7.34
N ALA B 224 -37.14 -9.36 -8.18
CA ALA B 224 -36.77 -10.77 -8.42
C ALA B 224 -36.09 -10.89 -9.80
N HIS B 225 -34.88 -11.43 -9.81
CA HIS B 225 -34.04 -11.63 -11.02
C HIS B 225 -34.54 -12.87 -11.76
N PHE B 226 -35.10 -13.83 -11.03
CA PHE B 226 -35.57 -15.12 -11.57
C PHE B 226 -36.84 -15.56 -10.84
N ALA B 227 -37.72 -16.27 -11.56
CA ALA B 227 -38.98 -16.85 -11.06
C ALA B 227 -39.16 -18.23 -11.68
N TYR B 228 -39.64 -19.20 -10.91
CA TYR B 228 -39.78 -20.61 -11.31
C TYR B 228 -41.10 -21.16 -10.75
N ASP B 229 -41.64 -22.21 -11.37
CA ASP B 229 -42.97 -22.80 -11.01
C ASP B 229 -42.81 -23.67 -9.76
N ASP B 230 -41.64 -24.23 -9.51
CA ASP B 230 -41.37 -25.12 -8.35
C ASP B 230 -39.96 -24.89 -7.79
N GLU B 231 -39.73 -25.40 -6.58
CA GLU B 231 -38.45 -25.28 -5.83
C GLU B 231 -37.35 -26.06 -6.55
N GLU B 232 -37.68 -27.20 -7.16
CA GLU B 232 -36.66 -28.14 -7.72
C GLU B 232 -35.92 -27.43 -8.88
N THR B 233 -36.66 -26.78 -9.78
CA THR B 233 -36.11 -26.08 -10.96
C THR B 233 -35.30 -24.87 -10.47
N CYS B 234 -35.87 -24.15 -9.51
CA CYS B 234 -35.27 -22.95 -8.89
C CYS B 234 -33.86 -23.29 -8.37
N LEU B 235 -33.73 -24.35 -7.57
CA LEU B 235 -32.44 -24.71 -6.93
C LEU B 235 -31.48 -25.32 -7.95
N GLU B 236 -31.99 -25.91 -9.03
CA GLU B 236 -31.16 -26.38 -10.17
C GLU B 236 -30.48 -25.17 -10.81
N GLU B 237 -31.22 -24.06 -10.99
CA GLU B 237 -30.73 -22.83 -11.67
C GLU B 237 -29.80 -22.06 -10.73
N VAL B 238 -30.01 -22.12 -9.42
CA VAL B 238 -29.07 -21.53 -8.43
C VAL B 238 -27.70 -22.20 -8.60
N ARG B 239 -27.68 -23.53 -8.74
CA ARG B 239 -26.41 -24.28 -8.92
C ARG B 239 -25.76 -23.85 -10.24
N PHE B 240 -26.56 -23.62 -11.26
CA PHE B 240 -26.05 -23.26 -12.60
C PHE B 240 -25.44 -21.86 -12.54
N LEU B 241 -26.13 -20.92 -11.91
CA LEU B 241 -25.61 -19.55 -11.69
C LEU B 241 -24.26 -19.60 -10.92
N LEU B 242 -24.18 -20.38 -9.85
CA LEU B 242 -22.93 -20.50 -9.06
C LEU B 242 -21.78 -20.99 -9.96
N SER B 243 -22.06 -21.83 -10.96
CA SER B 243 -21.03 -22.42 -11.86
C SER B 243 -20.47 -21.36 -12.81
N MET B 244 -21.17 -20.23 -12.96
CA MET B 244 -20.81 -19.11 -13.86
C MET B 244 -20.18 -17.95 -13.08
N LEU B 245 -20.14 -18.00 -11.75
CA LEU B 245 -19.64 -16.89 -10.90
C LEU B 245 -18.33 -17.34 -10.28
N PRO B 246 -17.41 -16.42 -9.96
CA PRO B 246 -16.23 -16.76 -9.18
C PRO B 246 -16.61 -16.96 -7.72
N ALA B 247 -15.69 -17.49 -6.91
CA ALA B 247 -15.88 -17.66 -5.46
C ALA B 247 -15.91 -16.28 -4.79
N ASN B 248 -15.15 -15.33 -5.31
CA ASN B 248 -14.95 -14.01 -4.67
C ASN B 248 -14.38 -13.04 -5.69
N ASN B 249 -14.18 -11.77 -5.31
CA ASN B 249 -13.82 -10.68 -6.27
C ASN B 249 -12.34 -10.74 -6.60
N ARG B 250 -11.55 -11.67 -6.05
CA ARG B 250 -10.10 -11.80 -6.36
C ARG B 250 -9.87 -12.86 -7.45
N GLU B 251 -10.91 -13.46 -8.00
CA GLU B 251 -10.84 -14.54 -9.03
C GLU B 251 -11.72 -14.16 -10.21
N SER B 252 -11.47 -14.76 -11.36
CA SER B 252 -12.36 -14.70 -12.55
C SER B 252 -13.31 -15.89 -12.46
N ALA B 253 -14.44 -15.82 -13.15
CA ALA B 253 -15.39 -16.96 -13.23
C ALA B 253 -14.61 -18.17 -13.77
N PRO B 254 -14.88 -19.38 -13.28
CA PRO B 254 -14.08 -20.54 -13.65
C PRO B 254 -14.35 -20.90 -15.12
N ALA B 255 -13.30 -21.14 -15.89
CA ALA B 255 -13.35 -21.59 -17.29
C ALA B 255 -13.68 -23.08 -17.35
N VAL B 256 -14.35 -23.53 -18.42
CA VAL B 256 -14.65 -24.97 -18.67
C VAL B 256 -14.05 -25.35 -20.02
N PRO B 257 -13.75 -26.65 -20.26
CA PRO B 257 -13.36 -27.07 -21.61
C PRO B 257 -14.55 -26.88 -22.54
N CYS B 258 -14.27 -26.50 -23.78
CA CYS B 258 -15.26 -26.11 -24.81
C CYS B 258 -14.95 -26.86 -26.10
N ASP B 259 -15.91 -27.69 -26.54
CA ASP B 259 -15.91 -28.43 -27.83
C ASP B 259 -16.49 -27.59 -28.96
N ASP B 260 -17.21 -26.51 -28.66
CA ASP B 260 -17.81 -25.62 -29.68
C ASP B 260 -16.69 -24.75 -30.28
N PRO B 261 -16.30 -24.96 -31.55
CA PRO B 261 -15.08 -24.32 -32.07
C PRO B 261 -15.18 -22.78 -32.00
N ALA B 262 -14.06 -22.14 -31.72
CA ALA B 262 -13.97 -20.66 -31.62
C ALA B 262 -14.25 -20.02 -32.98
N ASP B 263 -14.04 -20.74 -34.09
CA ASP B 263 -14.14 -20.21 -35.48
C ASP B 263 -15.45 -20.62 -36.13
N ARG B 264 -16.41 -21.18 -35.38
CA ARG B 264 -17.73 -21.59 -35.94
C ARG B 264 -18.45 -20.35 -36.47
N ARG B 265 -18.72 -20.33 -37.77
CA ARG B 265 -19.31 -19.18 -38.48
C ARG B 265 -20.80 -19.12 -38.15
N GLY B 266 -21.37 -17.92 -38.14
CA GLY B 266 -22.78 -17.69 -37.78
C GLY B 266 -23.60 -17.27 -38.98
N GLN B 267 -23.62 -18.12 -40.04
CA GLN B 267 -24.26 -17.77 -41.34
C GLN B 267 -25.77 -17.56 -41.11
N ALA B 268 -26.35 -18.19 -40.08
CA ALA B 268 -27.77 -18.03 -39.68
C ALA B 268 -28.11 -16.57 -39.35
N LEU B 269 -27.12 -15.77 -38.93
CA LEU B 269 -27.33 -14.36 -38.52
C LEU B 269 -27.78 -13.52 -39.70
N TYR B 270 -27.38 -13.92 -40.92
CA TYR B 270 -27.77 -13.22 -42.18
C TYR B 270 -29.30 -13.20 -42.28
N ASP B 271 -29.98 -14.29 -41.87
CA ASP B 271 -31.46 -14.42 -41.96
C ASP B 271 -32.14 -13.87 -40.69
N LEU B 272 -31.56 -14.09 -39.51
CA LEU B 272 -32.20 -13.77 -38.20
C LEU B 272 -32.40 -12.27 -38.07
N VAL B 273 -31.50 -11.46 -38.64
CA VAL B 273 -31.51 -9.98 -38.53
C VAL B 273 -31.90 -9.40 -39.89
N PRO B 274 -33.13 -8.88 -40.04
CA PRO B 274 -33.51 -8.16 -41.26
C PRO B 274 -32.57 -6.99 -41.59
N ALA B 275 -32.27 -6.76 -42.87
CA ALA B 275 -31.63 -5.51 -43.34
C ALA B 275 -32.65 -4.36 -43.30
N ASP B 276 -33.96 -4.67 -43.40
CA ASP B 276 -35.07 -3.68 -43.25
C ASP B 276 -35.17 -3.24 -41.77
N GLY B 277 -34.74 -2.02 -41.47
CA GLY B 277 -34.59 -1.49 -40.09
C GLY B 277 -35.91 -1.35 -39.35
N ASN B 278 -37.05 -1.45 -40.02
CA ASN B 278 -38.41 -1.32 -39.41
C ASN B 278 -38.86 -2.65 -38.80
N ARG B 279 -38.36 -3.77 -39.29
CA ARG B 279 -38.85 -5.14 -38.93
C ARG B 279 -38.12 -5.62 -37.67
N PRO B 280 -38.82 -6.10 -36.63
CA PRO B 280 -38.17 -6.62 -35.42
C PRO B 280 -37.60 -8.04 -35.57
N TYR B 281 -36.90 -8.50 -34.54
CA TYR B 281 -36.35 -9.88 -34.40
C TYR B 281 -36.10 -10.10 -32.90
N ASP B 282 -35.92 -11.36 -32.51
CA ASP B 282 -35.59 -11.74 -31.13
C ASP B 282 -34.07 -11.69 -31.02
N MET B 283 -33.53 -10.70 -30.29
CA MET B 283 -32.06 -10.55 -30.07
C MET B 283 -31.50 -11.79 -29.37
N ARG B 284 -32.31 -12.54 -28.65
CA ARG B 284 -31.88 -13.80 -27.99
C ARG B 284 -31.45 -14.83 -29.03
N ALA B 285 -32.07 -14.82 -30.21
CA ALA B 285 -31.75 -15.76 -31.31
C ALA B 285 -30.33 -15.46 -31.79
N VAL B 286 -29.96 -14.17 -31.82
CA VAL B 286 -28.58 -13.71 -32.16
C VAL B 286 -27.59 -14.21 -31.10
N ILE B 287 -27.92 -14.02 -29.82
CA ILE B 287 -27.05 -14.45 -28.69
C ILE B 287 -26.83 -15.96 -28.79
N GLU B 288 -27.91 -16.72 -29.01
CA GLU B 288 -27.89 -18.21 -29.06
C GLU B 288 -26.99 -18.69 -30.22
N GLU B 289 -26.95 -17.98 -31.34
CA GLU B 289 -26.04 -18.30 -32.47
C GLU B 289 -24.58 -18.16 -32.05
N ILE B 290 -24.27 -17.09 -31.33
CA ILE B 290 -22.90 -16.58 -31.05
C ILE B 290 -22.23 -17.37 -29.90
N VAL B 291 -22.96 -17.65 -28.82
CA VAL B 291 -22.37 -18.16 -27.55
C VAL B 291 -22.18 -19.68 -27.61
N ASP B 292 -21.34 -20.22 -26.74
CA ASP B 292 -21.06 -21.69 -26.64
C ASP B 292 -22.40 -22.44 -26.55
N ASP B 293 -22.68 -23.30 -27.53
CA ASP B 293 -23.77 -24.32 -27.52
C ASP B 293 -25.14 -23.64 -27.41
N GLY B 294 -25.26 -22.35 -27.72
CA GLY B 294 -26.52 -21.60 -27.59
C GLY B 294 -27.01 -21.49 -26.14
N THR B 295 -26.18 -21.81 -25.15
CA THR B 295 -26.53 -21.78 -23.70
C THR B 295 -26.29 -20.37 -23.13
N HIS B 296 -27.31 -19.82 -22.49
CA HIS B 296 -27.21 -18.57 -21.70
C HIS B 296 -28.24 -18.57 -20.57
N LEU B 297 -27.89 -17.93 -19.44
CA LEU B 297 -28.78 -17.78 -18.27
C LEU B 297 -29.23 -16.32 -18.20
N GLU B 298 -30.45 -16.05 -18.64
CA GLU B 298 -30.96 -14.67 -18.75
C GLU B 298 -31.35 -14.17 -17.35
N VAL B 299 -30.91 -12.98 -16.96
CA VAL B 299 -31.32 -12.40 -15.65
C VAL B 299 -32.35 -11.30 -15.91
N HIS B 300 -33.34 -11.20 -15.03
CA HIS B 300 -34.49 -10.28 -15.19
C HIS B 300 -35.19 -10.57 -16.53
N GLU B 301 -35.29 -11.84 -16.91
CA GLU B 301 -35.90 -12.29 -18.18
C GLU B 301 -37.24 -11.58 -18.42
N ARG B 302 -38.10 -11.49 -17.40
CA ARG B 302 -39.51 -11.08 -17.58
C ARG B 302 -39.70 -9.63 -17.12
N TRP B 303 -38.62 -8.92 -16.75
CA TRP B 303 -38.68 -7.48 -16.39
C TRP B 303 -37.97 -6.66 -17.46
N ALA B 304 -38.56 -5.52 -17.83
CA ALA B 304 -37.95 -4.59 -18.82
C ALA B 304 -37.40 -5.39 -20.01
N THR B 305 -38.28 -6.07 -20.72
CA THR B 305 -37.92 -7.00 -21.83
C THR B 305 -37.36 -6.23 -23.03
N ASN B 306 -37.43 -4.89 -23.02
CA ASN B 306 -36.78 -4.02 -24.03
C ASN B 306 -35.23 -4.14 -23.95
N VAL B 307 -34.68 -4.73 -22.88
CA VAL B 307 -33.23 -5.07 -22.77
C VAL B 307 -33.06 -6.50 -22.31
N ILE B 308 -31.99 -7.12 -22.77
CA ILE B 308 -31.53 -8.48 -22.37
C ILE B 308 -30.24 -8.32 -21.59
N CYS B 309 -30.21 -8.91 -20.39
CA CYS B 309 -28.99 -9.17 -19.63
C CYS B 309 -28.86 -10.66 -19.47
N THR B 310 -27.77 -11.27 -19.89
CA THR B 310 -27.62 -12.74 -19.79
C THR B 310 -26.16 -13.13 -19.60
N LEU B 311 -25.93 -14.23 -18.88
CA LEU B 311 -24.60 -14.84 -18.68
C LEU B 311 -24.47 -16.03 -19.62
N ALA B 312 -23.36 -16.09 -20.35
CA ALA B 312 -23.09 -17.15 -21.34
C ALA B 312 -21.60 -17.45 -21.28
N ARG B 313 -21.13 -18.32 -22.16
CA ARG B 313 -19.68 -18.62 -22.26
C ARG B 313 -19.29 -18.46 -23.74
N LEU B 314 -18.06 -17.96 -23.97
CA LEU B 314 -17.41 -17.85 -25.28
C LEU B 314 -16.06 -18.54 -25.12
N ASP B 315 -15.85 -19.65 -25.84
CA ASP B 315 -14.61 -20.47 -25.77
C ASP B 315 -14.40 -20.93 -24.33
N GLY B 316 -15.48 -21.23 -23.61
CA GLY B 316 -15.44 -21.83 -22.25
C GLY B 316 -15.34 -20.80 -21.12
N LYS B 317 -15.22 -19.50 -21.43
CA LYS B 317 -15.00 -18.41 -20.46
C LYS B 317 -16.31 -17.62 -20.31
N VAL B 318 -16.67 -17.29 -19.07
CA VAL B 318 -17.95 -16.59 -18.80
C VAL B 318 -17.89 -15.18 -19.39
N VAL B 319 -18.99 -14.72 -19.97
CA VAL B 319 -19.22 -13.32 -20.45
C VAL B 319 -20.61 -12.90 -20.01
N GLY B 320 -20.78 -11.62 -19.77
CA GLY B 320 -22.10 -11.01 -19.55
C GLY B 320 -22.48 -10.23 -20.76
N ILE B 321 -23.73 -10.38 -21.22
CA ILE B 321 -24.19 -9.75 -22.48
C ILE B 321 -25.35 -8.84 -22.15
N VAL B 322 -25.25 -7.59 -22.54
CA VAL B 322 -26.33 -6.58 -22.49
C VAL B 322 -26.70 -6.30 -23.93
N ALA B 323 -27.99 -6.36 -24.28
CA ALA B 323 -28.44 -6.23 -25.67
C ALA B 323 -29.84 -5.62 -25.71
N ASN B 324 -30.06 -4.65 -26.60
CA ASN B 324 -31.42 -4.15 -26.91
C ASN B 324 -32.23 -5.30 -27.54
N GLN B 325 -33.53 -5.33 -27.26
CA GLN B 325 -34.51 -6.33 -27.77
C GLN B 325 -35.46 -5.59 -28.70
N PRO B 326 -35.20 -5.57 -30.03
CA PRO B 326 -36.07 -4.83 -30.96
C PRO B 326 -37.54 -5.28 -30.98
N GLN B 327 -37.81 -6.54 -30.61
CA GLN B 327 -39.16 -7.14 -30.42
C GLN B 327 -40.02 -6.38 -29.39
N SER B 328 -39.42 -5.71 -28.41
CA SER B 328 -40.13 -5.18 -27.23
C SER B 328 -39.86 -3.67 -27.12
N LEU B 329 -40.89 -2.84 -27.20
CA LEU B 329 -40.82 -1.35 -27.25
C LEU B 329 -39.78 -0.87 -28.27
N ALA B 330 -39.58 -1.62 -29.35
CA ALA B 330 -38.68 -1.26 -30.48
C ALA B 330 -37.23 -1.17 -30.01
N GLY B 331 -36.91 -1.77 -28.86
CA GLY B 331 -35.55 -1.81 -28.30
C GLY B 331 -35.11 -0.48 -27.70
N VAL B 332 -36.03 0.43 -27.40
CA VAL B 332 -35.67 1.70 -26.72
C VAL B 332 -35.17 1.39 -25.31
N LEU B 333 -34.35 2.27 -24.76
CA LEU B 333 -34.02 2.32 -23.32
C LEU B 333 -35.09 3.14 -22.60
N ASP B 334 -35.52 2.70 -21.43
CA ASP B 334 -36.46 3.44 -20.53
C ASP B 334 -35.90 3.33 -19.12
N ILE B 335 -36.64 3.80 -18.12
CA ILE B 335 -36.26 3.74 -16.69
C ILE B 335 -35.93 2.28 -16.32
N ALA B 336 -36.87 1.37 -16.56
CA ALA B 336 -36.80 -0.02 -16.06
C ALA B 336 -35.58 -0.70 -16.68
N ALA B 337 -35.43 -0.61 -18.00
CA ALA B 337 -34.28 -1.20 -18.73
C ALA B 337 -32.94 -0.64 -18.22
N SER B 338 -32.87 0.66 -17.97
CA SER B 338 -31.66 1.34 -17.44
C SER B 338 -31.33 0.74 -16.06
N GLU B 339 -32.33 0.61 -15.18
CA GLU B 339 -32.15 0.01 -13.84
C GLU B 339 -31.65 -1.43 -13.98
N LYS B 340 -32.30 -2.20 -14.84
CA LYS B 340 -31.97 -3.64 -15.04
C LYS B 340 -30.53 -3.80 -15.52
N ALA B 341 -30.13 -3.04 -16.54
CA ALA B 341 -28.79 -3.16 -17.18
C ALA B 341 -27.72 -2.62 -16.24
N ALA B 342 -28.00 -1.52 -15.54
CA ALA B 342 -27.06 -0.90 -14.56
C ALA B 342 -26.69 -1.94 -13.52
N SER B 343 -27.69 -2.61 -12.96
CA SER B 343 -27.54 -3.63 -11.92
C SER B 343 -26.68 -4.77 -12.45
N PHE B 344 -26.92 -5.21 -13.69
CA PHE B 344 -26.21 -6.35 -14.29
C PHE B 344 -24.75 -5.97 -14.59
N VAL B 345 -24.53 -4.81 -15.18
CA VAL B 345 -23.15 -4.32 -15.52
C VAL B 345 -22.33 -4.23 -14.22
N GLN B 346 -22.90 -3.63 -13.19
CA GLN B 346 -22.25 -3.43 -11.86
C GLN B 346 -21.82 -4.79 -11.29
N THR B 347 -22.72 -5.77 -11.30
CA THR B 347 -22.47 -7.13 -10.76
C THR B 347 -21.34 -7.81 -11.53
N CYS B 348 -21.43 -7.84 -12.86
CA CYS B 348 -20.38 -8.46 -13.72
C CYS B 348 -19.03 -7.78 -13.44
N ASP B 349 -19.04 -6.46 -13.40
CA ASP B 349 -17.81 -5.67 -13.15
C ASP B 349 -17.17 -6.11 -11.83
N SER B 350 -17.95 -6.22 -10.78
CA SER B 350 -17.39 -6.48 -9.42
C SER B 350 -16.91 -7.93 -9.34
N PHE B 351 -17.44 -8.83 -10.17
CA PHE B 351 -17.01 -10.26 -10.18
C PHE B 351 -16.19 -10.60 -11.43
N ASN B 352 -15.53 -9.61 -12.05
CA ASN B 352 -14.46 -9.83 -13.07
C ASN B 352 -15.01 -10.59 -14.28
N ILE B 353 -16.28 -10.40 -14.60
CA ILE B 353 -16.93 -11.00 -15.78
C ILE B 353 -16.89 -9.97 -16.89
N PRO B 354 -16.24 -10.30 -18.03
CA PRO B 354 -16.21 -9.41 -19.19
C PRO B 354 -17.61 -9.07 -19.71
N LEU B 355 -17.76 -7.90 -20.31
CA LEU B 355 -19.05 -7.38 -20.81
C LEU B 355 -18.99 -7.23 -22.34
N VAL B 356 -19.98 -7.80 -23.02
CA VAL B 356 -20.26 -7.59 -24.45
C VAL B 356 -21.63 -6.91 -24.57
N THR B 357 -21.69 -5.77 -25.22
CA THR B 357 -22.94 -5.00 -25.44
C THR B 357 -23.30 -5.07 -26.94
N LEU B 358 -24.49 -5.56 -27.27
CA LEU B 358 -25.04 -5.62 -28.64
C LEU B 358 -26.09 -4.52 -28.80
N LEU B 359 -25.86 -3.56 -29.70
CA LEU B 359 -26.74 -2.38 -29.89
C LEU B 359 -27.70 -2.61 -31.06
N ASP B 360 -28.96 -2.30 -30.82
CA ASP B 360 -29.97 -2.04 -31.87
C ASP B 360 -31.01 -1.15 -31.20
N VAL B 361 -30.69 0.13 -31.06
CA VAL B 361 -31.39 1.07 -30.16
C VAL B 361 -31.71 2.36 -30.91
N PRO B 362 -33.00 2.72 -31.05
CA PRO B 362 -33.40 3.95 -31.73
C PRO B 362 -33.39 5.23 -30.88
N GLY B 363 -33.33 5.07 -29.56
CA GLY B 363 -33.39 6.22 -28.62
C GLY B 363 -33.89 5.80 -27.25
N PHE B 364 -34.38 6.77 -26.48
CA PHE B 364 -35.06 6.54 -25.18
C PHE B 364 -36.57 6.63 -25.35
N LEU B 365 -37.34 5.97 -24.47
CA LEU B 365 -38.83 6.01 -24.46
C LEU B 365 -39.26 7.44 -24.13
N PRO B 366 -39.98 8.11 -25.06
CA PRO B 366 -40.49 9.46 -24.82
C PRO B 366 -41.75 9.45 -23.97
N GLY B 367 -42.00 10.53 -23.23
CA GLY B 367 -43.25 10.68 -22.49
C GLY B 367 -43.08 11.44 -21.19
N VAL B 368 -44.13 12.11 -20.75
CA VAL B 368 -44.23 12.73 -19.40
C VAL B 368 -43.95 11.64 -18.34
N ASP B 369 -44.47 10.43 -18.52
CA ASP B 369 -44.29 9.30 -17.57
C ASP B 369 -42.79 9.10 -17.29
N GLN B 370 -41.98 9.02 -18.34
CA GLN B 370 -40.52 8.79 -18.22
C GLN B 370 -39.82 10.01 -17.60
N GLU B 371 -40.12 11.24 -18.03
CA GLU B 371 -39.36 12.44 -17.60
C GLU B 371 -39.74 12.75 -16.14
N HIS B 372 -41.03 12.63 -15.80
CA HIS B 372 -41.57 12.97 -14.45
C HIS B 372 -41.14 11.93 -13.41
N ASN B 373 -40.91 10.69 -13.80
CA ASN B 373 -40.44 9.62 -12.87
C ASN B 373 -38.92 9.49 -12.92
N GLY B 374 -38.23 10.38 -13.65
CA GLY B 374 -36.77 10.59 -13.53
C GLY B 374 -35.89 9.72 -14.42
N ILE B 375 -36.23 9.54 -15.70
CA ILE B 375 -35.33 8.86 -16.68
C ILE B 375 -33.95 9.55 -16.60
N ILE B 376 -33.87 10.86 -16.32
CA ILE B 376 -32.55 11.55 -16.25
C ILE B 376 -31.68 10.87 -15.18
N ARG B 377 -32.21 10.58 -14.00
CA ARG B 377 -31.36 9.97 -12.93
C ARG B 377 -31.31 8.45 -13.10
N HIS B 378 -32.32 7.78 -13.66
CA HIS B 378 -32.30 6.30 -13.82
C HIS B 378 -31.42 5.92 -15.01
N GLY B 379 -31.50 6.65 -16.13
CA GLY B 379 -30.62 6.42 -17.29
C GLY B 379 -29.15 6.61 -16.89
N ALA B 380 -28.86 7.57 -16.01
CA ALA B 380 -27.50 7.88 -15.55
C ALA B 380 -26.91 6.68 -14.80
N LYS B 381 -27.72 5.80 -14.23
CA LYS B 381 -27.25 4.61 -13.50
C LYS B 381 -26.49 3.68 -14.44
N LEU B 382 -27.05 3.44 -15.63
CA LEU B 382 -26.43 2.57 -16.65
C LEU B 382 -25.11 3.21 -17.12
N LEU B 383 -25.17 4.51 -17.39
CA LEU B 383 -24.03 5.30 -17.86
C LEU B 383 -22.90 5.21 -16.84
N TYR B 384 -23.21 5.42 -15.56
CA TYR B 384 -22.25 5.35 -14.43
C TYR B 384 -21.65 3.94 -14.38
N ALA B 385 -22.48 2.92 -14.41
CA ALA B 385 -22.01 1.52 -14.29
C ALA B 385 -21.00 1.20 -15.41
N TYR B 386 -21.27 1.60 -16.66
CA TYR B 386 -20.33 1.37 -17.80
C TYR B 386 -19.07 2.22 -17.61
N CYS B 387 -19.23 3.53 -17.36
CA CYS B 387 -18.07 4.47 -17.21
C CYS B 387 -17.15 3.96 -16.09
N ASN B 388 -17.72 3.40 -15.02
CA ASN B 388 -16.97 2.97 -13.82
C ASN B 388 -16.41 1.55 -13.99
N ALA B 389 -16.79 0.83 -15.05
CA ALA B 389 -16.45 -0.60 -15.23
C ALA B 389 -15.00 -0.77 -15.70
N THR B 390 -14.31 -1.77 -15.18
CA THR B 390 -12.87 -2.00 -15.45
C THR B 390 -12.63 -3.39 -16.04
N VAL B 391 -13.62 -4.26 -16.10
CA VAL B 391 -13.53 -5.55 -16.84
C VAL B 391 -13.35 -5.23 -18.34
N PRO B 392 -12.88 -6.21 -19.15
CA PRO B 392 -12.91 -6.07 -20.60
C PRO B 392 -14.31 -5.69 -21.07
N ARG B 393 -14.39 -4.74 -21.99
CA ARG B 393 -15.67 -4.24 -22.52
C ARG B 393 -15.61 -4.16 -24.05
N ILE B 394 -16.52 -4.86 -24.73
CA ILE B 394 -16.67 -4.82 -26.21
C ILE B 394 -18.10 -4.42 -26.52
N SER B 395 -18.30 -3.41 -27.36
CA SER B 395 -19.62 -3.06 -27.92
C SER B 395 -19.63 -3.43 -29.40
N LEU B 396 -20.80 -3.83 -29.90
CA LEU B 396 -21.02 -4.29 -31.28
C LEU B 396 -22.36 -3.73 -31.74
N VAL B 397 -22.36 -2.83 -32.73
CA VAL B 397 -23.61 -2.26 -33.30
C VAL B 397 -24.12 -3.19 -34.42
N LEU B 398 -25.32 -3.76 -34.25
CA LEU B 398 -25.98 -4.65 -35.24
C LEU B 398 -26.69 -3.78 -36.28
N ARG B 399 -27.59 -2.91 -35.81
CA ARG B 399 -28.34 -2.00 -36.70
C ARG B 399 -28.33 -0.56 -36.21
N LYS B 400 -29.39 -0.10 -35.55
CA LYS B 400 -29.50 1.32 -35.14
C LYS B 400 -28.66 1.56 -33.88
N ALA B 401 -28.05 2.73 -33.82
CA ALA B 401 -27.41 3.31 -32.63
C ALA B 401 -27.54 4.83 -32.77
N TYR B 402 -28.61 5.39 -32.22
CA TYR B 402 -28.98 6.81 -32.38
C TYR B 402 -28.72 7.56 -31.06
N GLY B 403 -28.04 8.70 -31.15
CA GLY B 403 -28.09 9.74 -30.11
C GLY B 403 -27.44 9.31 -28.83
N GLY B 404 -27.95 9.82 -27.70
CA GLY B 404 -27.46 9.52 -26.34
C GLY B 404 -27.41 8.03 -26.09
N ALA B 405 -28.38 7.29 -26.63
CA ALA B 405 -28.50 5.84 -26.44
C ALA B 405 -27.25 5.15 -27.00
N TYR B 406 -26.75 5.57 -28.16
CA TYR B 406 -25.49 5.02 -28.75
C TYR B 406 -24.35 5.21 -27.73
N ILE B 407 -24.32 6.38 -27.11
CA ILE B 407 -23.18 6.76 -26.23
C ILE B 407 -23.26 6.03 -24.90
N VAL B 408 -24.48 5.89 -24.35
CA VAL B 408 -24.73 5.19 -23.06
C VAL B 408 -24.43 3.69 -23.19
N MET B 409 -24.70 3.05 -24.33
CA MET B 409 -24.51 1.59 -24.52
C MET B 409 -23.04 1.28 -24.82
N ASP B 410 -22.15 1.58 -23.89
CA ASP B 410 -20.71 1.23 -23.95
C ASP B 410 -20.10 1.63 -25.31
N SER B 411 -20.30 2.87 -25.74
CA SER B 411 -19.53 3.51 -26.84
C SER B 411 -18.05 3.53 -26.45
N ARG B 412 -17.16 3.56 -27.43
CA ARG B 412 -15.74 3.93 -27.23
C ARG B 412 -15.64 5.19 -26.35
N SER B 413 -16.53 6.16 -26.54
CA SER B 413 -16.44 7.50 -25.90
C SER B 413 -16.59 7.39 -24.39
N ILE B 414 -17.26 6.34 -23.87
CA ILE B 414 -17.39 6.15 -22.39
C ILE B 414 -16.47 5.03 -21.90
N GLY B 415 -15.59 4.47 -22.74
CA GLY B 415 -14.43 3.67 -22.29
C GLY B 415 -14.43 2.22 -22.74
N ALA B 416 -15.28 1.82 -23.67
CA ALA B 416 -15.20 0.47 -24.29
C ALA B 416 -13.80 0.25 -24.84
N ASP B 417 -13.25 -0.95 -24.65
CA ASP B 417 -11.91 -1.33 -25.16
C ASP B 417 -11.99 -1.51 -26.66
N LEU B 418 -13.07 -2.11 -27.17
CA LEU B 418 -13.29 -2.35 -28.61
C LEU B 418 -14.74 -2.07 -28.93
N ALA B 419 -14.97 -1.42 -30.06
CA ALA B 419 -16.30 -1.16 -30.63
C ALA B 419 -16.29 -1.72 -32.06
N LEU B 420 -17.22 -2.62 -32.35
CA LEU B 420 -17.35 -3.31 -33.63
C LEU B 420 -18.73 -2.93 -34.20
N ALA B 421 -18.91 -3.10 -35.50
CA ALA B 421 -20.19 -2.86 -36.20
C ALA B 421 -20.35 -3.91 -37.29
N TRP B 422 -21.59 -4.31 -37.52
CA TRP B 422 -22.00 -5.07 -38.71
C TRP B 422 -22.18 -4.07 -39.85
N PRO B 423 -22.17 -4.54 -41.12
CA PRO B 423 -22.39 -3.68 -42.27
C PRO B 423 -23.83 -3.15 -42.36
N THR B 424 -24.69 -3.59 -41.45
CA THR B 424 -26.10 -3.14 -41.35
C THR B 424 -26.21 -1.97 -40.36
N ASN B 425 -25.09 -1.47 -39.85
CA ASN B 425 -25.11 -0.43 -38.77
C ASN B 425 -25.60 0.91 -39.32
N GLU B 426 -26.41 1.62 -38.54
CA GLU B 426 -26.79 3.04 -38.73
C GLU B 426 -26.43 3.78 -37.44
N ILE B 427 -25.23 4.36 -37.37
CA ILE B 427 -24.78 5.16 -36.21
C ILE B 427 -24.97 6.63 -36.57
N ALA B 428 -25.86 7.34 -35.87
CA ALA B 428 -26.28 8.72 -36.20
C ALA B 428 -26.77 9.46 -34.96
N VAL B 429 -26.90 10.78 -35.05
CA VAL B 429 -27.36 11.62 -33.92
C VAL B 429 -28.88 11.45 -33.75
N MET B 430 -29.62 11.19 -34.83
CA MET B 430 -31.05 10.74 -34.82
C MET B 430 -31.37 10.09 -36.17
N GLY B 431 -32.60 9.63 -36.39
CA GLY B 431 -33.13 9.23 -37.72
C GLY B 431 -32.99 10.36 -38.74
N ALA B 432 -32.89 10.02 -40.03
CA ALA B 432 -32.61 10.95 -41.15
C ALA B 432 -33.74 11.98 -41.29
N GLU B 433 -34.98 11.48 -41.26
CA GLU B 433 -36.24 12.27 -41.26
C GLU B 433 -36.09 13.42 -40.25
N GLY B 434 -35.77 13.10 -38.99
CA GLY B 434 -35.59 14.10 -37.91
C GLY B 434 -34.44 15.06 -38.17
N ALA B 435 -33.27 14.54 -38.56
CA ALA B 435 -32.01 15.31 -38.69
C ALA B 435 -32.11 16.33 -39.82
N ALA B 436 -32.48 15.87 -41.02
CA ALA B 436 -32.71 16.71 -42.21
C ALA B 436 -33.79 17.75 -41.88
N GLY B 437 -34.84 17.33 -41.15
CA GLY B 437 -35.91 18.18 -40.60
C GLY B 437 -35.36 19.44 -39.95
N VAL B 438 -34.47 19.29 -38.96
CA VAL B 438 -33.88 20.42 -38.17
C VAL B 438 -32.89 21.20 -39.05
N ILE B 439 -31.95 20.48 -39.66
CA ILE B 439 -30.83 21.12 -40.41
C ILE B 439 -31.37 21.96 -41.57
N PHE B 440 -32.41 21.47 -42.23
CA PHE B 440 -32.95 22.17 -43.41
C PHE B 440 -34.32 22.77 -43.11
N ARG B 441 -34.55 23.21 -41.87
CA ARG B 441 -35.87 23.76 -41.51
C ARG B 441 -36.15 25.01 -42.35
N ARG B 442 -35.19 25.91 -42.49
CA ARG B 442 -35.45 27.13 -43.31
C ARG B 442 -35.57 26.77 -44.79
N ASP B 443 -34.69 25.93 -45.31
CA ASP B 443 -34.75 25.62 -46.76
C ASP B 443 -36.11 24.98 -47.09
N ILE B 444 -36.60 24.09 -46.24
CA ILE B 444 -37.92 23.46 -46.51
C ILE B 444 -38.99 24.55 -46.48
N ASN B 445 -38.91 25.48 -45.54
CA ASN B 445 -39.97 26.50 -45.39
C ASN B 445 -40.08 27.38 -46.66
N ALA B 446 -38.96 27.86 -47.22
CA ALA B 446 -39.03 28.74 -48.40
C ALA B 446 -38.90 27.99 -49.73
N ALA B 447 -39.85 27.15 -50.12
CA ALA B 447 -39.55 26.44 -51.38
C ALA B 447 -40.78 26.03 -52.20
N ASP B 448 -40.54 25.78 -53.49
CA ASP B 448 -41.57 25.25 -54.41
C ASP B 448 -41.58 23.74 -54.16
N ASP B 449 -42.74 23.17 -53.84
CA ASP B 449 -42.75 21.73 -53.47
C ASP B 449 -41.82 21.48 -52.30
N PRO B 450 -42.06 22.05 -51.11
CA PRO B 450 -41.23 21.82 -49.93
C PRO B 450 -41.18 20.33 -49.58
N GLU B 451 -42.30 19.63 -49.71
CA GLU B 451 -42.32 18.19 -49.42
C GLU B 451 -41.28 17.48 -50.30
N ALA B 452 -41.13 17.90 -51.56
CA ALA B 452 -40.13 17.25 -52.43
C ALA B 452 -38.72 17.52 -51.90
N VAL B 453 -38.49 18.75 -51.45
CA VAL B 453 -37.16 19.24 -50.93
C VAL B 453 -36.86 18.53 -49.60
N ARG B 454 -37.87 18.27 -48.77
CA ARG B 454 -37.73 17.42 -47.55
C ARG B 454 -37.25 16.02 -47.97
N ARG B 455 -38.07 15.28 -48.77
CA ARG B 455 -37.77 13.91 -49.23
C ARG B 455 -36.35 13.85 -49.83
N GLN B 456 -35.90 14.91 -50.51
CA GLN B 456 -34.56 14.98 -51.17
C GLN B 456 -33.47 15.04 -50.10
N ARG B 457 -33.56 16.01 -49.17
CA ARG B 457 -32.55 16.26 -48.09
C ARG B 457 -32.45 15.03 -47.16
N VAL B 458 -33.57 14.36 -46.87
CA VAL B 458 -33.60 13.10 -46.08
C VAL B 458 -32.78 12.02 -46.80
N GLU B 459 -33.01 11.83 -48.10
CA GLU B 459 -32.30 10.82 -48.93
C GLU B 459 -30.79 11.13 -48.95
N GLU B 460 -30.43 12.41 -49.10
CA GLU B 460 -29.01 12.87 -49.11
C GLU B 460 -28.37 12.62 -47.74
N TYR B 461 -29.06 12.94 -46.66
CA TYR B 461 -28.58 12.71 -45.27
C TYR B 461 -28.32 11.21 -45.07
N LYS B 462 -29.31 10.36 -45.39
CA LYS B 462 -29.22 8.89 -45.20
C LYS B 462 -28.02 8.32 -46.00
N ALA B 463 -27.82 8.79 -47.23
CA ALA B 463 -26.80 8.24 -48.15
C ALA B 463 -25.39 8.65 -47.68
N GLU B 464 -25.25 9.90 -47.22
CA GLU B 464 -23.94 10.58 -47.03
C GLU B 464 -23.45 10.42 -45.60
N LEU B 465 -24.32 10.46 -44.58
CA LEU B 465 -23.91 10.53 -43.16
C LEU B 465 -24.29 9.26 -42.37
N MET B 466 -25.07 8.35 -42.95
CA MET B 466 -25.64 7.19 -42.23
C MET B 466 -25.35 5.88 -42.95
N HIS B 467 -24.38 5.88 -43.84
CA HIS B 467 -23.91 4.64 -44.48
C HIS B 467 -23.14 3.85 -43.42
N PRO B 468 -22.99 2.53 -43.63
CA PRO B 468 -22.34 1.69 -42.63
C PRO B 468 -20.88 1.96 -42.26
N TYR B 469 -20.18 2.84 -42.99
CA TYR B 469 -18.71 3.03 -42.84
C TYR B 469 -18.43 4.40 -42.22
N TYR B 470 -19.45 5.21 -41.93
CA TYR B 470 -19.25 6.57 -41.40
C TYR B 470 -18.47 6.54 -40.07
N ALA B 471 -18.96 5.78 -39.10
CA ALA B 471 -18.38 5.66 -37.75
C ALA B 471 -16.95 5.11 -37.87
N ALA B 472 -16.76 4.05 -38.66
CA ALA B 472 -15.45 3.38 -38.83
C ALA B 472 -14.43 4.35 -39.43
N GLU B 473 -14.87 5.22 -40.34
CA GLU B 473 -13.96 6.13 -41.05
C GLU B 473 -13.47 7.22 -40.08
N ARG B 474 -14.22 7.48 -39.01
CA ARG B 474 -13.91 8.55 -38.02
C ARG B 474 -13.43 7.99 -36.67
N GLY B 475 -13.25 6.68 -36.55
CA GLY B 475 -12.63 6.04 -35.37
C GLY B 475 -13.62 5.76 -34.24
N LEU B 476 -14.92 6.00 -34.42
CA LEU B 476 -15.95 5.72 -33.38
C LEU B 476 -16.10 4.22 -33.22
N VAL B 477 -15.88 3.45 -34.29
CA VAL B 477 -15.78 1.97 -34.19
C VAL B 477 -14.43 1.53 -34.77
N ASP B 478 -13.94 0.39 -34.28
CA ASP B 478 -12.56 -0.10 -34.52
C ASP B 478 -12.57 -0.95 -35.79
N ASP B 479 -13.72 -1.52 -36.14
CA ASP B 479 -13.82 -2.43 -37.32
C ASP B 479 -15.29 -2.64 -37.69
N VAL B 480 -15.52 -2.89 -38.98
CA VAL B 480 -16.81 -3.40 -39.50
C VAL B 480 -16.57 -4.84 -39.87
N ILE B 481 -17.37 -5.78 -39.35
CA ILE B 481 -17.07 -7.23 -39.50
C ILE B 481 -18.20 -7.94 -40.25
N ASP B 482 -17.86 -9.09 -40.83
CA ASP B 482 -18.83 -10.09 -41.34
C ASP B 482 -19.66 -10.56 -40.14
N PRO B 483 -21.00 -10.36 -40.11
CA PRO B 483 -21.84 -10.85 -39.02
C PRO B 483 -21.51 -12.29 -38.63
N ALA B 484 -21.19 -13.13 -39.61
CA ALA B 484 -20.97 -14.57 -39.40
C ALA B 484 -19.65 -14.81 -38.69
N ASP B 485 -18.77 -13.81 -38.58
CA ASP B 485 -17.48 -13.90 -37.84
C ASP B 485 -17.63 -13.41 -36.38
N THR B 486 -18.81 -12.94 -35.97
CA THR B 486 -19.03 -12.29 -34.64
C THR B 486 -18.45 -13.16 -33.51
N ARG B 487 -18.84 -14.42 -33.45
CA ARG B 487 -18.34 -15.34 -32.41
C ARG B 487 -16.81 -15.27 -32.32
N GLU B 488 -16.10 -15.47 -33.43
CA GLU B 488 -14.61 -15.54 -33.44
C GLU B 488 -14.01 -14.19 -33.02
N VAL B 489 -14.56 -13.07 -33.50
CA VAL B 489 -13.99 -11.72 -33.22
C VAL B 489 -14.11 -11.42 -31.73
N LEU B 490 -15.27 -11.74 -31.13
CA LEU B 490 -15.48 -11.53 -29.67
C LEU B 490 -14.50 -12.42 -28.91
N ILE B 491 -14.35 -13.67 -29.29
CA ILE B 491 -13.42 -14.60 -28.57
C ILE B 491 -12.01 -14.01 -28.59
N ARG B 492 -11.57 -13.50 -29.74
CA ARG B 492 -10.17 -13.06 -29.95
C ARG B 492 -9.94 -11.75 -29.20
N GLY B 493 -10.94 -10.84 -29.25
CA GLY B 493 -10.96 -9.57 -28.50
C GLY B 493 -10.86 -9.80 -26.99
N LEU B 494 -11.72 -10.66 -26.43
CA LEU B 494 -11.73 -10.99 -24.99
C LEU B 494 -10.41 -11.67 -24.61
N ALA B 495 -9.80 -12.46 -25.48
CA ALA B 495 -8.54 -13.16 -25.14
C ALA B 495 -7.41 -12.12 -25.08
N MET B 496 -7.45 -11.12 -25.94
CA MET B 496 -6.41 -10.04 -25.94
C MET B 496 -6.57 -9.19 -24.67
N LEU B 497 -7.82 -9.01 -24.21
CA LEU B 497 -8.16 -8.11 -23.08
C LEU B 497 -8.14 -8.85 -21.73
N ARG B 498 -7.90 -10.17 -21.70
CA ARG B 498 -7.96 -11.00 -20.46
C ARG B 498 -7.07 -10.37 -19.38
N THR B 499 -5.89 -9.83 -19.74
CA THR B 499 -4.89 -9.30 -18.78
C THR B 499 -5.15 -7.83 -18.45
N LYS B 500 -6.24 -7.23 -18.94
CA LYS B 500 -6.53 -5.79 -18.70
C LYS B 500 -6.49 -5.53 -17.19
N HIS B 501 -5.57 -4.67 -16.74
CA HIS B 501 -5.67 -4.04 -15.40
C HIS B 501 -6.11 -2.61 -15.68
N ALA B 502 -7.11 -2.14 -14.94
CA ALA B 502 -7.45 -0.71 -14.83
C ALA B 502 -7.52 -0.37 -13.33
N ASP B 503 -7.12 0.87 -13.00
CA ASP B 503 -7.11 1.46 -11.65
C ASP B 503 -8.44 2.22 -11.50
N LEU B 504 -9.03 2.16 -10.30
CA LEU B 504 -10.21 2.98 -9.92
C LEU B 504 -9.68 4.15 -9.09
N PRO B 505 -10.40 5.30 -9.02
CA PRO B 505 -9.89 6.47 -8.29
C PRO B 505 -9.80 6.22 -6.78
N MET B 506 -9.01 7.03 -6.07
CA MET B 506 -8.83 6.88 -4.60
C MET B 506 -10.02 7.54 -3.90
N ARG B 507 -10.94 6.72 -3.35
CA ARG B 507 -12.19 7.21 -2.71
C ARG B 507 -12.81 6.10 -1.85
N LYS B 508 -13.60 6.48 -0.85
CA LYS B 508 -14.44 5.52 -0.07
C LYS B 508 -15.34 4.73 -1.05
N HIS B 509 -16.00 5.46 -1.94
CA HIS B 509 -16.98 4.96 -2.94
C HIS B 509 -17.31 6.16 -3.81
N GLY B 510 -17.74 5.93 -5.04
CA GLY B 510 -18.40 6.97 -5.84
C GLY B 510 -19.71 7.36 -5.22
N ASN B 511 -20.36 8.39 -5.75
CA ASN B 511 -21.73 8.84 -5.42
C ASN B 511 -22.64 8.57 -6.62
N PRO B 512 -22.88 7.31 -7.03
CA PRO B 512 -23.71 7.03 -8.20
C PRO B 512 -25.11 7.59 -8.00
N PRO B 513 -25.87 7.86 -9.08
CA PRO B 513 -27.24 8.35 -8.93
C PRO B 513 -28.10 7.31 -8.19
N GLN B 514 -28.92 7.76 -7.23
CA GLN B 514 -29.93 6.93 -6.53
C GLN B 514 -31.30 7.19 -7.20
N ARG C 2 48.18 -26.36 -15.69
CA ARG C 2 48.59 -25.02 -15.25
C ARG C 2 49.19 -25.16 -13.85
N LYS C 3 50.16 -24.30 -13.56
CA LYS C 3 50.80 -24.17 -12.22
C LYS C 3 49.73 -23.59 -11.27
N GLN C 4 48.93 -22.64 -11.77
CA GLN C 4 47.92 -21.88 -11.00
C GLN C 4 46.79 -22.82 -10.53
N LEU C 5 46.33 -23.72 -11.38
CA LEU C 5 45.26 -24.71 -11.02
C LEU C 5 45.74 -25.64 -9.92
N ASP C 6 46.99 -26.11 -10.02
CA ASP C 6 47.61 -27.03 -9.04
C ASP C 6 47.73 -26.30 -7.69
N GLU C 7 48.20 -25.05 -7.69
CA GLU C 7 48.25 -24.20 -6.48
C GLU C 7 46.83 -24.07 -5.89
N LEU C 8 45.81 -23.86 -6.74
CA LEU C 8 44.39 -23.68 -6.30
C LEU C 8 43.88 -24.96 -5.64
N LEU C 9 44.13 -26.15 -6.21
CA LEU C 9 43.70 -27.43 -5.61
C LEU C 9 44.41 -27.63 -4.25
N ASP C 10 45.67 -27.19 -4.14
CA ASP C 10 46.48 -27.34 -2.90
C ASP C 10 45.86 -26.43 -1.81
N ILE C 11 45.65 -25.14 -2.10
CA ILE C 11 45.09 -24.18 -1.11
C ILE C 11 43.69 -24.67 -0.69
N LYS C 12 42.85 -25.16 -1.60
CA LYS C 12 41.46 -25.62 -1.26
C LYS C 12 41.56 -26.86 -0.36
N GLU C 13 42.46 -27.80 -0.68
CA GLU C 13 42.68 -29.03 0.14
C GLU C 13 43.17 -28.60 1.54
N SER C 14 44.05 -27.61 1.60
CA SER C 14 44.62 -27.10 2.87
C SER C 14 43.52 -26.40 3.72
N ALA C 15 42.60 -25.71 3.08
CA ALA C 15 41.47 -25.03 3.77
C ALA C 15 40.46 -26.07 4.29
N ARG C 16 40.10 -27.06 3.47
CA ARG C 16 39.12 -28.14 3.78
C ARG C 16 39.60 -28.90 5.04
N GLY C 17 40.88 -29.26 5.10
CA GLY C 17 41.43 -30.14 6.15
C GLY C 17 41.71 -29.37 7.42
N GLY C 18 41.50 -28.05 7.42
CA GLY C 18 41.73 -27.25 8.64
C GLY C 18 43.23 -27.13 8.92
N PRO C 19 43.59 -26.59 10.11
CA PRO C 19 44.95 -26.10 10.36
C PRO C 19 45.98 -27.22 10.57
N ASP C 20 45.63 -28.34 11.25
CA ASP C 20 46.58 -29.45 11.56
C ASP C 20 45.90 -30.82 11.74
N PRO C 21 46.54 -31.93 11.31
CA PRO C 21 45.88 -33.25 11.32
C PRO C 21 45.54 -33.84 12.70
N ASP C 22 46.18 -33.36 13.76
CA ASP C 22 45.84 -33.67 15.18
C ASP C 22 44.41 -33.20 15.51
N ALA C 23 44.02 -32.01 15.03
CA ALA C 23 42.81 -31.27 15.45
C ALA C 23 41.55 -32.07 15.12
N THR C 24 41.47 -32.68 13.92
CA THR C 24 40.34 -33.57 13.53
C THR C 24 40.21 -34.75 14.51
N ARG C 25 41.32 -35.39 14.85
CA ARG C 25 41.34 -36.58 15.76
C ARG C 25 40.89 -36.14 17.16
N ARG C 26 41.33 -34.98 17.61
CA ARG C 26 40.94 -34.43 18.93
C ARG C 26 39.43 -34.18 18.94
N GLN C 27 38.82 -33.73 17.84
CA GLN C 27 37.36 -33.49 17.70
C GLN C 27 36.59 -34.83 17.72
N HIS C 28 37.10 -35.83 16.99
CA HIS C 28 36.46 -37.17 16.95
C HIS C 28 36.61 -37.89 18.29
N ASP C 29 37.71 -37.66 19.01
CA ASP C 29 38.00 -38.31 20.32
C ASP C 29 36.96 -37.85 21.34
N LYS C 30 36.43 -36.63 21.22
CA LYS C 30 35.42 -36.07 22.15
C LYS C 30 34.02 -36.59 21.81
N GLY C 31 33.88 -37.40 20.76
CA GLY C 31 32.57 -37.88 20.29
C GLY C 31 31.84 -36.83 19.46
N LYS C 32 32.59 -35.94 18.80
CA LYS C 32 32.05 -34.82 17.98
C LYS C 32 32.39 -35.06 16.52
N LEU C 33 31.56 -34.59 15.58
CA LEU C 33 31.89 -34.52 14.13
C LEU C 33 32.57 -33.20 13.83
N THR C 34 33.21 -33.09 12.67
CA THR C 34 33.77 -31.80 12.15
C THR C 34 32.64 -31.00 11.52
N ALA C 35 32.85 -29.70 11.38
CA ALA C 35 31.91 -28.76 10.71
C ALA C 35 31.49 -29.32 9.35
N ARG C 36 32.43 -29.81 8.53
CA ARG C 36 32.14 -30.30 7.16
C ARG C 36 31.33 -31.61 7.22
N GLU C 37 31.62 -32.49 8.17
CA GLU C 37 30.86 -33.77 8.30
C GLU C 37 29.41 -33.44 8.66
N ARG C 38 29.19 -32.42 9.51
CA ARG C 38 27.83 -32.02 9.98
C ARG C 38 27.04 -31.42 8.81
N ILE C 39 27.70 -30.60 8.00
CA ILE C 39 27.06 -29.97 6.81
C ILE C 39 26.63 -31.08 5.83
N GLU C 40 27.42 -32.15 5.71
CA GLU C 40 27.14 -33.29 4.78
C GLU C 40 25.91 -34.06 5.27
N LEU C 41 25.77 -34.24 6.58
CA LEU C 41 24.58 -34.92 7.18
C LEU C 41 23.32 -34.06 7.01
N LEU C 42 23.44 -32.74 7.16
CA LEU C 42 22.28 -31.81 7.05
C LEU C 42 21.80 -31.74 5.59
N LEU C 43 22.70 -31.53 4.65
CA LEU C 43 22.34 -31.16 3.25
C LEU C 43 22.26 -32.41 2.37
N ASP C 44 21.43 -32.37 1.33
CA ASP C 44 21.36 -33.33 0.21
C ASP C 44 22.76 -33.50 -0.39
N LYS C 45 23.12 -34.71 -0.80
CA LYS C 45 24.43 -35.07 -1.43
C LYS C 45 24.74 -34.06 -2.54
N ASP C 46 25.93 -33.45 -2.50
CA ASP C 46 26.51 -32.62 -3.59
C ASP C 46 25.73 -31.33 -3.82
N SER C 47 24.89 -30.89 -2.87
CA SER C 47 24.12 -29.63 -3.00
C SER C 47 24.93 -28.44 -2.45
N PHE C 48 25.89 -28.70 -1.55
CA PHE C 48 26.63 -27.66 -0.81
C PHE C 48 27.50 -26.81 -1.73
N GLN C 49 27.33 -25.48 -1.65
CA GLN C 49 28.17 -24.46 -2.29
C GLN C 49 28.71 -23.58 -1.18
N GLU C 50 30.03 -23.53 -1.04
CA GLU C 50 30.70 -22.76 0.03
C GLU C 50 30.99 -21.35 -0.46
N ILE C 51 30.93 -20.38 0.45
CA ILE C 51 31.36 -18.98 0.23
C ILE C 51 32.43 -18.63 1.28
N GLU C 52 33.47 -17.91 0.85
CA GLU C 52 34.54 -17.35 1.68
C GLU C 52 35.31 -18.48 2.39
N GLN C 53 35.56 -19.58 1.68
CA GLN C 53 36.37 -20.69 2.22
C GLN C 53 37.79 -20.17 2.51
N LEU C 54 38.30 -19.26 1.71
CA LEU C 54 39.70 -18.79 1.84
C LEU C 54 39.82 -17.54 2.71
N ARG C 55 38.77 -17.10 3.37
CA ARG C 55 38.84 -15.90 4.24
C ARG C 55 39.80 -16.15 5.41
N ARG C 56 40.61 -15.16 5.74
CA ARG C 56 41.57 -15.22 6.87
C ARG C 56 41.50 -13.94 7.69
N HIS C 57 41.85 -14.03 8.98
CA HIS C 57 41.76 -12.86 9.91
C HIS C 57 42.87 -11.88 9.57
N ARG C 58 42.75 -10.63 10.06
CA ARG C 58 43.77 -9.58 9.95
C ARG C 58 44.09 -8.98 11.34
N ALA C 59 43.82 -9.69 12.43
CA ALA C 59 44.04 -9.22 13.81
C ALA C 59 45.52 -9.43 14.20
N THR C 60 46.01 -8.69 15.20
CA THR C 60 47.46 -8.64 15.54
C THR C 60 47.75 -8.74 17.04
N GLY C 61 46.80 -8.61 17.96
CA GLY C 61 47.08 -8.89 19.39
C GLY C 61 47.58 -10.32 19.66
N PHE C 62 48.32 -10.49 20.76
CA PHE C 62 48.49 -11.73 21.56
C PHE C 62 48.75 -12.98 20.69
N GLY C 63 49.63 -12.89 19.69
CA GLY C 63 50.13 -14.08 18.95
C GLY C 63 49.26 -14.49 17.77
N LEU C 64 48.20 -13.72 17.47
CA LEU C 64 47.22 -14.08 16.42
C LEU C 64 47.87 -14.05 15.04
N GLU C 65 48.76 -13.09 14.79
CA GLU C 65 49.38 -12.83 13.44
C GLU C 65 50.03 -14.13 12.94
N ALA C 66 50.44 -15.04 13.85
CA ALA C 66 51.12 -16.31 13.56
C ALA C 66 50.15 -17.40 13.08
N LYS C 67 48.90 -17.43 13.57
CA LYS C 67 47.92 -18.49 13.14
C LYS C 67 46.71 -17.83 12.46
N LYS C 68 46.74 -17.79 11.13
CA LYS C 68 45.65 -17.24 10.25
C LYS C 68 45.07 -18.35 9.38
N PRO C 69 44.39 -19.36 9.95
CA PRO C 69 43.82 -20.43 9.13
C PRO C 69 42.68 -19.96 8.21
N TYR C 70 42.56 -20.62 7.06
CA TYR C 70 41.56 -20.35 6.01
C TYR C 70 40.14 -20.62 6.53
N THR C 71 39.18 -19.76 6.16
CA THR C 71 37.78 -20.02 6.53
C THR C 71 37.43 -19.27 7.81
N ASP C 72 38.49 -19.02 8.59
CA ASP C 72 38.37 -18.47 9.97
C ASP C 72 37.88 -19.64 10.83
N GLY C 73 36.87 -19.42 11.68
CA GLY C 73 36.33 -20.50 12.53
C GLY C 73 34.94 -20.92 12.08
N VAL C 74 34.57 -20.59 10.85
CA VAL C 74 33.17 -20.84 10.40
C VAL C 74 33.13 -21.25 8.92
N ILE C 75 32.24 -22.17 8.60
CA ILE C 75 31.98 -22.62 7.21
C ILE C 75 30.63 -22.04 6.85
N THR C 76 30.53 -21.30 5.76
CA THR C 76 29.27 -20.66 5.32
C THR C 76 28.94 -21.08 3.91
N GLY C 77 27.68 -21.44 3.65
CA GLY C 77 27.21 -21.65 2.29
C GLY C 77 25.75 -22.04 2.28
N TRP C 78 25.31 -22.58 1.15
CA TRP C 78 23.92 -23.02 0.93
C TRP C 78 23.95 -24.39 0.27
N GLY C 79 22.85 -25.13 0.43
CA GLY C 79 22.57 -26.35 -0.32
C GLY C 79 21.08 -26.57 -0.40
N THR C 80 20.64 -27.82 -0.39
CA THR C 80 19.21 -28.19 -0.41
C THR C 80 18.97 -29.19 0.71
N VAL C 81 17.75 -29.16 1.26
CA VAL C 81 17.17 -30.23 2.11
C VAL C 81 15.85 -30.61 1.45
N HIS C 82 15.72 -31.86 1.00
CA HIS C 82 14.56 -32.38 0.24
C HIS C 82 14.29 -31.48 -0.97
N GLY C 83 15.35 -30.98 -1.61
CA GLY C 83 15.27 -30.23 -2.89
C GLY C 83 15.07 -28.74 -2.72
N ARG C 84 14.86 -28.28 -1.49
CA ARG C 84 14.62 -26.85 -1.18
C ARG C 84 15.88 -26.19 -0.64
N THR C 85 16.18 -24.99 -1.11
CA THR C 85 17.45 -24.36 -0.72
C THR C 85 17.40 -23.99 0.77
N VAL C 86 18.51 -24.22 1.46
CA VAL C 86 18.73 -23.93 2.90
C VAL C 86 20.11 -23.31 3.02
N PHE C 87 20.24 -22.28 3.84
CA PHE C 87 21.53 -21.59 4.13
C PHE C 87 22.04 -22.12 5.46
N VAL C 88 23.36 -22.32 5.57
CA VAL C 88 23.98 -22.93 6.76
C VAL C 88 25.29 -22.21 7.08
N TYR C 89 25.55 -22.03 8.37
CA TYR C 89 26.88 -21.71 8.91
C TYR C 89 27.19 -22.66 10.05
N ALA C 90 28.44 -23.08 10.08
CA ALA C 90 28.96 -24.03 11.08
C ALA C 90 30.32 -23.58 11.61
N HIS C 91 30.42 -23.46 12.92
CA HIS C 91 31.68 -23.16 13.62
C HIS C 91 32.64 -24.35 13.47
N ASP C 92 33.92 -24.08 13.25
CA ASP C 92 35.01 -25.08 13.20
C ASP C 92 35.80 -24.97 14.51
N PHE C 93 35.54 -25.84 15.47
CA PHE C 93 36.13 -25.83 16.83
C PHE C 93 37.66 -25.94 16.76
N ARG C 94 38.18 -26.51 15.66
CA ARG C 94 39.64 -26.73 15.45
C ARG C 94 40.36 -25.38 15.31
N ILE C 95 39.65 -24.31 14.96
CA ILE C 95 40.23 -22.94 14.75
C ILE C 95 39.78 -22.04 15.92
N PHE C 96 40.70 -21.71 16.83
CA PHE C 96 40.47 -20.86 18.03
C PHE C 96 39.25 -21.31 18.84
N GLY C 97 39.02 -22.62 18.96
CA GLY C 97 37.88 -23.17 19.72
C GLY C 97 36.53 -22.74 19.14
N GLY C 98 36.49 -22.46 17.84
CA GLY C 98 35.29 -21.97 17.13
C GLY C 98 34.87 -20.58 17.55
N ALA C 99 35.69 -19.87 18.29
CA ALA C 99 35.35 -18.55 18.85
C ALA C 99 35.25 -17.49 17.75
N LEU C 100 34.43 -16.47 17.97
CA LEU C 100 34.05 -15.42 16.99
C LEU C 100 35.18 -14.40 16.82
N GLY C 101 35.68 -14.25 15.61
CA GLY C 101 36.56 -13.14 15.23
C GLY C 101 35.81 -12.17 14.33
N GLU C 102 36.44 -11.05 14.03
CA GLU C 102 35.83 -9.99 13.19
C GLU C 102 35.51 -10.54 11.79
N ALA C 103 36.45 -11.23 11.15
CA ALA C 103 36.26 -11.74 9.76
C ALA C 103 35.22 -12.86 9.75
N HIS C 104 35.37 -13.83 10.65
CA HIS C 104 34.39 -14.91 10.98
C HIS C 104 32.97 -14.30 11.08
N ALA C 105 32.81 -13.22 11.84
CA ALA C 105 31.49 -12.58 12.07
C ALA C 105 30.96 -11.98 10.75
N GLN C 106 31.80 -11.29 9.99
CA GLN C 106 31.38 -10.71 8.69
C GLN C 106 30.95 -11.82 7.72
N LYS C 107 31.55 -13.01 7.81
CA LYS C 107 31.13 -14.17 6.96
C LYS C 107 29.70 -14.56 7.34
N ILE C 108 29.42 -14.62 8.64
CA ILE C 108 28.08 -15.00 9.16
C ILE C 108 27.08 -13.91 8.75
N HIS C 109 27.41 -12.62 8.92
CA HIS C 109 26.55 -11.50 8.48
C HIS C 109 26.16 -11.71 7.01
N LYS C 110 27.14 -11.99 6.16
CA LYS C 110 26.94 -12.11 4.70
C LYS C 110 25.99 -13.27 4.43
N LEU C 111 26.20 -14.40 5.11
CA LEU C 111 25.39 -15.60 4.85
C LEU C 111 23.96 -15.37 5.34
N MET C 112 23.78 -14.83 6.53
CA MET C 112 22.44 -14.53 7.10
C MET C 112 21.71 -13.59 6.14
N ASP C 113 22.39 -12.56 5.63
CA ASP C 113 21.78 -11.61 4.68
C ASP C 113 21.30 -12.37 3.45
N MET C 114 22.06 -13.37 2.97
CA MET C 114 21.68 -14.10 1.73
C MET C 114 20.41 -14.90 1.99
N ALA C 115 20.27 -15.50 3.17
CA ALA C 115 19.08 -16.29 3.56
C ALA C 115 17.82 -15.39 3.61
N ILE C 116 17.94 -14.23 4.23
CA ILE C 116 16.84 -13.23 4.35
C ILE C 116 16.44 -12.76 2.93
N ALA C 117 17.42 -12.40 2.09
CA ALA C 117 17.19 -11.89 0.72
C ALA C 117 16.51 -12.97 -0.14
N ALA C 118 16.90 -14.24 0.03
CA ALA C 118 16.38 -15.38 -0.78
C ALA C 118 15.04 -15.86 -0.25
N GLY C 119 14.73 -15.57 1.02
CA GLY C 119 13.53 -16.12 1.66
C GLY C 119 13.64 -17.61 1.78
N ALA C 120 14.69 -18.09 2.44
CA ALA C 120 14.91 -19.53 2.68
C ALA C 120 15.41 -19.74 4.10
N PRO C 121 15.24 -20.95 4.66
CA PRO C 121 15.63 -21.19 6.05
C PRO C 121 17.13 -21.02 6.32
N LEU C 122 17.45 -20.69 7.56
CA LEU C 122 18.83 -20.46 8.07
C LEU C 122 19.10 -21.45 9.20
N VAL C 123 20.07 -22.34 9.01
CA VAL C 123 20.49 -23.35 10.02
C VAL C 123 21.90 -23.02 10.51
N SER C 124 22.08 -22.90 11.82
CA SER C 124 23.39 -22.74 12.48
C SER C 124 23.78 -24.08 13.10
N LEU C 125 24.98 -24.58 12.80
CA LEU C 125 25.60 -25.79 13.42
C LEU C 125 26.67 -25.26 14.36
N ASN C 126 26.30 -25.07 15.63
CA ASN C 126 27.06 -24.26 16.62
C ASN C 126 28.05 -25.17 17.35
N ASP C 127 29.31 -24.77 17.40
CA ASP C 127 30.42 -25.46 18.10
C ASP C 127 31.51 -24.41 18.27
N GLY C 128 31.31 -23.46 19.17
CA GLY C 128 32.16 -22.27 19.25
C GLY C 128 31.66 -21.35 20.32
N ALA C 129 32.50 -21.07 21.31
CA ALA C 129 32.06 -20.37 22.54
C ALA C 129 32.61 -18.95 22.58
N GLY C 130 31.81 -17.92 22.27
CA GLY C 130 32.12 -16.55 22.70
C GLY C 130 33.05 -15.85 21.74
N ALA C 131 33.40 -14.61 22.03
CA ALA C 131 34.33 -13.84 21.18
C ALA C 131 35.71 -14.40 21.47
N ARG C 132 36.60 -14.46 20.46
CA ARG C 132 38.05 -14.58 20.68
C ARG C 132 38.47 -13.46 21.62
N ILE C 133 38.92 -13.84 22.81
CA ILE C 133 39.33 -12.87 23.87
C ILE C 133 40.49 -12.05 23.31
N GLN C 134 41.32 -12.64 22.46
CA GLN C 134 42.52 -11.99 21.89
C GLN C 134 42.13 -10.88 20.92
N GLU C 135 40.94 -10.93 20.31
CA GLU C 135 40.50 -9.91 19.31
C GLU C 135 39.77 -8.77 20.01
N GLY C 136 39.17 -9.02 21.19
CA GLY C 136 38.66 -7.94 22.06
C GLY C 136 37.27 -7.51 21.70
N VAL C 137 36.90 -6.26 22.05
CA VAL C 137 35.51 -5.75 21.92
C VAL C 137 35.12 -5.67 20.44
N THR C 138 36.06 -5.32 19.59
CA THR C 138 35.96 -5.37 18.11
C THR C 138 35.28 -6.68 17.68
N ALA C 139 35.72 -7.82 18.20
CA ALA C 139 35.18 -9.15 17.83
C ALA C 139 33.80 -9.34 18.47
N LEU C 140 33.68 -8.95 19.73
CA LEU C 140 32.41 -8.99 20.48
C LEU C 140 31.31 -8.28 19.70
N ALA C 141 31.56 -7.09 19.14
CA ALA C 141 30.60 -6.28 18.36
C ALA C 141 30.07 -7.06 17.16
N GLY C 142 30.79 -8.08 16.69
CA GLY C 142 30.33 -8.98 15.62
C GLY C 142 29.02 -9.67 15.97
N TYR C 143 28.79 -9.96 17.24
CA TYR C 143 27.55 -10.63 17.71
C TYR C 143 26.37 -9.67 17.51
N GLY C 144 26.58 -8.37 17.60
CA GLY C 144 25.53 -7.36 17.42
C GLY C 144 24.84 -7.53 16.08
N GLY C 145 25.63 -7.64 15.01
CA GLY C 145 25.12 -7.81 13.64
C GLY C 145 24.39 -9.11 13.50
N ILE C 146 24.83 -10.15 14.20
CA ILE C 146 24.14 -11.47 14.19
C ILE C 146 22.78 -11.30 14.88
N PHE C 147 22.75 -10.66 16.04
CA PHE C 147 21.50 -10.41 16.81
C PHE C 147 20.50 -9.61 15.95
N GLN C 148 20.95 -8.52 15.31
CA GLN C 148 20.07 -7.69 14.46
C GLN C 148 19.44 -8.57 13.39
N ARG C 149 20.23 -9.47 12.80
CA ARG C 149 19.78 -10.30 11.65
C ARG C 149 18.84 -11.39 12.16
N ASN C 150 19.11 -11.97 13.32
CA ASN C 150 18.18 -12.94 13.95
C ASN C 150 16.82 -12.24 14.15
N THR C 151 16.85 -10.99 14.60
CA THR C 151 15.64 -10.21 14.93
C THR C 151 14.89 -9.83 13.66
N ARG C 152 15.57 -9.35 12.60
CA ARG C 152 14.93 -8.99 11.31
C ARG C 152 14.31 -10.24 10.67
N ALA C 153 14.94 -11.40 10.84
CA ALA C 153 14.55 -12.67 10.19
C ALA C 153 13.41 -13.34 10.98
N SER C 154 13.24 -12.97 12.23
CA SER C 154 12.27 -13.60 13.16
C SER C 154 10.85 -13.52 12.57
N GLY C 155 10.24 -14.68 12.32
CA GLY C 155 8.89 -14.80 11.73
C GLY C 155 8.89 -14.48 10.24
N VAL C 156 10.06 -14.44 9.59
CA VAL C 156 10.18 -14.16 8.13
C VAL C 156 10.71 -15.42 7.45
N ILE C 157 11.83 -15.94 7.95
CA ILE C 157 12.41 -17.25 7.52
C ILE C 157 12.60 -18.12 8.75
N PRO C 158 12.36 -19.44 8.65
CA PRO C 158 12.64 -20.33 9.76
C PRO C 158 14.13 -20.27 10.12
N GLN C 159 14.43 -20.15 11.41
CA GLN C 159 15.79 -20.15 11.97
C GLN C 159 15.91 -21.34 12.94
N ILE C 160 16.79 -22.28 12.64
CA ILE C 160 17.06 -23.49 13.45
C ILE C 160 18.50 -23.41 13.97
N SER C 161 18.69 -23.58 15.26
CA SER C 161 20.00 -23.59 15.94
C SER C 161 20.29 -25.02 16.43
N VAL C 162 21.37 -25.62 15.95
CA VAL C 162 21.82 -26.96 16.38
C VAL C 162 23.08 -26.76 17.23
N MET C 163 22.98 -27.10 18.51
CA MET C 163 24.08 -26.94 19.50
C MET C 163 24.86 -28.26 19.54
N LEU C 164 26.09 -28.26 19.05
CA LEU C 164 26.93 -29.46 18.87
C LEU C 164 28.27 -29.30 19.61
N GLY C 165 28.37 -28.33 20.51
CA GLY C 165 29.60 -28.04 21.26
C GLY C 165 29.34 -27.09 22.42
N PRO C 166 30.38 -26.61 23.11
CA PRO C 166 30.22 -25.58 24.13
C PRO C 166 29.67 -24.28 23.51
N CYS C 167 28.88 -23.55 24.27
CA CYS C 167 28.34 -22.21 23.92
C CYS C 167 28.24 -21.38 25.20
N ALA C 168 29.20 -20.49 25.42
CA ALA C 168 29.32 -19.64 26.62
C ALA C 168 29.12 -18.17 26.22
N GLY C 169 28.36 -17.43 27.03
CA GLY C 169 28.25 -15.96 26.95
C GLY C 169 27.19 -15.51 25.96
N GLY C 170 27.29 -14.23 25.57
CA GLY C 170 26.37 -13.55 24.61
C GLY C 170 25.97 -14.44 23.46
N ALA C 171 26.88 -15.26 22.93
CA ALA C 171 26.64 -16.18 21.79
C ALA C 171 25.36 -16.96 21.97
N ALA C 172 25.02 -17.36 23.20
CA ALA C 172 23.83 -18.21 23.49
C ALA C 172 22.54 -17.50 23.12
N TYR C 173 22.55 -16.17 23.10
CA TYR C 173 21.37 -15.33 22.78
C TYR C 173 21.00 -15.48 21.30
N SER C 174 21.96 -15.78 20.41
CA SER C 174 21.64 -15.98 18.98
C SER C 174 20.65 -17.15 18.84
N PRO C 175 20.96 -18.38 19.33
CA PRO C 175 19.95 -19.44 19.40
C PRO C 175 18.60 -19.11 20.06
N ALA C 176 18.65 -18.34 21.15
CA ALA C 176 17.45 -17.87 21.88
C ALA C 176 16.54 -17.04 20.97
N LEU C 177 17.11 -16.31 20.00
CA LEU C 177 16.34 -15.47 19.03
C LEU C 177 15.83 -16.32 17.86
N THR C 178 16.25 -17.57 17.71
CA THR C 178 15.83 -18.43 16.59
C THR C 178 14.54 -19.15 17.01
N ASP C 179 13.96 -19.92 16.10
CA ASP C 179 12.61 -20.53 16.27
C ASP C 179 12.74 -21.86 17.02
N PHE C 180 13.78 -22.63 16.74
CA PHE C 180 13.95 -24.01 17.27
C PHE C 180 15.41 -24.25 17.64
N VAL C 181 15.65 -24.72 18.86
CA VAL C 181 16.99 -25.05 19.39
C VAL C 181 17.08 -26.57 19.60
N PHE C 182 18.01 -27.23 18.90
CA PHE C 182 18.37 -28.66 19.07
C PHE C 182 19.68 -28.79 19.85
N MET C 183 19.78 -29.73 20.78
CA MET C 183 21.01 -30.00 21.57
C MET C 183 21.35 -31.49 21.55
N VAL C 184 22.65 -31.80 21.56
CA VAL C 184 23.17 -33.18 21.68
C VAL C 184 23.68 -33.39 23.11
N ARG C 185 23.20 -34.43 23.80
CA ARG C 185 23.57 -34.75 25.20
C ARG C 185 25.08 -35.04 25.29
N GLY C 186 25.73 -34.55 26.35
CA GLY C 186 27.14 -34.84 26.60
C GLY C 186 28.06 -33.86 25.91
N THR C 187 27.92 -33.69 24.58
CA THR C 187 28.89 -32.93 23.75
C THR C 187 28.51 -31.44 23.67
N SER C 188 27.27 -31.05 23.98
CA SER C 188 26.78 -29.64 23.87
C SER C 188 26.34 -29.07 25.23
N GLN C 189 26.66 -27.79 25.45
CA GLN C 189 26.24 -27.01 26.62
C GLN C 189 25.98 -25.55 26.20
N MET C 190 25.11 -24.86 26.95
CA MET C 190 24.81 -23.42 26.81
C MET C 190 24.74 -22.78 28.20
N PHE C 191 25.47 -21.70 28.42
CA PHE C 191 25.31 -20.83 29.61
C PHE C 191 25.84 -19.45 29.27
N ILE C 192 25.32 -18.43 29.95
CA ILE C 192 25.78 -17.03 29.78
C ILE C 192 27.04 -16.80 30.63
N THR C 193 27.07 -17.32 31.85
CA THR C 193 28.26 -17.27 32.74
C THR C 193 28.68 -18.72 33.04
N GLY C 194 29.93 -19.06 32.73
CA GLY C 194 30.50 -20.43 32.81
C GLY C 194 30.85 -20.84 34.24
N PRO C 195 31.15 -22.13 34.47
CA PRO C 195 31.29 -22.67 35.84
C PRO C 195 32.45 -22.04 36.62
N ASP C 196 33.55 -21.72 35.92
CA ASP C 196 34.75 -21.01 36.45
C ASP C 196 34.26 -19.77 37.21
N VAL C 197 33.54 -18.88 36.52
CA VAL C 197 33.11 -17.56 37.06
C VAL C 197 32.04 -17.77 38.14
N VAL C 198 31.19 -18.81 38.03
CA VAL C 198 30.10 -19.00 39.03
C VAL C 198 30.76 -19.37 40.37
N ARG C 199 31.75 -20.26 40.36
CA ARG C 199 32.53 -20.69 41.55
C ARG C 199 33.15 -19.45 42.22
N ALA C 200 33.97 -18.70 41.46
CA ALA C 200 34.70 -17.48 41.92
C ALA C 200 33.75 -16.46 42.57
N VAL C 201 32.52 -16.30 42.05
CA VAL C 201 31.61 -15.18 42.47
C VAL C 201 30.59 -15.70 43.49
N THR C 202 29.87 -16.78 43.20
CA THR C 202 28.72 -17.23 44.04
C THR C 202 29.20 -18.28 45.06
N GLY C 203 30.27 -19.01 44.76
CA GLY C 203 30.83 -20.07 45.64
C GLY C 203 30.13 -21.40 45.49
N GLU C 204 29.13 -21.53 44.59
CA GLU C 204 28.53 -22.86 44.24
C GLU C 204 29.52 -23.56 43.26
N GLU C 205 29.65 -24.87 43.43
CA GLU C 205 30.57 -25.75 42.65
C GLU C 205 29.73 -26.52 41.62
N ILE C 206 30.03 -26.40 40.33
CA ILE C 206 29.20 -27.07 39.26
C ILE C 206 30.03 -27.30 38.00
N GLY C 207 29.81 -28.43 37.32
CA GLY C 207 30.38 -28.77 36.01
C GLY C 207 29.62 -28.09 34.87
N GLN C 208 30.18 -28.13 33.66
CA GLN C 208 29.55 -27.60 32.43
C GLN C 208 28.21 -28.30 32.18
N GLU C 209 28.14 -29.62 32.33
CA GLU C 209 26.93 -30.44 32.01
C GLU C 209 25.82 -30.11 33.02
N GLY C 210 26.18 -29.92 34.29
CA GLY C 210 25.21 -29.63 35.38
C GLY C 210 24.64 -28.23 35.23
N LEU C 211 25.43 -27.29 34.71
CA LEU C 211 25.05 -25.86 34.56
C LEU C 211 24.17 -25.65 33.33
N GLY C 212 24.54 -26.24 32.19
CA GLY C 212 23.89 -25.92 30.89
C GLY C 212 23.91 -27.05 29.89
N GLY C 213 23.84 -28.29 30.35
CA GLY C 213 23.77 -29.47 29.45
C GLY C 213 22.43 -29.57 28.75
N ALA C 214 22.35 -30.46 27.76
CA ALA C 214 21.13 -30.72 26.96
C ALA C 214 19.98 -31.11 27.89
N ASP C 215 20.23 -31.85 28.97
CA ASP C 215 19.16 -32.32 29.91
C ASP C 215 18.64 -31.10 30.70
N VAL C 216 19.50 -30.20 31.15
CA VAL C 216 19.07 -28.96 31.84
C VAL C 216 18.10 -28.16 30.94
N HIS C 217 18.46 -27.93 29.68
CA HIS C 217 17.77 -26.97 28.77
C HIS C 217 16.54 -27.63 28.14
N SER C 218 16.57 -28.96 28.05
CA SER C 218 15.51 -29.81 27.45
C SER C 218 14.37 -30.01 28.46
N ARG C 219 14.68 -30.07 29.77
CA ARG C 219 13.73 -30.50 30.84
C ARG C 219 13.41 -29.36 31.82
N THR C 220 14.31 -28.41 32.08
CA THR C 220 14.17 -27.44 33.19
C THR C 220 14.03 -26.01 32.66
N SER C 221 14.95 -25.54 31.82
CA SER C 221 15.03 -24.11 31.40
C SER C 221 14.06 -23.82 30.25
N GLY C 222 13.79 -24.79 29.39
CA GLY C 222 12.96 -24.59 28.19
C GLY C 222 13.73 -23.98 27.02
N VAL C 223 15.03 -23.78 27.16
CA VAL C 223 15.88 -23.16 26.09
C VAL C 223 15.98 -24.11 24.89
N ALA C 224 15.98 -25.42 25.12
CA ALA C 224 16.15 -26.43 24.05
C ALA C 224 14.81 -27.08 23.73
N HIS C 225 14.39 -27.01 22.47
CA HIS C 225 13.12 -27.57 21.94
C HIS C 225 13.28 -29.08 21.74
N PHE C 226 14.50 -29.53 21.45
CA PHE C 226 14.83 -30.94 21.18
C PHE C 226 16.20 -31.29 21.78
N ALA C 227 16.35 -32.55 22.17
CA ALA C 227 17.60 -33.15 22.70
C ALA C 227 17.74 -34.56 22.15
N TYR C 228 18.96 -34.96 21.79
CA TYR C 228 19.26 -36.26 21.13
C TYR C 228 20.55 -36.82 21.74
N ASP C 229 20.73 -38.13 21.63
CA ASP C 229 21.86 -38.88 22.22
C ASP C 229 23.10 -38.68 21.33
N ASP C 230 22.91 -38.47 20.02
CA ASP C 230 24.03 -38.34 19.05
C ASP C 230 23.70 -37.31 17.96
N GLU C 231 24.72 -36.88 17.24
CA GLU C 231 24.61 -35.84 16.17
C GLU C 231 23.81 -36.39 14.99
N GLU C 232 23.91 -37.68 14.70
CA GLU C 232 23.33 -38.28 13.47
C GLU C 232 21.80 -38.18 13.54
N THR C 233 21.21 -38.55 14.67
CA THR C 233 19.73 -38.53 14.92
C THR C 233 19.28 -37.05 14.92
N CYS C 234 20.04 -36.20 15.60
CA CYS C 234 19.77 -34.75 15.72
C CYS C 234 19.60 -34.14 14.32
N LEU C 235 20.57 -34.36 13.42
CA LEU C 235 20.56 -33.73 12.08
C LEU C 235 19.52 -34.41 11.18
N GLU C 236 19.16 -35.67 11.45
CA GLU C 236 18.04 -36.36 10.75
C GLU C 236 16.74 -35.62 11.08
N GLU C 237 16.54 -35.23 12.34
CA GLU C 237 15.31 -34.58 12.83
C GLU C 237 15.27 -33.11 12.38
N VAL C 238 16.42 -32.45 12.25
CA VAL C 238 16.48 -31.09 11.66
C VAL C 238 15.91 -31.15 10.23
N ARG C 239 16.30 -32.15 9.44
CA ARG C 239 15.82 -32.29 8.04
C ARG C 239 14.31 -32.55 8.08
N PHE C 240 13.83 -33.32 9.05
CA PHE C 240 12.41 -33.69 9.15
C PHE C 240 11.58 -32.44 9.50
N LEU C 241 12.06 -31.65 10.46
CA LEU C 241 11.42 -30.36 10.83
C LEU C 241 11.37 -29.45 9.60
N LEU C 242 12.45 -29.31 8.84
CA LEU C 242 12.47 -28.44 7.63
C LEU C 242 11.40 -28.90 6.65
N SER C 243 11.11 -30.20 6.56
CA SER C 243 10.11 -30.77 5.61
C SER C 243 8.68 -30.38 6.01
N MET C 244 8.48 -29.94 7.25
CA MET C 244 7.18 -29.55 7.83
C MET C 244 7.01 -28.02 7.84
N LEU C 245 8.05 -27.26 7.51
CA LEU C 245 8.02 -25.77 7.59
C LEU C 245 8.02 -25.21 6.18
N PRO C 246 7.44 -24.02 5.95
CA PRO C 246 7.61 -23.34 4.68
C PRO C 246 9.04 -22.75 4.57
N ALA C 247 9.41 -22.26 3.40
CA ALA C 247 10.69 -21.60 3.14
C ALA C 247 10.70 -20.23 3.85
N ASN C 248 9.53 -19.58 3.92
CA ASN C 248 9.41 -18.19 4.42
C ASN C 248 7.93 -17.92 4.75
N ASN C 249 7.63 -16.75 5.28
CA ASN C 249 6.29 -16.42 5.82
C ASN C 249 5.31 -16.09 4.68
N ARG C 250 5.72 -16.11 3.42
CA ARG C 250 4.81 -15.85 2.27
C ARG C 250 4.25 -17.16 1.69
N GLU C 251 4.58 -18.32 2.26
CA GLU C 251 4.17 -19.65 1.75
C GLU C 251 3.54 -20.45 2.88
N SER C 252 2.77 -21.47 2.54
CA SER C 252 2.27 -22.46 3.52
C SER C 252 3.25 -23.62 3.58
N ALA C 253 3.24 -24.39 4.65
CA ALA C 253 4.10 -25.59 4.75
C ALA C 253 3.74 -26.49 3.56
N PRO C 254 4.74 -27.17 2.98
CA PRO C 254 4.51 -27.93 1.76
C PRO C 254 3.64 -29.15 2.08
N ALA C 255 2.61 -29.38 1.26
CA ALA C 255 1.71 -30.54 1.36
C ALA C 255 2.39 -31.77 0.75
N VAL C 256 2.07 -32.97 1.23
CA VAL C 256 2.56 -34.26 0.66
C VAL C 256 1.34 -35.09 0.25
N PRO C 257 1.49 -36.07 -0.67
CA PRO C 257 0.40 -37.00 -0.95
C PRO C 257 0.15 -37.85 0.32
N CYS C 258 -1.11 -38.19 0.54
CA CYS C 258 -1.58 -38.93 1.73
C CYS C 258 -2.47 -40.09 1.30
N ASP C 259 -2.05 -41.31 1.59
CA ASP C 259 -2.90 -42.48 1.30
C ASP C 259 -3.62 -42.92 2.57
N ASP C 260 -3.42 -42.20 3.68
CA ASP C 260 -4.16 -42.51 4.93
C ASP C 260 -5.52 -41.86 4.73
N PRO C 261 -6.61 -42.61 4.66
CA PRO C 261 -7.87 -42.04 4.31
C PRO C 261 -8.33 -41.02 5.34
N ALA C 262 -9.00 -39.99 4.85
CA ALA C 262 -9.63 -38.92 5.64
C ALA C 262 -10.84 -39.48 6.41
N ASP C 263 -11.42 -40.57 5.92
CA ASP C 263 -12.55 -41.41 6.37
C ASP C 263 -12.24 -42.05 7.70
N ARG C 264 -13.30 -42.38 8.41
CA ARG C 264 -13.25 -42.79 9.84
C ARG C 264 -12.25 -43.89 10.14
N ARG C 265 -11.46 -43.62 11.16
CA ARG C 265 -10.52 -44.63 11.71
C ARG C 265 -10.53 -44.66 13.25
N GLY C 266 -11.44 -43.95 13.95
CA GLY C 266 -11.13 -43.53 15.34
C GLY C 266 -11.83 -44.27 16.47
N GLN C 267 -12.31 -45.50 16.24
CA GLN C 267 -13.11 -46.28 17.21
C GLN C 267 -12.24 -46.59 18.44
N ALA C 268 -10.92 -46.62 18.31
CA ALA C 268 -9.94 -46.81 19.39
C ALA C 268 -10.06 -45.71 20.47
N LEU C 269 -10.54 -44.52 20.08
CA LEU C 269 -10.64 -43.34 20.98
C LEU C 269 -11.65 -43.63 22.09
N TYR C 270 -12.65 -44.48 21.81
CA TYR C 270 -13.70 -44.87 22.78
C TYR C 270 -13.02 -45.47 24.02
N ASP C 271 -11.94 -46.26 23.83
CA ASP C 271 -11.23 -46.99 24.90
C ASP C 271 -10.09 -46.14 25.47
N LEU C 272 -9.38 -45.37 24.65
CA LEU C 272 -8.18 -44.58 25.07
C LEU C 272 -8.58 -43.53 26.10
N VAL C 273 -9.78 -42.95 25.99
CA VAL C 273 -10.23 -41.80 26.83
C VAL C 273 -11.33 -42.31 27.75
N PRO C 274 -11.05 -42.49 29.06
CA PRO C 274 -12.09 -42.86 30.02
C PRO C 274 -13.26 -41.86 30.05
N ALA C 275 -14.49 -42.35 30.24
CA ALA C 275 -15.66 -41.50 30.58
C ALA C 275 -15.53 -41.02 32.05
N ASP C 276 -14.83 -41.79 32.91
CA ASP C 276 -14.51 -41.41 34.32
C ASP C 276 -13.49 -40.26 34.31
N GLY C 277 -13.93 -39.04 34.64
CA GLY C 277 -13.14 -37.79 34.55
C GLY C 277 -11.95 -37.74 35.49
N ASN C 278 -11.83 -38.66 36.45
CA ASN C 278 -10.74 -38.71 37.46
C ASN C 278 -9.53 -39.47 36.88
N ARG C 279 -9.74 -40.39 35.93
CA ARG C 279 -8.72 -41.34 35.44
C ARG C 279 -7.92 -40.70 34.31
N PRO C 280 -6.57 -40.73 34.35
CA PRO C 280 -5.76 -40.16 33.28
C PRO C 280 -5.64 -41.03 32.02
N TYR C 281 -5.03 -40.47 30.99
CA TYR C 281 -4.64 -41.15 29.72
C TYR C 281 -3.51 -40.35 29.09
N ASP C 282 -2.80 -40.95 28.14
CA ASP C 282 -1.74 -40.27 27.35
C ASP C 282 -2.43 -39.59 26.16
N MET C 283 -2.52 -38.26 26.18
CA MET C 283 -3.14 -37.45 25.09
C MET C 283 -2.38 -37.70 23.78
N ARG C 284 -1.11 -38.11 23.83
CA ARG C 284 -0.34 -38.43 22.60
C ARG C 284 -0.96 -39.62 21.87
N ALA C 285 -1.55 -40.55 22.60
CA ALA C 285 -2.21 -41.75 22.02
C ALA C 285 -3.41 -41.27 21.20
N VAL C 286 -4.12 -40.25 21.68
CA VAL C 286 -5.25 -39.61 20.96
C VAL C 286 -4.75 -38.95 19.67
N ILE C 287 -3.67 -38.17 19.77
CA ILE C 287 -3.08 -37.46 18.60
C ILE C 287 -2.66 -38.51 17.57
N GLU C 288 -2.00 -39.60 18.00
CA GLU C 288 -1.46 -40.66 17.12
C GLU C 288 -2.62 -41.35 16.37
N GLU C 289 -3.79 -41.51 17.00
CA GLU C 289 -4.99 -42.08 16.33
C GLU C 289 -5.44 -41.16 15.19
N ILE C 290 -5.45 -39.85 15.44
CA ILE C 290 -6.11 -38.80 14.62
C ILE C 290 -5.25 -38.43 13.40
N VAL C 291 -3.94 -38.25 13.57
CA VAL C 291 -3.05 -37.64 12.53
C VAL C 291 -2.61 -38.69 11.51
N ASP C 292 -2.15 -38.25 10.34
CA ASP C 292 -1.67 -39.13 9.24
C ASP C 292 -0.62 -40.11 9.80
N ASP C 293 -0.91 -41.41 9.72
CA ASP C 293 0.02 -42.55 9.99
C ASP C 293 0.53 -42.50 11.43
N GLY C 294 -0.15 -41.81 12.34
CA GLY C 294 0.31 -41.65 13.74
C GLY C 294 1.65 -40.92 13.87
N THR C 295 2.11 -40.24 12.82
CA THR C 295 3.40 -39.49 12.79
C THR C 295 3.20 -38.07 13.30
N HIS C 296 4.00 -37.67 14.28
CA HIS C 296 4.08 -36.28 14.79
C HIS C 296 5.47 -36.00 15.35
N LEU C 297 5.93 -34.74 15.24
CA LEU C 297 7.22 -34.28 15.76
C LEU C 297 6.94 -33.37 16.96
N GLU C 298 7.12 -33.91 18.16
CA GLU C 298 6.77 -33.19 19.41
C GLU C 298 7.85 -32.14 19.69
N VAL C 299 7.47 -30.90 19.99
CA VAL C 299 8.47 -29.86 20.36
C VAL C 299 8.38 -29.64 21.86
N HIS C 300 9.51 -29.40 22.51
CA HIS C 300 9.62 -29.29 23.98
C HIS C 300 9.02 -30.56 24.63
N GLU C 301 9.26 -31.72 24.05
CA GLU C 301 8.72 -33.02 24.53
C GLU C 301 8.95 -33.17 26.04
N ARG C 302 10.14 -32.82 26.53
CA ARG C 302 10.58 -33.15 27.90
C ARG C 302 10.48 -31.91 28.81
N TRP C 303 9.94 -30.80 28.32
CA TRP C 303 9.68 -29.60 29.15
C TRP C 303 8.17 -29.39 29.31
N ALA C 304 7.73 -29.01 30.50
CA ALA C 304 6.32 -28.72 30.81
C ALA C 304 5.43 -29.81 30.16
N THR C 305 5.58 -31.05 30.61
CA THR C 305 4.93 -32.23 29.98
C THR C 305 3.41 -32.22 30.23
N ASN C 306 2.92 -31.31 31.08
CA ASN C 306 1.48 -31.04 31.29
C ASN C 306 0.82 -30.50 30.01
N VAL C 307 1.59 -30.08 29.01
CA VAL C 307 1.08 -29.69 27.66
C VAL C 307 1.90 -30.38 26.59
N ILE C 308 1.24 -30.66 25.48
CA ILE C 308 1.85 -31.21 24.25
C ILE C 308 1.73 -30.14 23.17
N CYS C 309 2.85 -29.82 22.56
CA CYS C 309 2.94 -29.05 21.29
C CYS C 309 3.60 -29.96 20.26
N THR C 310 2.94 -30.25 19.15
CA THR C 310 3.52 -31.19 18.16
C THR C 310 3.08 -30.80 16.74
N LEU C 311 3.97 -31.05 15.78
CA LEU C 311 3.70 -30.87 14.33
C LEU C 311 3.36 -32.23 13.72
N ALA C 312 2.28 -32.29 12.96
CA ALA C 312 1.77 -33.53 12.34
C ALA C 312 1.15 -33.15 11.01
N ARG C 313 0.53 -34.10 10.32
CA ARG C 313 -0.17 -33.83 9.05
C ARG C 313 -1.57 -34.43 9.17
N LEU C 314 -2.54 -33.74 8.58
CA LEU C 314 -3.94 -34.20 8.40
C LEU C 314 -4.25 -34.09 6.91
N ASP C 315 -4.49 -35.23 6.25
CA ASP C 315 -4.74 -35.30 4.80
C ASP C 315 -3.55 -34.69 4.06
N GLY C 316 -2.32 -34.87 4.56
CA GLY C 316 -1.06 -34.47 3.89
C GLY C 316 -0.65 -33.02 4.16
N LYS C 317 -1.46 -32.26 4.91
CA LYS C 317 -1.24 -30.82 5.19
C LYS C 317 -0.74 -30.66 6.63
N VAL C 318 0.33 -29.91 6.83
CA VAL C 318 0.92 -29.69 8.18
C VAL C 318 -0.12 -29.01 9.07
N VAL C 319 -0.19 -29.44 10.34
CA VAL C 319 -0.96 -28.81 11.43
C VAL C 319 -0.09 -28.77 12.67
N GLY C 320 -0.31 -27.78 13.50
CA GLY C 320 0.27 -27.73 14.84
C GLY C 320 -0.80 -28.07 15.85
N ILE C 321 -0.46 -28.90 16.82
CA ILE C 321 -1.45 -29.38 17.82
C ILE C 321 -0.97 -28.96 19.20
N VAL C 322 -1.82 -28.25 19.93
CA VAL C 322 -1.61 -27.93 21.36
C VAL C 322 -2.65 -28.74 22.13
N ALA C 323 -2.24 -29.47 23.16
CA ALA C 323 -3.15 -30.37 23.90
C ALA C 323 -2.69 -30.52 25.35
N ASN C 324 -3.62 -30.43 26.27
CA ASN C 324 -3.38 -30.79 27.69
C ASN C 324 -3.04 -32.29 27.76
N GLN C 325 -2.17 -32.65 28.71
CA GLN C 325 -1.71 -34.03 28.98
C GLN C 325 -2.24 -34.42 30.35
N PRO C 326 -3.41 -35.08 30.44
CA PRO C 326 -3.99 -35.44 31.74
C PRO C 326 -3.11 -36.34 32.63
N GLN C 327 -2.22 -37.11 32.02
CA GLN C 327 -1.16 -37.94 32.68
C GLN C 327 -0.22 -37.12 33.57
N SER C 328 -0.01 -35.83 33.28
CA SER C 328 1.10 -35.03 33.88
C SER C 328 0.51 -33.78 34.54
N LEU C 329 0.65 -33.64 35.85
CA LEU C 329 0.03 -32.57 36.69
C LEU C 329 -1.46 -32.44 36.38
N ALA C 330 -2.15 -33.53 36.03
CA ALA C 330 -3.60 -33.61 35.80
C ALA C 330 -4.01 -32.71 34.63
N GLY C 331 -3.07 -32.33 33.77
CA GLY C 331 -3.32 -31.52 32.56
C GLY C 331 -3.58 -30.05 32.89
N VAL C 332 -3.22 -29.58 34.08
CA VAL C 332 -3.36 -28.13 34.42
C VAL C 332 -2.39 -27.33 33.55
N LEU C 333 -2.73 -26.06 33.32
CA LEU C 333 -1.79 -25.05 32.78
C LEU C 333 -1.02 -24.46 33.95
N ASP C 334 0.29 -24.25 33.78
CA ASP C 334 1.17 -23.55 34.73
C ASP C 334 2.02 -22.58 33.93
N ILE C 335 2.98 -21.91 34.58
CA ILE C 335 3.91 -20.95 33.93
C ILE C 335 4.58 -21.65 32.74
N ALA C 336 5.23 -22.77 32.97
CA ALA C 336 6.12 -23.43 31.99
C ALA C 336 5.29 -23.83 30.76
N ALA C 337 4.16 -24.49 30.97
CA ALA C 337 3.23 -24.92 29.90
C ALA C 337 2.73 -23.70 29.08
N SER C 338 2.40 -22.61 29.75
CA SER C 338 1.94 -21.36 29.10
C SER C 338 3.07 -20.83 28.21
N GLU C 339 4.29 -20.77 28.72
CA GLU C 339 5.47 -20.31 27.94
C GLU C 339 5.67 -21.22 26.75
N LYS C 340 5.63 -22.54 26.95
CA LYS C 340 5.87 -23.55 25.89
C LYS C 340 4.83 -23.40 24.77
N ALA C 341 3.54 -23.31 25.13
CA ALA C 341 2.43 -23.27 24.16
C ALA C 341 2.42 -21.91 23.45
N ALA C 342 2.67 -20.83 24.17
CA ALA C 342 2.72 -19.46 23.60
C ALA C 342 3.75 -19.41 22.48
N SER C 343 4.95 -19.93 22.76
CA SER C 343 6.08 -20.00 21.82
C SER C 343 5.66 -20.79 20.57
N PHE C 344 4.99 -21.93 20.77
CA PHE C 344 4.60 -22.85 19.67
C PHE C 344 3.50 -22.20 18.81
N VAL C 345 2.48 -21.62 19.45
CA VAL C 345 1.35 -20.98 18.72
C VAL C 345 1.89 -19.83 17.88
N GLN C 346 2.76 -19.01 18.46
CA GLN C 346 3.38 -17.83 17.80
C GLN C 346 4.13 -18.30 16.54
N THR C 347 4.96 -19.33 16.67
CA THR C 347 5.78 -19.88 15.56
C THR C 347 4.88 -20.40 14.43
N CYS C 348 3.91 -21.25 14.76
CA CYS C 348 2.96 -21.81 13.77
C CYS C 348 2.25 -20.65 13.04
N ASP C 349 1.76 -19.69 13.81
CA ASP C 349 1.00 -18.54 13.25
C ASP C 349 1.90 -17.82 12.23
N SER C 350 3.15 -17.55 12.56
CA SER C 350 4.01 -16.71 11.70
C SER C 350 4.40 -17.51 10.45
N PHE C 351 4.37 -18.85 10.50
CA PHE C 351 4.71 -19.69 9.32
C PHE C 351 3.46 -20.37 8.71
N ASN C 352 2.28 -19.78 8.92
CA ASN C 352 1.02 -20.15 8.19
C ASN C 352 0.64 -21.62 8.42
N ILE C 353 0.98 -22.16 9.59
CA ILE C 353 0.60 -23.53 10.02
C ILE C 353 -0.68 -23.45 10.84
N PRO C 354 -1.76 -24.10 10.39
CA PRO C 354 -3.02 -24.14 11.12
C PRO C 354 -2.86 -24.75 12.53
N LEU C 355 -3.72 -24.34 13.45
CA LEU C 355 -3.67 -24.77 14.86
C LEU C 355 -4.94 -25.56 15.24
N VAL C 356 -4.74 -26.73 15.83
CA VAL C 356 -5.80 -27.54 16.46
C VAL C 356 -5.47 -27.67 17.95
N THR C 357 -6.40 -27.28 18.81
CA THR C 357 -6.23 -27.29 20.28
C THR C 357 -7.17 -28.35 20.86
N LEU C 358 -6.63 -29.34 21.58
CA LEU C 358 -7.41 -30.40 22.26
C LEU C 358 -7.43 -30.10 23.76
N LEU C 359 -8.61 -29.87 24.33
CA LEU C 359 -8.77 -29.48 25.76
C LEU C 359 -9.12 -30.71 26.61
N ASP C 360 -8.43 -30.84 27.71
CA ASP C 360 -8.83 -31.65 28.88
C ASP C 360 -8.12 -31.02 30.06
N VAL C 361 -8.67 -29.90 30.54
CA VAL C 361 -7.97 -28.97 31.45
C VAL C 361 -8.88 -28.60 32.61
N PRO C 362 -8.50 -28.95 33.86
CA PRO C 362 -9.30 -28.63 35.04
C PRO C 362 -9.14 -27.19 35.57
N GLY C 363 -8.07 -26.50 35.17
CA GLY C 363 -7.73 -25.16 35.66
C GLY C 363 -6.25 -24.90 35.57
N PHE C 364 -5.76 -23.94 36.36
CA PHE C 364 -4.34 -23.58 36.47
C PHE C 364 -3.73 -24.19 37.73
N LEU C 365 -2.41 -24.38 37.75
CA LEU C 365 -1.67 -24.90 38.94
C LEU C 365 -1.75 -23.85 40.03
N PRO C 366 -2.35 -24.19 41.18
CA PRO C 366 -2.45 -23.26 42.31
C PRO C 366 -1.15 -23.22 43.11
N GLY C 367 -0.89 -22.10 43.78
CA GLY C 367 0.22 -22.04 44.75
C GLY C 367 0.94 -20.70 44.75
N VAL C 368 1.60 -20.40 45.86
CA VAL C 368 2.47 -19.22 46.03
C VAL C 368 3.52 -19.21 44.92
N ASP C 369 4.12 -20.37 44.62
CA ASP C 369 5.19 -20.51 43.62
C ASP C 369 4.71 -19.92 42.28
N GLN C 370 3.52 -20.30 41.83
CA GLN C 370 2.94 -19.86 40.55
C GLN C 370 2.61 -18.37 40.59
N GLU C 371 1.95 -17.88 41.63
CA GLU C 371 1.44 -16.48 41.66
C GLU C 371 2.62 -15.52 41.82
N HIS C 372 3.59 -15.88 42.67
CA HIS C 372 4.76 -15.02 43.01
C HIS C 372 5.74 -14.96 41.83
N ASN C 373 5.81 -16.00 41.01
CA ASN C 373 6.71 -16.03 39.82
C ASN C 373 5.96 -15.60 38.57
N GLY C 374 4.70 -15.16 38.70
CA GLY C 374 3.97 -14.37 37.69
C GLY C 374 3.17 -15.19 36.69
N ILE C 375 2.43 -16.22 37.11
CA ILE C 375 1.47 -16.95 36.22
C ILE C 375 0.57 -15.90 35.55
N ILE C 376 0.25 -14.77 36.19
CA ILE C 376 -0.64 -13.75 35.57
C ILE C 376 0.01 -13.26 34.26
N ARG C 377 1.30 -12.95 34.25
CA ARG C 377 1.92 -12.41 33.02
C ARG C 377 2.37 -13.56 32.10
N HIS C 378 2.71 -14.75 32.61
CA HIS C 378 3.15 -15.89 31.76
C HIS C 378 1.93 -16.56 31.10
N GLY C 379 0.84 -16.75 31.82
CA GLY C 379 -0.41 -17.26 31.25
C GLY C 379 -0.92 -16.35 30.15
N ALA C 380 -0.76 -15.04 30.30
CA ALA C 380 -1.22 -14.02 29.33
C ALA C 380 -0.48 -14.22 28.00
N LYS C 381 0.72 -14.80 28.00
CA LYS C 381 1.50 -15.03 26.76
C LYS C 381 0.75 -15.97 25.82
N LEU C 382 0.21 -17.06 26.36
CA LEU C 382 -0.57 -18.04 25.58
C LEU C 382 -1.85 -17.37 25.05
N LEU C 383 -2.53 -16.64 25.91
CA LEU C 383 -3.76 -15.90 25.59
C LEU C 383 -3.50 -14.96 24.42
N TYR C 384 -2.43 -14.17 24.51
CA TYR C 384 -2.03 -13.17 23.49
C TYR C 384 -1.74 -13.91 22.18
N ALA C 385 -0.95 -14.98 22.23
CA ALA C 385 -0.55 -15.73 21.03
C ALA C 385 -1.81 -16.25 20.30
N TYR C 386 -2.80 -16.81 21.00
CA TYR C 386 -4.06 -17.28 20.36
C TYR C 386 -4.86 -16.08 19.83
N CYS C 387 -5.08 -15.05 20.66
CA CYS C 387 -5.90 -13.87 20.27
C CYS C 387 -5.30 -13.24 19.01
N ASN C 388 -3.97 -13.21 18.92
CA ASN C 388 -3.24 -12.50 17.84
C ASN C 388 -3.09 -13.40 16.60
N ALA C 389 -3.45 -14.68 16.69
CA ALA C 389 -3.22 -15.68 15.61
C ALA C 389 -4.26 -15.50 14.51
N THR C 390 -3.83 -15.63 13.25
CA THR C 390 -4.69 -15.42 12.07
C THR C 390 -4.76 -16.68 11.20
N VAL C 391 -3.95 -17.71 11.47
CA VAL C 391 -4.08 -19.02 10.79
C VAL C 391 -5.43 -19.61 11.17
N PRO C 392 -5.93 -20.62 10.41
CA PRO C 392 -7.09 -21.39 10.83
C PRO C 392 -6.88 -21.93 12.25
N ARG C 393 -7.92 -21.83 13.07
CA ARG C 393 -7.88 -22.30 14.47
C ARG C 393 -9.12 -23.13 14.79
N ILE C 394 -8.93 -24.37 15.23
CA ILE C 394 -10.02 -25.27 15.66
C ILE C 394 -9.71 -25.75 17.07
N SER C 395 -10.65 -25.59 18.00
CA SER C 395 -10.54 -26.17 19.36
C SER C 395 -11.55 -27.31 19.46
N LEU C 396 -11.20 -28.33 20.24
CA LEU C 396 -11.98 -29.56 20.46
C LEU C 396 -11.88 -29.92 21.94
N VAL C 397 -12.99 -29.86 22.67
CA VAL C 397 -13.03 -30.26 24.11
C VAL C 397 -13.29 -31.77 24.20
N LEU C 398 -12.34 -32.52 24.76
CA LEU C 398 -12.45 -34.00 24.98
C LEU C 398 -13.22 -34.25 26.26
N ARG C 399 -12.79 -33.67 27.38
CA ARG C 399 -13.46 -33.82 28.69
C ARG C 399 -13.56 -32.46 29.38
N LYS C 400 -12.68 -32.17 30.34
CA LYS C 400 -12.87 -30.97 31.18
C LYS C 400 -12.41 -29.73 30.42
N ALA C 401 -13.13 -28.63 30.63
CA ALA C 401 -12.75 -27.27 30.22
C ALA C 401 -13.36 -26.31 31.23
N TYR C 402 -12.62 -25.98 32.28
CA TYR C 402 -13.12 -25.19 33.42
C TYR C 402 -12.53 -23.77 33.39
N GLY C 403 -13.39 -22.76 33.51
CA GLY C 403 -12.99 -21.39 33.89
C GLY C 403 -12.09 -20.74 32.88
N GLY C 404 -11.17 -19.90 33.33
CA GLY C 404 -10.20 -19.15 32.49
C GLY C 404 -9.44 -20.06 31.56
N ALA C 405 -9.13 -21.28 32.01
CA ALA C 405 -8.37 -22.26 31.20
C ALA C 405 -9.18 -22.61 29.95
N TYR C 406 -10.49 -22.82 30.06
CA TYR C 406 -11.37 -23.07 28.87
C TYR C 406 -11.20 -21.90 27.88
N ILE C 407 -11.19 -20.68 28.39
CA ILE C 407 -11.21 -19.45 27.56
C ILE C 407 -9.85 -19.23 26.90
N VAL C 408 -8.78 -19.47 27.64
CA VAL C 408 -7.38 -19.31 27.16
C VAL C 408 -7.05 -20.34 26.08
N MET C 409 -7.55 -21.57 26.15
CA MET C 409 -7.23 -22.65 25.18
C MET C 409 -8.11 -22.51 23.93
N ASP C 410 -7.96 -21.40 23.22
CA ASP C 410 -8.58 -21.14 21.89
C ASP C 410 -10.10 -21.44 21.94
N SER C 411 -10.79 -20.85 22.91
CA SER C 411 -12.28 -20.79 22.93
C SER C 411 -12.74 -20.02 21.71
N ARG C 412 -13.97 -20.24 21.26
CA ARG C 412 -14.65 -19.34 20.30
C ARG C 412 -14.53 -17.89 20.77
N SER C 413 -14.60 -17.65 22.09
CA SER C 413 -14.66 -16.28 22.66
C SER C 413 -13.37 -15.49 22.37
N ILE C 414 -12.24 -16.18 22.16
CA ILE C 414 -10.95 -15.48 21.84
C ILE C 414 -10.60 -15.64 20.37
N GLY C 415 -11.48 -16.22 19.53
CA GLY C 415 -11.41 -16.07 18.06
C GLY C 415 -11.18 -17.36 17.30
N ALA C 416 -11.32 -18.53 17.93
CA ALA C 416 -11.31 -19.83 17.21
C ALA C 416 -12.35 -19.81 16.10
N ASP C 417 -12.01 -20.33 14.93
CA ASP C 417 -12.93 -20.42 13.77
C ASP C 417 -13.99 -21.49 14.03
N LEU C 418 -13.60 -22.61 14.63
CA LEU C 418 -14.54 -23.71 14.99
C LEU C 418 -14.16 -24.24 16.36
N ALA C 419 -15.18 -24.53 17.16
CA ALA C 419 -15.06 -25.20 18.47
C ALA C 419 -15.97 -26.42 18.43
N LEU C 420 -15.38 -27.58 18.71
CA LEU C 420 -16.05 -28.89 18.70
C LEU C 420 -15.94 -29.46 20.11
N ALA C 421 -16.81 -30.41 20.44
CA ALA C 421 -16.78 -31.14 21.73
C ALA C 421 -17.17 -32.59 21.48
N TRP C 422 -16.56 -33.47 22.26
CA TRP C 422 -17.00 -34.87 22.42
C TRP C 422 -18.16 -34.90 23.40
N PRO C 423 -18.97 -35.99 23.38
CA PRO C 423 -20.08 -36.14 24.31
C PRO C 423 -19.63 -36.32 25.76
N THR C 424 -18.32 -36.42 25.98
CA THR C 424 -17.70 -36.55 27.32
C THR C 424 -17.33 -35.18 27.87
N ASN C 425 -17.69 -34.09 27.17
CA ASN C 425 -17.24 -32.71 27.54
C ASN C 425 -17.93 -32.27 28.83
N GLU C 426 -17.20 -31.59 29.71
CA GLU C 426 -17.70 -30.85 30.90
C GLU C 426 -17.17 -29.40 30.77
N ILE C 427 -17.95 -28.51 30.17
CA ILE C 427 -17.58 -27.09 30.03
C ILE C 427 -18.33 -26.33 31.10
N ALA C 428 -17.63 -25.72 32.06
CA ALA C 428 -18.25 -24.96 33.18
C ALA C 428 -17.30 -23.89 33.73
N VAL C 429 -17.80 -22.99 34.58
CA VAL C 429 -17.00 -21.90 35.18
C VAL C 429 -16.10 -22.49 36.28
N MET C 430 -16.56 -23.54 36.99
CA MET C 430 -15.74 -24.32 37.95
C MET C 430 -16.39 -25.70 38.11
N GLY C 431 -15.79 -26.56 38.93
CA GLY C 431 -16.38 -27.83 39.40
C GLY C 431 -17.75 -27.60 40.04
N ALA C 432 -18.63 -28.60 40.01
CA ALA C 432 -20.02 -28.55 40.54
C ALA C 432 -20.00 -28.32 42.06
N GLU C 433 -19.13 -29.09 42.73
CA GLU C 433 -18.81 -29.00 44.17
C GLU C 433 -18.62 -27.51 44.54
N GLY C 434 -17.70 -26.83 43.85
CA GLY C 434 -17.38 -25.41 44.08
C GLY C 434 -18.56 -24.49 43.77
N ALA C 435 -19.21 -24.68 42.62
CA ALA C 435 -20.26 -23.77 42.10
C ALA C 435 -21.51 -23.80 42.99
N ALA C 436 -22.04 -24.98 43.26
CA ALA C 436 -23.18 -25.20 44.20
C ALA C 436 -22.82 -24.64 45.58
N GLY C 437 -21.57 -24.88 46.01
CA GLY C 437 -20.97 -24.31 47.24
C GLY C 437 -21.27 -22.82 47.39
N VAL C 438 -20.89 -22.00 46.39
CA VAL C 438 -21.03 -20.50 46.40
C VAL C 438 -22.51 -20.13 46.24
N ILE C 439 -23.22 -20.71 45.26
CA ILE C 439 -24.58 -20.26 44.86
C ILE C 439 -25.56 -20.47 46.02
N PHE C 440 -25.43 -21.61 46.72
CA PHE C 440 -26.37 -22.05 47.79
C PHE C 440 -25.70 -22.00 49.18
N ARG C 441 -24.62 -21.22 49.33
CA ARG C 441 -23.91 -21.00 50.62
C ARG C 441 -24.95 -20.76 51.73
N ARG C 442 -25.92 -19.87 51.51
CA ARG C 442 -26.94 -19.47 52.52
C ARG C 442 -27.82 -20.66 52.90
N ASP C 443 -28.33 -21.43 51.92
CA ASP C 443 -29.29 -22.55 52.16
C ASP C 443 -28.59 -23.76 52.80
N ILE C 444 -27.27 -23.94 52.58
CA ILE C 444 -26.45 -25.04 53.17
C ILE C 444 -26.18 -24.72 54.66
N ASN C 445 -25.93 -23.46 54.97
CA ASN C 445 -25.59 -22.97 56.34
C ASN C 445 -26.83 -22.99 57.24
N ALA C 446 -28.01 -23.00 56.63
CA ALA C 446 -29.27 -23.19 57.37
C ALA C 446 -29.72 -24.65 57.15
N ALA C 447 -30.84 -25.01 57.78
CA ALA C 447 -31.53 -26.32 57.61
C ALA C 447 -30.80 -27.51 58.25
N ASP C 448 -31.42 -28.68 58.11
CA ASP C 448 -30.86 -29.93 58.69
C ASP C 448 -30.14 -30.71 57.59
N ASP C 449 -29.17 -31.51 58.00
CA ASP C 449 -28.35 -32.35 57.08
C ASP C 449 -27.70 -31.42 56.05
N PRO C 450 -26.98 -30.36 56.49
CA PRO C 450 -26.29 -29.46 55.57
C PRO C 450 -25.41 -30.21 54.57
N GLU C 451 -24.67 -31.26 54.97
CA GLU C 451 -23.87 -32.05 54.02
C GLU C 451 -24.71 -33.17 53.40
N ALA C 452 -25.82 -32.81 52.74
CA ALA C 452 -26.81 -33.69 52.09
C ALA C 452 -27.65 -32.74 51.25
N VAL C 453 -27.91 -31.54 51.79
CA VAL C 453 -28.52 -30.47 50.94
C VAL C 453 -27.42 -30.11 49.93
N ARG C 454 -26.20 -29.97 50.42
CA ARG C 454 -25.05 -29.71 49.54
C ARG C 454 -24.99 -30.82 48.50
N ARG C 455 -24.94 -32.09 48.93
CA ARG C 455 -24.82 -33.24 48.00
C ARG C 455 -25.92 -33.14 46.94
N GLN C 456 -27.10 -32.70 47.33
CA GLN C 456 -28.31 -32.60 46.46
C GLN C 456 -28.10 -31.49 45.41
N ARG C 457 -27.75 -30.28 45.85
CA ARG C 457 -27.56 -29.08 44.99
C ARG C 457 -26.39 -29.31 44.00
N VAL C 458 -25.31 -29.99 44.44
CA VAL C 458 -24.17 -30.39 43.57
C VAL C 458 -24.68 -31.32 42.45
N GLU C 459 -25.48 -32.34 42.78
CA GLU C 459 -26.02 -33.33 41.80
C GLU C 459 -26.93 -32.59 40.81
N GLU C 460 -27.76 -31.66 41.29
CA GLU C 460 -28.69 -30.85 40.43
C GLU C 460 -27.87 -29.95 39.50
N TYR C 461 -26.83 -29.29 40.02
CA TYR C 461 -25.93 -28.40 39.22
C TYR C 461 -25.27 -29.25 38.11
N LYS C 462 -24.67 -30.39 38.46
CA LYS C 462 -23.94 -31.26 37.49
C LYS C 462 -24.90 -31.75 36.40
N ALA C 463 -26.13 -32.12 36.76
CA ALA C 463 -27.11 -32.71 35.82
C ALA C 463 -27.65 -31.61 34.87
N GLU C 464 -27.87 -30.41 35.38
CA GLU C 464 -28.66 -29.33 34.71
C GLU C 464 -27.74 -28.38 33.92
N LEU C 465 -26.54 -28.06 34.43
CA LEU C 465 -25.67 -26.99 33.85
C LEU C 465 -24.36 -27.56 33.27
N MET C 466 -24.06 -28.83 33.48
CA MET C 466 -22.76 -29.42 33.10
C MET C 466 -22.96 -30.69 32.27
N HIS C 467 -24.15 -30.88 31.69
CA HIS C 467 -24.37 -32.00 30.76
C HIS C 467 -23.63 -31.67 29.47
N PRO C 468 -23.30 -32.68 28.65
CA PRO C 468 -22.51 -32.46 27.46
C PRO C 468 -23.08 -31.53 26.37
N TYR C 469 -24.34 -31.07 26.48
CA TYR C 469 -25.03 -30.33 25.40
C TYR C 469 -25.26 -28.89 25.83
N TYR C 470 -24.86 -28.50 27.04
CA TYR C 470 -25.09 -27.13 27.57
C TYR C 470 -24.40 -26.08 26.67
N ALA C 471 -23.10 -26.25 26.43
CA ALA C 471 -22.27 -25.32 25.64
C ALA C 471 -22.81 -25.26 24.20
N ALA C 472 -23.11 -26.41 23.61
CA ALA C 472 -23.63 -26.49 22.22
C ALA C 472 -24.97 -25.78 22.10
N GLU C 473 -25.81 -25.86 23.12
CA GLU C 473 -27.18 -25.27 23.06
C GLU C 473 -27.08 -23.76 23.12
N ARG C 474 -25.98 -23.22 23.64
CA ARG C 474 -25.75 -21.75 23.81
C ARG C 474 -24.76 -21.19 22.78
N GLY C 475 -24.22 -22.00 21.88
CA GLY C 475 -23.35 -21.52 20.80
C GLY C 475 -21.89 -21.37 21.21
N LEU C 476 -21.48 -21.81 22.40
CA LEU C 476 -20.06 -21.76 22.83
C LEU C 476 -19.27 -22.79 22.03
N VAL C 477 -19.91 -23.88 21.61
CA VAL C 477 -19.30 -24.84 20.65
C VAL C 477 -20.24 -24.99 19.46
N ASP C 478 -19.67 -25.32 18.31
CA ASP C 478 -20.35 -25.32 17.00
C ASP C 478 -21.02 -26.69 16.80
N ASP C 479 -20.51 -27.73 17.44
CA ASP C 479 -21.04 -29.10 17.27
C ASP C 479 -20.49 -30.03 18.35
N VAL C 480 -21.27 -31.05 18.71
CA VAL C 480 -20.85 -32.20 19.53
C VAL C 480 -20.72 -33.37 18.56
N ILE C 481 -19.57 -34.02 18.52
CA ILE C 481 -19.24 -35.00 17.46
C ILE C 481 -18.99 -36.38 18.09
N ASP C 482 -19.16 -37.39 17.26
CA ASP C 482 -18.71 -38.77 17.54
C ASP C 482 -17.19 -38.71 17.66
N PRO C 483 -16.58 -39.07 18.80
CA PRO C 483 -15.13 -39.11 18.91
C PRO C 483 -14.44 -39.77 17.72
N ALA C 484 -15.05 -40.80 17.17
CA ALA C 484 -14.47 -41.62 16.10
C ALA C 484 -14.46 -40.85 14.78
N ASP C 485 -15.20 -39.74 14.69
CA ASP C 485 -15.23 -38.87 13.48
C ASP C 485 -14.20 -37.74 13.58
N THR C 486 -13.45 -37.63 14.69
CA THR C 486 -12.53 -36.49 14.97
C THR C 486 -11.64 -36.20 13.75
N ARG C 487 -10.91 -37.20 13.27
CA ARG C 487 -9.99 -37.05 12.12
C ARG C 487 -10.73 -36.38 10.96
N GLU C 488 -11.87 -36.91 10.55
CA GLU C 488 -12.62 -36.41 9.35
C GLU C 488 -13.10 -34.97 9.59
N VAL C 489 -13.62 -34.67 10.77
CA VAL C 489 -14.20 -33.33 11.07
C VAL C 489 -13.09 -32.28 11.03
N LEU C 490 -11.93 -32.59 11.61
CA LEU C 490 -10.75 -31.67 11.59
C LEU C 490 -10.32 -31.47 10.14
N ILE C 491 -10.22 -32.54 9.35
CA ILE C 491 -9.76 -32.43 7.93
C ILE C 491 -10.72 -31.49 7.19
N ARG C 492 -12.02 -31.64 7.40
CA ARG C 492 -13.05 -30.92 6.59
C ARG C 492 -13.09 -29.47 7.02
N GLY C 493 -12.98 -29.22 8.33
CA GLY C 493 -12.86 -27.88 8.94
C GLY C 493 -11.65 -27.12 8.40
N LEU C 494 -10.47 -27.72 8.45
CA LEU C 494 -9.21 -27.12 7.96
C LEU C 494 -9.33 -26.85 6.47
N ALA C 495 -10.00 -27.71 5.71
CA ALA C 495 -10.08 -27.53 4.24
C ALA C 495 -10.99 -26.34 3.95
N MET C 496 -12.03 -26.15 4.75
CA MET C 496 -12.96 -25.00 4.57
C MET C 496 -12.23 -23.69 4.92
N LEU C 497 -11.33 -23.76 5.89
CA LEU C 497 -10.63 -22.57 6.46
C LEU C 497 -9.32 -22.27 5.72
N ARG C 498 -8.88 -23.11 4.78
CA ARG C 498 -7.56 -22.99 4.10
C ARG C 498 -7.41 -21.58 3.50
N THR C 499 -8.45 -20.98 2.95
CA THR C 499 -8.42 -19.65 2.28
C THR C 499 -8.61 -18.49 3.28
N LYS C 500 -8.67 -18.75 4.59
CA LYS C 500 -8.89 -17.70 5.61
C LYS C 500 -7.90 -16.54 5.40
N HIS C 501 -8.38 -15.34 5.11
CA HIS C 501 -7.58 -14.10 5.28
C HIS C 501 -8.12 -13.44 6.53
N ALA C 502 -7.23 -13.08 7.46
CA ALA C 502 -7.53 -12.16 8.57
C ALA C 502 -6.48 -11.05 8.55
N ASP C 503 -6.94 -9.83 8.87
CA ASP C 503 -6.14 -8.58 8.87
C ASP C 503 -5.59 -8.38 10.29
N LEU C 504 -4.35 -7.93 10.40
CA LEU C 504 -3.71 -7.58 11.69
C LEU C 504 -3.76 -6.06 11.84
N PRO C 505 -3.77 -5.50 13.08
CA PRO C 505 -3.93 -4.05 13.23
C PRO C 505 -2.71 -3.28 12.70
N MET C 506 -2.89 -1.99 12.44
CA MET C 506 -1.82 -1.08 11.93
C MET C 506 -0.93 -0.68 13.12
N ARG C 507 0.28 -1.25 13.21
CA ARG C 507 1.21 -1.02 14.35
C ARG C 507 2.61 -1.51 14.00
N LYS C 508 3.63 -0.94 14.63
CA LYS C 508 5.03 -1.46 14.57
C LYS C 508 5.06 -2.92 15.01
N HIS C 509 4.40 -3.21 16.13
CA HIS C 509 4.32 -4.53 16.80
C HIS C 509 3.34 -4.35 17.96
N GLY C 510 2.70 -5.42 18.40
CA GLY C 510 2.00 -5.42 19.70
C GLY C 510 3.00 -5.26 20.82
N ASN C 511 2.51 -5.11 22.06
CA ASN C 511 3.32 -5.18 23.30
C ASN C 511 2.90 -6.42 24.08
N PRO C 512 3.21 -7.64 23.59
CA PRO C 512 2.87 -8.86 24.32
C PRO C 512 3.51 -8.85 25.70
N PRO C 513 2.97 -9.61 26.66
CA PRO C 513 3.56 -9.68 27.99
C PRO C 513 4.98 -10.27 27.90
N GLN C 514 5.93 -9.69 28.64
CA GLN C 514 7.33 -10.21 28.81
C GLN C 514 7.39 -10.93 30.16
N ARG D 2 -25.25 -11.29 -50.01
CA ARG D 2 -25.72 -9.96 -49.58
C ARG D 2 -24.89 -8.90 -50.32
N LYS D 3 -25.52 -7.77 -50.61
CA LYS D 3 -24.89 -6.57 -51.20
C LYS D 3 -23.89 -6.02 -50.18
N GLN D 4 -24.26 -6.03 -48.91
CA GLN D 4 -23.52 -5.43 -47.76
C GLN D 4 -22.19 -6.18 -47.56
N LEU D 5 -22.20 -7.51 -47.63
CA LEU D 5 -20.98 -8.36 -47.46
C LEU D 5 -20.00 -8.11 -48.59
N ASP D 6 -20.51 -7.99 -49.82
CA ASP D 6 -19.71 -7.74 -51.06
C ASP D 6 -19.06 -6.35 -50.93
N GLU D 7 -19.80 -5.34 -50.52
CA GLU D 7 -19.28 -3.98 -50.24
C GLU D 7 -18.15 -4.10 -49.18
N LEU D 8 -18.36 -4.89 -48.12
CA LEU D 8 -17.38 -5.06 -47.01
C LEU D 8 -16.09 -5.69 -47.54
N LEU D 9 -16.17 -6.76 -48.35
CA LEU D 9 -14.96 -7.39 -48.95
C LEU D 9 -14.24 -6.39 -49.86
N ASP D 10 -14.97 -5.53 -50.57
CA ASP D 10 -14.43 -4.53 -51.52
C ASP D 10 -13.66 -3.50 -50.70
N ILE D 11 -14.27 -2.89 -49.68
CA ILE D 11 -13.64 -1.81 -48.85
C ILE D 11 -12.39 -2.40 -48.18
N LYS D 12 -12.46 -3.63 -47.64
CA LYS D 12 -11.31 -4.23 -46.91
C LYS D 12 -10.17 -4.48 -47.91
N GLU D 13 -10.49 -5.00 -49.09
CA GLU D 13 -9.49 -5.27 -50.14
C GLU D 13 -8.85 -3.96 -50.60
N SER D 14 -9.65 -2.90 -50.72
CA SER D 14 -9.21 -1.57 -51.17
C SER D 14 -8.29 -0.93 -50.10
N ALA D 15 -8.58 -1.14 -48.82
CA ALA D 15 -7.75 -0.61 -47.71
C ALA D 15 -6.43 -1.40 -47.62
N ARG D 16 -6.49 -2.73 -47.74
CA ARG D 16 -5.34 -3.67 -47.65
C ARG D 16 -4.31 -3.32 -48.73
N GLY D 17 -4.76 -3.05 -49.96
CA GLY D 17 -3.88 -2.81 -51.12
C GLY D 17 -3.35 -1.39 -51.15
N GLY D 18 -3.73 -0.62 -50.13
CA GLY D 18 -3.31 0.78 -49.96
C GLY D 18 -3.72 1.65 -51.15
N PRO D 19 -2.77 2.38 -51.78
CA PRO D 19 -3.04 3.22 -52.94
C PRO D 19 -2.93 2.42 -54.25
N ASP D 20 -2.85 3.12 -55.38
CA ASP D 20 -2.74 2.42 -56.69
C ASP D 20 -1.50 1.50 -56.65
N PRO D 21 -1.59 0.25 -57.14
CA PRO D 21 -0.47 -0.69 -57.08
C PRO D 21 0.87 -0.20 -57.63
N ASP D 22 0.87 0.94 -58.37
CA ASP D 22 2.10 1.74 -58.67
C ASP D 22 2.85 2.15 -57.39
N ALA D 23 2.15 2.58 -56.32
CA ALA D 23 2.77 2.94 -55.02
C ALA D 23 3.51 1.74 -54.41
N THR D 24 2.90 0.55 -54.46
CA THR D 24 3.54 -0.71 -54.00
C THR D 24 4.84 -0.97 -54.77
N ARG D 25 4.81 -0.81 -56.10
CA ARG D 25 5.96 -1.10 -56.98
C ARG D 25 7.08 -0.09 -56.67
N ARG D 26 6.76 1.20 -56.53
CA ARG D 26 7.75 2.27 -56.19
C ARG D 26 8.45 1.91 -54.87
N GLN D 27 7.72 1.32 -53.90
CA GLN D 27 8.24 0.93 -52.57
C GLN D 27 9.19 -0.26 -52.77
N HIS D 28 8.77 -1.30 -53.49
CA HIS D 28 9.59 -2.51 -53.77
C HIS D 28 10.84 -2.13 -54.58
N ASP D 29 10.73 -1.12 -55.45
CA ASP D 29 11.84 -0.66 -56.33
C ASP D 29 12.95 -0.07 -55.46
N LYS D 30 12.63 0.52 -54.31
CA LYS D 30 13.62 1.11 -53.37
C LYS D 30 14.27 0.02 -52.51
N GLY D 31 13.91 -1.24 -52.68
CA GLY D 31 14.41 -2.36 -51.87
C GLY D 31 13.69 -2.44 -50.52
N LYS D 32 12.47 -1.93 -50.42
CA LYS D 32 11.67 -1.86 -49.17
C LYS D 32 10.47 -2.80 -49.28
N LEU D 33 10.00 -3.36 -48.18
CA LEU D 33 8.71 -4.09 -48.09
C LEU D 33 7.59 -3.09 -47.76
N THR D 34 6.34 -3.49 -47.95
CA THR D 34 5.15 -2.73 -47.52
C THR D 34 4.94 -2.98 -46.02
N ALA D 35 4.18 -2.09 -45.38
CA ALA D 35 3.76 -2.20 -43.97
C ALA D 35 3.19 -3.58 -43.71
N ARG D 36 2.31 -4.08 -44.57
CA ARG D 36 1.63 -5.39 -44.35
C ARG D 36 2.61 -6.55 -44.50
N GLU D 37 3.55 -6.46 -45.43
CA GLU D 37 4.55 -7.54 -45.63
C GLU D 37 5.42 -7.62 -44.37
N ARG D 38 5.76 -6.47 -43.78
CA ARG D 38 6.62 -6.40 -42.56
C ARG D 38 5.88 -7.00 -41.37
N ILE D 39 4.60 -6.69 -41.22
CA ILE D 39 3.75 -7.23 -40.11
C ILE D 39 3.68 -8.75 -40.23
N GLU D 40 3.61 -9.29 -41.46
CA GLU D 40 3.51 -10.75 -41.72
C GLU D 40 4.83 -11.43 -41.30
N LEU D 41 5.98 -10.80 -41.58
CA LEU D 41 7.30 -11.35 -41.17
C LEU D 41 7.47 -11.31 -39.64
N LEU D 42 6.99 -10.26 -38.99
CA LEU D 42 7.11 -10.08 -37.51
C LEU D 42 6.23 -11.11 -36.79
N LEU D 43 4.96 -11.22 -37.18
CA LEU D 43 3.95 -11.96 -36.40
C LEU D 43 3.83 -13.40 -36.90
N ASP D 44 3.46 -14.33 -36.01
CA ASP D 44 3.04 -15.72 -36.31
C ASP D 44 1.94 -15.68 -37.38
N LYS D 45 1.94 -16.68 -38.28
CA LYS D 45 0.93 -16.89 -39.35
C LYS D 45 -0.47 -16.74 -38.74
N ASP D 46 -1.31 -15.89 -39.33
CA ASP D 46 -2.78 -15.76 -39.07
C ASP D 46 -3.06 -15.25 -37.64
N SER D 47 -2.09 -14.64 -36.95
CA SER D 47 -2.30 -14.12 -35.57
C SER D 47 -2.80 -12.67 -35.63
N PHE D 48 -2.51 -11.94 -36.70
CA PHE D 48 -2.72 -10.47 -36.77
C PHE D 48 -4.20 -10.12 -36.75
N GLN D 49 -4.59 -9.22 -35.85
CA GLN D 49 -5.94 -8.64 -35.71
C GLN D 49 -5.78 -7.14 -35.83
N GLU D 50 -6.39 -6.54 -36.84
CA GLU D 50 -6.20 -5.11 -37.18
C GLU D 50 -7.28 -4.29 -36.48
N ILE D 51 -6.92 -3.08 -36.10
CA ILE D 51 -7.80 -2.05 -35.49
C ILE D 51 -7.76 -0.83 -36.44
N GLU D 52 -8.91 -0.23 -36.73
CA GLU D 52 -9.07 1.06 -37.43
C GLU D 52 -8.47 0.97 -38.85
N GLN D 53 -8.57 -0.18 -39.50
CA GLN D 53 -8.22 -0.37 -40.93
C GLN D 53 -8.91 0.69 -41.79
N LEU D 54 -10.18 1.00 -41.52
CA LEU D 54 -10.99 1.88 -42.40
C LEU D 54 -10.95 3.32 -41.95
N ARG D 55 -10.12 3.66 -40.96
CA ARG D 55 -10.00 5.06 -40.50
C ARG D 55 -9.47 5.92 -41.66
N ARG D 56 -10.04 7.11 -41.80
CA ARG D 56 -9.65 8.13 -42.80
C ARG D 56 -9.55 9.49 -42.11
N HIS D 57 -8.74 10.38 -42.66
CA HIS D 57 -8.48 11.71 -42.07
C HIS D 57 -9.74 12.56 -42.24
N ARG D 58 -9.80 13.64 -41.47
CA ARG D 58 -10.92 14.62 -41.51
C ARG D 58 -10.37 16.04 -41.72
N ALA D 59 -9.15 16.19 -42.25
CA ALA D 59 -8.49 17.51 -42.48
C ALA D 59 -9.00 18.08 -43.80
N THR D 60 -9.02 19.40 -43.94
CA THR D 60 -9.60 19.97 -45.18
C THR D 60 -8.77 21.13 -45.71
N GLY D 61 -7.60 20.88 -46.26
CA GLY D 61 -6.90 22.02 -46.86
C GLY D 61 -5.82 21.57 -47.80
N PHE D 62 -5.42 22.39 -48.75
CA PHE D 62 -4.26 22.05 -49.61
C PHE D 62 -4.40 20.69 -50.29
N GLY D 63 -5.58 20.36 -50.80
CA GLY D 63 -5.84 19.10 -51.54
C GLY D 63 -6.12 17.90 -50.67
N LEU D 64 -6.19 18.07 -49.36
CA LEU D 64 -6.40 16.90 -48.47
C LEU D 64 -7.74 16.20 -48.71
N GLU D 65 -8.80 16.96 -48.96
CA GLU D 65 -10.15 16.37 -49.07
C GLU D 65 -10.22 15.34 -50.19
N ALA D 66 -9.39 15.51 -51.20
CA ALA D 66 -9.34 14.65 -52.41
C ALA D 66 -8.60 13.34 -52.12
N LYS D 67 -7.64 13.31 -51.19
CA LYS D 67 -6.79 12.13 -50.89
C LYS D 67 -7.02 11.71 -49.42
N LYS D 68 -8.04 10.87 -49.16
CA LYS D 68 -8.42 10.32 -47.84
C LYS D 68 -8.28 8.80 -47.88
N PRO D 69 -7.06 8.23 -48.03
CA PRO D 69 -6.90 6.79 -48.05
C PRO D 69 -7.22 6.13 -46.70
N TYR D 70 -7.80 4.93 -46.78
CA TYR D 70 -8.09 4.02 -45.66
C TYR D 70 -6.78 3.74 -44.90
N THR D 71 -6.89 3.65 -43.57
CA THR D 71 -5.79 3.43 -42.58
C THR D 71 -5.16 4.78 -42.17
N ASP D 72 -5.34 5.80 -42.98
CA ASP D 72 -4.68 7.12 -42.85
C ASP D 72 -3.16 6.99 -42.66
N GLY D 73 -2.53 5.93 -43.16
CA GLY D 73 -1.05 5.93 -43.27
C GLY D 73 -0.36 5.11 -42.20
N VAL D 74 -1.11 4.48 -41.31
CA VAL D 74 -0.51 3.58 -40.27
C VAL D 74 -1.41 2.36 -40.10
N ILE D 75 -0.81 1.19 -40.01
CA ILE D 75 -1.48 -0.10 -39.70
C ILE D 75 -1.23 -0.37 -38.21
N THR D 76 -2.31 -0.59 -37.45
CA THR D 76 -2.27 -0.86 -36.00
C THR D 76 -3.01 -2.15 -35.68
N GLY D 77 -2.43 -2.98 -34.85
CA GLY D 77 -3.14 -4.15 -34.30
C GLY D 77 -2.25 -4.96 -33.42
N TRP D 78 -2.66 -6.20 -33.15
CA TRP D 78 -1.92 -7.15 -32.29
C TRP D 78 -1.89 -8.51 -32.96
N GLY D 79 -0.92 -9.34 -32.59
CA GLY D 79 -0.85 -10.75 -32.95
C GLY D 79 -0.06 -11.51 -31.92
N THR D 80 0.68 -12.53 -32.34
CA THR D 80 1.55 -13.33 -31.44
C THR D 80 2.93 -13.43 -32.08
N VAL D 81 3.95 -13.52 -31.22
CA VAL D 81 5.33 -13.96 -31.57
C VAL D 81 5.65 -15.12 -30.65
N HIS D 82 5.87 -16.31 -31.22
CA HIS D 82 6.10 -17.57 -30.47
C HIS D 82 4.94 -17.81 -29.48
N GLY D 83 3.72 -17.46 -29.87
CA GLY D 83 2.49 -17.73 -29.09
C GLY D 83 2.13 -16.66 -28.09
N ARG D 84 2.99 -15.66 -27.91
CA ARG D 84 2.80 -14.55 -26.92
C ARG D 84 2.33 -13.28 -27.61
N THR D 85 1.32 -12.64 -27.06
CA THR D 85 0.69 -11.47 -27.68
C THR D 85 1.73 -10.34 -27.79
N VAL D 86 1.74 -9.65 -28.93
CA VAL D 86 2.58 -8.47 -29.23
C VAL D 86 1.71 -7.46 -29.94
N PHE D 87 1.84 -6.18 -29.64
CA PHE D 87 1.13 -5.06 -30.30
C PHE D 87 2.10 -4.43 -31.30
N VAL D 88 1.59 -3.98 -32.44
CA VAL D 88 2.43 -3.44 -33.54
C VAL D 88 1.72 -2.26 -34.20
N TYR D 89 2.50 -1.24 -34.56
CA TYR D 89 2.09 -0.20 -35.52
C TYR D 89 3.19 -0.08 -36.58
N ALA D 90 2.78 0.18 -37.81
CA ALA D 90 3.64 0.18 -39.02
C ALA D 90 3.18 1.32 -39.93
N HIS D 91 4.04 2.31 -40.14
CA HIS D 91 3.77 3.41 -41.09
C HIS D 91 3.69 2.81 -42.51
N ASP D 92 2.78 3.35 -43.32
CA ASP D 92 2.64 3.03 -44.75
C ASP D 92 3.17 4.22 -45.56
N PHE D 93 4.40 4.10 -46.06
CA PHE D 93 5.11 5.20 -46.78
C PHE D 93 4.33 5.62 -48.04
N ARG D 94 3.47 4.72 -48.55
CA ARG D 94 2.64 4.96 -49.78
C ARG D 94 1.62 6.07 -49.52
N ILE D 95 1.28 6.34 -48.27
CA ILE D 95 0.26 7.36 -47.87
C ILE D 95 0.98 8.55 -47.24
N PHE D 96 1.03 9.68 -47.96
CA PHE D 96 1.68 10.95 -47.58
C PHE D 96 3.12 10.72 -47.08
N GLY D 97 3.88 9.80 -47.67
CA GLY D 97 5.27 9.49 -47.26
C GLY D 97 5.35 8.98 -45.84
N GLY D 98 4.27 8.35 -45.34
CA GLY D 98 4.17 7.81 -43.97
C GLY D 98 4.13 8.95 -42.93
N ALA D 99 3.93 10.20 -43.36
CA ALA D 99 3.94 11.38 -42.48
C ALA D 99 2.71 11.35 -41.57
N LEU D 100 2.87 11.96 -40.39
CA LEU D 100 1.93 11.86 -39.25
C LEU D 100 0.80 12.84 -39.47
N GLY D 101 -0.44 12.35 -39.53
CA GLY D 101 -1.66 13.17 -39.47
C GLY D 101 -2.33 13.02 -38.14
N GLU D 102 -3.34 13.83 -37.88
CA GLU D 102 -4.10 13.82 -36.60
C GLU D 102 -4.74 12.45 -36.38
N ALA D 103 -5.44 11.89 -37.36
CA ALA D 103 -6.13 10.60 -37.23
C ALA D 103 -5.12 9.46 -37.07
N HIS D 104 -4.13 9.42 -37.95
CA HIS D 104 -2.93 8.53 -37.91
C HIS D 104 -2.36 8.52 -36.47
N ALA D 105 -2.15 9.69 -35.88
CA ALA D 105 -1.57 9.84 -34.52
C ALA D 105 -2.51 9.21 -33.49
N GLN D 106 -3.79 9.51 -33.55
CA GLN D 106 -4.79 8.96 -32.59
C GLN D 106 -4.83 7.45 -32.70
N LYS D 107 -4.60 6.86 -33.88
CA LYS D 107 -4.56 5.39 -34.04
C LYS D 107 -3.38 4.85 -33.26
N ILE D 108 -2.21 5.51 -33.38
CA ILE D 108 -0.97 5.08 -32.66
C ILE D 108 -1.19 5.24 -31.15
N HIS D 109 -1.75 6.37 -30.71
CA HIS D 109 -2.09 6.59 -29.27
C HIS D 109 -2.90 5.40 -28.76
N LYS D 110 -3.95 5.03 -29.50
CA LYS D 110 -4.93 3.99 -29.08
C LYS D 110 -4.18 2.67 -28.96
N LEU D 111 -3.32 2.37 -29.93
CA LEU D 111 -2.64 1.07 -29.96
C LEU D 111 -1.62 1.00 -28.81
N MET D 112 -0.82 2.05 -28.63
CA MET D 112 0.17 2.12 -27.52
C MET D 112 -0.56 1.92 -26.18
N ASP D 113 -1.69 2.58 -25.99
CA ASP D 113 -2.50 2.45 -24.76
C ASP D 113 -2.93 0.98 -24.60
N MET D 114 -3.26 0.27 -25.67
CA MET D 114 -3.73 -1.13 -25.54
C MET D 114 -2.58 -2.02 -25.09
N ALA D 115 -1.37 -1.77 -25.57
CA ALA D 115 -0.16 -2.53 -25.20
C ALA D 115 0.14 -2.34 -23.70
N ILE D 116 0.09 -1.09 -23.22
CA ILE D 116 0.32 -0.73 -21.79
C ILE D 116 -0.76 -1.40 -20.93
N ALA D 117 -2.02 -1.30 -21.30
CA ALA D 117 -3.17 -1.90 -20.56
C ALA D 117 -3.03 -3.42 -20.49
N ALA D 118 -2.56 -4.08 -21.56
CA ALA D 118 -2.48 -5.55 -21.65
C ALA D 118 -1.19 -6.05 -20.99
N GLY D 119 -0.19 -5.19 -20.83
CA GLY D 119 1.12 -5.62 -20.35
C GLY D 119 1.75 -6.54 -21.34
N ALA D 120 1.91 -6.08 -22.59
CA ALA D 120 2.58 -6.88 -23.65
C ALA D 120 3.49 -5.98 -24.46
N PRO D 121 4.51 -6.55 -25.14
CA PRO D 121 5.46 -5.73 -25.88
C PRO D 121 4.83 -4.91 -27.01
N LEU D 122 5.48 -3.80 -27.33
CA LEU D 122 5.06 -2.82 -28.35
C LEU D 122 6.18 -2.73 -29.39
N VAL D 123 5.89 -3.10 -30.63
CA VAL D 123 6.85 -3.04 -31.76
C VAL D 123 6.38 -1.98 -32.77
N SER D 124 7.26 -1.05 -33.11
CA SER D 124 7.02 -0.05 -34.18
C SER D 124 7.84 -0.47 -35.41
N LEU D 125 7.19 -0.57 -36.57
CA LEU D 125 7.82 -0.81 -37.89
C LEU D 125 7.80 0.52 -38.62
N ASN D 126 8.88 1.29 -38.48
CA ASN D 126 8.91 2.73 -38.80
C ASN D 126 9.32 2.93 -40.26
N ASP D 127 8.52 3.71 -40.97
CA ASP D 127 8.73 4.09 -42.38
C ASP D 127 7.88 5.34 -42.61
N GLY D 128 8.29 6.47 -42.04
CA GLY D 128 7.43 7.68 -42.06
C GLY D 128 7.75 8.55 -40.87
N ALA D 129 8.14 9.77 -41.14
CA ALA D 129 8.61 10.74 -40.14
C ALA D 129 8.12 12.11 -40.60
N GLY D 130 7.94 12.99 -39.62
CA GLY D 130 7.51 14.38 -39.84
C GLY D 130 6.01 14.48 -39.86
N ALA D 131 5.48 15.62 -39.44
CA ALA D 131 4.07 16.02 -39.57
C ALA D 131 3.75 16.17 -41.06
N ARG D 132 2.56 15.73 -41.48
CA ARG D 132 1.96 16.18 -42.75
C ARG D 132 1.90 17.69 -42.75
N ILE D 133 2.62 18.30 -43.67
CA ILE D 133 2.74 19.78 -43.77
C ILE D 133 1.34 20.35 -44.03
N GLN D 134 0.49 19.61 -44.75
CA GLN D 134 -0.89 20.07 -45.11
C GLN D 134 -1.78 20.18 -43.85
N GLU D 135 -1.49 19.41 -42.80
CA GLU D 135 -2.32 19.37 -41.56
C GLU D 135 -1.80 20.41 -40.55
N GLY D 136 -0.51 20.72 -40.60
CA GLY D 136 0.12 21.75 -39.74
C GLY D 136 0.49 21.26 -38.34
N VAL D 137 0.59 22.20 -37.42
CA VAL D 137 1.10 21.98 -36.03
C VAL D 137 0.15 21.06 -35.25
N THR D 138 -1.14 21.17 -35.51
CA THR D 138 -2.19 20.19 -35.09
C THR D 138 -1.66 18.75 -35.21
N ALA D 139 -1.08 18.37 -36.35
CA ALA D 139 -0.58 17.01 -36.62
C ALA D 139 0.75 16.81 -35.87
N LEU D 140 1.61 17.82 -35.87
CA LEU D 140 2.89 17.81 -35.09
C LEU D 140 2.61 17.43 -33.63
N ALA D 141 1.59 18.02 -33.01
CA ALA D 141 1.21 17.76 -31.59
C ALA D 141 0.93 16.29 -31.34
N GLY D 142 0.59 15.52 -32.38
CA GLY D 142 0.39 14.07 -32.28
C GLY D 142 1.63 13.34 -31.76
N TYR D 143 2.83 13.85 -32.03
CA TYR D 143 4.10 13.24 -31.57
C TYR D 143 4.18 13.32 -30.04
N GLY D 144 3.60 14.38 -29.45
CA GLY D 144 3.60 14.58 -28.00
C GLY D 144 3.01 13.38 -27.28
N GLY D 145 1.83 12.94 -27.73
CA GLY D 145 1.13 11.80 -27.13
C GLY D 145 1.92 10.52 -27.31
N ILE D 146 2.65 10.39 -28.42
CA ILE D 146 3.52 9.21 -28.66
C ILE D 146 4.66 9.25 -27.64
N PHE D 147 5.31 10.39 -27.48
CA PHE D 147 6.43 10.58 -26.52
C PHE D 147 5.95 10.24 -25.10
N GLN D 148 4.81 10.80 -24.67
CA GLN D 148 4.27 10.55 -23.30
C GLN D 148 4.11 9.04 -23.10
N ARG D 149 3.63 8.33 -24.12
CA ARG D 149 3.31 6.89 -24.01
C ARG D 149 4.60 6.08 -24.01
N ASN D 150 5.60 6.47 -24.82
CA ASN D 150 6.92 5.82 -24.77
C ASN D 150 7.47 5.95 -23.33
N THR D 151 7.30 7.13 -22.74
CA THR D 151 7.84 7.46 -21.39
C THR D 151 7.08 6.69 -20.31
N ARG D 152 5.75 6.63 -20.35
CA ARG D 152 4.91 5.87 -19.38
C ARG D 152 5.23 4.38 -19.47
N ALA D 153 5.53 3.88 -20.67
CA ALA D 153 5.73 2.44 -20.95
C ALA D 153 7.17 2.04 -20.61
N SER D 154 8.07 3.00 -20.51
CA SER D 154 9.51 2.76 -20.29
C SER D 154 9.72 1.96 -19.01
N GLY D 155 10.31 0.78 -19.13
CA GLY D 155 10.56 -0.16 -18.02
C GLY D 155 9.30 -0.85 -17.55
N VAL D 156 8.20 -0.78 -18.31
CA VAL D 156 6.90 -1.44 -17.96
C VAL D 156 6.64 -2.55 -18.96
N ILE D 157 6.67 -2.22 -20.26
CA ILE D 157 6.61 -3.21 -21.36
C ILE D 157 7.81 -3.00 -22.26
N PRO D 158 8.40 -4.09 -22.81
CA PRO D 158 9.46 -3.95 -23.80
C PRO D 158 8.96 -3.15 -25.01
N GLN D 159 9.74 -2.18 -25.45
CA GLN D 159 9.49 -1.34 -26.62
C GLN D 159 10.63 -1.52 -27.62
N ILE D 160 10.31 -2.05 -28.80
CA ILE D 160 11.27 -2.30 -29.91
C ILE D 160 10.90 -1.38 -31.07
N SER D 161 11.88 -0.64 -31.58
CA SER D 161 11.74 0.25 -32.76
C SER D 161 12.53 -0.35 -33.92
N VAL D 162 11.85 -0.67 -35.03
CA VAL D 162 12.49 -1.19 -36.26
C VAL D 162 12.43 -0.07 -37.29
N MET D 163 13.60 0.44 -37.69
CA MET D 163 13.72 1.56 -38.64
C MET D 163 13.90 0.96 -40.04
N LEU D 164 12.89 1.12 -40.90
CA LEU D 164 12.83 0.47 -42.24
C LEU D 164 12.66 1.52 -43.33
N GLY D 165 12.92 2.79 -43.03
CA GLY D 165 12.76 3.90 -43.99
C GLY D 165 13.45 5.17 -43.48
N PRO D 166 13.28 6.30 -44.18
CA PRO D 166 13.77 7.58 -43.68
C PRO D 166 13.05 7.97 -42.39
N CYS D 167 13.77 8.66 -41.51
CA CYS D 167 13.25 9.18 -40.23
C CYS D 167 13.96 10.50 -39.91
N ALA D 168 13.34 11.62 -40.24
CA ALA D 168 13.90 12.97 -40.08
C ALA D 168 13.11 13.73 -39.01
N GLY D 169 13.82 14.41 -38.10
CA GLY D 169 13.24 15.31 -37.09
C GLY D 169 12.75 14.59 -35.84
N GLY D 170 11.90 15.28 -35.10
CA GLY D 170 11.33 14.87 -33.80
C GLY D 170 10.96 13.41 -33.74
N ALA D 171 10.41 12.84 -34.83
CA ALA D 171 9.95 11.43 -34.88
C ALA D 171 11.05 10.50 -34.36
N ALA D 172 12.33 10.82 -34.61
CA ALA D 172 13.49 9.96 -34.25
C ALA D 172 13.60 9.79 -32.72
N TYR D 173 13.03 10.72 -31.97
CA TYR D 173 13.06 10.70 -30.48
C TYR D 173 12.18 9.56 -29.94
N SER D 174 11.14 9.16 -30.67
CA SER D 174 10.27 8.03 -30.25
C SER D 174 11.13 6.76 -30.13
N PRO D 175 11.84 6.30 -31.18
CA PRO D 175 12.82 5.22 -31.01
C PRO D 175 13.87 5.39 -29.90
N ALA D 176 14.38 6.61 -29.72
CA ALA D 176 15.35 6.94 -28.65
C ALA D 176 14.77 6.64 -27.26
N LEU D 177 13.45 6.78 -27.09
CA LEU D 177 12.76 6.50 -25.80
C LEU D 177 12.47 5.00 -25.64
N THR D 178 12.64 4.18 -26.65
CA THR D 178 12.31 2.73 -26.59
C THR D 178 13.56 1.99 -26.07
N ASP D 179 13.47 0.69 -25.91
CA ASP D 179 14.52 -0.15 -25.25
C ASP D 179 15.56 -0.56 -26.29
N PHE D 180 15.12 -0.92 -27.50
CA PHE D 180 15.99 -1.48 -28.56
C PHE D 180 15.62 -0.86 -29.90
N VAL D 181 16.63 -0.35 -30.61
CA VAL D 181 16.49 0.21 -31.99
C VAL D 181 17.20 -0.71 -32.99
N PHE D 182 16.47 -1.25 -33.95
CA PHE D 182 16.98 -2.03 -35.10
C PHE D 182 16.95 -1.14 -36.36
N MET D 183 18.02 -1.21 -37.18
CA MET D 183 18.09 -0.47 -38.47
C MET D 183 18.49 -1.42 -39.61
N VAL D 184 17.99 -1.13 -40.80
CA VAL D 184 18.37 -1.86 -42.04
C VAL D 184 19.30 -0.95 -42.86
N ARG D 185 20.47 -1.44 -43.23
CA ARG D 185 21.50 -0.68 -44.01
C ARG D 185 20.93 -0.32 -45.39
N GLY D 186 21.18 0.88 -45.87
CA GLY D 186 20.77 1.35 -47.21
C GLY D 186 19.40 1.98 -47.16
N THR D 187 18.38 1.25 -46.68
CA THR D 187 16.95 1.66 -46.82
C THR D 187 16.49 2.54 -45.64
N SER D 188 17.21 2.53 -44.49
CA SER D 188 16.82 3.29 -43.27
C SER D 188 17.88 4.34 -42.91
N GLN D 189 17.41 5.50 -42.44
CA GLN D 189 18.25 6.60 -41.91
C GLN D 189 17.49 7.29 -40.77
N MET D 190 18.23 7.89 -39.83
CA MET D 190 17.70 8.73 -38.73
C MET D 190 18.58 9.98 -38.59
N PHE D 191 17.98 11.16 -38.61
CA PHE D 191 18.66 12.40 -38.17
C PHE D 191 17.59 13.39 -37.71
N ILE D 192 17.99 14.34 -36.87
CA ILE D 192 17.07 15.39 -36.36
C ILE D 192 17.01 16.50 -37.39
N THR D 193 18.16 16.89 -37.94
CA THR D 193 18.29 17.94 -38.97
C THR D 193 18.96 17.31 -40.21
N GLY D 194 18.31 17.39 -41.36
CA GLY D 194 18.70 16.69 -42.60
C GLY D 194 19.86 17.37 -43.35
N PRO D 195 20.37 16.69 -44.41
CA PRO D 195 21.58 17.16 -45.11
C PRO D 195 21.37 18.53 -45.79
N ASP D 196 20.18 18.81 -46.28
CA ASP D 196 19.75 20.11 -46.87
C ASP D 196 20.17 21.23 -45.91
N VAL D 197 19.68 21.17 -44.67
CA VAL D 197 19.88 22.25 -43.67
C VAL D 197 21.35 22.26 -43.20
N VAL D 198 22.04 21.11 -43.17
CA VAL D 198 23.45 21.09 -42.70
C VAL D 198 24.31 21.84 -43.71
N ARG D 199 24.10 21.62 -45.01
CA ARG D 199 24.78 22.32 -46.14
C ARG D 199 24.57 23.83 -45.99
N ALA D 200 23.32 24.29 -45.96
CA ALA D 200 22.90 25.71 -45.86
C ALA D 200 23.55 26.40 -44.64
N VAL D 201 23.72 25.71 -43.51
CA VAL D 201 24.16 26.34 -42.23
C VAL D 201 25.67 26.15 -42.04
N THR D 202 26.18 24.92 -42.11
CA THR D 202 27.60 24.61 -41.74
C THR D 202 28.49 24.65 -43.00
N GLY D 203 27.93 24.38 -44.18
CA GLY D 203 28.69 24.24 -45.45
C GLY D 203 29.30 22.86 -45.62
N GLU D 204 29.02 21.91 -44.71
CA GLU D 204 29.39 20.47 -44.82
C GLU D 204 28.54 19.81 -45.92
N GLU D 205 29.15 19.00 -46.77
CA GLU D 205 28.48 18.28 -47.90
C GLU D 205 28.38 16.81 -47.48
N ILE D 206 27.16 16.27 -47.38
CA ILE D 206 26.93 14.90 -46.84
C ILE D 206 25.59 14.38 -47.38
N GLY D 207 25.56 13.07 -47.70
CA GLY D 207 24.35 12.34 -48.08
C GLY D 207 23.53 11.94 -46.85
N GLN D 208 22.32 11.47 -47.05
CA GLN D 208 21.44 10.91 -45.99
C GLN D 208 22.15 9.71 -45.30
N GLU D 209 22.79 8.83 -46.07
CA GLU D 209 23.44 7.59 -45.55
C GLU D 209 24.67 7.96 -44.70
N GLY D 210 25.42 8.98 -45.11
CA GLY D 210 26.64 9.42 -44.39
C GLY D 210 26.27 10.13 -43.10
N LEU D 211 25.12 10.81 -43.06
CA LEU D 211 24.65 11.62 -41.91
C LEU D 211 24.01 10.71 -40.84
N GLY D 212 23.16 9.77 -41.25
CA GLY D 212 22.32 9.02 -40.31
C GLY D 212 21.97 7.62 -40.77
N GLY D 213 22.83 6.97 -41.54
CA GLY D 213 22.61 5.58 -41.99
C GLY D 213 22.79 4.59 -40.85
N ALA D 214 22.40 3.34 -41.08
CA ALA D 214 22.49 2.25 -40.09
C ALA D 214 23.94 2.09 -39.61
N ASP D 215 24.93 2.30 -40.47
CA ASP D 215 26.36 2.12 -40.09
C ASP D 215 26.78 3.27 -39.15
N VAL D 216 26.35 4.49 -39.40
CA VAL D 216 26.61 5.64 -38.49
C VAL D 216 26.09 5.32 -37.08
N HIS D 217 24.83 4.87 -36.96
CA HIS D 217 24.10 4.76 -35.67
C HIS D 217 24.50 3.46 -34.95
N SER D 218 24.93 2.46 -35.70
CA SER D 218 25.36 1.13 -35.25
C SER D 218 26.79 1.18 -34.68
N ARG D 219 27.66 2.04 -35.22
CA ARG D 219 29.12 2.05 -34.96
C ARG D 219 29.59 3.33 -34.25
N THR D 220 28.97 4.48 -34.49
CA THR D 220 29.50 5.80 -34.05
C THR D 220 28.57 6.44 -33.00
N SER D 221 27.27 6.59 -33.28
CA SER D 221 26.35 7.40 -32.45
C SER D 221 25.82 6.57 -31.27
N GLY D 222 25.69 5.26 -31.44
CA GLY D 222 25.09 4.38 -30.41
C GLY D 222 23.57 4.37 -30.43
N VAL D 223 22.93 5.09 -31.35
CA VAL D 223 21.45 5.18 -31.44
C VAL D 223 20.86 3.83 -31.82
N ALA D 224 21.56 3.03 -32.63
CA ALA D 224 21.03 1.73 -33.12
C ALA D 224 21.72 0.59 -32.38
N HIS D 225 20.94 -0.28 -31.75
CA HIS D 225 21.41 -1.45 -30.97
C HIS D 225 21.78 -2.57 -31.92
N PHE D 226 21.11 -2.61 -33.08
CA PHE D 226 21.29 -3.67 -34.12
C PHE D 226 21.20 -3.06 -35.52
N ALA D 227 21.93 -3.63 -36.47
CA ALA D 227 21.94 -3.25 -37.90
C ALA D 227 22.03 -4.54 -38.73
N TYR D 228 21.29 -4.59 -39.84
CA TYR D 228 21.15 -5.79 -40.69
C TYR D 228 21.17 -5.35 -42.16
N ASP D 229 21.50 -6.27 -43.06
CA ASP D 229 21.65 -5.99 -44.52
C ASP D 229 20.25 -5.90 -45.17
N ASP D 230 19.28 -6.62 -44.62
CA ASP D 230 17.91 -6.72 -45.21
C ASP D 230 16.86 -6.79 -44.11
N GLU D 231 15.60 -6.53 -44.50
CA GLU D 231 14.42 -6.49 -43.59
C GLU D 231 14.16 -7.91 -43.04
N GLU D 232 14.39 -8.94 -43.83
CA GLU D 232 13.99 -10.33 -43.48
C GLU D 232 14.79 -10.78 -42.26
N THR D 233 16.11 -10.57 -42.25
CA THR D 233 17.03 -10.97 -41.16
C THR D 233 16.70 -10.11 -39.93
N CYS D 234 16.49 -8.82 -40.14
CA CYS D 234 16.15 -7.84 -39.09
C CYS D 234 14.94 -8.32 -38.30
N LEU D 235 13.84 -8.65 -38.99
CA LEU D 235 12.56 -9.04 -38.34
C LEU D 235 12.67 -10.45 -37.75
N GLU D 236 13.55 -11.30 -38.27
CA GLU D 236 13.86 -12.62 -37.66
C GLU D 236 14.49 -12.39 -36.28
N GLU D 237 15.40 -11.43 -36.17
CA GLU D 237 16.16 -11.13 -34.93
C GLU D 237 15.25 -10.38 -33.94
N VAL D 238 14.31 -9.58 -34.41
CA VAL D 238 13.28 -8.96 -33.53
C VAL D 238 12.50 -10.07 -32.83
N ARG D 239 12.09 -11.11 -33.56
CA ARG D 239 11.34 -12.25 -32.98
C ARG D 239 12.23 -12.97 -31.96
N PHE D 240 13.52 -13.08 -32.24
CA PHE D 240 14.47 -13.81 -31.35
C PHE D 240 14.63 -13.01 -30.06
N LEU D 241 14.82 -11.70 -30.17
CA LEU D 241 14.90 -10.78 -28.99
C LEU D 241 13.61 -10.92 -28.15
N LEU D 242 12.43 -10.88 -28.76
CA LEU D 242 11.14 -11.01 -28.04
C LEU D 242 11.11 -12.33 -27.26
N SER D 243 11.72 -13.40 -27.76
CA SER D 243 11.71 -14.74 -27.12
C SER D 243 12.59 -14.74 -25.85
N MET D 244 13.46 -13.75 -25.70
CA MET D 244 14.41 -13.59 -24.57
C MET D 244 13.91 -12.55 -23.56
N LEU D 245 12.83 -11.84 -23.85
CA LEU D 245 12.30 -10.77 -22.99
C LEU D 245 11.00 -11.23 -22.36
N PRO D 246 10.63 -10.73 -21.17
CA PRO D 246 9.30 -10.98 -20.63
C PRO D 246 8.26 -10.12 -21.36
N ALA D 247 6.98 -10.36 -21.11
CA ALA D 247 5.88 -9.57 -21.68
C ALA D 247 5.87 -8.19 -21.03
N ASN D 248 6.26 -8.10 -19.76
CA ASN D 248 6.14 -6.85 -18.96
C ASN D 248 7.02 -6.98 -17.72
N ASN D 249 7.08 -5.94 -16.89
CA ASN D 249 8.01 -5.87 -15.74
C ASN D 249 7.50 -6.70 -14.56
N ARG D 250 6.35 -7.36 -14.64
CA ARG D 250 5.84 -8.23 -13.54
C ARG D 250 6.22 -9.71 -13.77
N GLU D 251 6.96 -10.03 -14.85
CA GLU D 251 7.33 -11.43 -15.20
C GLU D 251 8.83 -11.53 -15.39
N SER D 252 9.37 -12.74 -15.33
CA SER D 252 10.77 -13.03 -15.73
C SER D 252 10.75 -13.43 -17.21
N ALA D 253 11.88 -13.32 -17.89
CA ALA D 253 12.01 -13.81 -19.27
C ALA D 253 11.63 -15.29 -19.28
N PRO D 254 10.94 -15.77 -20.33
CA PRO D 254 10.44 -17.14 -20.35
C PRO D 254 11.61 -18.13 -20.44
N ALA D 255 11.62 -19.15 -19.59
CA ALA D 255 12.62 -20.24 -19.56
C ALA D 255 12.31 -21.24 -20.68
N VAL D 256 13.34 -21.91 -21.21
CA VAL D 256 13.19 -22.99 -22.23
C VAL D 256 13.83 -24.26 -21.66
N PRO D 257 13.45 -25.46 -22.15
CA PRO D 257 14.18 -26.68 -21.79
C PRO D 257 15.61 -26.57 -22.36
N CYS D 258 16.56 -27.14 -21.64
CA CYS D 258 18.01 -27.08 -21.96
C CYS D 258 18.61 -28.49 -21.92
N ASP D 259 19.16 -28.92 -23.05
CA ASP D 259 19.92 -30.18 -23.23
C ASP D 259 21.40 -30.03 -22.84
N ASP D 260 21.89 -28.80 -22.81
CA ASP D 260 23.32 -28.49 -22.53
C ASP D 260 23.55 -28.65 -21.03
N PRO D 261 24.30 -29.68 -20.57
CA PRO D 261 24.36 -29.98 -19.14
C PRO D 261 24.90 -28.79 -18.33
N ALA D 262 24.35 -28.59 -17.13
CA ALA D 262 24.75 -27.51 -16.21
C ALA D 262 26.21 -27.71 -15.77
N ASP D 263 26.73 -28.95 -15.79
CA ASP D 263 28.04 -29.34 -15.23
C ASP D 263 29.07 -29.50 -16.35
N ARG D 264 28.76 -29.08 -17.58
CA ARG D 264 29.72 -29.15 -18.71
C ARG D 264 30.95 -28.29 -18.40
N ARG D 265 32.13 -28.91 -18.31
CA ARG D 265 33.38 -28.24 -17.89
C ARG D 265 33.89 -27.43 -19.08
N GLY D 266 34.58 -26.32 -18.81
CA GLY D 266 35.09 -25.39 -19.83
C GLY D 266 36.60 -25.46 -19.92
N GLN D 267 37.15 -26.64 -20.20
CA GLN D 267 38.62 -26.90 -20.20
C GLN D 267 39.26 -26.05 -21.33
N ALA D 268 38.49 -25.69 -22.36
CA ALA D 268 38.95 -24.81 -23.47
C ALA D 268 39.34 -23.42 -22.97
N LEU D 269 38.79 -22.99 -21.82
CA LEU D 269 39.06 -21.62 -21.26
C LEU D 269 40.53 -21.54 -20.83
N TYR D 270 41.17 -22.66 -20.49
CA TYR D 270 42.60 -22.72 -20.11
C TYR D 270 43.45 -22.15 -21.26
N ASP D 271 43.08 -22.44 -22.52
CA ASP D 271 43.83 -22.01 -23.74
C ASP D 271 43.33 -20.63 -24.22
N LEU D 272 42.02 -20.36 -24.15
CA LEU D 272 41.41 -19.13 -24.72
C LEU D 272 41.94 -17.89 -24.00
N VAL D 273 42.22 -18.00 -22.69
CA VAL D 273 42.63 -16.84 -21.84
C VAL D 273 44.09 -17.05 -21.45
N PRO D 274 45.03 -16.29 -22.03
CA PRO D 274 46.42 -16.33 -21.59
C PRO D 274 46.58 -16.01 -20.08
N ALA D 275 47.49 -16.70 -19.39
CA ALA D 275 47.97 -16.31 -18.04
C ALA D 275 48.87 -15.07 -18.17
N ASP D 276 49.53 -14.85 -19.33
CA ASP D 276 50.28 -13.60 -19.65
C ASP D 276 49.31 -12.42 -19.82
N GLY D 277 49.25 -11.51 -18.84
CA GLY D 277 48.28 -10.40 -18.75
C GLY D 277 48.42 -9.37 -19.86
N ASN D 278 49.52 -9.39 -20.63
CA ASN D 278 49.79 -8.43 -21.73
C ASN D 278 49.08 -8.87 -23.02
N ARG D 279 48.84 -10.18 -23.20
CA ARG D 279 48.32 -10.77 -24.47
C ARG D 279 46.79 -10.69 -24.49
N PRO D 280 46.17 -10.18 -25.57
CA PRO D 280 44.70 -10.11 -25.63
C PRO D 280 44.03 -11.44 -26.00
N TYR D 281 42.70 -11.46 -25.99
CA TYR D 281 41.82 -12.58 -26.44
C TYR D 281 40.44 -11.99 -26.76
N ASP D 282 39.61 -12.76 -27.46
CA ASP D 282 38.20 -12.38 -27.75
C ASP D 282 37.37 -12.87 -26.57
N MET D 283 36.86 -11.95 -25.74
CA MET D 283 36.00 -12.28 -24.57
C MET D 283 34.74 -13.01 -25.04
N ARG D 284 34.31 -12.81 -26.27
CA ARG D 284 33.12 -13.53 -26.83
C ARG D 284 33.37 -15.02 -26.89
N ALA D 285 34.62 -15.43 -27.11
CA ALA D 285 34.99 -16.86 -27.16
C ALA D 285 34.78 -17.46 -25.76
N VAL D 286 35.07 -16.70 -24.70
CA VAL D 286 34.81 -17.10 -23.29
C VAL D 286 33.31 -17.26 -23.07
N ILE D 287 32.53 -16.26 -23.48
CA ILE D 287 31.05 -16.26 -23.30
C ILE D 287 30.48 -17.49 -24.02
N GLU D 288 30.94 -17.74 -25.26
CA GLU D 288 30.44 -18.85 -26.12
C GLU D 288 30.73 -20.21 -25.46
N GLU D 289 31.85 -20.34 -24.76
CA GLU D 289 32.18 -21.58 -24.00
C GLU D 289 31.18 -21.79 -22.88
N ILE D 290 30.82 -20.73 -22.16
CA ILE D 290 30.10 -20.73 -20.85
C ILE D 290 28.59 -20.91 -21.06
N VAL D 291 27.98 -20.21 -22.02
CA VAL D 291 26.49 -20.09 -22.13
C VAL D 291 25.91 -21.30 -22.87
N ASP D 292 24.61 -21.54 -22.73
CA ASP D 292 23.90 -22.67 -23.41
C ASP D 292 24.20 -22.62 -24.91
N ASP D 293 24.81 -23.70 -25.43
CA ASP D 293 24.99 -24.01 -26.87
C ASP D 293 25.83 -22.91 -27.56
N GLY D 294 26.59 -22.10 -26.81
CA GLY D 294 27.36 -20.98 -27.37
C GLY D 294 26.49 -19.90 -28.01
N THR D 295 25.18 -19.91 -27.77
CA THR D 295 24.22 -18.93 -28.36
C THR D 295 24.13 -17.68 -27.46
N HIS D 296 24.31 -16.50 -28.06
CA HIS D 296 24.05 -15.19 -27.42
C HIS D 296 23.64 -14.15 -28.46
N LEU D 297 22.80 -13.20 -28.07
CA LEU D 297 22.36 -12.08 -28.92
C LEU D 297 23.04 -10.80 -28.41
N GLU D 298 24.09 -10.37 -29.10
CA GLU D 298 24.93 -9.24 -28.67
C GLU D 298 24.17 -7.95 -28.99
N VAL D 299 24.09 -7.02 -28.04
CA VAL D 299 23.44 -5.70 -28.30
C VAL D 299 24.54 -4.67 -28.40
N HIS D 300 24.38 -3.71 -29.31
CA HIS D 300 25.43 -2.71 -29.64
C HIS D 300 26.72 -3.43 -30.02
N GLU D 301 26.61 -4.54 -30.76
CA GLU D 301 27.78 -5.37 -31.18
C GLU D 301 28.89 -4.47 -31.77
N ARG D 302 28.55 -3.49 -32.59
CA ARG D 302 29.52 -2.74 -33.41
C ARG D 302 29.75 -1.36 -32.80
N TRP D 303 29.18 -1.05 -31.64
CA TRP D 303 29.45 0.23 -30.92
C TRP D 303 30.23 -0.05 -29.63
N ALA D 304 31.22 0.79 -29.33
CA ALA D 304 32.03 0.69 -28.10
C ALA D 304 32.41 -0.78 -27.89
N THR D 305 33.17 -1.35 -28.82
CA THR D 305 33.52 -2.80 -28.83
C THR D 305 34.48 -3.14 -27.69
N ASN D 306 34.98 -2.13 -26.96
CA ASN D 306 35.77 -2.33 -25.71
C ASN D 306 34.91 -2.97 -24.61
N VAL D 307 33.57 -3.00 -24.76
CA VAL D 307 32.65 -3.76 -23.86
C VAL D 307 31.72 -4.61 -24.68
N ILE D 308 31.32 -5.73 -24.12
CA ILE D 308 30.29 -6.65 -24.65
C ILE D 308 29.08 -6.61 -23.72
N CYS D 309 27.92 -6.34 -24.30
CA CYS D 309 26.61 -6.55 -23.67
C CYS D 309 25.87 -7.59 -24.49
N THR D 310 25.47 -8.71 -23.92
CA THR D 310 24.79 -9.77 -24.70
C THR D 310 23.78 -10.53 -23.84
N LEU D 311 22.71 -10.99 -24.47
CA LEU D 311 21.65 -11.83 -23.87
C LEU D 311 21.90 -13.28 -24.29
N ALA D 312 21.90 -14.19 -23.33
CA ALA D 312 22.22 -15.61 -23.51
C ALA D 312 21.35 -16.38 -22.53
N ARG D 313 21.51 -17.70 -22.48
CA ARG D 313 20.79 -18.53 -21.50
C ARG D 313 21.83 -19.37 -20.77
N LEU D 314 21.58 -19.61 -19.47
CA LEU D 314 22.33 -20.53 -18.60
C LEU D 314 21.30 -21.49 -18.00
N ASP D 315 21.38 -22.78 -18.33
CA ASP D 315 20.42 -23.81 -17.92
C ASP D 315 19.01 -23.41 -18.34
N GLY D 316 18.86 -22.78 -19.51
CA GLY D 316 17.55 -22.48 -20.14
C GLY D 316 16.96 -21.14 -19.70
N LYS D 317 17.63 -20.43 -18.78
CA LYS D 317 17.11 -19.18 -18.15
C LYS D 317 17.89 -18.01 -18.75
N VAL D 318 17.21 -16.96 -19.20
CA VAL D 318 17.87 -15.76 -19.77
C VAL D 318 18.80 -15.13 -18.74
N VAL D 319 19.96 -14.67 -19.19
CA VAL D 319 20.94 -13.82 -18.44
C VAL D 319 21.41 -12.73 -19.37
N GLY D 320 21.75 -11.60 -18.79
CA GLY D 320 22.48 -10.52 -19.47
C GLY D 320 23.92 -10.54 -19.03
N ILE D 321 24.85 -10.41 -19.97
CA ILE D 321 26.30 -10.50 -19.68
C ILE D 321 26.94 -9.18 -20.10
N VAL D 322 27.64 -8.54 -19.17
CA VAL D 322 28.49 -7.36 -19.43
C VAL D 322 29.93 -7.85 -19.25
N ALA D 323 30.81 -7.60 -20.21
CA ALA D 323 32.19 -8.10 -20.17
C ALA D 323 33.12 -7.14 -20.91
N ASN D 324 34.26 -6.86 -20.31
CA ASN D 324 35.36 -6.14 -21.00
C ASN D 324 35.87 -7.02 -22.16
N GLN D 325 36.28 -6.36 -23.25
CA GLN D 325 36.83 -7.00 -24.48
C GLN D 325 38.31 -6.62 -24.56
N PRO D 326 39.24 -7.45 -24.05
CA PRO D 326 40.66 -7.10 -24.06
C PRO D 326 41.25 -6.86 -25.46
N GLN D 327 40.67 -7.47 -26.49
CA GLN D 327 41.00 -7.25 -27.94
C GLN D 327 40.84 -5.80 -28.39
N SER D 328 39.99 -5.00 -27.74
CA SER D 328 39.57 -3.67 -28.26
C SER D 328 39.86 -2.61 -27.19
N LEU D 329 40.72 -1.64 -27.48
CA LEU D 329 41.26 -0.62 -26.54
C LEU D 329 41.72 -1.27 -25.22
N ALA D 330 42.23 -2.50 -25.27
CA ALA D 330 42.81 -3.23 -24.12
C ALA D 330 41.75 -3.46 -23.02
N GLY D 331 40.47 -3.36 -23.38
CA GLY D 331 39.34 -3.62 -22.46
C GLY D 331 39.10 -2.48 -21.48
N VAL D 332 39.65 -1.30 -21.73
CA VAL D 332 39.38 -0.11 -20.86
C VAL D 332 37.90 0.26 -20.98
N LEU D 333 37.37 0.89 -19.94
CA LEU D 333 36.08 1.61 -20.01
C LEU D 333 36.36 3.02 -20.50
N ASP D 334 35.50 3.54 -21.36
CA ASP D 334 35.53 4.94 -21.86
C ASP D 334 34.10 5.45 -21.78
N ILE D 335 33.85 6.65 -22.30
CA ILE D 335 32.49 7.27 -22.33
C ILE D 335 31.52 6.29 -23.00
N ALA D 336 31.83 5.88 -24.22
CA ALA D 336 30.91 5.12 -25.09
C ALA D 336 30.57 3.79 -24.41
N ALA D 337 31.55 3.04 -23.96
CA ALA D 337 31.37 1.74 -23.26
C ALA D 337 30.50 1.91 -22.00
N SER D 338 30.73 2.98 -21.23
CA SER D 338 29.95 3.29 -20.01
C SER D 338 28.49 3.52 -20.40
N GLU D 339 28.25 4.32 -21.44
CA GLU D 339 26.87 4.60 -21.93
C GLU D 339 26.23 3.28 -22.38
N LYS D 340 26.96 2.47 -23.16
CA LYS D 340 26.44 1.20 -23.71
C LYS D 340 26.04 0.25 -22.58
N ALA D 341 26.92 0.04 -21.60
CA ALA D 341 26.71 -0.92 -20.49
C ALA D 341 25.62 -0.40 -19.54
N ALA D 342 25.61 0.90 -19.26
CA ALA D 342 24.60 1.53 -18.39
C ALA D 342 23.20 1.25 -18.94
N SER D 343 23.03 1.48 -20.24
CA SER D 343 21.77 1.28 -20.97
C SER D 343 21.35 -0.19 -20.85
N PHE D 344 22.28 -1.11 -21.04
CA PHE D 344 22.01 -2.57 -21.04
C PHE D 344 21.64 -3.03 -19.62
N VAL D 345 22.40 -2.60 -18.61
CA VAL D 345 22.16 -3.01 -17.20
C VAL D 345 20.77 -2.52 -16.78
N GLN D 346 20.45 -1.27 -17.09
CA GLN D 346 19.16 -0.62 -16.75
C GLN D 346 18.02 -1.44 -17.36
N THR D 347 18.11 -1.81 -18.64
CA THR D 347 17.07 -2.56 -19.37
C THR D 347 16.88 -3.93 -18.74
N CYS D 348 17.96 -4.69 -18.55
CA CYS D 348 17.90 -6.04 -17.93
C CYS D 348 17.24 -5.92 -16.54
N ASP D 349 17.69 -4.96 -15.75
CA ASP D 349 17.18 -4.75 -14.37
C ASP D 349 15.66 -4.57 -14.45
N SER D 350 15.18 -3.70 -15.33
CA SER D 350 13.74 -3.32 -15.34
C SER D 350 12.90 -4.51 -15.84
N PHE D 351 13.49 -5.43 -16.61
CA PHE D 351 12.77 -6.62 -17.12
C PHE D 351 13.24 -7.91 -16.45
N ASN D 352 13.76 -7.82 -15.22
CA ASN D 352 13.97 -8.97 -14.31
C ASN D 352 14.92 -10.00 -14.91
N ILE D 353 15.87 -9.55 -15.73
CA ILE D 353 16.93 -10.41 -16.31
C ILE D 353 18.16 -10.31 -15.41
N PRO D 354 18.61 -11.45 -14.86
CA PRO D 354 19.83 -11.51 -14.07
C PRO D 354 21.06 -10.99 -14.83
N LEU D 355 22.04 -10.44 -14.11
CA LEU D 355 23.26 -9.84 -14.68
C LEU D 355 24.49 -10.61 -14.20
N VAL D 356 25.34 -11.00 -15.15
CA VAL D 356 26.68 -11.58 -14.92
C VAL D 356 27.69 -10.64 -15.56
N THR D 357 28.65 -10.17 -14.76
CA THR D 357 29.71 -9.23 -15.21
C THR D 357 31.04 -9.98 -15.21
N LEU D 358 31.73 -10.05 -16.35
CA LEU D 358 33.08 -10.65 -16.48
C LEU D 358 34.11 -9.52 -16.61
N LEU D 359 35.04 -9.42 -15.66
CA LEU D 359 36.04 -8.32 -15.61
C LEU D 359 37.37 -8.77 -16.22
N ASP D 360 37.91 -7.92 -17.08
CA ASP D 360 39.34 -7.91 -17.46
C ASP D 360 39.63 -6.48 -17.91
N VAL D 361 39.79 -5.59 -16.94
CA VAL D 361 39.74 -4.12 -17.14
C VAL D 361 40.93 -3.49 -16.43
N PRO D 362 41.82 -2.82 -17.18
CA PRO D 362 43.01 -2.17 -16.61
C PRO D 362 42.77 -0.77 -16.03
N GLY D 363 41.64 -0.15 -16.38
CA GLY D 363 41.28 1.21 -15.95
C GLY D 363 40.37 1.87 -16.95
N PHE D 364 40.36 3.19 -16.96
CA PHE D 364 39.57 4.03 -17.91
C PHE D 364 40.50 4.57 -19.00
N LEU D 365 39.93 4.90 -20.17
CA LEU D 365 40.68 5.49 -21.30
C LEU D 365 41.15 6.87 -20.89
N PRO D 366 42.47 7.11 -20.88
CA PRO D 366 43.01 8.42 -20.56
C PRO D 366 42.93 9.39 -21.75
N GLY D 367 42.83 10.67 -21.47
CA GLY D 367 42.94 11.69 -22.51
C GLY D 367 42.13 12.92 -22.21
N VAL D 368 42.54 14.05 -22.78
CA VAL D 368 41.77 15.32 -22.78
C VAL D 368 40.37 15.04 -23.35
N ASP D 369 40.30 14.28 -24.44
CA ASP D 369 39.02 13.97 -25.14
C ASP D 369 38.02 13.40 -24.13
N GLN D 370 38.45 12.40 -23.35
CA GLN D 370 37.60 11.72 -22.36
C GLN D 370 37.20 12.67 -21.23
N GLU D 371 38.14 13.43 -20.63
CA GLU D 371 37.85 14.26 -19.44
C GLU D 371 36.99 15.46 -19.86
N HIS D 372 37.28 16.08 -21.00
CA HIS D 372 36.59 17.30 -21.52
C HIS D 372 35.16 16.96 -21.98
N ASN D 373 34.91 15.74 -22.45
CA ASN D 373 33.55 15.32 -22.89
C ASN D 373 32.83 14.60 -21.77
N GLY D 374 33.41 14.55 -20.56
CA GLY D 374 32.71 14.20 -19.31
C GLY D 374 32.68 12.71 -18.95
N ILE D 375 33.78 11.98 -19.07
CA ILE D 375 33.89 10.57 -18.56
C ILE D 375 33.41 10.56 -17.10
N ILE D 376 33.62 11.62 -16.32
CA ILE D 376 33.19 11.63 -14.89
C ILE D 376 31.67 11.43 -14.83
N ARG D 377 30.89 12.12 -15.66
CA ARG D 377 29.42 11.98 -15.59
C ARG D 377 28.93 10.78 -16.41
N HIS D 378 29.62 10.37 -17.48
CA HIS D 378 29.19 9.21 -18.31
C HIS D 378 29.57 7.90 -17.60
N GLY D 379 30.74 7.81 -17.01
CA GLY D 379 31.14 6.62 -16.22
C GLY D 379 30.17 6.38 -15.06
N ALA D 380 29.69 7.48 -14.44
CA ALA D 380 28.78 7.43 -13.29
C ALA D 380 27.46 6.77 -13.71
N LYS D 381 27.10 6.80 -14.99
CA LYS D 381 25.83 6.17 -15.49
C LYS D 381 25.86 4.66 -15.25
N LEU D 382 26.98 4.03 -15.59
CA LEU D 382 27.16 2.56 -15.38
C LEU D 382 27.12 2.25 -13.88
N LEU D 383 27.84 3.05 -13.10
CA LEU D 383 27.91 2.91 -11.63
C LEU D 383 26.48 2.98 -11.04
N TYR D 384 25.71 3.98 -11.44
CA TYR D 384 24.32 4.22 -10.97
C TYR D 384 23.47 3.01 -11.36
N ALA D 385 23.54 2.58 -12.62
CA ALA D 385 22.72 1.45 -13.12
C ALA D 385 22.97 0.19 -12.27
N TYR D 386 24.23 -0.15 -11.97
CA TYR D 386 24.56 -1.33 -11.14
C TYR D 386 24.10 -1.08 -9.69
N CYS D 387 24.42 0.06 -9.08
CA CYS D 387 24.06 0.37 -7.67
C CYS D 387 22.54 0.26 -7.50
N ASN D 388 21.79 0.71 -8.50
CA ASN D 388 20.31 0.80 -8.45
C ASN D 388 19.66 -0.53 -8.84
N ALA D 389 20.42 -1.52 -9.32
CA ALA D 389 19.90 -2.78 -9.86
C ALA D 389 19.49 -3.73 -8.73
N THR D 390 18.38 -4.44 -8.90
CA THR D 390 17.81 -5.35 -7.88
C THR D 390 17.69 -6.77 -8.38
N VAL D 391 17.92 -7.04 -9.66
CA VAL D 391 18.01 -8.42 -10.18
C VAL D 391 19.21 -9.12 -9.53
N PRO D 392 19.27 -10.46 -9.56
CA PRO D 392 20.48 -11.19 -9.19
C PRO D 392 21.68 -10.65 -9.97
N ARG D 393 22.79 -10.46 -9.27
CA ARG D 393 24.03 -9.89 -9.85
C ARG D 393 25.23 -10.71 -9.42
N ILE D 394 25.98 -11.27 -10.37
CA ILE D 394 27.25 -12.00 -10.12
C ILE D 394 28.36 -11.35 -10.91
N SER D 395 29.47 -11.02 -10.27
CA SER D 395 30.72 -10.56 -10.95
C SER D 395 31.76 -11.67 -10.85
N LEU D 396 32.60 -11.77 -11.89
CA LEU D 396 33.67 -12.78 -12.02
C LEU D 396 34.89 -12.07 -12.60
N VAL D 397 35.98 -11.99 -11.84
CA VAL D 397 37.25 -11.38 -12.34
C VAL D 397 38.07 -12.48 -13.03
N LEU D 398 38.32 -12.33 -14.34
CA LEU D 398 39.14 -13.27 -15.14
C LEU D 398 40.62 -12.92 -14.93
N ARG D 399 40.96 -11.66 -15.21
CA ARG D 399 42.35 -11.19 -15.04
C ARG D 399 42.46 -9.85 -14.30
N LYS D 400 42.55 -8.74 -15.02
CA LYS D 400 42.82 -7.43 -14.37
C LYS D 400 41.49 -6.87 -13.85
N ALA D 401 41.57 -6.21 -12.70
CA ALA D 401 40.49 -5.39 -12.11
C ALA D 401 41.17 -4.31 -11.28
N TYR D 402 41.45 -3.16 -11.88
CA TYR D 402 42.27 -2.09 -11.27
C TYR D 402 41.40 -0.90 -10.90
N GLY D 403 41.56 -0.40 -9.67
CA GLY D 403 41.08 0.94 -9.27
C GLY D 403 39.55 1.04 -9.36
N GLY D 404 39.06 2.23 -9.68
CA GLY D 404 37.63 2.57 -9.82
C GLY D 404 36.91 1.61 -10.74
N ALA D 405 37.60 1.16 -11.80
CA ALA D 405 37.03 0.24 -12.79
C ALA D 405 36.63 -1.08 -12.11
N TYR D 406 37.44 -1.62 -11.20
CA TYR D 406 37.08 -2.84 -10.44
C TYR D 406 35.76 -2.60 -9.68
N ILE D 407 35.64 -1.42 -9.10
CA ILE D 407 34.49 -1.08 -8.20
C ILE D 407 33.23 -0.85 -9.03
N VAL D 408 33.36 -0.16 -10.17
CA VAL D 408 32.24 0.17 -11.08
C VAL D 408 31.68 -1.11 -11.72
N MET D 409 32.50 -2.10 -12.05
CA MET D 409 32.05 -3.35 -12.74
C MET D 409 31.46 -4.32 -11.71
N ASP D 410 30.38 -3.92 -11.04
CA ASP D 410 29.58 -4.78 -10.13
C ASP D 410 30.50 -5.51 -9.12
N SER D 411 31.36 -4.76 -8.43
CA SER D 411 32.08 -5.25 -7.23
C SER D 411 31.05 -5.61 -6.16
N ARG D 412 31.39 -6.49 -5.23
CA ARG D 412 30.63 -6.70 -3.97
C ARG D 412 30.35 -5.33 -3.34
N SER D 413 31.28 -4.37 -3.41
CA SER D 413 31.19 -3.08 -2.67
C SER D 413 30.01 -2.24 -3.19
N ILE D 414 29.58 -2.43 -4.44
CA ILE D 414 28.40 -1.68 -4.97
C ILE D 414 27.15 -2.58 -5.05
N GLY D 415 27.19 -3.80 -4.53
CA GLY D 415 25.98 -4.59 -4.21
C GLY D 415 25.82 -5.89 -4.99
N ALA D 416 26.85 -6.38 -5.67
CA ALA D 416 26.83 -7.73 -6.28
C ALA D 416 26.51 -8.78 -5.21
N ASP D 417 25.66 -9.74 -5.54
CA ASP D 417 25.25 -10.83 -4.64
C ASP D 417 26.38 -11.84 -4.50
N LEU D 418 27.11 -12.12 -5.58
CA LEU D 418 28.29 -13.01 -5.56
C LEU D 418 29.39 -12.41 -6.42
N ALA D 419 30.63 -12.54 -5.98
CA ALA D 419 31.85 -12.18 -6.71
C ALA D 419 32.75 -13.41 -6.72
N LEU D 420 33.18 -13.81 -7.92
CA LEU D 420 34.11 -14.93 -8.12
C LEU D 420 35.38 -14.37 -8.77
N ALA D 421 36.45 -15.13 -8.70
CA ALA D 421 37.73 -14.81 -9.40
C ALA D 421 38.32 -16.11 -9.90
N TRP D 422 38.98 -16.01 -11.06
CA TRP D 422 39.91 -17.05 -11.56
C TRP D 422 41.25 -16.88 -10.87
N PRO D 423 42.10 -17.93 -10.87
CA PRO D 423 43.44 -17.86 -10.27
C PRO D 423 44.37 -16.91 -11.01
N THR D 424 43.92 -16.37 -12.15
CA THR D 424 44.67 -15.43 -12.99
C THR D 424 44.31 -13.99 -12.60
N ASN D 425 43.51 -13.79 -11.55
CA ASN D 425 43.00 -12.44 -11.17
C ASN D 425 44.13 -11.57 -10.65
N GLU D 426 44.11 -10.30 -11.01
CA GLU D 426 44.97 -9.21 -10.46
C GLU D 426 44.03 -8.09 -9.99
N ILE D 427 43.58 -8.14 -8.73
CA ILE D 427 42.65 -7.13 -8.16
C ILE D 427 43.52 -6.18 -7.32
N ALA D 428 43.61 -4.90 -7.70
CA ALA D 428 44.55 -3.93 -7.08
C ALA D 428 44.06 -2.49 -7.25
N VAL D 429 44.56 -1.56 -6.44
CA VAL D 429 44.17 -0.11 -6.61
C VAL D 429 44.94 0.45 -7.81
N MET D 430 46.20 0.04 -7.92
CA MET D 430 47.16 0.45 -8.96
C MET D 430 48.27 -0.59 -9.07
N GLY D 431 49.21 -0.37 -9.99
CA GLY D 431 50.35 -1.28 -10.17
C GLY D 431 51.30 -1.25 -8.98
N ALA D 432 51.98 -2.35 -8.74
CA ALA D 432 52.92 -2.52 -7.60
C ALA D 432 54.10 -1.57 -7.75
N GLU D 433 54.63 -1.48 -8.98
CA GLU D 433 55.70 -0.54 -9.39
C GLU D 433 55.31 0.87 -8.91
N GLY D 434 54.11 1.37 -9.20
CA GLY D 434 53.64 2.70 -8.75
C GLY D 434 53.57 2.84 -7.23
N ALA D 435 52.98 1.85 -6.57
CA ALA D 435 52.69 1.89 -5.12
C ALA D 435 53.99 1.83 -4.30
N ALA D 436 54.83 0.83 -4.56
CA ALA D 436 56.18 0.67 -3.95
C ALA D 436 57.03 1.92 -4.21
N GLY D 437 56.90 2.49 -5.41
CA GLY D 437 57.49 3.79 -5.82
C GLY D 437 57.31 4.86 -4.75
N VAL D 438 56.04 5.14 -4.40
CA VAL D 438 55.67 6.20 -3.40
C VAL D 438 56.05 5.75 -1.97
N ILE D 439 55.70 4.52 -1.58
CA ILE D 439 55.81 4.06 -0.16
C ILE D 439 57.28 4.04 0.27
N PHE D 440 58.18 3.61 -0.62
CA PHE D 440 59.62 3.38 -0.34
C PHE D 440 60.50 4.39 -1.10
N ARG D 441 59.93 5.53 -1.51
CA ARG D 441 60.67 6.67 -2.13
C ARG D 441 62.00 6.88 -1.38
N ARG D 442 61.98 6.94 -0.06
CA ARG D 442 63.16 7.22 0.82
C ARG D 442 64.22 6.14 0.64
N ASP D 443 63.86 4.85 0.69
CA ASP D 443 64.82 3.71 0.65
C ASP D 443 65.42 3.53 -0.75
N ILE D 444 64.68 3.92 -1.81
CA ILE D 444 65.12 3.83 -3.23
C ILE D 444 66.14 4.94 -3.51
N ASN D 445 65.89 6.14 -2.98
CA ASN D 445 66.79 7.30 -3.19
C ASN D 445 68.15 6.97 -2.58
N ALA D 446 68.15 6.36 -1.39
CA ALA D 446 69.41 5.93 -0.73
C ALA D 446 69.93 4.69 -1.47
N ALA D 447 70.73 3.85 -0.79
CA ALA D 447 71.17 2.50 -1.23
C ALA D 447 72.11 2.58 -2.46
N ASP D 448 73.11 1.72 -2.47
CA ASP D 448 74.20 1.71 -3.50
C ASP D 448 73.58 1.29 -4.85
N ASP D 449 72.54 0.45 -4.82
CA ASP D 449 71.82 -0.15 -5.98
C ASP D 449 70.34 0.22 -5.87
N PRO D 450 69.95 1.46 -6.27
CA PRO D 450 68.55 1.86 -6.36
C PRO D 450 67.58 0.85 -7.02
N GLU D 451 68.03 0.21 -8.10
CA GLU D 451 67.16 -0.67 -8.94
C GLU D 451 66.95 -2.03 -8.30
N ALA D 452 67.78 -2.44 -7.34
CA ALA D 452 67.66 -3.73 -6.63
C ALA D 452 66.80 -3.55 -5.36
N VAL D 453 66.82 -2.36 -4.76
CA VAL D 453 65.97 -1.98 -3.58
C VAL D 453 64.54 -1.71 -4.08
N ARG D 454 64.37 -1.11 -5.26
CA ARG D 454 63.06 -0.96 -5.94
C ARG D 454 62.47 -2.36 -6.20
N ARG D 455 63.12 -3.19 -7.00
CA ARG D 455 62.67 -4.56 -7.37
C ARG D 455 62.31 -5.35 -6.10
N GLN D 456 63.02 -5.13 -4.99
CA GLN D 456 62.78 -5.84 -3.70
C GLN D 456 61.45 -5.36 -3.08
N ARG D 457 61.26 -4.04 -2.92
CA ARG D 457 60.06 -3.39 -2.34
C ARG D 457 58.81 -3.69 -3.18
N VAL D 458 58.92 -3.75 -4.51
CA VAL D 458 57.82 -4.16 -5.43
C VAL D 458 57.39 -5.60 -5.10
N GLU D 459 58.35 -6.53 -4.96
CA GLU D 459 58.08 -7.95 -4.63
C GLU D 459 57.42 -8.05 -3.25
N GLU D 460 57.87 -7.28 -2.27
CA GLU D 460 57.31 -7.23 -0.89
C GLU D 460 55.88 -6.66 -0.92
N TYR D 461 55.64 -5.60 -1.69
CA TYR D 461 54.29 -5.01 -1.87
C TYR D 461 53.35 -6.08 -2.47
N LYS D 462 53.75 -6.71 -3.58
CA LYS D 462 52.93 -7.74 -4.28
C LYS D 462 52.60 -8.90 -3.33
N ALA D 463 53.56 -9.34 -2.52
CA ALA D 463 53.46 -10.54 -1.65
C ALA D 463 52.48 -10.29 -0.51
N GLU D 464 52.38 -9.06 0.01
CA GLU D 464 51.45 -8.68 1.10
C GLU D 464 50.07 -8.26 0.55
N LEU D 465 50.02 -7.51 -0.56
CA LEU D 465 48.79 -6.77 -0.97
C LEU D 465 48.29 -7.18 -2.34
N MET D 466 49.08 -7.70 -3.29
CA MET D 466 48.59 -7.95 -4.67
C MET D 466 48.97 -9.35 -5.14
N HIS D 467 48.28 -10.38 -4.66
CA HIS D 467 48.48 -11.77 -5.15
C HIS D 467 47.11 -12.30 -5.51
N PRO D 468 46.97 -13.40 -6.28
CA PRO D 468 45.65 -13.88 -6.68
C PRO D 468 44.68 -14.30 -5.53
N TYR D 469 45.15 -14.40 -4.28
CA TYR D 469 44.32 -14.89 -3.14
C TYR D 469 44.04 -13.74 -2.17
N TYR D 470 44.57 -12.55 -2.41
CA TYR D 470 44.39 -11.40 -1.49
C TYR D 470 42.89 -11.07 -1.41
N ALA D 471 42.18 -10.90 -2.52
CA ALA D 471 40.75 -10.49 -2.51
C ALA D 471 39.94 -11.57 -1.76
N ALA D 472 40.17 -12.85 -2.07
CA ALA D 472 39.45 -13.98 -1.45
C ALA D 472 39.72 -14.05 0.06
N GLU D 473 40.93 -13.72 0.48
CA GLU D 473 41.34 -13.79 1.91
C GLU D 473 40.64 -12.67 2.69
N ARG D 474 40.19 -11.62 2.02
CA ARG D 474 39.55 -10.45 2.67
C ARG D 474 38.04 -10.42 2.45
N GLY D 475 37.48 -11.34 1.67
CA GLY D 475 36.03 -11.39 1.38
C GLY D 475 35.57 -10.39 0.31
N LEU D 476 36.49 -9.75 -0.43
CA LEU D 476 36.11 -8.94 -1.62
C LEU D 476 35.57 -9.83 -2.73
N VAL D 477 36.02 -11.08 -2.79
CA VAL D 477 35.41 -12.14 -3.63
C VAL D 477 35.06 -13.32 -2.72
N ASP D 478 34.05 -14.08 -3.15
CA ASP D 478 33.40 -15.13 -2.35
C ASP D 478 34.14 -16.44 -2.58
N ASP D 479 34.85 -16.58 -3.70
CA ASP D 479 35.66 -17.79 -3.98
C ASP D 479 36.64 -17.51 -5.13
N VAL D 480 37.73 -18.29 -5.16
CA VAL D 480 38.59 -18.42 -6.38
C VAL D 480 38.27 -19.78 -6.98
N ILE D 481 37.92 -19.82 -8.26
CA ILE D 481 37.36 -21.04 -8.87
C ILE D 481 38.26 -21.53 -10.00
N ASP D 482 38.14 -22.83 -10.29
CA ASP D 482 38.66 -23.46 -11.51
C ASP D 482 37.94 -22.80 -12.69
N PRO D 483 38.66 -22.12 -13.62
CA PRO D 483 38.01 -21.53 -14.78
C PRO D 483 37.03 -22.48 -15.47
N ALA D 484 37.35 -23.77 -15.50
CA ALA D 484 36.56 -24.78 -16.22
C ALA D 484 35.23 -25.04 -15.51
N ASP D 485 35.08 -24.58 -14.26
CA ASP D 485 33.82 -24.73 -13.47
C ASP D 485 32.91 -23.50 -13.64
N THR D 486 33.34 -22.47 -14.37
CA THR D 486 32.62 -21.18 -14.51
C THR D 486 31.13 -21.41 -14.82
N ARG D 487 30.83 -22.14 -15.88
CA ARG D 487 29.42 -22.40 -16.29
C ARG D 487 28.62 -22.90 -15.09
N GLU D 488 29.09 -23.96 -14.41
CA GLU D 488 28.33 -24.60 -13.31
C GLU D 488 28.15 -23.63 -12.14
N VAL D 489 29.19 -22.88 -11.79
CA VAL D 489 29.16 -21.97 -10.60
C VAL D 489 28.14 -20.86 -10.86
N LEU D 490 28.13 -20.29 -12.07
CA LEU D 490 27.15 -19.24 -12.44
C LEU D 490 25.74 -19.82 -12.38
N ILE D 491 25.52 -21.01 -12.94
CA ILE D 491 24.17 -21.63 -12.94
C ILE D 491 23.69 -21.79 -11.49
N ARG D 492 24.56 -22.25 -10.60
CA ARG D 492 24.17 -22.62 -9.21
C ARG D 492 23.93 -21.34 -8.42
N GLY D 493 24.76 -20.32 -8.62
CA GLY D 493 24.61 -18.98 -8.05
C GLY D 493 23.28 -18.33 -8.43
N LEU D 494 22.98 -18.30 -9.72
CA LEU D 494 21.73 -17.71 -10.26
C LEU D 494 20.53 -18.51 -9.72
N ALA D 495 20.65 -19.81 -9.54
CA ALA D 495 19.50 -20.63 -9.07
C ALA D 495 19.25 -20.30 -7.61
N MET D 496 20.30 -20.04 -6.84
CA MET D 496 20.15 -19.69 -5.41
C MET D 496 19.53 -18.28 -5.29
N LEU D 497 19.82 -17.40 -6.24
CA LEU D 497 19.41 -15.98 -6.22
C LEU D 497 18.08 -15.76 -6.93
N ARG D 498 17.47 -16.78 -7.54
CA ARG D 498 16.25 -16.62 -8.41
C ARG D 498 15.15 -15.89 -7.61
N THR D 499 14.98 -16.19 -6.32
CA THR D 499 13.91 -15.65 -5.44
C THR D 499 14.32 -14.33 -4.78
N LYS D 500 15.47 -13.74 -5.14
CA LYS D 500 15.93 -12.45 -4.55
C LYS D 500 14.80 -11.42 -4.67
N HIS D 501 14.32 -10.90 -3.55
CA HIS D 501 13.57 -9.62 -3.50
C HIS D 501 14.54 -8.59 -2.96
N ALA D 502 14.63 -7.44 -3.62
CA ALA D 502 15.24 -6.21 -3.04
C ALA D 502 14.24 -5.06 -3.18
N ASP D 503 14.24 -4.15 -2.20
CA ASP D 503 13.32 -2.98 -2.14
C ASP D 503 14.11 -1.78 -2.65
N LEU D 504 13.48 -0.91 -3.46
CA LEU D 504 14.08 0.35 -3.96
C LEU D 504 13.48 1.49 -3.13
N PRO D 505 14.15 2.66 -2.98
CA PRO D 505 13.69 3.68 -2.04
C PRO D 505 12.36 4.33 -2.49
N MET D 506 11.68 4.99 -1.56
CA MET D 506 10.42 5.74 -1.83
C MET D 506 10.78 7.08 -2.47
N ARG D 507 10.53 7.20 -3.79
CA ARG D 507 10.82 8.44 -4.57
C ARG D 507 10.05 8.43 -5.89
N LYS D 508 9.81 9.60 -6.48
CA LYS D 508 9.29 9.71 -7.87
C LYS D 508 10.21 8.94 -8.83
N HIS D 509 11.51 9.19 -8.71
CA HIS D 509 12.60 8.65 -9.55
C HIS D 509 13.90 9.12 -8.89
N GLY D 510 14.99 8.39 -9.10
CA GLY D 510 16.33 8.90 -8.83
C GLY D 510 16.64 10.08 -9.74
N ASN D 511 17.77 10.75 -9.53
CA ASN D 511 18.36 11.75 -10.45
C ASN D 511 19.65 11.20 -11.02
N PRO D 512 19.62 10.14 -11.87
CA PRO D 512 20.83 9.58 -12.45
C PRO D 512 21.55 10.65 -13.27
N PRO D 513 22.87 10.53 -13.47
CA PRO D 513 23.62 11.52 -14.24
C PRO D 513 23.10 11.55 -15.69
N GLN D 514 22.92 12.73 -16.27
CA GLN D 514 22.59 12.96 -17.70
C GLN D 514 23.89 13.29 -18.46
N ARG E 2 2.77 46.50 -29.60
CA ARG E 2 2.40 47.94 -29.85
C ARG E 2 1.14 48.02 -30.77
N LYS E 3 1.29 47.76 -32.07
CA LYS E 3 0.18 47.38 -32.99
C LYS E 3 -0.39 46.04 -32.53
N GLN E 4 0.50 45.14 -32.10
CA GLN E 4 0.19 43.73 -31.71
C GLN E 4 -0.68 43.72 -30.45
N LEU E 5 -0.37 44.56 -29.45
CA LEU E 5 -1.15 44.69 -28.19
C LEU E 5 -2.55 45.18 -28.47
N ASP E 6 -2.69 46.17 -29.36
CA ASP E 6 -3.99 46.78 -29.75
C ASP E 6 -4.82 45.70 -30.45
N GLU E 7 -4.23 44.95 -31.38
CA GLU E 7 -4.90 43.80 -32.03
C GLU E 7 -5.36 42.79 -30.96
N LEU E 8 -4.51 42.49 -29.97
CA LEU E 8 -4.81 41.53 -28.88
C LEU E 8 -6.00 42.01 -28.05
N LEU E 9 -6.05 43.28 -27.66
CA LEU E 9 -7.20 43.84 -26.88
C LEU E 9 -8.48 43.77 -27.74
N ASP E 10 -8.36 43.96 -29.07
CA ASP E 10 -9.52 43.94 -30.00
C ASP E 10 -10.05 42.50 -30.04
N ILE E 11 -9.19 41.50 -30.31
CA ILE E 11 -9.63 40.07 -30.42
C ILE E 11 -10.25 39.64 -29.07
N LYS E 12 -9.66 40.01 -27.93
CA LYS E 12 -10.19 39.61 -26.59
C LYS E 12 -11.56 40.26 -26.37
N GLU E 13 -11.70 41.53 -26.71
CA GLU E 13 -12.99 42.28 -26.58
C GLU E 13 -14.03 41.61 -27.50
N SER E 14 -13.63 41.22 -28.69
CA SER E 14 -14.52 40.56 -29.69
C SER E 14 -14.95 39.17 -29.19
N ALA E 15 -14.08 38.44 -28.52
CA ALA E 15 -14.38 37.10 -27.94
C ALA E 15 -15.31 37.25 -26.73
N ARG E 16 -15.03 38.22 -25.84
CA ARG E 16 -15.79 38.51 -24.58
C ARG E 16 -17.24 38.82 -24.94
N GLY E 17 -17.47 39.66 -25.96
CA GLY E 17 -18.82 39.94 -26.50
C GLY E 17 -19.13 38.84 -27.49
N GLY E 18 -20.37 38.69 -27.96
CA GLY E 18 -20.65 37.68 -29.00
C GLY E 18 -20.00 38.08 -30.32
N PRO E 19 -20.04 37.20 -31.34
CA PRO E 19 -19.96 37.65 -32.75
C PRO E 19 -21.17 38.52 -33.18
N ASP E 20 -22.38 38.24 -32.67
CA ASP E 20 -23.67 38.88 -33.08
C ASP E 20 -24.10 39.90 -32.00
N PRO E 21 -24.20 41.21 -32.36
CA PRO E 21 -24.45 42.25 -31.34
C PRO E 21 -25.80 42.20 -30.60
N ASP E 22 -26.79 41.50 -31.17
CA ASP E 22 -28.22 41.49 -30.77
C ASP E 22 -28.39 40.29 -29.83
N ALA E 23 -27.39 39.39 -29.81
CA ALA E 23 -27.49 38.05 -29.17
C ALA E 23 -27.59 38.23 -27.64
N THR E 24 -26.82 39.16 -27.07
CA THR E 24 -26.88 39.54 -25.64
C THR E 24 -28.29 40.04 -25.29
N ARG E 25 -28.88 40.91 -26.12
CA ARG E 25 -30.23 41.50 -25.87
C ARG E 25 -31.26 40.36 -25.90
N ARG E 26 -31.21 39.47 -26.91
CA ARG E 26 -32.14 38.32 -27.03
C ARG E 26 -32.07 37.48 -25.75
N GLN E 27 -30.88 37.31 -25.17
CA GLN E 27 -30.64 36.49 -23.94
C GLN E 27 -31.27 37.23 -22.74
N HIS E 28 -30.98 38.52 -22.57
CA HIS E 28 -31.57 39.34 -21.46
C HIS E 28 -33.10 39.42 -21.59
N ASP E 29 -33.62 39.44 -22.83
CA ASP E 29 -35.08 39.53 -23.10
C ASP E 29 -35.78 38.29 -22.57
N LYS E 30 -35.11 37.13 -22.55
CA LYS E 30 -35.69 35.85 -22.05
C LYS E 30 -35.64 35.81 -20.52
N GLY E 31 -35.09 36.82 -19.86
CA GLY E 31 -34.90 36.83 -18.39
C GLY E 31 -33.69 36.01 -17.97
N LYS E 32 -32.69 35.88 -18.85
CA LYS E 32 -31.46 35.08 -18.63
C LYS E 32 -30.26 36.04 -18.54
N LEU E 33 -29.22 35.66 -17.79
CA LEU E 33 -27.90 36.35 -17.80
C LEU E 33 -27.02 35.69 -18.87
N THR E 34 -25.93 36.36 -19.23
CA THR E 34 -24.88 35.80 -20.13
C THR E 34 -23.97 34.89 -19.29
N ALA E 35 -23.26 33.99 -19.96
CA ALA E 35 -22.27 33.08 -19.36
C ALA E 35 -21.30 33.88 -18.48
N ARG E 36 -20.80 35.00 -18.96
CA ARG E 36 -19.78 35.82 -18.22
C ARG E 36 -20.40 36.49 -17.00
N GLU E 37 -21.66 36.96 -17.11
CA GLU E 37 -22.35 37.59 -15.96
C GLU E 37 -22.54 36.52 -14.86
N ARG E 38 -22.85 35.28 -15.25
CA ARG E 38 -23.09 34.17 -14.30
C ARG E 38 -21.78 33.79 -13.59
N ILE E 39 -20.68 33.75 -14.33
CA ILE E 39 -19.34 33.43 -13.77
C ILE E 39 -18.97 34.51 -12.74
N GLU E 40 -19.32 35.77 -12.99
CA GLU E 40 -19.00 36.92 -12.09
C GLU E 40 -19.80 36.79 -10.80
N LEU E 41 -21.06 36.36 -10.86
CA LEU E 41 -21.90 36.14 -9.65
C LEU E 41 -21.37 34.95 -8.84
N LEU E 42 -20.92 33.89 -9.49
CA LEU E 42 -20.41 32.66 -8.82
C LEU E 42 -19.09 32.96 -8.11
N LEU E 43 -18.14 33.58 -8.80
CA LEU E 43 -16.73 33.68 -8.34
C LEU E 43 -16.51 35.00 -7.60
N ASP E 44 -15.56 35.01 -6.65
CA ASP E 44 -15.02 36.21 -5.98
C ASP E 44 -14.57 37.22 -7.04
N LYS E 45 -14.75 38.52 -6.77
CA LYS E 45 -14.38 39.62 -7.70
C LYS E 45 -12.94 39.42 -8.15
N ASP E 46 -12.70 39.47 -9.47
CA ASP E 46 -11.37 39.54 -10.11
C ASP E 46 -10.58 38.23 -9.91
N SER E 47 -11.21 37.11 -9.53
CA SER E 47 -10.49 35.83 -9.30
C SER E 47 -10.42 35.02 -10.60
N PHE E 48 -11.33 35.26 -11.54
CA PHE E 48 -11.53 34.43 -12.75
C PHE E 48 -10.31 34.52 -13.69
N GLN E 49 -9.79 33.34 -14.05
CA GLN E 49 -8.71 33.15 -15.05
C GLN E 49 -9.29 32.24 -16.12
N GLU E 50 -9.38 32.71 -17.36
CA GLU E 50 -10.00 31.97 -18.47
C GLU E 50 -8.91 31.18 -19.20
N ILE E 51 -9.29 30.01 -19.72
CA ILE E 51 -8.45 29.19 -20.62
C ILE E 51 -9.22 28.99 -21.93
N GLU E 52 -8.51 29.05 -23.05
CA GLU E 52 -9.00 28.75 -24.42
C GLU E 52 -10.13 29.71 -24.80
N GLN E 53 -10.07 30.96 -24.35
CA GLN E 53 -10.99 32.04 -24.80
C GLN E 53 -11.04 32.09 -26.34
N LEU E 54 -9.89 31.94 -27.03
CA LEU E 54 -9.80 32.16 -28.49
C LEU E 54 -10.02 30.87 -29.28
N ARG E 55 -10.37 29.77 -28.62
CA ARG E 55 -10.62 28.48 -29.33
C ARG E 55 -11.74 28.66 -30.35
N ARG E 56 -11.59 28.09 -31.54
CA ARG E 56 -12.61 28.10 -32.62
C ARG E 56 -12.75 26.71 -33.23
N HIS E 57 -13.93 26.39 -33.77
CA HIS E 57 -14.22 25.03 -34.31
C HIS E 57 -13.46 24.86 -35.63
N ARG E 58 -13.34 23.62 -36.11
CA ARG E 58 -12.77 23.25 -37.43
C ARG E 58 -13.73 22.35 -38.21
N ALA E 59 -15.02 22.35 -37.91
CA ALA E 59 -16.07 21.55 -38.59
C ALA E 59 -16.47 22.22 -39.92
N THR E 60 -17.01 21.44 -40.86
CA THR E 60 -17.25 21.90 -42.27
C THR E 60 -18.61 21.49 -42.83
N GLY E 61 -19.39 20.59 -42.23
CA GLY E 61 -20.76 20.35 -42.73
C GLY E 61 -21.67 21.60 -42.69
N PHE E 62 -22.71 21.62 -43.53
CA PHE E 62 -24.00 22.34 -43.34
C PHE E 62 -23.84 23.79 -42.85
N GLY E 63 -22.92 24.56 -43.44
CA GLY E 63 -22.82 26.02 -43.26
C GLY E 63 -21.94 26.42 -42.08
N LEU E 64 -21.33 25.45 -41.39
CA LEU E 64 -20.57 25.71 -40.13
C LEU E 64 -19.31 26.53 -40.43
N GLU E 65 -18.64 26.29 -41.57
CA GLU E 65 -17.34 26.91 -41.94
C GLU E 65 -17.48 28.44 -41.89
N ALA E 66 -18.70 28.98 -42.08
CA ALA E 66 -19.01 30.42 -42.12
C ALA E 66 -19.10 31.04 -40.72
N LYS E 67 -19.51 30.28 -39.70
CA LYS E 67 -19.74 30.79 -38.32
C LYS E 67 -18.78 30.08 -37.33
N LYS E 68 -17.59 30.65 -37.11
CA LYS E 68 -16.55 30.10 -36.17
C LYS E 68 -16.28 31.09 -35.04
N PRO E 69 -17.25 31.36 -34.14
CA PRO E 69 -17.02 32.30 -33.05
C PRO E 69 -16.00 31.81 -32.01
N TYR E 70 -15.23 32.77 -31.48
CA TYR E 70 -14.27 32.60 -30.37
C TYR E 70 -14.96 31.95 -29.17
N THR E 71 -14.26 31.05 -28.46
CA THR E 71 -14.69 30.25 -27.28
C THR E 71 -15.35 28.94 -27.74
N ASP E 72 -15.81 28.88 -28.99
CA ASP E 72 -16.65 27.80 -29.55
C ASP E 72 -17.84 27.47 -28.63
N GLY E 73 -18.36 28.41 -27.85
CA GLY E 73 -19.68 28.21 -27.21
C GLY E 73 -19.60 27.81 -25.73
N VAL E 74 -18.40 27.74 -25.16
CA VAL E 74 -18.25 27.45 -23.71
C VAL E 74 -17.12 28.30 -23.16
N ILE E 75 -17.33 28.89 -21.98
CA ILE E 75 -16.30 29.63 -21.21
C ILE E 75 -15.76 28.67 -20.13
N THR E 76 -14.45 28.46 -20.09
CA THR E 76 -13.78 27.55 -19.13
C THR E 76 -12.71 28.31 -18.38
N GLY E 77 -12.66 28.13 -17.07
CA GLY E 77 -11.54 28.65 -16.26
C GLY E 77 -11.72 28.32 -14.82
N TRP E 78 -10.95 29.00 -13.98
CA TRP E 78 -10.97 28.84 -12.51
C TRP E 78 -11.00 30.20 -11.85
N GLY E 79 -11.49 30.25 -10.62
CA GLY E 79 -11.36 31.42 -9.74
C GLY E 79 -11.40 30.94 -8.30
N THR E 80 -11.98 31.75 -7.40
CA THR E 80 -12.12 31.41 -5.98
C THR E 80 -13.58 31.64 -5.60
N VAL E 81 -14.05 30.86 -4.63
CA VAL E 81 -15.29 31.11 -3.85
C VAL E 81 -14.89 31.10 -2.37
N HIS E 82 -15.05 32.23 -1.70
CA HIS E 82 -14.60 32.43 -0.28
C HIS E 82 -13.11 32.11 -0.15
N GLY E 83 -12.31 32.43 -1.17
CA GLY E 83 -10.83 32.30 -1.13
C GLY E 83 -10.32 30.93 -1.56
N ARG E 84 -11.22 29.99 -1.83
CA ARG E 84 -10.89 28.59 -2.22
C ARG E 84 -11.05 28.42 -3.74
N THR E 85 -10.08 27.77 -4.38
CA THR E 85 -10.14 27.68 -5.86
C THR E 85 -11.32 26.77 -6.26
N VAL E 86 -12.03 27.18 -7.30
CA VAL E 86 -13.17 26.46 -7.91
C VAL E 86 -12.98 26.53 -9.42
N PHE E 87 -13.23 25.44 -10.12
CA PHE E 87 -13.19 25.35 -11.60
C PHE E 87 -14.61 25.47 -12.12
N VAL E 88 -14.79 26.17 -13.24
CA VAL E 88 -16.14 26.45 -13.81
C VAL E 88 -16.09 26.33 -15.33
N TYR E 89 -17.15 25.79 -15.90
CA TYR E 89 -17.48 25.91 -17.34
C TYR E 89 -18.94 26.36 -17.46
N ALA E 90 -19.19 27.18 -18.47
CA ALA E 90 -20.47 27.90 -18.68
C ALA E 90 -20.75 27.95 -20.19
N HIS E 91 -21.84 27.32 -20.61
CA HIS E 91 -22.31 27.35 -22.02
C HIS E 91 -22.70 28.78 -22.37
N ASP E 92 -22.38 29.20 -23.59
CA ASP E 92 -22.79 30.50 -24.16
C ASP E 92 -23.90 30.23 -25.18
N PHE E 93 -25.16 30.43 -24.79
CA PHE E 93 -26.37 30.12 -25.60
C PHE E 93 -26.35 30.92 -26.92
N ARG E 94 -25.64 32.04 -26.95
CA ARG E 94 -25.53 32.93 -28.13
C ARG E 94 -24.79 32.23 -29.27
N ILE E 95 -23.98 31.21 -28.99
CA ILE E 95 -23.19 30.45 -29.99
C ILE E 95 -23.82 29.07 -30.18
N PHE E 96 -24.48 28.83 -31.32
CA PHE E 96 -25.16 27.57 -31.70
C PHE E 96 -26.12 27.08 -30.60
N GLY E 97 -26.81 27.98 -29.90
CA GLY E 97 -27.74 27.61 -28.81
C GLY E 97 -27.03 26.89 -27.67
N GLY E 98 -25.74 27.17 -27.47
CA GLY E 98 -24.90 26.53 -26.44
C GLY E 98 -24.64 25.06 -26.70
N ALA E 99 -24.98 24.57 -27.87
CA ALA E 99 -24.88 23.13 -28.20
C ALA E 99 -23.40 22.69 -28.31
N LEU E 100 -23.15 21.42 -28.05
CA LEU E 100 -21.81 20.81 -27.91
C LEU E 100 -21.19 20.56 -29.27
N GLY E 101 -20.02 21.16 -29.52
CA GLY E 101 -19.16 20.83 -30.66
C GLY E 101 -17.95 20.03 -30.18
N GLU E 102 -17.15 19.52 -31.13
CA GLU E 102 -15.92 18.75 -30.83
C GLU E 102 -14.94 19.63 -30.04
N ALA E 103 -14.68 20.86 -30.49
CA ALA E 103 -13.69 21.75 -29.84
C ALA E 103 -14.18 22.18 -28.44
N HIS E 104 -15.43 22.65 -28.39
CA HIS E 104 -16.23 22.94 -27.16
C HIS E 104 -16.04 21.79 -26.16
N ALA E 105 -16.23 20.55 -26.58
CA ALA E 105 -16.13 19.36 -25.72
C ALA E 105 -14.71 19.20 -25.19
N GLN E 106 -13.70 19.32 -26.04
CA GLN E 106 -12.29 19.18 -25.62
C GLN E 106 -11.94 20.28 -24.60
N LYS E 107 -12.54 21.46 -24.69
CA LYS E 107 -12.31 22.54 -23.68
C LYS E 107 -12.84 22.07 -22.33
N ILE E 108 -14.04 21.48 -22.32
CA ILE E 108 -14.69 20.98 -21.08
C ILE E 108 -13.84 19.82 -20.52
N HIS E 109 -13.43 18.89 -21.36
CA HIS E 109 -12.54 17.76 -20.93
C HIS E 109 -11.32 18.34 -20.19
N LYS E 110 -10.66 19.34 -20.79
CA LYS E 110 -9.41 19.92 -20.27
C LYS E 110 -9.70 20.55 -18.90
N LEU E 111 -10.79 21.27 -18.79
CA LEU E 111 -11.12 21.99 -17.53
C LEU E 111 -11.48 20.98 -16.44
N MET E 112 -12.31 19.99 -16.74
CA MET E 112 -12.68 18.92 -15.79
C MET E 112 -11.39 18.22 -15.31
N ASP E 113 -10.46 17.91 -16.20
CA ASP E 113 -9.18 17.26 -15.84
C ASP E 113 -8.42 18.16 -14.87
N MET E 114 -8.46 19.48 -15.04
CA MET E 114 -7.69 20.38 -14.16
C MET E 114 -8.29 20.36 -12.76
N ALA E 115 -9.62 20.30 -12.66
CA ALA E 115 -10.34 20.23 -11.36
C ALA E 115 -9.97 18.94 -10.60
N ILE E 116 -9.98 17.81 -11.30
CA ILE E 116 -9.62 16.47 -10.74
C ILE E 116 -8.15 16.50 -10.28
N ALA E 117 -7.23 17.00 -11.12
CA ALA E 117 -5.79 17.08 -10.82
C ALA E 117 -5.54 17.98 -9.60
N ALA E 118 -6.29 19.07 -9.45
CA ALA E 118 -6.08 20.08 -8.37
C ALA E 118 -6.78 19.62 -7.10
N GLY E 119 -7.76 18.72 -7.20
CA GLY E 119 -8.60 18.36 -6.04
C GLY E 119 -9.38 19.56 -5.59
N ALA E 120 -10.17 20.15 -6.48
CA ALA E 120 -11.04 21.31 -6.14
C ALA E 120 -12.40 21.13 -6.82
N PRO E 121 -13.44 21.81 -6.31
CA PRO E 121 -14.79 21.65 -6.86
C PRO E 121 -14.93 22.07 -8.32
N LEU E 122 -15.89 21.47 -9.01
CA LEU E 122 -16.21 21.67 -10.43
C LEU E 122 -17.66 22.14 -10.53
N VAL E 123 -17.88 23.37 -11.00
CA VAL E 123 -19.24 23.95 -11.18
C VAL E 123 -19.54 24.10 -12.67
N SER E 124 -20.67 23.57 -13.13
CA SER E 124 -21.16 23.76 -14.51
C SER E 124 -22.32 24.76 -14.47
N LEU E 125 -22.27 25.81 -15.29
CA LEU E 125 -23.36 26.80 -15.49
C LEU E 125 -23.97 26.48 -16.86
N ASN E 126 -25.00 25.64 -16.85
CA ASN E 126 -25.52 24.94 -18.06
C ASN E 126 -26.58 25.80 -18.73
N ASP E 127 -26.41 26.03 -20.03
CA ASP E 127 -27.33 26.81 -20.90
C ASP E 127 -27.02 26.37 -22.34
N GLY E 128 -27.38 25.16 -22.70
CA GLY E 128 -26.92 24.53 -23.94
C GLY E 128 -27.50 23.16 -24.08
N ALA E 129 -28.20 22.92 -25.19
CA ALA E 129 -28.98 21.69 -25.47
C ALA E 129 -28.11 20.44 -25.63
N GLY E 130 -28.16 19.78 -26.78
CA GLY E 130 -27.44 18.53 -27.03
C GLY E 130 -26.25 18.78 -27.90
N ALA E 131 -25.90 17.83 -28.75
CA ALA E 131 -24.80 17.96 -29.73
C ALA E 131 -25.30 18.93 -30.80
N ARG E 132 -24.42 19.76 -31.34
CA ARG E 132 -24.65 20.44 -32.63
C ARG E 132 -24.97 19.36 -33.66
N ILE E 133 -26.19 19.37 -34.19
CA ILE E 133 -26.66 18.36 -35.17
C ILE E 133 -25.77 18.46 -36.42
N GLN E 134 -25.27 19.65 -36.74
CA GLN E 134 -24.42 19.92 -37.93
C GLN E 134 -23.06 19.22 -37.79
N GLU E 135 -22.58 18.97 -36.56
CA GLU E 135 -21.24 18.35 -36.34
C GLU E 135 -21.37 16.83 -36.30
N GLY E 136 -22.54 16.30 -35.93
CA GLY E 136 -22.84 14.86 -36.09
C GLY E 136 -22.38 14.04 -34.91
N VAL E 137 -22.14 12.75 -35.13
CA VAL E 137 -21.79 11.76 -34.07
C VAL E 137 -20.44 12.11 -33.46
N THR E 138 -19.51 12.62 -34.25
CA THR E 138 -18.23 13.20 -33.81
C THR E 138 -18.46 14.10 -32.58
N ALA E 139 -19.44 15.01 -32.64
CA ALA E 139 -19.73 15.96 -31.55
C ALA E 139 -20.41 15.24 -30.39
N LEU E 140 -21.34 14.35 -30.70
CA LEU E 140 -22.05 13.50 -29.72
C LEU E 140 -21.01 12.80 -28.83
N ALA E 141 -19.96 12.20 -29.41
CA ALA E 141 -18.91 11.43 -28.68
C ALA E 141 -18.20 12.32 -27.66
N GLY E 142 -18.26 13.63 -27.80
CA GLY E 142 -17.72 14.57 -26.80
C GLY E 142 -18.35 14.40 -25.44
N TYR E 143 -19.62 14.00 -25.38
CA TYR E 143 -20.36 13.78 -24.10
C TYR E 143 -19.76 12.58 -23.38
N GLY E 144 -19.23 11.62 -24.11
CA GLY E 144 -18.62 10.40 -23.52
C GLY E 144 -17.52 10.76 -22.57
N GLY E 145 -16.62 11.64 -23.00
CA GLY E 145 -15.49 12.10 -22.19
C GLY E 145 -15.97 12.87 -20.99
N ILE E 146 -17.07 13.61 -21.12
CA ILE E 146 -17.66 14.38 -19.99
C ILE E 146 -18.20 13.35 -18.98
N PHE E 147 -18.95 12.36 -19.44
CA PHE E 147 -19.52 11.30 -18.58
C PHE E 147 -18.40 10.57 -17.82
N GLN E 148 -17.35 10.13 -18.51
CA GLN E 148 -16.21 9.42 -17.86
C GLN E 148 -15.64 10.30 -16.74
N ARG E 149 -15.52 11.60 -16.97
CA ARG E 149 -14.89 12.53 -16.01
C ARG E 149 -15.84 12.76 -14.84
N ASN E 150 -17.14 12.88 -15.09
CA ASN E 150 -18.15 12.98 -14.01
C ASN E 150 -18.01 11.74 -13.12
N THR E 151 -17.83 10.58 -13.73
CA THR E 151 -17.77 9.28 -13.03
C THR E 151 -16.47 9.17 -12.24
N ARG E 152 -15.31 9.52 -12.83
CA ARG E 152 -13.99 9.47 -12.13
C ARG E 152 -13.99 10.43 -10.95
N ALA E 153 -14.67 11.57 -11.08
CA ALA E 153 -14.66 12.68 -10.08
C ALA E 153 -15.67 12.39 -8.97
N SER E 154 -16.64 11.51 -9.22
CA SER E 154 -17.75 11.22 -8.29
C SER E 154 -17.20 10.76 -6.94
N GLY E 155 -17.51 11.51 -5.88
CA GLY E 155 -17.04 11.23 -4.50
C GLY E 155 -15.57 11.57 -4.31
N VAL E 156 -14.97 12.31 -5.25
CA VAL E 156 -13.54 12.73 -5.17
C VAL E 156 -13.51 14.26 -5.01
N ILE E 157 -14.17 14.98 -5.91
CA ILE E 157 -14.36 16.45 -5.83
C ILE E 157 -15.85 16.74 -5.91
N PRO E 158 -16.36 17.73 -5.15
CA PRO E 158 -17.75 18.13 -5.27
C PRO E 158 -18.02 18.60 -6.70
N GLN E 159 -19.12 18.14 -7.27
CA GLN E 159 -19.61 18.52 -8.61
C GLN E 159 -21.01 19.12 -8.47
N ILE E 160 -21.13 20.40 -8.78
CA ILE E 160 -22.41 21.16 -8.73
C ILE E 160 -22.82 21.54 -10.15
N SER E 161 -24.05 21.23 -10.52
CA SER E 161 -24.65 21.55 -11.84
C SER E 161 -25.72 22.62 -11.64
N VAL E 162 -25.56 23.76 -12.29
CA VAL E 162 -26.56 24.88 -12.26
C VAL E 162 -27.22 24.93 -13.63
N MET E 163 -28.51 24.64 -13.68
CA MET E 163 -29.31 24.61 -14.91
C MET E 163 -29.94 26.01 -15.09
N LEU E 164 -29.48 26.75 -16.10
CA LEU E 164 -29.86 28.15 -16.34
C LEU E 164 -30.45 28.34 -17.73
N GLY E 165 -30.82 27.26 -18.41
CA GLY E 165 -31.37 27.29 -19.77
C GLY E 165 -31.97 25.95 -20.16
N PRO E 166 -32.39 25.76 -21.42
CA PRO E 166 -32.86 24.45 -21.89
C PRO E 166 -31.73 23.43 -21.83
N CYS E 167 -32.08 22.18 -21.56
CA CYS E 167 -31.15 21.02 -21.52
C CYS E 167 -31.91 19.79 -22.01
N ALA E 168 -31.69 19.42 -23.27
CA ALA E 168 -32.36 18.29 -23.95
C ALA E 168 -31.33 17.19 -24.24
N GLY E 169 -31.72 15.94 -24.02
CA GLY E 169 -31.00 14.74 -24.49
C GLY E 169 -29.94 14.29 -23.53
N GLY E 170 -28.99 13.48 -24.04
CA GLY E 170 -27.81 12.95 -23.33
C GLY E 170 -27.21 13.94 -22.34
N ALA E 171 -27.12 15.22 -22.72
CA ALA E 171 -26.51 16.29 -21.90
C ALA E 171 -27.04 16.26 -20.47
N ALA E 172 -28.33 15.94 -20.28
CA ALA E 172 -28.99 15.98 -18.94
C ALA E 172 -28.35 14.98 -17.98
N TYR E 173 -27.74 13.93 -18.52
CA TYR E 173 -27.10 12.85 -17.73
C TYR E 173 -25.85 13.37 -17.04
N SER E 174 -25.17 14.39 -17.59
CA SER E 174 -23.97 14.98 -16.94
C SER E 174 -24.37 15.52 -15.56
N PRO E 175 -25.34 16.46 -15.44
CA PRO E 175 -25.89 16.83 -14.13
C PRO E 175 -26.35 15.68 -13.21
N ALA E 176 -26.98 14.66 -13.77
CA ALA E 176 -27.44 13.46 -13.04
C ALA E 176 -26.25 12.74 -12.37
N LEU E 177 -25.05 12.79 -12.98
CA LEU E 177 -23.82 12.16 -12.43
C LEU E 177 -23.13 13.08 -11.41
N THR E 178 -23.58 14.34 -11.25
CA THR E 178 -22.94 15.30 -10.30
C THR E 178 -23.64 15.12 -8.95
N ASP E 179 -23.19 15.84 -7.93
CA ASP E 179 -23.63 15.67 -6.52
C ASP E 179 -24.90 16.48 -6.27
N PHE E 180 -24.99 17.68 -6.84
CA PHE E 180 -26.07 18.65 -6.56
C PHE E 180 -26.50 19.33 -7.85
N VAL E 181 -27.81 19.32 -8.12
CA VAL E 181 -28.42 20.00 -9.30
C VAL E 181 -29.28 21.18 -8.80
N PHE E 182 -28.95 22.39 -9.23
CA PHE E 182 -29.73 23.65 -9.03
C PHE E 182 -30.47 24.00 -10.32
N MET E 183 -31.72 24.44 -10.21
CA MET E 183 -32.56 24.88 -11.39
C MET E 183 -33.20 26.22 -11.09
N VAL E 184 -33.34 27.05 -12.13
CA VAL E 184 -34.08 28.34 -12.06
C VAL E 184 -35.44 28.17 -12.73
N ARG E 185 -36.52 28.52 -12.04
CA ARG E 185 -37.92 28.37 -12.53
C ARG E 185 -38.13 29.25 -13.76
N GLY E 186 -38.85 28.74 -14.77
CA GLY E 186 -39.19 29.53 -15.97
C GLY E 186 -38.11 29.41 -17.03
N THR E 187 -36.86 29.75 -16.69
CA THR E 187 -35.76 29.89 -17.70
C THR E 187 -35.02 28.57 -17.93
N SER E 188 -35.14 27.57 -17.04
CA SER E 188 -34.41 26.27 -17.14
C SER E 188 -35.37 25.08 -17.26
N GLN E 189 -35.00 24.10 -18.09
CA GLN E 189 -35.71 22.82 -18.27
C GLN E 189 -34.67 21.71 -18.52
N MET E 190 -35.03 20.48 -18.17
CA MET E 190 -34.24 19.25 -18.44
C MET E 190 -35.20 18.15 -18.91
N PHE E 191 -34.90 17.51 -20.04
CA PHE E 191 -35.59 16.27 -20.48
C PHE E 191 -34.65 15.53 -21.43
N ILE E 192 -34.84 14.23 -21.53
CA ILE E 192 -34.05 13.35 -22.43
C ILE E 192 -34.65 13.41 -23.83
N THR E 193 -35.98 13.40 -23.95
CA THR E 193 -36.71 13.54 -25.22
C THR E 193 -37.61 14.77 -25.09
N GLY E 194 -37.46 15.74 -26.01
CA GLY E 194 -38.14 17.05 -25.99
C GLY E 194 -39.61 16.97 -26.43
N PRO E 195 -40.41 18.05 -26.23
CA PRO E 195 -41.86 18.00 -26.48
C PRO E 195 -42.22 17.72 -27.94
N ASP E 196 -41.42 18.24 -28.87
CA ASP E 196 -41.52 18.00 -30.34
C ASP E 196 -41.65 16.48 -30.57
N VAL E 197 -40.66 15.73 -30.11
CA VAL E 197 -40.56 14.26 -30.35
C VAL E 197 -41.65 13.52 -29.56
N VAL E 198 -42.02 14.03 -28.38
CA VAL E 198 -43.06 13.34 -27.57
C VAL E 198 -44.39 13.38 -28.32
N ARG E 199 -44.76 14.53 -28.86
CA ARG E 199 -46.01 14.67 -29.65
C ARG E 199 -45.90 13.82 -30.90
N ALA E 200 -44.77 13.88 -31.58
CA ALA E 200 -44.64 13.13 -32.85
C ALA E 200 -44.84 11.62 -32.59
N VAL E 201 -44.26 11.10 -31.52
CA VAL E 201 -44.34 9.63 -31.29
C VAL E 201 -45.45 9.32 -30.29
N THR E 202 -45.42 9.96 -29.13
CA THR E 202 -46.44 9.71 -28.08
C THR E 202 -47.84 10.18 -28.54
N GLY E 203 -47.92 11.37 -29.16
CA GLY E 203 -49.24 11.95 -29.43
C GLY E 203 -49.85 12.50 -28.17
N GLU E 204 -49.03 13.01 -27.24
CA GLU E 204 -49.55 13.52 -25.95
C GLU E 204 -49.84 15.02 -25.98
N GLU E 205 -48.84 15.88 -26.12
CA GLU E 205 -49.07 17.35 -26.19
C GLU E 205 -48.69 17.96 -24.85
N ILE E 206 -47.62 18.75 -24.84
CA ILE E 206 -47.01 19.27 -23.58
C ILE E 206 -45.94 20.32 -23.96
N GLY E 207 -45.83 21.39 -23.15
CA GLY E 207 -44.78 22.43 -23.27
C GLY E 207 -43.48 21.98 -22.61
N GLN E 208 -42.42 22.75 -22.81
CA GLN E 208 -41.08 22.51 -22.20
C GLN E 208 -41.20 22.54 -20.67
N GLU E 209 -41.94 23.52 -20.11
CA GLU E 209 -42.05 23.75 -18.65
C GLU E 209 -42.84 22.59 -18.01
N GLY E 210 -43.87 22.09 -18.69
CA GLY E 210 -44.72 20.99 -18.20
C GLY E 210 -43.98 19.66 -18.19
N LEU E 211 -43.08 19.48 -19.15
CA LEU E 211 -42.30 18.22 -19.34
C LEU E 211 -41.13 18.14 -18.36
N GLY E 212 -40.36 19.23 -18.22
CA GLY E 212 -39.06 19.20 -17.51
C GLY E 212 -38.68 20.51 -16.86
N GLY E 213 -39.65 21.30 -16.40
CA GLY E 213 -39.39 22.56 -15.68
C GLY E 213 -38.81 22.32 -14.29
N ALA E 214 -38.32 23.39 -13.66
CA ALA E 214 -37.72 23.37 -12.31
C ALA E 214 -38.72 22.78 -11.31
N ASP E 215 -40.02 23.06 -11.45
CA ASP E 215 -41.04 22.58 -10.49
C ASP E 215 -41.25 21.08 -10.67
N VAL E 216 -41.24 20.57 -11.90
CA VAL E 216 -41.31 19.10 -12.15
C VAL E 216 -40.15 18.38 -11.43
N HIS E 217 -38.91 18.86 -11.58
CA HIS E 217 -37.68 18.15 -11.15
C HIS E 217 -37.42 18.38 -9.66
N SER E 218 -37.92 19.48 -9.13
CA SER E 218 -37.79 19.93 -7.72
C SER E 218 -38.78 19.19 -6.84
N ARG E 219 -39.98 18.85 -7.36
CA ARG E 219 -41.13 18.33 -6.57
C ARG E 219 -41.51 16.90 -6.94
N THR E 220 -41.30 16.46 -8.19
CA THR E 220 -41.85 15.17 -8.68
C THR E 220 -40.72 14.18 -8.99
N SER E 221 -39.76 14.54 -9.83
CA SER E 221 -38.75 13.59 -10.40
C SER E 221 -37.60 13.38 -9.40
N GLY E 222 -37.27 14.39 -8.59
CA GLY E 222 -36.12 14.33 -7.67
C GLY E 222 -34.79 14.65 -8.36
N VAL E 223 -34.81 15.02 -9.65
CA VAL E 223 -33.58 15.33 -10.42
C VAL E 223 -32.93 16.59 -9.89
N ALA E 224 -33.72 17.57 -9.42
CA ALA E 224 -33.22 18.88 -8.95
C ALA E 224 -33.23 18.93 -7.43
N HIS E 225 -32.08 19.19 -6.82
CA HIS E 225 -31.88 19.26 -5.35
C HIS E 225 -32.37 20.62 -4.84
N PHE E 226 -32.31 21.64 -5.70
CA PHE E 226 -32.67 23.04 -5.38
C PHE E 226 -33.35 23.70 -6.59
N ALA E 227 -34.28 24.61 -6.31
CA ALA E 227 -35.00 25.44 -7.31
C ALA E 227 -35.16 26.86 -6.76
N TYR E 228 -35.00 27.85 -7.62
CA TYR E 228 -34.98 29.29 -7.25
C TYR E 228 -35.78 30.08 -8.31
N ASP E 229 -36.28 31.26 -7.93
CA ASP E 229 -37.11 32.12 -8.81
C ASP E 229 -36.21 32.85 -9.81
N ASP E 230 -34.95 33.12 -9.46
CA ASP E 230 -34.02 33.90 -10.29
C ASP E 230 -32.58 33.36 -10.18
N GLU E 231 -31.73 33.75 -11.12
CA GLU E 231 -30.31 33.29 -11.22
C GLU E 231 -29.51 33.85 -10.04
N GLU E 232 -29.82 35.05 -9.57
CA GLU E 232 -28.98 35.77 -8.56
C GLU E 232 -29.03 34.98 -7.24
N THR E 233 -30.21 34.56 -6.80
CA THR E 233 -30.43 33.79 -5.55
C THR E 233 -29.78 32.43 -5.70
N CYS E 234 -30.00 31.79 -6.85
CA CYS E 234 -29.46 30.46 -7.19
C CYS E 234 -27.93 30.46 -6.99
N LEU E 235 -27.22 31.42 -7.59
CA LEU E 235 -25.74 31.46 -7.55
C LEU E 235 -25.25 31.90 -6.18
N GLU E 236 -26.04 32.65 -5.42
CA GLU E 236 -25.74 32.98 -4.00
C GLU E 236 -25.72 31.68 -3.19
N GLU E 237 -26.69 30.78 -3.43
CA GLU E 237 -26.85 29.51 -2.67
C GLU E 237 -25.80 28.49 -3.12
N VAL E 238 -25.37 28.52 -4.38
CA VAL E 238 -24.23 27.70 -4.86
C VAL E 238 -22.99 28.05 -4.03
N ARG E 239 -22.72 29.34 -3.83
CA ARG E 239 -21.55 29.80 -3.04
C ARG E 239 -21.71 29.31 -1.59
N PHE E 240 -22.93 29.33 -1.06
CA PHE E 240 -23.19 28.96 0.34
C PHE E 240 -22.96 27.45 0.50
N LEU E 241 -23.47 26.64 -0.43
CA LEU E 241 -23.23 25.17 -0.45
C LEU E 241 -21.72 24.89 -0.51
N LEU E 242 -20.98 25.57 -1.39
CA LEU E 242 -19.51 25.36 -1.50
C LEU E 242 -18.84 25.64 -0.15
N SER E 243 -19.34 26.60 0.64
CA SER E 243 -18.74 26.98 1.96
C SER E 243 -18.93 25.87 3.00
N MET E 244 -19.85 24.94 2.74
CA MET E 244 -20.19 23.80 3.63
C MET E 244 -19.53 22.51 3.19
N LEU E 245 -18.88 22.49 2.02
CA LEU E 245 -18.28 21.26 1.43
C LEU E 245 -16.78 21.39 1.47
N PRO E 246 -16.03 20.27 1.59
CA PRO E 246 -14.58 20.31 1.46
C PRO E 246 -14.19 20.51 -0.02
N ALA E 247 -12.93 20.76 -0.29
CA ALA E 247 -12.39 20.90 -1.66
C ALA E 247 -12.41 19.52 -2.35
N ASN E 248 -12.19 18.46 -1.57
CA ASN E 248 -12.04 17.09 -2.12
C ASN E 248 -12.23 16.09 -0.98
N ASN E 249 -12.20 14.80 -1.28
CA ASN E 249 -12.54 13.71 -0.33
C ASN E 249 -11.38 13.45 0.64
N ARG E 250 -10.25 14.15 0.56
CA ARG E 250 -9.11 13.99 1.50
C ARG E 250 -9.20 15.01 2.65
N GLU E 251 -10.22 15.87 2.68
CA GLU E 251 -10.36 16.96 3.69
C GLU E 251 -11.74 16.86 4.33
N SER E 252 -11.91 17.45 5.51
CA SER E 252 -13.23 17.64 6.15
C SER E 252 -13.78 19.00 5.69
N ALA E 253 -15.09 19.19 5.78
CA ALA E 253 -15.72 20.48 5.46
C ALA E 253 -15.08 21.52 6.37
N PRO E 254 -14.84 22.75 5.87
CA PRO E 254 -14.09 23.73 6.63
C PRO E 254 -14.92 24.20 7.83
N ALA E 255 -14.32 24.24 9.01
CA ALA E 255 -14.92 24.75 10.27
C ALA E 255 -14.90 26.27 10.26
N VAL E 256 -15.87 26.91 10.93
CA VAL E 256 -15.92 28.38 11.12
C VAL E 256 -15.92 28.67 12.63
N PRO E 257 -15.54 29.88 13.08
CA PRO E 257 -15.73 30.25 14.47
C PRO E 257 -17.24 30.30 14.76
N CYS E 258 -17.62 29.93 15.98
CA CYS E 258 -19.03 29.84 16.43
C CYS E 258 -19.19 30.59 17.77
N ASP E 259 -20.03 31.64 17.78
CA ASP E 259 -20.38 32.37 19.03
C ASP E 259 -21.67 31.80 19.62
N ASP E 260 -22.39 30.88 18.95
CA ASP E 260 -23.59 30.20 19.53
C ASP E 260 -23.09 29.14 20.52
N PRO E 261 -23.29 29.31 21.85
CA PRO E 261 -22.63 28.45 22.82
C PRO E 261 -23.01 26.97 22.63
N ALA E 262 -22.05 26.08 22.86
CA ALA E 262 -22.23 24.62 22.72
C ALA E 262 -23.24 24.11 23.75
N ASP E 263 -23.42 24.83 24.87
CA ASP E 263 -24.24 24.38 26.03
C ASP E 263 -25.60 25.09 26.05
N ARG E 264 -25.97 25.80 24.98
CA ARG E 264 -27.27 26.50 24.89
C ARG E 264 -28.40 25.47 24.96
N ARG E 265 -29.24 25.56 25.99
CA ARG E 265 -30.31 24.58 26.27
C ARG E 265 -31.46 24.84 25.30
N GLY E 266 -32.20 23.79 24.93
CA GLY E 266 -33.28 23.85 23.94
C GLY E 266 -34.64 23.67 24.60
N GLN E 267 -34.98 24.54 25.54
CA GLN E 267 -36.19 24.43 26.40
C GLN E 267 -37.43 24.58 25.50
N ALA E 268 -37.31 25.25 24.34
CA ALA E 268 -38.41 25.40 23.35
C ALA E 268 -38.83 24.04 22.76
N LEU E 269 -37.95 23.03 22.80
CA LEU E 269 -38.25 21.68 22.25
C LEU E 269 -39.37 21.02 23.07
N TYR E 270 -39.51 21.39 24.35
CA TYR E 270 -40.58 20.88 25.24
C TYR E 270 -41.94 21.19 24.62
N ASP E 271 -42.10 22.36 24.00
CA ASP E 271 -43.39 22.83 23.40
C ASP E 271 -43.50 22.38 21.94
N LEU E 272 -42.39 22.38 21.17
CA LEU E 272 -42.41 22.10 19.71
C LEU E 272 -42.87 20.66 19.46
N VAL E 273 -42.53 19.73 20.35
CA VAL E 273 -42.80 18.28 20.16
C VAL E 273 -43.85 17.84 21.16
N PRO E 274 -45.10 17.59 20.69
CA PRO E 274 -46.14 17.06 21.57
C PRO E 274 -45.74 15.73 22.23
N ALA E 275 -46.12 15.52 23.49
CA ALA E 275 -46.08 14.19 24.16
C ALA E 275 -47.20 13.31 23.58
N ASP E 276 -48.30 13.90 23.07
CA ASP E 276 -49.40 13.20 22.34
C ASP E 276 -48.87 12.67 20.99
N GLY E 277 -48.66 11.35 20.88
CA GLY E 277 -48.05 10.69 19.71
C GLY E 277 -48.85 10.80 18.43
N ASN E 278 -50.10 11.25 18.48
CA ASN E 278 -51.01 11.37 17.30
C ASN E 278 -50.78 12.73 16.60
N ARG E 279 -50.32 13.75 17.34
CA ARG E 279 -50.28 15.16 16.88
C ARG E 279 -48.97 15.42 16.12
N PRO E 280 -49.00 16.00 14.90
CA PRO E 280 -47.80 16.35 14.17
C PRO E 280 -47.07 17.61 14.67
N TYR E 281 -45.90 17.86 14.11
CA TYR E 281 -45.06 19.07 14.30
C TYR E 281 -44.13 19.19 13.09
N ASP E 282 -43.55 20.36 12.91
CA ASP E 282 -42.53 20.61 11.85
C ASP E 282 -41.17 20.22 12.44
N MET E 283 -40.59 19.11 11.98
CA MET E 283 -39.26 18.61 12.43
C MET E 283 -38.18 19.67 12.12
N ARG E 284 -38.44 20.55 11.15
CA ARG E 284 -37.47 21.62 10.81
C ARG E 284 -37.31 22.56 12.01
N ALA E 285 -38.40 22.78 12.73
CA ALA E 285 -38.41 23.69 13.91
C ALA E 285 -37.48 23.10 14.98
N VAL E 286 -37.45 21.77 15.11
CA VAL E 286 -36.53 21.03 16.02
C VAL E 286 -35.09 21.26 15.57
N ILE E 287 -34.81 21.07 14.28
CA ILE E 287 -33.45 21.24 13.70
C ILE E 287 -33.00 22.69 13.98
N GLU E 288 -33.86 23.67 13.70
CA GLU E 288 -33.55 25.12 13.84
C GLU E 288 -33.21 25.46 15.30
N GLU E 289 -33.85 24.82 16.28
CA GLU E 289 -33.53 25.01 17.72
C GLU E 289 -32.11 24.52 18.01
N ILE E 290 -31.73 23.37 17.45
CA ILE E 290 -30.53 22.56 17.81
C ILE E 290 -29.26 23.13 17.16
N VAL E 291 -29.33 23.50 15.88
CA VAL E 291 -28.11 23.82 15.06
C VAL E 291 -27.66 25.26 15.29
N ASP E 292 -26.41 25.58 14.95
CA ASP E 292 -25.82 26.94 15.10
C ASP E 292 -26.75 27.95 14.45
N ASP E 293 -27.26 28.90 15.25
CA ASP E 293 -27.98 30.12 14.80
C ASP E 293 -29.25 29.77 14.03
N GLY E 294 -29.78 28.54 14.16
CA GLY E 294 -30.95 28.08 13.41
C GLY E 294 -30.72 28.03 11.91
N THR E 295 -29.47 28.11 11.43
CA THR E 295 -29.13 28.10 9.98
C THR E 295 -28.93 26.65 9.51
N HIS E 296 -29.63 26.28 8.45
CA HIS E 296 -29.45 25.01 7.71
C HIS E 296 -29.81 25.19 6.23
N LEU E 297 -29.13 24.45 5.36
CA LEU E 297 -29.39 24.44 3.90
C LEU E 297 -30.04 23.11 3.54
N GLU E 298 -31.36 23.13 3.35
CA GLU E 298 -32.14 21.91 3.12
C GLU E 298 -31.91 21.46 1.66
N VAL E 299 -31.64 20.18 1.44
CA VAL E 299 -31.50 19.65 0.06
C VAL E 299 -32.75 18.82 -0.26
N HIS E 300 -33.22 18.89 -1.50
CA HIS E 300 -34.47 18.26 -1.94
C HIS E 300 -35.63 18.77 -1.04
N GLU E 301 -35.62 20.04 -0.66
CA GLU E 301 -36.64 20.66 0.23
C GLU E 301 -38.05 20.28 -0.26
N ARG E 302 -38.32 20.33 -1.57
CA ARG E 302 -39.70 20.24 -2.09
C ARG E 302 -39.98 18.85 -2.66
N TRP E 303 -39.05 17.91 -2.53
CA TRP E 303 -39.26 16.50 -2.97
C TRP E 303 -39.32 15.60 -1.73
N ALA E 304 -40.22 14.62 -1.74
CA ALA E 304 -40.35 13.62 -0.65
C ALA E 304 -40.26 14.34 0.70
N THR E 305 -41.22 15.22 0.99
CA THR E 305 -41.20 16.12 2.18
C THR E 305 -41.43 15.31 3.47
N ASN E 306 -41.77 14.02 3.35
CA ASN E 306 -41.86 13.08 4.50
C ASN E 306 -40.48 12.87 5.15
N VAL E 307 -39.38 13.27 4.49
CA VAL E 307 -38.01 13.26 5.08
C VAL E 307 -37.35 14.62 4.83
N ILE E 308 -36.49 14.98 5.77
CA ILE E 308 -35.63 16.19 5.70
C ILE E 308 -34.19 15.72 5.60
N CYS E 309 -33.49 16.22 4.58
CA CYS E 309 -32.02 16.16 4.48
C CYS E 309 -31.51 17.59 4.49
N THR E 310 -30.64 17.96 5.43
CA THR E 310 -30.16 19.36 5.50
C THR E 310 -28.73 19.42 6.02
N LEU E 311 -27.96 20.40 5.52
CA LEU E 311 -26.60 20.70 5.98
C LEU E 311 -26.67 21.89 6.94
N ALA E 312 -26.02 21.77 8.09
CA ALA E 312 -26.04 22.77 9.17
C ALA E 312 -24.68 22.73 9.84
N ARG E 313 -24.49 23.49 10.91
CA ARG E 313 -23.24 23.47 11.68
C ARG E 313 -23.63 23.27 13.15
N LEU E 314 -22.79 22.52 13.88
CA LEU E 314 -22.84 22.32 15.33
C LEU E 314 -21.45 22.71 15.86
N ASP E 315 -21.39 23.78 16.67
CA ASP E 315 -20.11 24.31 17.21
C ASP E 315 -19.17 24.65 16.05
N GLY E 316 -19.71 25.14 14.93
CA GLY E 316 -18.93 25.66 13.78
C GLY E 316 -18.54 24.60 12.77
N LYS E 317 -18.85 23.32 13.04
CA LYS E 317 -18.43 22.15 12.23
C LYS E 317 -19.65 21.67 11.42
N VAL E 318 -19.49 21.44 10.14
CA VAL E 318 -20.60 21.00 9.24
C VAL E 318 -21.09 19.63 9.72
N VAL E 319 -22.40 19.44 9.70
CA VAL E 319 -23.11 18.15 9.94
C VAL E 319 -24.20 18.01 8.89
N GLY E 320 -24.50 16.78 8.52
CA GLY E 320 -25.67 16.47 7.69
C GLY E 320 -26.74 15.84 8.56
N ILE E 321 -27.98 16.26 8.39
CA ILE E 321 -29.09 15.82 9.28
C ILE E 321 -30.15 15.18 8.39
N VAL E 322 -30.52 13.95 8.73
CA VAL E 322 -31.63 13.20 8.11
C VAL E 322 -32.69 13.08 9.20
N ALA E 323 -33.94 13.43 8.90
CA ALA E 323 -35.02 13.44 9.91
C ALA E 323 -36.37 13.17 9.27
N ASN E 324 -37.17 12.32 9.89
CA ASN E 324 -38.60 12.15 9.53
C ASN E 324 -39.33 13.47 9.78
N GLN E 325 -40.31 13.77 8.94
CA GLN E 325 -41.18 14.98 9.01
C GLN E 325 -42.59 14.50 9.36
N PRO E 326 -42.99 14.48 10.65
CA PRO E 326 -44.31 13.99 11.03
C PRO E 326 -45.51 14.75 10.40
N GLN E 327 -45.30 16.02 10.04
CA GLN E 327 -46.25 16.88 9.27
C GLN E 327 -46.65 16.29 7.91
N SER E 328 -45.82 15.47 7.28
CA SER E 328 -45.98 15.07 5.86
C SER E 328 -46.02 13.55 5.78
N LEU E 329 -47.15 12.98 5.30
CA LEU E 329 -47.40 11.51 5.28
C LEU E 329 -47.08 10.86 6.64
N ALA E 330 -47.26 11.58 7.74
CA ALA E 330 -47.11 11.09 9.13
C ALA E 330 -45.67 10.64 9.40
N GLY E 331 -44.72 11.10 8.56
CA GLY E 331 -43.28 10.82 8.71
C GLY E 331 -42.91 9.40 8.31
N VAL E 332 -43.75 8.71 7.55
CA VAL E 332 -43.41 7.35 7.05
C VAL E 332 -42.26 7.49 6.04
N LEU E 333 -41.48 6.42 5.90
CA LEU E 333 -40.53 6.26 4.77
C LEU E 333 -41.30 5.64 3.59
N ASP E 334 -41.03 6.12 2.38
CA ASP E 334 -41.57 5.58 1.12
C ASP E 334 -40.41 5.50 0.13
N ILE E 335 -40.69 5.16 -1.14
CA ILE E 335 -39.69 5.07 -2.21
C ILE E 335 -38.93 6.39 -2.29
N ALA E 336 -39.67 7.49 -2.48
CA ALA E 336 -39.07 8.80 -2.80
C ALA E 336 -38.14 9.23 -1.65
N ALA E 337 -38.64 9.18 -0.41
CA ALA E 337 -37.86 9.54 0.80
C ALA E 337 -36.60 8.68 0.93
N SER E 338 -36.70 7.38 0.67
CA SER E 338 -35.56 6.43 0.72
C SER E 338 -34.51 6.86 -0.31
N GLU E 339 -34.94 7.16 -1.54
CA GLU E 339 -34.03 7.62 -2.61
C GLU E 339 -33.37 8.93 -2.18
N LYS E 340 -34.16 9.88 -1.68
CA LYS E 340 -33.66 11.22 -1.27
C LYS E 340 -32.59 11.07 -0.16
N ALA E 341 -32.88 10.31 0.88
CA ALA E 341 -32.01 10.17 2.06
C ALA E 341 -30.76 9.36 1.70
N ALA E 342 -30.92 8.31 0.89
CA ALA E 342 -29.80 7.45 0.43
C ALA E 342 -28.77 8.33 -0.28
N SER E 343 -29.23 9.17 -1.20
CA SER E 343 -28.41 10.09 -2.00
C SER E 343 -27.67 11.04 -1.05
N PHE E 344 -28.35 11.58 -0.04
CA PHE E 344 -27.77 12.58 0.88
C PHE E 344 -26.73 11.91 1.80
N VAL E 345 -27.06 10.74 2.35
CA VAL E 345 -26.13 10.00 3.25
C VAL E 345 -24.85 9.66 2.48
N GLN E 346 -24.99 9.16 1.27
CA GLN E 346 -23.87 8.76 0.39
C GLN E 346 -22.95 9.97 0.13
N THR E 347 -23.52 11.11 -0.22
CA THR E 347 -22.78 12.37 -0.50
C THR E 347 -22.01 12.82 0.75
N CYS E 348 -22.67 12.93 1.89
CA CYS E 348 -22.05 13.36 3.16
C CYS E 348 -20.90 12.39 3.49
N ASP E 349 -21.17 11.08 3.38
CA ASP E 349 -20.17 10.04 3.70
C ASP E 349 -18.92 10.28 2.84
N SER E 350 -19.09 10.50 1.54
CA SER E 350 -17.94 10.56 0.61
C SER E 350 -17.16 11.86 0.84
N PHE E 351 -17.80 12.90 1.39
CA PHE E 351 -17.12 14.20 1.66
C PHE E 351 -16.92 14.42 3.17
N ASN E 352 -16.84 13.34 3.96
CA ASN E 352 -16.36 13.35 5.36
C ASN E 352 -17.22 14.26 6.24
N ILE E 353 -18.51 14.40 5.92
CA ILE E 353 -19.49 15.16 6.72
C ILE E 353 -20.19 14.20 7.66
N PRO E 354 -20.09 14.43 8.99
CA PRO E 354 -20.78 13.62 9.99
C PRO E 354 -22.30 13.60 9.80
N LEU E 355 -22.95 12.52 10.21
CA LEU E 355 -24.41 12.33 10.03
C LEU E 355 -25.11 12.23 11.39
N VAL E 356 -26.15 13.03 11.56
CA VAL E 356 -27.10 12.97 12.70
C VAL E 356 -28.48 12.61 12.15
N THR E 357 -29.09 11.54 12.66
CA THR E 357 -30.41 11.07 12.22
C THR E 357 -31.40 11.28 13.38
N LEU E 358 -32.48 12.02 13.14
CA LEU E 358 -33.58 12.25 14.11
C LEU E 358 -34.78 11.40 13.69
N LEU E 359 -35.19 10.45 14.53
CA LEU E 359 -36.30 9.50 14.22
C LEU E 359 -37.62 9.97 14.85
N ASP E 360 -38.67 9.94 14.05
CA ASP E 360 -40.08 9.92 14.51
C ASP E 360 -40.85 9.28 13.37
N VAL E 361 -40.77 7.95 13.31
CA VAL E 361 -41.18 7.16 12.11
C VAL E 361 -42.06 5.99 12.55
N PRO E 362 -43.31 5.92 12.07
CA PRO E 362 -44.23 4.83 12.40
C PRO E 362 -44.05 3.54 11.60
N GLY E 363 -43.36 3.62 10.46
CA GLY E 363 -43.18 2.49 9.53
C GLY E 363 -42.99 2.98 8.10
N PHE E 364 -43.28 2.12 7.14
CA PHE E 364 -43.21 2.45 5.69
C PHE E 364 -44.61 2.72 5.14
N LEU E 365 -44.71 3.47 4.04
CA LEU E 365 -45.99 3.75 3.34
C LEU E 365 -46.50 2.44 2.77
N PRO E 366 -47.71 1.99 3.19
CA PRO E 366 -48.30 0.77 2.68
C PRO E 366 -48.98 0.99 1.33
N GLY E 367 -49.05 -0.05 0.51
CA GLY E 367 -49.87 0.01 -0.72
C GLY E 367 -49.27 -0.77 -1.87
N VAL E 368 -50.11 -1.18 -2.81
CA VAL E 368 -49.73 -1.80 -4.10
C VAL E 368 -48.74 -0.87 -4.81
N ASP E 369 -49.00 0.43 -4.83
CA ASP E 369 -48.17 1.45 -5.52
C ASP E 369 -46.71 1.30 -5.04
N GLN E 370 -46.50 1.26 -3.74
CA GLN E 370 -45.15 1.16 -3.13
C GLN E 370 -44.50 -0.20 -3.43
N GLU E 371 -45.20 -1.32 -3.25
CA GLU E 371 -44.59 -2.67 -3.37
C GLU E 371 -44.30 -2.95 -4.86
N HIS E 372 -45.22 -2.58 -5.76
CA HIS E 372 -45.14 -2.85 -7.22
C HIS E 372 -44.05 -1.97 -7.86
N ASN E 373 -43.78 -0.79 -7.34
CA ASN E 373 -42.72 0.11 -7.85
C ASN E 373 -41.40 -0.10 -7.10
N GLY E 374 -41.34 -1.07 -6.20
CA GLY E 374 -40.10 -1.62 -5.63
C GLY E 374 -39.59 -0.93 -4.37
N ILE E 375 -40.44 -0.60 -3.39
CA ILE E 375 -39.98 -0.13 -2.06
C ILE E 375 -38.92 -1.10 -1.52
N ILE E 376 -38.99 -2.39 -1.83
CA ILE E 376 -37.99 -3.36 -1.33
C ILE E 376 -36.59 -2.96 -1.82
N ARG E 377 -36.44 -2.62 -3.09
CA ARG E 377 -35.10 -2.28 -3.62
C ARG E 377 -34.77 -0.80 -3.38
N HIS E 378 -35.76 0.11 -3.31
CA HIS E 378 -35.49 1.55 -3.06
C HIS E 378 -35.20 1.78 -1.58
N GLY E 379 -35.94 1.15 -0.68
CA GLY E 379 -35.66 1.24 0.77
C GLY E 379 -34.28 0.70 1.08
N ALA E 380 -33.84 -0.35 0.37
CA ALA E 380 -32.52 -0.98 0.59
C ALA E 380 -31.40 0.02 0.28
N LYS E 381 -31.67 1.04 -0.56
CA LYS E 381 -30.63 2.05 -0.92
C LYS E 381 -30.22 2.83 0.33
N LEU E 382 -31.20 3.26 1.13
CA LEU E 382 -30.94 4.03 2.37
C LEU E 382 -30.20 3.13 3.36
N LEU E 383 -30.66 1.90 3.51
CA LEU E 383 -30.05 0.88 4.40
C LEU E 383 -28.57 0.69 4.02
N TYR E 384 -28.30 0.50 2.75
CA TYR E 384 -26.92 0.29 2.20
C TYR E 384 -26.09 1.54 2.50
N ALA E 385 -26.61 2.72 2.20
CA ALA E 385 -25.88 3.99 2.40
C ALA E 385 -25.45 4.14 3.87
N TYR E 386 -26.33 3.87 4.83
CA TYR E 386 -25.99 3.95 6.27
C TYR E 386 -25.00 2.84 6.64
N CYS E 387 -25.29 1.60 6.26
CA CYS E 387 -24.42 0.43 6.61
C CYS E 387 -23.00 0.68 6.08
N ASN E 388 -22.89 1.29 4.92
CA ASN E 388 -21.60 1.48 4.21
C ASN E 388 -20.89 2.76 4.67
N ALA E 389 -21.54 3.59 5.49
CA ALA E 389 -21.03 4.92 5.89
C ALA E 389 -19.96 4.77 6.97
N THR E 390 -18.89 5.58 6.88
CA THR E 390 -17.74 5.52 7.79
C THR E 390 -17.52 6.83 8.53
N VAL E 391 -18.21 7.91 8.17
CA VAL E 391 -18.21 9.17 8.95
C VAL E 391 -18.83 8.89 10.32
N PRO E 392 -18.60 9.76 11.32
CA PRO E 392 -19.33 9.69 12.59
C PRO E 392 -20.83 9.66 12.34
N ARG E 393 -21.52 8.78 13.05
CA ARG E 393 -22.99 8.61 12.91
C ARG E 393 -23.65 8.60 14.29
N ILE E 394 -24.58 9.53 14.52
CA ILE E 394 -25.40 9.54 15.77
C ILE E 394 -26.87 9.51 15.39
N SER E 395 -27.64 8.58 15.96
CA SER E 395 -29.12 8.56 15.81
C SER E 395 -29.75 8.97 17.14
N LEU E 396 -30.90 9.62 17.07
CA LEU E 396 -31.63 10.17 18.22
C LEU E 396 -33.13 9.94 17.97
N VAL E 397 -33.77 9.12 18.80
CA VAL E 397 -35.23 8.85 18.71
C VAL E 397 -35.99 9.91 19.51
N LEU E 398 -36.81 10.72 18.85
CA LEU E 398 -37.65 11.77 19.48
C LEU E 398 -38.94 11.10 20.00
N ARG E 399 -39.68 10.45 19.10
CA ARG E 399 -40.94 9.75 19.46
C ARG E 399 -40.96 8.31 18.96
N LYS E 400 -41.64 8.04 17.85
CA LYS E 400 -41.90 6.67 17.38
C LYS E 400 -40.64 6.19 16.62
N ALA E 401 -40.34 4.90 16.77
CA ALA E 401 -39.35 4.17 15.98
C ALA E 401 -39.83 2.72 15.94
N TYR E 402 -40.61 2.37 14.93
CA TYR E 402 -41.28 1.04 14.82
C TYR E 402 -40.60 0.20 13.74
N GLY E 403 -40.29 -1.05 14.08
CA GLY E 403 -39.99 -2.11 13.10
C GLY E 403 -38.77 -1.82 12.26
N GLY E 404 -38.80 -2.26 11.00
CA GLY E 404 -37.71 -2.11 10.02
C GLY E 404 -37.29 -0.66 9.89
N ALA E 405 -38.22 0.28 9.99
CA ALA E 405 -37.94 1.72 9.87
C ALA E 405 -36.97 2.15 10.99
N TYR E 406 -37.17 1.68 12.21
CA TYR E 406 -36.24 1.97 13.34
C TYR E 406 -34.84 1.49 12.95
N ILE E 407 -34.75 0.31 12.34
CA ILE E 407 -33.45 -0.35 12.06
C ILE E 407 -32.74 0.34 10.89
N VAL E 408 -33.50 0.72 9.88
CA VAL E 408 -32.99 1.41 8.66
C VAL E 408 -32.47 2.81 9.02
N MET E 409 -33.12 3.54 9.93
CA MET E 409 -32.74 4.95 10.28
C MET E 409 -31.55 4.94 11.25
N ASP E 410 -30.42 4.40 10.82
CA ASP E 410 -29.12 4.44 11.55
C ASP E 410 -29.32 3.98 13.00
N SER E 411 -29.93 2.82 13.21
CA SER E 411 -29.93 2.10 14.52
C SER E 411 -28.48 1.75 14.85
N ARG E 412 -28.18 1.57 16.13
CA ARG E 412 -26.95 0.90 16.60
C ARG E 412 -26.73 -0.39 15.81
N SER E 413 -27.79 -1.13 15.51
CA SER E 413 -27.69 -2.49 14.89
C SER E 413 -27.08 -2.42 13.50
N ILE E 414 -27.19 -1.29 12.79
CA ILE E 414 -26.56 -1.15 11.43
C ILE E 414 -25.30 -0.28 11.49
N GLY E 415 -24.83 0.12 12.67
CA GLY E 415 -23.45 0.62 12.87
C GLY E 415 -23.35 2.06 13.34
N ALA E 416 -24.44 2.68 13.79
CA ALA E 416 -24.37 4.02 14.44
C ALA E 416 -23.39 3.95 15.62
N ASP E 417 -22.57 4.99 15.77
CA ASP E 417 -21.57 5.09 16.84
C ASP E 417 -22.29 5.38 18.16
N LEU E 418 -23.31 6.22 18.13
CA LEU E 418 -24.14 6.53 19.33
C LEU E 418 -25.60 6.56 18.92
N ALA E 419 -26.47 6.04 19.79
CA ALA E 419 -27.93 6.13 19.68
C ALA E 419 -28.45 6.72 20.99
N LEU E 420 -29.21 7.80 20.85
CA LEU E 420 -29.80 8.55 21.98
C LEU E 420 -31.32 8.49 21.80
N ALA E 421 -32.05 8.72 22.89
CA ALA E 421 -33.53 8.82 22.89
C ALA E 421 -33.95 9.91 23.85
N TRP E 422 -35.05 10.56 23.50
CA TRP E 422 -35.82 11.44 24.42
C TRP E 422 -36.72 10.55 25.27
N PRO E 423 -37.20 11.06 26.43
CA PRO E 423 -38.11 10.31 27.29
C PRO E 423 -39.49 10.07 26.66
N THR E 424 -39.72 10.66 25.48
CA THR E 424 -40.98 10.50 24.71
C THR E 424 -40.83 9.35 23.71
N ASN E 425 -39.73 8.61 23.74
CA ASN E 425 -39.44 7.56 22.71
C ASN E 425 -40.39 6.38 22.89
N GLU E 426 -40.87 5.82 21.77
CA GLU E 426 -41.56 4.51 21.67
C GLU E 426 -40.80 3.67 20.66
N ILE E 427 -39.87 2.84 21.12
CA ILE E 427 -39.11 1.92 20.26
C ILE E 427 -39.75 0.53 20.40
N ALA E 428 -40.34 -0.01 19.33
CA ALA E 428 -41.04 -1.31 19.35
C ALA E 428 -41.04 -1.97 17.98
N VAL E 429 -41.41 -3.24 17.91
CA VAL E 429 -41.44 -4.02 16.64
C VAL E 429 -42.67 -3.59 15.83
N MET E 430 -43.78 -3.24 16.49
CA MET E 430 -45.00 -2.63 15.87
C MET E 430 -45.78 -1.93 16.99
N GLY E 431 -46.91 -1.29 16.63
CA GLY E 431 -47.91 -0.76 17.57
C GLY E 431 -48.37 -1.83 18.55
N ALA E 432 -48.83 -1.44 19.73
CA ALA E 432 -49.27 -2.33 20.84
C ALA E 432 -50.50 -3.13 20.40
N GLU E 433 -51.45 -2.42 19.79
CA GLU E 433 -52.68 -2.93 19.14
C GLU E 433 -52.29 -4.16 18.29
N GLY E 434 -51.36 -3.99 17.35
CA GLY E 434 -50.89 -5.07 16.45
C GLY E 434 -50.21 -6.21 17.22
N ALA E 435 -49.29 -5.89 18.13
CA ALA E 435 -48.42 -6.87 18.82
C ALA E 435 -49.24 -7.77 19.74
N ALA E 436 -50.04 -7.17 20.64
CA ALA E 436 -50.97 -7.88 21.54
C ALA E 436 -51.94 -8.72 20.71
N GLY E 437 -52.41 -8.15 19.59
CA GLY E 437 -53.24 -8.82 18.57
C GLY E 437 -52.71 -10.20 18.22
N VAL E 438 -51.45 -10.29 17.76
CA VAL E 438 -50.78 -11.55 17.31
C VAL E 438 -50.48 -12.45 18.52
N ILE E 439 -49.88 -11.90 19.58
CA ILE E 439 -49.32 -12.73 20.70
C ILE E 439 -50.46 -13.45 21.42
N PHE E 440 -51.61 -12.77 21.59
CA PHE E 440 -52.77 -13.26 22.39
C PHE E 440 -53.97 -13.54 21.47
N ARG E 441 -53.75 -13.74 20.17
CA ARG E 441 -54.81 -14.10 19.17
C ARG E 441 -55.68 -15.22 19.77
N ARG E 442 -55.04 -16.26 20.31
CA ARG E 442 -55.69 -17.48 20.88
C ARG E 442 -56.60 -17.10 22.05
N ASP E 443 -56.11 -16.31 23.02
CA ASP E 443 -56.82 -15.96 24.28
C ASP E 443 -57.97 -14.97 24.02
N ILE E 444 -57.87 -14.14 22.96
CA ILE E 444 -58.93 -13.15 22.56
C ILE E 444 -60.09 -13.91 21.91
N ASN E 445 -59.77 -14.91 21.09
CA ASN E 445 -60.75 -15.71 20.30
C ASN E 445 -61.54 -16.65 21.22
N ALA E 446 -61.01 -16.98 22.41
CA ALA E 446 -61.75 -17.65 23.51
C ALA E 446 -62.42 -16.57 24.37
N ALA E 447 -62.80 -16.99 25.59
CA ALA E 447 -63.09 -16.08 26.70
C ALA E 447 -64.37 -15.24 26.57
N ASP E 448 -64.86 -14.84 27.74
CA ASP E 448 -65.99 -13.88 27.86
C ASP E 448 -65.44 -12.47 27.63
N ASP E 449 -66.08 -11.76 26.70
CA ASP E 449 -65.82 -10.35 26.29
C ASP E 449 -64.47 -10.26 25.58
N PRO E 450 -64.37 -10.72 24.31
CA PRO E 450 -63.18 -10.52 23.48
C PRO E 450 -62.58 -9.09 23.48
N GLU E 451 -63.44 -8.06 23.46
CA GLU E 451 -63.03 -6.65 23.27
C GLU E 451 -62.45 -6.08 24.57
N ALA E 452 -62.72 -6.68 25.74
CA ALA E 452 -62.21 -6.22 27.05
C ALA E 452 -60.88 -6.92 27.36
N VAL E 453 -60.69 -8.15 26.88
CA VAL E 453 -59.43 -8.92 27.03
C VAL E 453 -58.39 -8.39 26.03
N ARG E 454 -58.81 -7.97 24.83
CA ARG E 454 -57.95 -7.25 23.85
C ARG E 454 -57.45 -5.94 24.49
N ARG E 455 -58.36 -5.01 24.83
CA ARG E 455 -58.04 -3.69 25.43
C ARG E 455 -57.11 -3.86 26.64
N GLN E 456 -57.26 -4.95 27.40
CA GLN E 456 -56.43 -5.23 28.61
C GLN E 456 -54.99 -5.58 28.20
N ARG E 457 -54.83 -6.57 27.30
CA ARG E 457 -53.51 -7.07 26.81
C ARG E 457 -52.75 -5.96 26.07
N VAL E 458 -53.43 -5.11 25.32
CA VAL E 458 -52.84 -3.92 24.63
C VAL E 458 -52.26 -2.97 25.70
N GLU E 459 -53.03 -2.66 26.75
CA GLU E 459 -52.60 -1.74 27.84
C GLU E 459 -51.37 -2.33 28.55
N GLU E 460 -51.38 -3.65 28.82
CA GLU E 460 -50.26 -4.36 29.49
C GLU E 460 -49.02 -4.33 28.59
N TYR E 461 -49.18 -4.59 27.29
CA TYR E 461 -48.06 -4.54 26.31
C TYR E 461 -47.45 -3.14 26.30
N LYS E 462 -48.27 -2.10 26.14
CA LYS E 462 -47.82 -0.68 26.04
C LYS E 462 -47.06 -0.29 27.31
N ALA E 463 -47.55 -0.70 28.48
CA ALA E 463 -47.00 -0.29 29.79
C ALA E 463 -45.66 -0.98 30.03
N GLU E 464 -45.56 -2.26 29.65
CA GLU E 464 -44.47 -3.18 30.07
C GLU E 464 -43.33 -3.18 29.04
N LEU E 465 -43.63 -3.11 27.73
CA LEU E 465 -42.61 -3.37 26.65
C LEU E 465 -42.34 -2.12 25.83
N MET E 466 -43.11 -1.05 26.00
CA MET E 466 -43.03 0.15 25.15
C MET E 466 -42.86 1.42 25.99
N HIS E 467 -42.44 1.29 27.24
CA HIS E 467 -42.10 2.47 28.06
C HIS E 467 -40.80 3.05 27.54
N PRO E 468 -40.52 4.34 27.82
CA PRO E 468 -39.33 5.00 27.29
C PRO E 468 -37.96 4.44 27.66
N TYR E 469 -37.86 3.47 28.56
CA TYR E 469 -36.56 2.98 29.11
C TYR E 469 -36.30 1.55 28.64
N TYR E 470 -37.20 0.96 27.86
CA TYR E 470 -37.05 -0.46 27.44
C TYR E 470 -35.78 -0.65 26.60
N ALA E 471 -35.63 0.14 25.56
CA ALA E 471 -34.47 0.09 24.62
C ALA E 471 -33.18 0.39 25.40
N ALA E 472 -33.18 1.41 26.25
CA ALA E 472 -32.01 1.82 27.06
C ALA E 472 -31.59 0.69 28.00
N GLU E 473 -32.54 -0.03 28.57
CA GLU E 473 -32.24 -1.08 29.58
C GLU E 473 -31.61 -2.29 28.88
N ARG E 474 -31.81 -2.43 27.55
CA ARG E 474 -31.29 -3.56 26.76
C ARG E 474 -30.11 -3.15 25.86
N GLY E 475 -29.67 -1.90 25.89
CA GLY E 475 -28.47 -1.45 25.17
C GLY E 475 -28.73 -1.06 23.72
N LEU E 476 -29.98 -1.02 23.26
CA LEU E 476 -30.31 -0.60 21.88
C LEU E 476 -30.10 0.90 21.75
N VAL E 477 -30.23 1.66 22.84
CA VAL E 477 -29.79 3.08 22.88
C VAL E 477 -28.80 3.25 24.04
N ASP E 478 -27.91 4.23 23.89
CA ASP E 478 -26.75 4.43 24.78
C ASP E 478 -27.16 5.30 25.97
N ASP E 479 -28.19 6.12 25.80
CA ASP E 479 -28.66 7.05 26.84
C ASP E 479 -30.04 7.60 26.49
N VAL E 480 -30.81 7.94 27.53
CA VAL E 480 -32.05 8.74 27.40
C VAL E 480 -31.71 10.12 27.94
N ILE E 481 -31.97 11.17 27.18
CA ILE E 481 -31.48 12.53 27.50
C ILE E 481 -32.65 13.50 27.68
N ASP E 482 -32.38 14.57 28.40
CA ASP E 482 -33.23 15.77 28.48
C ASP E 482 -33.29 16.35 27.07
N PRO E 483 -34.47 16.44 26.41
CA PRO E 483 -34.56 17.05 25.09
C PRO E 483 -33.78 18.36 24.99
N ALA E 484 -33.79 19.16 26.05
CA ALA E 484 -33.18 20.51 26.05
C ALA E 484 -31.66 20.42 26.03
N ASP E 485 -31.08 19.25 26.28
CA ASP E 485 -29.61 19.02 26.23
C ASP E 485 -29.17 18.52 24.84
N THR E 486 -30.10 18.30 23.90
CA THR E 486 -29.82 17.67 22.57
C THR E 486 -28.61 18.34 21.90
N ARG E 487 -28.64 19.67 21.74
CA ARG E 487 -27.54 20.41 21.09
C ARG E 487 -26.20 19.99 21.71
N GLU E 488 -26.06 20.09 23.03
CA GLU E 488 -24.77 19.84 23.73
C GLU E 488 -24.33 18.38 23.57
N VAL E 489 -25.26 17.43 23.68
CA VAL E 489 -24.94 15.98 23.63
C VAL E 489 -24.43 15.64 22.22
N LEU E 490 -25.08 16.16 21.18
CA LEU E 490 -24.61 15.93 19.79
C LEU E 490 -23.24 16.55 19.62
N ILE E 491 -23.01 17.78 20.08
CA ILE E 491 -21.69 18.45 19.92
C ILE E 491 -20.60 17.59 20.57
N ARG E 492 -20.87 17.04 21.76
CA ARG E 492 -19.85 16.34 22.57
C ARG E 492 -19.58 14.97 21.94
N GLY E 493 -20.63 14.30 21.47
CA GLY E 493 -20.57 13.02 20.73
C GLY E 493 -19.75 13.16 19.46
N LEU E 494 -20.05 14.15 18.62
CA LEU E 494 -19.33 14.42 17.35
C LEU E 494 -17.87 14.76 17.66
N ALA E 495 -17.58 15.44 18.76
CA ALA E 495 -16.19 15.85 19.07
C ALA E 495 -15.42 14.61 19.48
N MET E 496 -16.06 13.67 20.17
CA MET E 496 -15.38 12.42 20.59
C MET E 496 -15.10 11.56 19.34
N LEU E 497 -15.99 11.61 18.35
CA LEU E 497 -15.94 10.76 17.13
C LEU E 497 -15.14 11.42 15.99
N ARG E 498 -14.66 12.66 16.15
CA ARG E 498 -14.00 13.43 15.05
C ARG E 498 -12.87 12.59 14.44
N THR E 499 -12.10 11.85 15.24
CA THR E 499 -10.90 11.07 14.80
C THR E 499 -11.28 9.67 14.35
N LYS E 500 -12.57 9.33 14.27
CA LYS E 500 -13.02 7.96 13.88
C LYS E 500 -12.32 7.55 12.59
N HIS E 501 -11.54 6.47 12.61
CA HIS E 501 -11.16 5.75 11.38
C HIS E 501 -12.04 4.51 11.31
N ALA E 502 -12.69 4.29 10.17
CA ALA E 502 -13.31 2.99 9.82
C ALA E 502 -12.77 2.58 8.45
N ASP E 503 -12.51 1.27 8.32
CA ASP E 503 -11.85 0.64 7.14
C ASP E 503 -12.99 0.12 6.25
N LEU E 504 -12.85 0.29 4.93
CA LEU E 504 -13.82 -0.24 3.94
C LEU E 504 -13.24 -1.53 3.36
N PRO E 505 -14.08 -2.49 2.88
CA PRO E 505 -13.55 -3.76 2.39
C PRO E 505 -12.73 -3.60 1.11
N MET E 506 -11.89 -4.59 0.79
CA MET E 506 -11.09 -4.63 -0.46
C MET E 506 -12.04 -5.03 -1.63
N ARG E 507 -12.37 -4.07 -2.48
CA ARG E 507 -13.27 -4.28 -3.64
C ARG E 507 -13.17 -3.11 -4.62
N LYS E 508 -13.49 -3.34 -5.90
CA LYS E 508 -13.65 -2.25 -6.90
C LYS E 508 -14.70 -1.25 -6.40
N HIS E 509 -15.83 -1.76 -5.95
CA HIS E 509 -17.04 -1.01 -5.48
C HIS E 509 -17.98 -2.08 -4.94
N GLY E 510 -18.86 -1.71 -4.02
CA GLY E 510 -20.01 -2.55 -3.67
C GLY E 510 -20.95 -2.65 -4.84
N ASN E 511 -22.00 -3.47 -4.73
CA ASN E 511 -23.12 -3.55 -5.69
C ASN E 511 -24.38 -3.06 -5.01
N PRO E 512 -24.50 -1.75 -4.71
CA PRO E 512 -25.70 -1.22 -4.08
C PRO E 512 -26.91 -1.48 -4.97
N PRO E 513 -28.13 -1.53 -4.38
CA PRO E 513 -29.34 -1.77 -5.16
C PRO E 513 -29.53 -0.63 -6.18
N GLN E 514 -29.91 -0.98 -7.42
CA GLN E 514 -30.31 -0.01 -8.48
C GLN E 514 -31.84 0.10 -8.51
N ARG F 2 38.76 14.49 36.94
CA ARG F 2 39.55 15.80 36.95
C ARG F 2 40.91 15.63 36.24
N LYS F 3 41.63 14.52 36.44
CA LYS F 3 42.72 14.06 35.54
C LYS F 3 42.11 13.70 34.19
N GLN F 4 40.93 13.07 34.22
CA GLN F 4 40.21 12.51 33.05
C GLN F 4 39.74 13.65 32.15
N LEU F 5 39.21 14.73 32.72
CA LEU F 5 38.74 15.93 31.97
C LEU F 5 39.90 16.60 31.24
N ASP F 6 41.05 16.72 31.92
CA ASP F 6 42.28 17.35 31.38
C ASP F 6 42.76 16.50 30.20
N GLU F 7 42.82 15.17 30.35
CA GLU F 7 43.17 14.23 29.27
C GLU F 7 42.19 14.46 28.09
N LEU F 8 40.88 14.59 28.37
CA LEU F 8 39.83 14.75 27.33
C LEU F 8 40.04 16.05 26.57
N LEU F 9 40.30 17.17 27.25
CA LEU F 9 40.55 18.48 26.55
C LEU F 9 41.81 18.37 25.70
N ASP F 10 42.82 17.62 26.14
CA ASP F 10 44.12 17.48 25.43
C ASP F 10 43.86 16.68 24.16
N ILE F 11 43.23 15.50 24.25
CA ILE F 11 42.98 14.62 23.07
C ILE F 11 42.11 15.39 22.06
N LYS F 12 41.07 16.13 22.50
CA LYS F 12 40.16 16.86 21.60
C LYS F 12 40.95 17.97 20.89
N GLU F 13 41.77 18.71 21.63
CA GLU F 13 42.63 19.79 21.08
C GLU F 13 43.59 19.19 20.04
N SER F 14 44.16 18.02 20.33
CA SER F 14 45.13 17.34 19.46
C SER F 14 44.43 16.86 18.17
N ALA F 15 43.19 16.40 18.26
CA ALA F 15 42.41 15.92 17.10
C ALA F 15 41.99 17.12 16.22
N ARG F 16 41.50 18.20 16.85
CA ARG F 16 41.00 19.44 16.19
C ARG F 16 42.12 20.06 15.35
N GLY F 17 43.36 20.11 15.86
CA GLY F 17 44.51 20.76 15.21
C GLY F 17 45.11 19.91 14.11
N GLY F 18 44.62 18.70 13.92
CA GLY F 18 45.17 17.78 12.90
C GLY F 18 46.56 17.29 13.31
N PRO F 19 47.28 16.62 12.39
CA PRO F 19 48.44 15.81 12.74
C PRO F 19 49.68 16.64 13.13
N ASP F 20 49.94 17.74 12.42
CA ASP F 20 51.06 18.67 12.73
C ASP F 20 50.78 20.07 12.12
N PRO F 21 51.30 21.17 12.70
CA PRO F 21 51.11 22.52 12.14
C PRO F 21 51.86 22.84 10.84
N ASP F 22 52.88 22.05 10.48
CA ASP F 22 53.55 22.13 9.16
C ASP F 22 52.57 21.76 8.04
N ALA F 23 51.73 20.72 8.24
CA ALA F 23 50.71 20.26 7.27
C ALA F 23 49.66 21.37 7.08
N THR F 24 49.26 22.06 8.16
CA THR F 24 48.34 23.23 8.09
C THR F 24 48.93 24.33 7.23
N ARG F 25 50.21 24.65 7.41
CA ARG F 25 50.91 25.73 6.67
C ARG F 25 50.97 25.34 5.18
N ARG F 26 51.36 24.11 4.86
CA ARG F 26 51.42 23.59 3.46
C ARG F 26 50.05 23.77 2.79
N GLN F 27 48.95 23.55 3.54
CA GLN F 27 47.56 23.65 3.02
C GLN F 27 47.25 25.13 2.76
N HIS F 28 47.50 26.02 3.73
CA HIS F 28 47.27 27.48 3.58
C HIS F 28 48.17 28.05 2.46
N ASP F 29 49.37 27.51 2.28
CA ASP F 29 50.35 27.97 1.27
C ASP F 29 49.78 27.75 -0.13
N LYS F 30 48.95 26.70 -0.31
CA LYS F 30 48.33 26.38 -1.63
C LYS F 30 47.13 27.29 -1.90
N GLY F 31 46.76 28.17 -0.95
CA GLY F 31 45.53 28.99 -1.06
C GLY F 31 44.29 28.19 -0.71
N LYS F 32 44.43 27.14 0.12
CA LYS F 32 43.31 26.27 0.55
C LYS F 32 43.02 26.52 2.04
N LEU F 33 41.75 26.34 2.45
CA LEU F 33 41.34 26.29 3.86
C LEU F 33 41.48 24.85 4.38
N THR F 34 41.46 24.67 5.71
CA THR F 34 41.38 23.35 6.37
C THR F 34 39.92 22.90 6.35
N ALA F 35 39.71 21.60 6.52
CA ALA F 35 38.38 20.96 6.66
C ALA F 35 37.53 21.72 7.68
N ARG F 36 38.07 22.04 8.85
CA ARG F 36 37.30 22.70 9.94
C ARG F 36 36.96 24.14 9.58
N GLU F 37 37.86 24.86 8.90
CA GLU F 37 37.59 26.26 8.48
C GLU F 37 36.42 26.24 7.49
N ARG F 38 36.38 25.24 6.59
CA ARG F 38 35.33 25.10 5.54
C ARG F 38 33.98 24.79 6.19
N ILE F 39 33.97 23.89 7.19
CA ILE F 39 32.73 23.51 7.92
C ILE F 39 32.16 24.75 8.61
N GLU F 40 33.03 25.63 9.14
CA GLU F 40 32.59 26.86 9.85
C GLU F 40 31.95 27.86 8.87
N LEU F 41 32.50 27.98 7.67
CA LEU F 41 31.90 28.85 6.60
C LEU F 41 30.56 28.30 6.12
N LEU F 42 30.42 26.96 6.00
CA LEU F 42 29.18 26.31 5.50
C LEU F 42 28.07 26.47 6.54
N LEU F 43 28.35 26.14 7.81
CA LEU F 43 27.31 25.95 8.86
C LEU F 43 27.11 27.25 9.65
N ASP F 44 25.91 27.45 10.17
CA ASP F 44 25.55 28.49 11.17
C ASP F 44 26.52 28.39 12.37
N LYS F 45 26.89 29.53 12.95
CA LYS F 45 27.77 29.65 14.14
C LYS F 45 27.29 28.67 15.20
N ASP F 46 28.20 27.84 15.72
CA ASP F 46 28.02 26.98 16.93
C ASP F 46 27.01 25.86 16.67
N SER F 47 26.65 25.53 15.43
CA SER F 47 25.62 24.51 15.14
C SER F 47 26.26 23.12 14.99
N PHE F 48 27.55 23.08 14.64
CA PHE F 48 28.27 21.83 14.28
C PHE F 48 28.39 20.88 15.47
N GLN F 49 27.95 19.63 15.27
CA GLN F 49 28.10 18.52 16.24
C GLN F 49 28.86 17.43 15.50
N GLU F 50 30.02 17.06 16.00
CA GLU F 50 30.94 16.13 15.32
C GLU F 50 30.67 14.72 15.81
N ILE F 51 30.84 13.74 14.93
CA ILE F 51 30.78 12.28 15.20
C ILE F 51 32.14 11.69 14.84
N GLU F 52 32.63 10.80 15.69
CA GLU F 52 33.84 9.97 15.46
C GLU F 52 35.08 10.88 15.26
N GLN F 53 35.15 12.01 15.95
CA GLN F 53 36.37 12.87 16.00
C GLN F 53 37.61 12.03 16.36
N LEU F 54 37.50 11.10 17.30
CA LEU F 54 38.66 10.37 17.87
C LEU F 54 38.89 9.06 17.15
N ARG F 55 38.14 8.78 16.09
CA ARG F 55 38.33 7.54 15.31
C ARG F 55 39.76 7.53 14.72
N ARG F 56 40.40 6.37 14.78
CA ARG F 56 41.74 6.13 14.21
C ARG F 56 41.72 4.81 13.44
N HIS F 57 42.61 4.67 12.48
CA HIS F 57 42.69 3.49 11.60
C HIS F 57 43.19 2.31 12.45
N ARG F 58 43.01 1.11 11.91
CA ARG F 58 43.47 -0.16 12.52
C ARG F 58 44.28 -0.98 11.49
N ALA F 59 44.83 -0.32 10.47
CA ALA F 59 45.64 -0.98 9.40
C ALA F 59 47.07 -1.16 9.92
N THR F 60 47.83 -2.09 9.34
CA THR F 60 49.28 -2.26 9.65
C THR F 60 50.10 -2.38 8.36
N GLY F 61 51.41 -2.53 8.50
CA GLY F 61 52.29 -2.57 7.32
C GLY F 61 52.49 -1.20 6.69
N PHE F 62 53.62 -1.11 5.96
CA PHE F 62 54.11 0.07 5.18
C PHE F 62 54.06 1.37 5.98
N GLY F 63 54.39 1.32 7.28
CA GLY F 63 54.56 2.48 8.16
C GLY F 63 53.27 3.02 8.74
N LEU F 64 52.13 2.39 8.51
CA LEU F 64 50.79 2.86 8.97
C LEU F 64 50.71 2.87 10.50
N GLU F 65 51.25 1.87 11.17
CA GLU F 65 51.16 1.70 12.67
C GLU F 65 51.68 2.97 13.35
N ALA F 66 52.59 3.70 12.72
CA ALA F 66 53.28 4.91 13.23
C ALA F 66 52.44 6.17 13.00
N LYS F 67 51.60 6.23 11.96
CA LYS F 67 50.79 7.41 11.55
C LYS F 67 49.28 7.05 11.69
N LYS F 68 48.69 7.16 12.88
CA LYS F 68 47.27 6.94 13.21
C LYS F 68 46.67 8.24 13.73
N PRO F 69 46.54 9.29 12.89
CA PRO F 69 45.91 10.52 13.33
C PRO F 69 44.40 10.36 13.62
N TYR F 70 43.96 11.10 14.63
CA TYR F 70 42.54 11.26 15.04
C TYR F 70 41.74 11.76 13.84
N THR F 71 40.50 11.26 13.69
CA THR F 71 39.53 11.55 12.60
C THR F 71 39.76 10.59 11.42
N ASP F 72 40.94 10.00 11.33
CA ASP F 72 41.43 9.20 10.17
C ASP F 72 41.20 9.92 8.84
N GLY F 73 41.19 11.25 8.79
CA GLY F 73 41.27 11.98 7.51
C GLY F 73 39.95 12.52 7.01
N VAL F 74 38.87 12.34 7.76
CA VAL F 74 37.55 12.94 7.37
C VAL F 74 36.85 13.44 8.64
N ILE F 75 36.27 14.64 8.56
CA ILE F 75 35.43 15.24 9.62
C ILE F 75 33.97 15.02 9.23
N THR F 76 33.18 14.41 10.11
CA THR F 76 31.76 14.06 9.86
C THR F 76 30.88 14.62 10.97
N GLY F 77 29.78 15.23 10.61
CA GLY F 77 28.77 15.62 11.60
C GLY F 77 27.63 16.34 10.96
N TRP F 78 26.85 17.04 11.76
CA TRP F 78 25.65 17.79 11.33
C TRP F 78 25.68 19.16 11.99
N GLY F 79 25.00 20.11 11.36
CA GLY F 79 24.73 21.43 11.93
C GLY F 79 23.48 22.00 11.30
N THR F 80 23.40 23.30 11.15
CA THR F 80 22.25 23.98 10.51
C THR F 80 22.79 24.94 9.44
N VAL F 81 21.99 25.15 8.40
CA VAL F 81 22.13 26.26 7.43
C VAL F 81 20.78 26.97 7.43
N HIS F 82 20.76 28.24 7.82
CA HIS F 82 19.53 29.07 7.98
C HIS F 82 18.54 28.34 8.90
N GLY F 83 19.03 27.65 9.94
CA GLY F 83 18.19 27.02 10.97
C GLY F 83 17.74 25.60 10.64
N ARG F 84 18.03 25.11 9.44
CA ARG F 84 17.63 23.76 8.96
C ARG F 84 18.81 22.80 9.05
N THR F 85 18.57 21.59 9.54
CA THR F 85 19.72 20.69 9.79
C THR F 85 20.28 20.23 8.42
N VAL F 86 21.60 20.15 8.36
CA VAL F 86 22.38 19.69 7.18
C VAL F 86 23.46 18.77 7.71
N PHE F 87 23.73 17.69 7.00
CA PHE F 87 24.80 16.71 7.32
C PHE F 87 25.98 17.04 6.40
N VAL F 88 27.20 16.92 6.94
CA VAL F 88 28.44 17.30 6.20
C VAL F 88 29.54 16.29 6.50
N TYR F 89 30.32 15.97 5.49
CA TYR F 89 31.65 15.34 5.63
C TYR F 89 32.66 16.15 4.82
N ALA F 90 33.87 16.24 5.35
CA ALA F 90 34.97 17.09 4.83
C ALA F 90 36.28 16.32 4.95
N HIS F 91 36.90 16.00 3.82
CA HIS F 91 38.25 15.38 3.79
C HIS F 91 39.28 16.34 4.39
N ASP F 92 40.22 15.79 5.14
CA ASP F 92 41.38 16.52 5.68
C ASP F 92 42.62 16.10 4.86
N PHE F 93 43.02 16.94 3.92
CA PHE F 93 44.15 16.68 2.99
C PHE F 93 45.47 16.46 3.76
N ARG F 94 45.56 16.98 4.99
CA ARG F 94 46.77 16.88 5.85
C ARG F 94 47.01 15.43 6.28
N ILE F 95 46.00 14.58 6.22
CA ILE F 95 46.07 13.16 6.66
C ILE F 95 46.03 12.28 5.41
N PHE F 96 47.18 11.67 5.06
CA PHE F 96 47.39 10.80 3.88
C PHE F 96 46.86 11.46 2.58
N GLY F 97 46.99 12.78 2.41
CA GLY F 97 46.49 13.49 1.21
C GLY F 97 44.98 13.39 1.05
N GLY F 98 44.25 13.21 2.16
CA GLY F 98 42.78 13.06 2.17
C GLY F 98 42.36 11.74 1.55
N ALA F 99 43.29 10.81 1.33
CA ALA F 99 43.03 9.51 0.68
C ALA F 99 42.20 8.63 1.61
N LEU F 100 41.42 7.73 0.98
CA LEU F 100 40.33 6.98 1.63
C LEU F 100 40.95 5.76 2.31
N GLY F 101 40.73 5.63 3.62
CA GLY F 101 41.03 4.39 4.36
C GLY F 101 39.76 3.69 4.74
N GLU F 102 39.87 2.47 5.26
CA GLU F 102 38.73 1.65 5.67
C GLU F 102 37.91 2.38 6.76
N ALA F 103 38.55 2.89 7.82
CA ALA F 103 37.87 3.56 8.94
C ALA F 103 37.25 4.88 8.48
N HIS F 104 38.04 5.71 7.80
CA HIS F 104 37.62 6.95 7.07
C HIS F 104 36.32 6.65 6.28
N ALA F 105 36.29 5.58 5.49
CA ALA F 105 35.14 5.23 4.65
C ALA F 105 33.93 4.86 5.52
N GLN F 106 34.11 4.07 6.57
CA GLN F 106 33.01 3.68 7.48
C GLN F 106 32.43 4.92 8.14
N LYS F 107 33.24 5.96 8.42
CA LYS F 107 32.74 7.22 9.02
C LYS F 107 31.81 7.89 8.01
N ILE F 108 32.20 7.93 6.74
CA ILE F 108 31.40 8.55 5.66
C ILE F 108 30.11 7.74 5.48
N HIS F 109 30.18 6.41 5.44
CA HIS F 109 28.99 5.53 5.35
C HIS F 109 28.00 5.91 6.46
N LYS F 110 28.50 6.01 7.69
CA LYS F 110 27.66 6.27 8.89
C LYS F 110 26.99 7.63 8.73
N LEU F 111 27.73 8.63 8.28
CA LEU F 111 27.18 9.99 8.20
C LEU F 111 26.14 10.05 7.07
N MET F 112 26.43 9.49 5.91
CA MET F 112 25.48 9.46 4.76
C MET F 112 24.20 8.76 5.20
N ASP F 113 24.31 7.64 5.93
CA ASP F 113 23.14 6.91 6.44
C ASP F 113 22.32 7.84 7.36
N MET F 114 22.97 8.68 8.16
CA MET F 114 22.24 9.55 9.12
C MET F 114 21.45 10.62 8.36
N ALA F 115 22.00 11.13 7.27
CA ALA F 115 21.33 12.13 6.40
C ALA F 115 20.08 11.52 5.76
N ILE F 116 20.19 10.32 5.21
CA ILE F 116 19.08 9.58 4.56
C ILE F 116 18.00 9.28 5.62
N ALA F 117 18.38 8.79 6.80
CA ALA F 117 17.46 8.44 7.90
C ALA F 117 16.73 9.69 8.40
N ALA F 118 17.38 10.84 8.45
CA ALA F 118 16.79 12.09 8.97
C ALA F 118 15.97 12.81 7.89
N GLY F 119 16.23 12.52 6.62
CA GLY F 119 15.63 13.28 5.52
C GLY F 119 16.11 14.70 5.55
N ALA F 120 17.43 14.90 5.49
CA ALA F 120 18.04 16.25 5.40
C ALA F 120 19.18 16.25 4.40
N PRO F 121 19.55 17.43 3.86
CA PRO F 121 20.58 17.49 2.83
C PRO F 121 21.95 17.00 3.29
N LEU F 122 22.73 16.52 2.33
CA LEU F 122 24.09 15.96 2.51
C LEU F 122 25.07 16.82 1.69
N VAL F 123 26.01 17.47 2.36
CA VAL F 123 27.07 18.30 1.72
C VAL F 123 28.42 17.64 1.93
N SER F 124 29.15 17.41 0.85
CA SER F 124 30.55 16.91 0.89
C SER F 124 31.47 18.09 0.58
N LEU F 125 32.47 18.32 1.44
CA LEU F 125 33.54 19.33 1.24
C LEU F 125 34.80 18.56 0.87
N ASN F 126 35.02 18.36 -0.43
CA ASN F 126 35.93 17.32 -0.95
C ASN F 126 37.33 17.91 -1.13
N ASP F 127 38.30 17.19 -0.62
CA ASP F 127 39.73 17.53 -0.69
C ASP F 127 40.47 16.23 -0.38
N GLY F 128 40.47 15.28 -1.30
CA GLY F 128 40.99 13.94 -1.00
C GLY F 128 40.33 12.90 -1.88
N ALA F 129 41.14 12.19 -2.63
CA ALA F 129 40.71 11.24 -3.65
C ALA F 129 41.72 10.10 -3.68
N GLY F 130 41.27 8.93 -4.09
CA GLY F 130 42.10 7.72 -4.21
C GLY F 130 42.13 6.94 -2.92
N ALA F 131 42.23 5.62 -3.01
CA ALA F 131 42.50 4.71 -1.87
C ALA F 131 43.91 4.99 -1.35
N ARG F 132 44.09 4.98 -0.03
CA ARG F 132 45.42 4.85 0.59
C ARG F 132 46.10 3.59 0.03
N ILE F 133 47.19 3.80 -0.66
CA ILE F 133 47.99 2.72 -1.33
C ILE F 133 48.46 1.74 -0.24
N GLN F 134 48.76 2.23 0.96
CA GLN F 134 49.28 1.41 2.09
C GLN F 134 48.20 0.45 2.60
N GLU F 135 46.90 0.78 2.43
CA GLU F 135 45.79 -0.07 2.94
C GLU F 135 45.39 -1.09 1.86
N GLY F 136 45.54 -0.73 0.59
CA GLY F 136 45.18 -1.57 -0.56
C GLY F 136 43.68 -1.62 -0.87
N VAL F 137 43.24 -2.72 -1.50
CA VAL F 137 41.91 -2.85 -2.15
C VAL F 137 40.81 -2.82 -1.08
N THR F 138 41.06 -3.36 0.09
CA THR F 138 40.26 -3.18 1.33
C THR F 138 39.73 -1.74 1.43
N ALA F 139 40.58 -0.73 1.27
CA ALA F 139 40.23 0.69 1.39
C ALA F 139 39.49 1.14 0.13
N LEU F 140 39.94 0.69 -1.04
CA LEU F 140 39.25 0.95 -2.33
C LEU F 140 37.76 0.58 -2.22
N ALA F 141 37.45 -0.60 -1.67
CA ALA F 141 36.06 -1.12 -1.53
C ALA F 141 35.17 -0.14 -0.76
N GLY F 142 35.77 0.73 0.07
CA GLY F 142 35.04 1.79 0.79
C GLY F 142 34.26 2.71 -0.14
N TYR F 143 34.75 2.95 -1.36
CA TYR F 143 34.08 3.85 -2.35
C TYR F 143 32.74 3.23 -2.74
N GLY F 144 32.68 1.89 -2.79
CA GLY F 144 31.45 1.17 -3.17
C GLY F 144 30.27 1.58 -2.32
N GLY F 145 30.46 1.57 -1.01
CA GLY F 145 29.41 1.93 -0.04
C GLY F 145 29.01 3.38 -0.19
N ILE F 146 29.96 4.25 -0.56
CA ILE F 146 29.67 5.69 -0.80
C ILE F 146 28.77 5.78 -2.04
N PHE F 147 29.15 5.11 -3.11
CA PHE F 147 28.39 5.10 -4.39
C PHE F 147 26.97 4.58 -4.13
N GLN F 148 26.81 3.45 -3.44
CA GLN F 148 25.48 2.88 -3.12
C GLN F 148 24.63 3.94 -2.41
N ARG F 149 25.23 4.68 -1.48
CA ARG F 149 24.49 5.66 -0.66
C ARG F 149 24.15 6.89 -1.50
N ASN F 150 25.04 7.32 -2.37
CA ASN F 150 24.73 8.42 -3.33
C ASN F 150 23.51 8.00 -4.16
N THR F 151 23.49 6.74 -4.59
CA THR F 151 22.43 6.20 -5.48
C THR F 151 21.11 6.06 -4.70
N ARG F 152 21.12 5.53 -3.47
CA ARG F 152 19.90 5.39 -2.63
C ARG F 152 19.33 6.77 -2.32
N ALA F 153 20.19 7.77 -2.13
CA ALA F 153 19.81 9.14 -1.69
C ALA F 153 19.34 9.96 -2.89
N SER F 154 19.67 9.54 -4.10
CA SER F 154 19.40 10.30 -5.34
C SER F 154 17.88 10.54 -5.47
N GLY F 155 17.46 11.80 -5.50
CA GLY F 155 16.06 12.21 -5.57
C GLY F 155 15.31 11.99 -4.25
N VAL F 156 16.01 11.75 -3.14
CA VAL F 156 15.40 11.55 -1.80
C VAL F 156 15.79 12.73 -0.90
N ILE F 157 17.09 13.01 -0.80
CA ILE F 157 17.65 14.20 -0.11
C ILE F 157 18.57 14.92 -1.08
N PRO F 158 18.60 16.26 -1.08
CA PRO F 158 19.54 17.00 -1.90
C PRO F 158 20.96 16.62 -1.50
N GLN F 159 21.80 16.38 -2.51
CA GLN F 159 23.23 16.07 -2.35
C GLN F 159 24.04 17.13 -3.09
N ILE F 160 24.83 17.90 -2.35
CA ILE F 160 25.74 18.96 -2.90
C ILE F 160 27.19 18.53 -2.69
N SER F 161 27.99 18.56 -3.74
CA SER F 161 29.43 18.24 -3.73
C SER F 161 30.23 19.53 -3.95
N VAL F 162 31.07 19.91 -2.99
CA VAL F 162 31.97 21.10 -3.12
C VAL F 162 33.38 20.57 -3.31
N MET F 163 33.96 20.83 -4.47
CA MET F 163 35.35 20.40 -4.83
C MET F 163 36.31 21.52 -4.43
N LEU F 164 37.13 21.26 -3.43
CA LEU F 164 38.05 22.28 -2.84
C LEU F 164 39.50 21.78 -2.88
N GLY F 165 39.78 20.75 -3.70
CA GLY F 165 41.14 20.19 -3.83
C GLY F 165 41.25 19.28 -5.04
N PRO F 166 42.38 18.58 -5.21
CA PRO F 166 42.51 17.57 -6.27
C PRO F 166 41.51 16.45 -6.02
N CYS F 167 41.02 15.87 -7.11
CA CYS F 167 40.10 14.70 -7.09
C CYS F 167 40.42 13.85 -8.31
N ALA F 168 41.22 12.80 -8.12
CA ALA F 168 41.70 11.92 -9.22
C ALA F 168 41.09 10.53 -9.03
N GLY F 169 40.56 9.95 -10.10
CA GLY F 169 40.06 8.56 -10.13
C GLY F 169 38.62 8.43 -9.67
N GLY F 170 38.20 7.18 -9.43
CA GLY F 170 36.88 6.74 -9.00
C GLY F 170 36.17 7.71 -8.09
N ALA F 171 36.87 8.33 -7.13
CA ALA F 171 36.30 9.29 -6.15
C ALA F 171 35.44 10.33 -6.88
N ALA F 172 35.80 10.75 -8.08
CA ALA F 172 35.12 11.83 -8.85
C ALA F 172 33.67 11.41 -9.20
N TYR F 173 33.40 10.10 -9.22
CA TYR F 173 32.06 9.54 -9.54
C TYR F 173 31.08 9.86 -8.41
N SER F 174 31.54 9.99 -7.18
CA SER F 174 30.66 10.34 -6.04
C SER F 174 29.99 11.69 -6.33
N PRO F 175 30.74 12.80 -6.55
CA PRO F 175 30.12 14.04 -7.03
C PRO F 175 29.21 13.95 -8.27
N ALA F 176 29.59 13.13 -9.25
CA ALA F 176 28.78 12.87 -10.47
C ALA F 176 27.40 12.29 -10.12
N LEU F 177 27.30 11.52 -9.04
CA LEU F 177 26.03 10.93 -8.56
C LEU F 177 25.21 11.93 -7.72
N THR F 178 25.77 13.08 -7.35
CA THR F 178 25.06 14.08 -6.50
C THR F 178 24.29 15.01 -7.42
N ASP F 179 23.54 15.96 -6.87
CA ASP F 179 22.58 16.81 -7.60
C ASP F 179 23.33 18.03 -8.15
N PHE F 180 24.26 18.59 -7.37
CA PHE F 180 24.95 19.85 -7.70
C PHE F 180 26.43 19.74 -7.35
N VAL F 181 27.30 20.06 -8.29
CA VAL F 181 28.78 20.09 -8.12
C VAL F 181 29.28 21.54 -8.18
N PHE F 182 29.90 22.02 -7.10
CA PHE F 182 30.59 23.33 -7.00
C PHE F 182 32.11 23.13 -7.07
N MET F 183 32.81 24.00 -7.80
CA MET F 183 34.31 23.94 -7.93
C MET F 183 34.90 25.32 -7.69
N VAL F 184 36.10 25.34 -7.12
CA VAL F 184 36.89 26.58 -6.89
C VAL F 184 38.04 26.61 -7.91
N ARG F 185 38.16 27.70 -8.67
CA ARG F 185 39.20 27.87 -9.72
C ARG F 185 40.59 27.86 -9.07
N GLY F 186 41.57 27.23 -9.70
CA GLY F 186 42.96 27.17 -9.24
C GLY F 186 43.19 26.01 -8.28
N THR F 187 42.43 25.93 -7.19
CA THR F 187 42.73 25.00 -6.07
C THR F 187 42.05 23.63 -6.26
N SER F 188 41.03 23.52 -7.13
CA SER F 188 40.26 22.25 -7.32
C SER F 188 40.39 21.75 -8.77
N GLN F 189 40.49 20.43 -8.91
CA GLN F 189 40.49 19.70 -10.19
C GLN F 189 39.77 18.37 -10.03
N MET F 190 39.21 17.86 -11.13
CA MET F 190 38.59 16.52 -11.20
C MET F 190 39.01 15.86 -12.52
N PHE F 191 39.51 14.63 -12.45
CA PHE F 191 39.73 13.77 -13.63
C PHE F 191 39.77 12.33 -13.14
N ILE F 192 39.46 11.40 -14.04
CA ILE F 192 39.47 9.95 -13.76
C ILE F 192 40.90 9.43 -13.91
N THR F 193 41.60 9.90 -14.93
CA THR F 193 43.03 9.58 -15.16
C THR F 193 43.79 10.91 -15.19
N GLY F 194 44.82 11.05 -14.34
CA GLY F 194 45.61 12.28 -14.15
C GLY F 194 46.62 12.54 -15.28
N PRO F 195 47.22 13.75 -15.32
CA PRO F 195 48.06 14.17 -16.45
C PRO F 195 49.30 13.30 -16.65
N ASP F 196 49.90 12.80 -15.55
CA ASP F 196 51.05 11.87 -15.59
C ASP F 196 50.71 10.71 -16.53
N VAL F 197 49.61 10.02 -16.26
CA VAL F 197 49.22 8.79 -17.02
C VAL F 197 48.77 9.17 -18.44
N VAL F 198 48.19 10.37 -18.65
CA VAL F 198 47.71 10.74 -20.03
C VAL F 198 48.95 10.94 -20.91
N ARG F 199 49.99 11.60 -20.41
CA ARG F 199 51.30 11.80 -21.11
C ARG F 199 51.87 10.44 -21.51
N ALA F 200 52.10 9.55 -20.52
CA ALA F 200 52.66 8.18 -20.69
C ALA F 200 51.89 7.38 -21.76
N VAL F 201 50.57 7.51 -21.85
CA VAL F 201 49.71 6.62 -22.70
C VAL F 201 49.41 7.31 -24.04
N THR F 202 48.90 8.54 -24.04
CA THR F 202 48.39 9.22 -25.27
C THR F 202 49.51 10.07 -25.89
N GLY F 203 50.45 10.54 -25.08
CA GLY F 203 51.56 11.40 -25.53
C GLY F 203 51.16 12.86 -25.49
N GLU F 204 49.92 13.13 -25.13
CA GLU F 204 49.40 14.50 -25.01
C GLU F 204 50.02 15.13 -23.77
N GLU F 205 50.40 16.40 -23.84
CA GLU F 205 51.02 17.05 -22.67
C GLU F 205 50.03 18.08 -22.14
N ILE F 206 49.76 18.04 -20.84
CA ILE F 206 48.71 18.91 -20.23
C ILE F 206 48.91 18.97 -18.71
N GLY F 207 48.64 20.13 -18.12
CA GLY F 207 48.66 20.37 -16.66
C GLY F 207 47.35 19.92 -16.03
N GLN F 208 47.31 19.88 -14.70
CA GLN F 208 46.09 19.51 -13.91
C GLN F 208 44.95 20.48 -14.24
N GLU F 209 45.22 21.78 -14.32
CA GLU F 209 44.19 22.83 -14.54
C GLU F 209 43.59 22.70 -15.95
N GLY F 210 44.43 22.40 -16.94
CA GLY F 210 44.00 22.28 -18.35
C GLY F 210 43.19 21.01 -18.57
N LEU F 211 43.46 19.96 -17.80
CA LEU F 211 42.81 18.63 -17.93
C LEU F 211 41.44 18.65 -17.22
N GLY F 212 41.37 19.19 -16.00
CA GLY F 212 40.19 19.01 -15.13
C GLY F 212 39.97 20.15 -14.15
N GLY F 213 40.35 21.37 -14.51
CA GLY F 213 40.13 22.54 -13.67
C GLY F 213 38.68 22.96 -13.66
N ALA F 214 38.32 23.87 -12.77
CA ALA F 214 36.95 24.41 -12.61
C ALA F 214 36.48 25.00 -13.94
N ASP F 215 37.35 25.64 -14.72
CA ASP F 215 36.94 26.26 -16.02
C ASP F 215 36.62 25.17 -17.04
N VAL F 216 37.40 24.09 -17.10
CA VAL F 216 37.09 22.93 -17.98
C VAL F 216 35.68 22.38 -17.68
N HIS F 217 35.37 22.13 -16.40
CA HIS F 217 34.17 21.38 -15.98
C HIS F 217 32.95 22.30 -15.95
N SER F 218 33.18 23.58 -15.79
CA SER F 218 32.17 24.66 -15.72
C SER F 218 31.71 25.05 -17.14
N ARG F 219 32.59 24.98 -18.14
CA ARG F 219 32.38 25.52 -19.51
C ARG F 219 32.30 24.41 -20.58
N THR F 220 33.01 23.31 -20.43
CA THR F 220 33.22 22.31 -21.53
C THR F 220 32.57 20.96 -21.19
N SER F 221 32.88 20.36 -20.05
CA SER F 221 32.48 18.97 -19.70
C SER F 221 31.05 18.93 -19.13
N GLY F 222 30.61 19.99 -18.46
CA GLY F 222 29.30 20.03 -17.78
C GLY F 222 29.30 19.34 -16.42
N VAL F 223 30.45 18.86 -15.95
CA VAL F 223 30.56 18.15 -14.65
C VAL F 223 30.29 19.10 -13.49
N ALA F 224 30.66 20.37 -13.62
CA ALA F 224 30.51 21.37 -12.54
C ALA F 224 29.34 22.31 -12.87
N HIS F 225 28.39 22.40 -11.95
CA HIS F 225 27.17 23.23 -12.06
C HIS F 225 27.54 24.69 -11.75
N PHE F 226 28.54 24.88 -10.89
CA PHE F 226 29.00 26.21 -10.42
C PHE F 226 30.53 26.23 -10.27
N ALA F 227 31.12 27.40 -10.51
CA ALA F 227 32.57 27.67 -10.37
C ALA F 227 32.74 29.07 -9.77
N TYR F 228 33.70 29.22 -8.85
CA TYR F 228 33.93 30.46 -8.07
C TYR F 228 35.43 30.69 -7.94
N ASP F 229 35.84 31.94 -7.67
CA ASP F 229 37.27 32.35 -7.64
C ASP F 229 37.91 31.89 -6.31
N ASP F 230 37.12 31.79 -5.24
CA ASP F 230 37.61 31.48 -3.88
C ASP F 230 36.59 30.61 -3.12
N GLU F 231 37.04 30.00 -2.01
CA GLU F 231 36.22 29.08 -1.18
C GLU F 231 35.11 29.87 -0.49
N GLU F 232 35.36 31.12 -0.09
CA GLU F 232 34.39 31.92 0.73
C GLU F 232 33.11 32.14 -0.08
N THR F 233 33.22 32.56 -1.34
CA THR F 233 32.07 32.86 -2.24
C THR F 233 31.35 31.53 -2.54
N CYS F 234 32.13 30.49 -2.82
CA CYS F 234 31.61 29.15 -3.14
C CYS F 234 30.68 28.67 -2.02
N LEU F 235 31.14 28.71 -0.77
CA LEU F 235 30.37 28.20 0.40
C LEU F 235 29.21 29.14 0.74
N GLU F 236 29.31 30.43 0.39
CA GLU F 236 28.18 31.39 0.53
C GLU F 236 27.05 30.94 -0.41
N GLU F 237 27.40 30.54 -1.64
CA GLU F 237 26.40 30.14 -2.68
C GLU F 237 25.82 28.76 -2.38
N VAL F 238 26.60 27.86 -1.77
CA VAL F 238 26.08 26.57 -1.27
C VAL F 238 24.94 26.85 -0.28
N ARG F 239 25.13 27.77 0.65
CA ARG F 239 24.10 28.15 1.65
C ARG F 239 22.88 28.71 0.92
N PHE F 240 23.09 29.49 -0.12
CA PHE F 240 21.99 30.16 -0.85
C PHE F 240 21.17 29.09 -1.60
N LEU F 241 21.86 28.16 -2.26
CA LEU F 241 21.21 27.02 -2.95
C LEU F 241 20.38 26.20 -1.93
N LEU F 242 20.93 25.89 -0.76
CA LEU F 242 20.19 25.12 0.28
C LEU F 242 18.90 25.85 0.66
N SER F 243 18.88 27.19 0.65
CA SER F 243 17.71 28.00 1.06
C SER F 243 16.59 27.90 0.01
N MET F 244 16.90 27.43 -1.20
CA MET F 244 15.97 27.28 -2.34
C MET F 244 15.51 25.83 -2.52
N LEU F 245 16.08 24.89 -1.76
CA LEU F 245 15.79 23.45 -1.91
C LEU F 245 15.01 22.98 -0.68
N PRO F 246 14.15 21.95 -0.80
CA PRO F 246 13.56 21.33 0.38
C PRO F 246 14.60 20.47 1.11
N ALA F 247 14.25 20.00 2.29
CA ALA F 247 15.12 19.10 3.09
C ALA F 247 15.14 17.72 2.43
N ASN F 248 14.03 17.33 1.80
CA ASN F 248 13.87 15.96 1.25
C ASN F 248 12.71 15.97 0.26
N ASN F 249 12.45 14.84 -0.40
CA ASN F 249 11.45 14.74 -1.51
C ASN F 249 10.02 14.71 -0.96
N ARG F 250 9.78 14.75 0.35
CA ARG F 250 8.41 14.77 0.93
C ARG F 250 7.95 16.21 1.22
N GLU F 251 8.76 17.22 0.90
CA GLU F 251 8.47 18.65 1.22
C GLU F 251 8.64 19.47 -0.06
N SER F 252 8.03 20.65 -0.08
CA SER F 252 8.25 21.67 -1.12
C SER F 252 9.39 22.57 -0.65
N ALA F 253 10.04 23.27 -1.57
CA ALA F 253 11.08 24.27 -1.21
C ALA F 253 10.43 25.27 -0.28
N PRO F 254 11.16 25.78 0.74
CA PRO F 254 10.56 26.66 1.73
C PRO F 254 10.21 28.00 1.08
N ALA F 255 8.99 28.48 1.31
CA ALA F 255 8.48 29.78 0.81
C ALA F 255 9.03 30.89 1.72
N VAL F 256 9.20 32.10 1.20
CA VAL F 256 9.66 33.31 1.92
C VAL F 256 8.59 34.40 1.76
N PRO F 257 8.52 35.40 2.67
CA PRO F 257 7.61 36.53 2.45
C PRO F 257 8.13 37.32 1.24
N CYS F 258 7.22 37.90 0.48
CA CYS F 258 7.51 38.64 -0.77
C CYS F 258 6.88 40.04 -0.74
N ASP F 259 7.71 41.07 -0.84
CA ASP F 259 7.35 42.51 -0.96
C ASP F 259 7.01 42.89 -2.42
N ASP F 260 7.52 42.11 -3.37
CA ASP F 260 7.41 42.40 -4.82
C ASP F 260 5.99 42.06 -5.28
N PRO F 261 5.15 43.07 -5.63
CA PRO F 261 3.71 42.90 -5.66
C PRO F 261 3.03 41.70 -6.29
N ALA F 262 3.53 41.04 -7.34
CA ALA F 262 2.81 39.90 -7.95
C ALA F 262 1.90 40.39 -9.06
N ASP F 263 1.33 41.61 -8.97
CA ASP F 263 0.62 42.24 -10.13
C ASP F 263 1.52 43.27 -10.83
N ARG F 264 2.80 43.32 -10.46
CA ARG F 264 3.78 44.29 -11.04
C ARG F 264 3.92 44.00 -12.53
N ARG F 265 3.55 44.99 -13.36
CA ARG F 265 3.49 44.84 -14.83
C ARG F 265 4.91 44.88 -15.37
N GLY F 266 5.16 44.20 -16.48
CA GLY F 266 6.50 44.11 -17.08
C GLY F 266 6.56 44.87 -18.39
N GLN F 267 6.27 46.18 -18.37
CA GLN F 267 6.20 47.05 -19.58
C GLN F 267 7.60 47.09 -20.23
N ALA F 268 8.67 46.87 -19.47
CA ALA F 268 10.06 46.81 -19.97
C ALA F 268 10.24 45.65 -20.98
N LEU F 269 9.40 44.61 -20.91
CA LEU F 269 9.50 43.41 -21.78
C LEU F 269 9.19 43.83 -23.23
N TYR F 270 8.38 44.87 -23.43
CA TYR F 270 8.03 45.38 -24.78
C TYR F 270 9.31 45.77 -25.51
N ASP F 271 10.29 46.35 -24.79
CA ASP F 271 11.57 46.87 -25.37
C ASP F 271 12.64 45.76 -25.38
N LEU F 272 12.69 44.91 -24.36
CA LEU F 272 13.76 43.88 -24.21
C LEU F 272 13.68 42.86 -25.34
N VAL F 273 12.48 42.56 -25.83
CA VAL F 273 12.23 41.50 -26.84
C VAL F 273 11.81 42.16 -28.14
N PRO F 274 12.70 42.22 -29.16
CA PRO F 274 12.32 42.72 -30.48
C PRO F 274 11.13 41.95 -31.08
N ALA F 275 10.24 42.64 -31.80
CA ALA F 275 9.25 42.02 -32.69
C ALA F 275 9.95 41.47 -33.96
N ASP F 276 11.10 42.06 -34.34
CA ASP F 276 11.97 41.57 -35.46
C ASP F 276 12.65 40.25 -35.03
N GLY F 277 12.20 39.12 -35.58
CA GLY F 277 12.59 37.76 -35.16
C GLY F 277 14.05 37.43 -35.43
N ASN F 278 14.76 38.26 -36.23
CA ASN F 278 16.19 38.05 -36.58
C ASN F 278 17.11 38.62 -35.51
N ARG F 279 16.66 39.61 -34.74
CA ARG F 279 17.49 40.33 -33.72
C ARG F 279 17.49 39.55 -32.41
N PRO F 280 18.67 39.27 -31.80
CA PRO F 280 18.73 38.59 -30.52
C PRO F 280 18.45 39.50 -29.31
N TYR F 281 18.40 38.91 -28.12
CA TYR F 281 18.26 39.58 -26.79
C TYR F 281 18.82 38.64 -25.74
N ASP F 282 19.09 39.15 -24.55
CA ASP F 282 19.51 38.33 -23.38
C ASP F 282 18.24 37.88 -22.68
N MET F 283 17.91 36.58 -22.77
CA MET F 283 16.70 35.99 -22.13
C MET F 283 16.78 36.18 -20.61
N ARG F 284 17.99 36.37 -20.09
CA ARG F 284 18.17 36.59 -18.64
C ARG F 284 17.50 37.90 -18.21
N ALA F 285 17.51 38.90 -19.09
CA ALA F 285 16.91 40.23 -18.85
C ALA F 285 15.39 40.04 -18.70
N VAL F 286 14.81 39.14 -19.49
CA VAL F 286 13.35 38.78 -19.41
C VAL F 286 13.08 38.11 -18.06
N ILE F 287 13.89 37.13 -17.67
CA ILE F 287 13.74 36.39 -16.38
C ILE F 287 13.82 37.41 -15.24
N GLU F 288 14.79 38.30 -15.28
CA GLU F 288 15.05 39.32 -14.21
C GLU F 288 13.84 40.26 -14.08
N GLU F 289 13.16 40.59 -15.16
CA GLU F 289 11.94 41.43 -15.13
C GLU F 289 10.82 40.68 -14.38
N ILE F 290 10.67 39.39 -14.64
CA ILE F 290 9.51 38.54 -14.27
C ILE F 290 9.59 38.09 -12.80
N VAL F 291 10.76 37.63 -12.35
CA VAL F 291 10.89 36.92 -11.03
C VAL F 291 11.01 37.94 -9.89
N ASP F 292 10.79 37.48 -8.66
CA ASP F 292 10.86 38.33 -7.44
C ASP F 292 12.22 39.04 -7.41
N ASP F 293 12.18 40.39 -7.42
CA ASP F 293 13.34 41.30 -7.18
C ASP F 293 14.45 41.08 -8.21
N GLY F 294 14.16 40.47 -9.36
CA GLY F 294 15.18 40.14 -10.38
C GLY F 294 16.22 39.16 -9.91
N THR F 295 16.01 38.47 -8.78
CA THR F 295 16.97 37.48 -8.20
C THR F 295 16.76 36.10 -8.81
N HIS F 296 17.83 35.49 -9.33
CA HIS F 296 17.84 34.06 -9.74
C HIS F 296 19.23 33.45 -9.58
N LEU F 297 19.31 32.16 -9.27
CA LEU F 297 20.58 31.41 -9.14
C LEU F 297 20.70 30.48 -10.35
N GLU F 298 21.52 30.87 -11.32
CA GLU F 298 21.66 30.13 -12.59
C GLU F 298 22.51 28.89 -12.36
N VAL F 299 22.07 27.73 -12.83
CA VAL F 299 22.88 26.48 -12.72
C VAL F 299 23.43 26.18 -14.10
N HIS F 300 24.68 25.69 -14.15
CA HIS F 300 25.41 25.49 -15.42
C HIS F 300 25.46 26.82 -16.20
N GLU F 301 25.63 27.96 -15.52
CA GLU F 301 25.63 29.31 -16.14
C GLU F 301 26.57 29.32 -17.36
N ARG F 302 27.75 28.71 -17.25
CA ARG F 302 28.83 28.89 -18.26
C ARG F 302 28.92 27.65 -19.15
N TRP F 303 28.02 26.68 -19.01
CA TRP F 303 27.94 25.49 -19.92
C TRP F 303 26.69 25.58 -20.78
N ALA F 304 26.80 25.23 -22.06
CA ALA F 304 25.68 25.20 -23.02
C ALA F 304 24.82 26.45 -22.81
N THR F 305 25.39 27.62 -23.06
CA THR F 305 24.77 28.95 -22.78
C THR F 305 23.61 29.21 -23.73
N ASN F 306 23.41 28.34 -24.75
CA ASN F 306 22.22 28.37 -25.64
C ASN F 306 20.92 28.04 -24.84
N VAL F 307 21.04 27.53 -23.61
CA VAL F 307 19.89 27.34 -22.67
C VAL F 307 20.25 27.92 -21.32
N ILE F 308 19.22 28.42 -20.64
CA ILE F 308 19.28 28.93 -19.25
C ILE F 308 18.46 27.98 -18.38
N CYS F 309 19.08 27.48 -17.33
CA CYS F 309 18.42 26.78 -16.21
C CYS F 309 18.68 27.58 -14.96
N THR F 310 17.66 28.07 -14.28
CA THR F 310 17.87 28.93 -13.09
C THR F 310 16.75 28.74 -12.07
N LEU F 311 17.11 28.87 -10.78
CA LEU F 311 16.17 28.84 -9.63
C LEU F 311 15.89 30.29 -9.22
N ALA F 312 14.63 30.63 -9.04
CA ALA F 312 14.13 31.98 -8.73
C ALA F 312 12.91 31.82 -7.86
N ARG F 313 12.23 32.90 -7.51
CA ARG F 313 11.00 32.85 -6.71
C ARG F 313 9.96 33.71 -7.44
N LEU F 314 8.71 33.27 -7.39
CA LEU F 314 7.51 33.99 -7.88
C LEU F 314 6.54 34.06 -6.71
N ASP F 315 6.27 35.26 -6.22
CA ASP F 315 5.41 35.50 -5.05
C ASP F 315 5.95 34.72 -3.84
N GLY F 316 7.28 34.62 -3.71
CA GLY F 316 7.98 34.04 -2.54
C GLY F 316 8.19 32.54 -2.64
N LYS F 317 7.65 31.88 -3.68
CA LYS F 317 7.69 30.40 -3.85
C LYS F 317 8.74 30.04 -4.91
N VAL F 318 9.61 29.07 -4.63
CA VAL F 318 10.70 28.66 -5.55
C VAL F 318 10.07 28.15 -6.86
N VAL F 319 10.68 28.51 -7.99
CA VAL F 319 10.41 27.97 -9.35
C VAL F 319 11.73 27.67 -10.02
N GLY F 320 11.73 26.68 -10.89
CA GLY F 320 12.84 26.42 -11.82
C GLY F 320 12.46 26.90 -13.21
N ILE F 321 13.37 27.58 -13.88
CA ILE F 321 13.08 28.19 -15.20
C ILE F 321 14.06 27.61 -16.20
N VAL F 322 13.53 27.05 -17.28
CA VAL F 322 14.29 26.58 -18.46
C VAL F 322 13.92 27.52 -19.60
N ALA F 323 14.91 28.11 -20.27
CA ALA F 323 14.66 29.15 -21.29
C ALA F 323 15.76 29.12 -22.35
N ASN F 324 15.36 29.19 -23.61
CA ASN F 324 16.31 29.37 -24.74
C ASN F 324 16.96 30.75 -24.59
N GLN F 325 18.22 30.85 -25.00
CA GLN F 325 19.03 32.10 -24.98
C GLN F 325 19.29 32.48 -26.43
N PRO F 326 18.47 33.35 -27.04
CA PRO F 326 18.65 33.72 -28.45
C PRO F 326 20.01 34.36 -28.78
N GLN F 327 20.65 35.00 -27.80
CA GLN F 327 22.04 35.55 -27.87
C GLN F 327 23.11 34.51 -28.19
N SER F 328 22.89 33.22 -27.91
CA SER F 328 23.94 32.18 -27.95
C SER F 328 23.48 31.03 -28.86
N LEU F 329 24.19 30.73 -29.93
CA LEU F 329 23.79 29.79 -31.02
C LEU F 329 22.35 29.99 -31.47
N ALA F 330 21.85 31.23 -31.43
CA ALA F 330 20.49 31.59 -31.91
C ALA F 330 19.41 30.88 -31.09
N GLY F 331 19.76 30.37 -29.91
CA GLY F 331 18.81 29.72 -28.98
C GLY F 331 18.44 28.32 -29.41
N VAL F 332 19.20 27.70 -30.30
CA VAL F 332 18.93 26.28 -30.72
C VAL F 332 19.20 25.38 -29.53
N LEU F 333 18.56 24.22 -29.50
CA LEU F 333 18.92 23.08 -28.64
C LEU F 333 20.01 22.27 -29.36
N ASP F 334 20.99 21.79 -28.63
CA ASP F 334 22.06 20.87 -29.12
C ASP F 334 22.21 19.79 -28.07
N ILE F 335 23.21 18.91 -28.21
CA ILE F 335 23.50 17.82 -27.25
C ILE F 335 23.66 18.44 -25.86
N ALA F 336 24.56 19.40 -25.71
CA ALA F 336 24.99 19.92 -24.40
C ALA F 336 23.78 20.54 -23.69
N ALA F 337 23.05 21.42 -24.38
CA ALA F 337 21.85 22.09 -23.84
C ALA F 337 20.78 21.06 -23.41
N SER F 338 20.58 20.02 -24.21
CA SER F 338 19.63 18.94 -23.90
C SER F 338 20.06 18.25 -22.59
N GLU F 339 21.33 17.90 -22.47
CA GLU F 339 21.88 17.25 -21.26
C GLU F 339 21.69 18.20 -20.06
N LYS F 340 22.02 19.47 -20.23
CA LYS F 340 21.93 20.49 -19.15
C LYS F 340 20.48 20.62 -18.65
N ALA F 341 19.53 20.77 -19.57
CA ALA F 341 18.12 21.03 -19.24
C ALA F 341 17.48 19.75 -18.67
N ALA F 342 17.83 18.60 -19.23
CA ALA F 342 17.32 17.29 -18.76
C ALA F 342 17.68 17.12 -17.28
N SER F 343 18.93 17.35 -16.95
CA SER F 343 19.47 17.26 -15.58
C SER F 343 18.71 18.21 -14.65
N PHE F 344 18.47 19.44 -15.09
CA PHE F 344 17.80 20.49 -14.26
C PHE F 344 16.32 20.13 -14.05
N VAL F 345 15.63 19.73 -15.12
CA VAL F 345 14.19 19.36 -15.04
C VAL F 345 14.03 18.19 -14.07
N GLN F 346 14.87 17.17 -14.22
CA GLN F 346 14.85 15.94 -13.40
C GLN F 346 15.00 16.32 -11.92
N THR F 347 15.98 17.17 -11.59
CA THR F 347 16.28 17.60 -10.21
C THR F 347 15.09 18.36 -9.62
N CYS F 348 14.59 19.37 -10.32
CA CYS F 348 13.43 20.17 -9.87
C CYS F 348 12.24 19.24 -9.62
N ASP F 349 11.97 18.33 -10.56
CA ASP F 349 10.85 17.38 -10.47
C ASP F 349 10.98 16.58 -9.17
N SER F 350 12.16 16.03 -8.89
CA SER F 350 12.34 15.10 -7.77
C SER F 350 12.25 15.88 -6.44
N PHE F 351 12.50 17.19 -6.43
CA PHE F 351 12.42 18.02 -5.21
C PHE F 351 11.22 18.97 -5.24
N ASN F 352 10.17 18.64 -5.99
CA ASN F 352 8.84 19.30 -5.92
C ASN F 352 8.91 20.79 -6.26
N ILE F 353 9.84 21.16 -7.11
CA ILE F 353 9.99 22.56 -7.60
C ILE F 353 9.25 22.68 -8.94
N PRO F 354 8.25 23.57 -9.01
CA PRO F 354 7.54 23.84 -10.25
C PRO F 354 8.46 24.30 -11.39
N LEU F 355 8.09 23.99 -12.63
CA LEU F 355 8.89 24.31 -13.84
C LEU F 355 8.11 25.28 -14.73
N VAL F 356 8.78 26.38 -15.08
CA VAL F 356 8.32 27.35 -16.11
C VAL F 356 9.34 27.30 -17.25
N THR F 357 8.86 27.04 -18.46
CA THR F 357 9.69 26.95 -19.68
C THR F 357 9.36 28.15 -20.58
N LEU F 358 10.36 28.96 -20.92
CA LEU F 358 10.22 30.12 -21.85
C LEU F 358 10.84 29.71 -23.19
N LEU F 359 10.04 29.67 -24.27
CA LEU F 359 10.51 29.21 -25.60
C LEU F 359 10.85 30.43 -26.47
N ASP F 360 12.00 30.34 -27.13
CA ASP F 360 12.36 31.14 -28.33
C ASP F 360 13.40 30.32 -29.04
N VAL F 361 12.95 29.28 -29.74
CA VAL F 361 13.80 28.17 -30.24
C VAL F 361 13.49 27.91 -31.70
N PRO F 362 14.49 28.08 -32.60
CA PRO F 362 14.32 27.85 -34.03
C PRO F 362 14.47 26.39 -34.46
N GLY F 363 15.04 25.55 -33.61
CA GLY F 363 15.19 24.11 -33.87
C GLY F 363 16.38 23.56 -33.15
N PHE F 364 17.00 22.51 -33.69
CA PHE F 364 18.20 21.86 -33.14
C PHE F 364 19.42 22.28 -33.97
N LEU F 365 20.61 22.23 -33.35
CA LEU F 365 21.91 22.57 -34.00
C LEU F 365 22.17 21.53 -35.07
N PRO F 366 22.27 21.96 -36.35
CA PRO F 366 22.60 21.06 -37.44
C PRO F 366 24.10 20.75 -37.49
N GLY F 367 24.46 19.57 -37.99
CA GLY F 367 25.87 19.21 -38.16
C GLY F 367 26.06 17.73 -38.09
N VAL F 368 27.07 17.23 -38.80
CA VAL F 368 27.57 15.83 -38.67
C VAL F 368 27.95 15.58 -37.21
N ASP F 369 28.60 16.55 -36.57
CA ASP F 369 29.05 16.45 -35.17
C ASP F 369 27.87 16.07 -34.27
N GLN F 370 26.75 16.77 -34.39
CA GLN F 370 25.54 16.55 -33.57
C GLN F 370 24.93 15.18 -33.87
N GLU F 371 24.75 14.78 -35.14
CA GLU F 371 24.05 13.52 -35.49
C GLU F 371 24.95 12.32 -35.13
N HIS F 372 26.25 12.41 -35.40
CA HIS F 372 27.24 11.32 -35.18
C HIS F 372 27.47 11.09 -33.67
N ASN F 373 27.38 12.14 -32.84
CA ASN F 373 27.58 12.01 -31.38
C ASN F 373 26.23 11.83 -30.66
N GLY F 374 25.13 11.68 -31.42
CA GLY F 374 23.86 11.13 -30.90
C GLY F 374 22.88 12.16 -30.34
N ILE F 375 22.67 13.31 -31.01
CA ILE F 375 21.59 14.26 -30.63
C ILE F 375 20.27 13.48 -30.51
N ILE F 376 20.05 12.42 -31.28
CA ILE F 376 18.78 11.63 -31.18
C ILE F 376 18.62 11.10 -29.75
N ARG F 377 19.68 10.53 -29.15
CA ARG F 377 19.53 9.95 -27.79
C ARG F 377 19.74 11.05 -26.72
N HIS F 378 20.51 12.10 -26.96
CA HIS F 378 20.73 13.18 -25.96
C HIS F 378 19.52 14.11 -25.91
N GLY F 379 18.96 14.48 -27.06
CA GLY F 379 17.72 15.30 -27.11
C GLY F 379 16.57 14.58 -26.41
N ALA F 380 16.52 13.24 -26.53
CA ALA F 380 15.46 12.42 -25.92
C ALA F 380 15.52 12.54 -24.39
N LYS F 381 16.68 12.85 -23.82
CA LYS F 381 16.82 12.98 -22.34
C LYS F 381 15.94 14.12 -21.82
N LEU F 382 15.94 15.25 -22.51
CA LEU F 382 15.11 16.42 -22.12
C LEU F 382 13.64 16.06 -22.27
N LEU F 383 13.29 15.44 -23.40
CA LEU F 383 11.91 14.99 -23.70
C LEU F 383 11.40 14.06 -22.58
N TYR F 384 12.22 13.07 -22.23
CA TYR F 384 11.88 12.08 -21.17
C TYR F 384 11.68 12.82 -19.85
N ALA F 385 12.61 13.70 -19.48
CA ALA F 385 12.55 14.42 -18.20
C ALA F 385 11.23 15.22 -18.10
N TYR F 386 10.83 15.94 -19.14
CA TYR F 386 9.55 16.69 -19.14
C TYR F 386 8.36 15.72 -19.11
N CYS F 387 8.33 14.71 -19.99
CA CYS F 387 7.20 13.75 -20.08
C CYS F 387 6.99 13.09 -18.71
N ASN F 388 8.09 12.79 -18.01
CA ASN F 388 8.06 12.01 -16.76
C ASN F 388 7.84 12.93 -15.54
N ALA F 389 7.84 14.25 -15.73
CA ALA F 389 7.75 15.24 -14.62
C ALA F 389 6.30 15.35 -14.15
N THR F 390 6.11 15.47 -12.83
CA THR F 390 4.78 15.53 -12.19
C THR F 390 4.58 16.82 -11.39
N VAL F 391 5.61 17.65 -11.22
CA VAL F 391 5.45 19.01 -10.65
C VAL F 391 4.58 19.85 -11.58
N PRO F 392 4.03 20.98 -11.10
CA PRO F 392 3.36 21.93 -11.97
C PRO F 392 4.30 22.34 -13.11
N ARG F 393 3.77 22.37 -14.32
CA ARG F 393 4.53 22.73 -15.53
C ARG F 393 3.78 23.78 -16.35
N ILE F 394 4.39 24.92 -16.60
CA ILE F 394 3.85 26.00 -17.48
C ILE F 394 4.88 26.30 -18.56
N SER F 395 4.48 26.27 -19.82
CA SER F 395 5.30 26.74 -20.96
C SER F 395 4.72 28.05 -21.48
N LEU F 396 5.59 28.92 -21.96
CA LEU F 396 5.26 30.27 -22.47
C LEU F 396 6.12 30.49 -23.72
N VAL F 397 5.48 30.61 -24.88
CA VAL F 397 6.21 30.91 -26.15
C VAL F 397 6.34 32.43 -26.30
N LEU F 398 7.57 32.95 -26.29
CA LEU F 398 7.87 34.39 -26.49
C LEU F 398 7.86 34.71 -27.99
N ARG F 399 8.69 33.98 -28.74
CA ARG F 399 8.79 34.17 -30.20
C ARG F 399 8.70 32.85 -30.98
N LYS F 400 9.85 32.27 -31.36
CA LYS F 400 9.87 31.08 -32.23
C LYS F 400 9.65 29.83 -31.38
N ALA F 401 8.93 28.87 -31.95
CA ALA F 401 8.79 27.49 -31.46
C ALA F 401 8.56 26.59 -32.69
N TYR F 402 9.63 26.05 -33.25
CA TYR F 402 9.61 25.36 -34.58
C TYR F 402 9.81 23.87 -34.36
N GLY F 403 8.95 23.06 -35.00
CA GLY F 403 9.16 21.61 -35.16
C GLY F 403 9.20 20.88 -33.83
N GLY F 404 9.99 19.80 -33.78
CA GLY F 404 10.21 18.95 -32.62
C GLY F 404 10.62 19.75 -31.40
N ALA F 405 11.38 20.82 -31.58
CA ALA F 405 11.84 21.68 -30.47
C ALA F 405 10.62 22.29 -29.77
N TYR F 406 9.59 22.76 -30.49
CA TYR F 406 8.34 23.24 -29.85
C TYR F 406 7.76 22.13 -28.93
N ILE F 407 7.77 20.91 -29.43
CA ILE F 407 7.11 19.77 -28.73
C ILE F 407 7.92 19.34 -27.52
N VAL F 408 9.24 19.29 -27.66
CA VAL F 408 10.19 18.88 -26.59
C VAL F 408 10.18 19.90 -25.44
N MET F 409 10.04 21.20 -25.72
CA MET F 409 10.11 22.27 -24.66
C MET F 409 8.75 22.37 -23.97
N ASP F 410 8.31 21.30 -23.31
CA ASP F 410 7.10 21.25 -22.44
C ASP F 410 5.89 21.86 -23.18
N SER F 411 5.61 21.38 -24.38
CA SER F 411 4.32 21.63 -25.09
C SER F 411 3.19 21.03 -24.25
N ARG F 412 1.97 21.44 -24.52
CA ARG F 412 0.80 20.80 -23.89
C ARG F 412 0.80 19.34 -24.35
N SER F 413 1.28 19.06 -25.55
CA SER F 413 1.21 17.71 -26.16
C SER F 413 2.02 16.69 -25.34
N ILE F 414 3.04 17.13 -24.59
CA ILE F 414 3.84 16.20 -23.73
C ILE F 414 3.48 16.36 -22.26
N GLY F 415 2.47 17.17 -21.90
CA GLY F 415 1.83 17.12 -20.57
C GLY F 415 1.95 18.39 -19.74
N ALA F 416 2.37 19.52 -20.32
CA ALA F 416 2.32 20.83 -19.63
C ALA F 416 0.89 21.09 -19.15
N ASP F 417 0.76 21.61 -17.94
CA ASP F 417 -0.54 21.93 -17.33
C ASP F 417 -1.10 23.20 -17.99
N LEU F 418 -0.25 24.17 -18.30
CA LEU F 418 -0.66 25.40 -19.00
C LEU F 418 0.41 25.75 -20.04
N ALA F 419 -0.03 26.23 -21.19
CA ALA F 419 0.80 26.80 -22.26
C ALA F 419 0.25 28.19 -22.57
N LEU F 420 1.12 29.18 -22.53
CA LEU F 420 0.80 30.58 -22.86
C LEU F 420 1.66 30.98 -24.05
N ALA F 421 1.27 32.05 -24.74
CA ALA F 421 2.04 32.65 -25.85
C ALA F 421 1.90 34.18 -25.76
N TRP F 422 2.96 34.85 -26.13
CA TRP F 422 2.95 36.31 -26.44
C TRP F 422 2.41 36.49 -27.86
N PRO F 423 1.93 37.72 -28.20
CA PRO F 423 1.45 38.01 -29.55
C PRO F 423 2.55 37.95 -30.60
N THR F 424 3.81 37.80 -30.18
CA THR F 424 5.00 37.72 -31.04
C THR F 424 5.31 36.25 -31.35
N ASN F 425 4.46 35.32 -30.92
CA ASN F 425 4.73 33.85 -31.08
C ASN F 425 4.66 33.47 -32.57
N GLU F 426 5.58 32.59 -32.98
CA GLU F 426 5.56 31.86 -34.27
C GLU F 426 5.67 30.39 -33.92
N ILE F 427 4.55 29.69 -33.74
CA ILE F 427 4.53 28.22 -33.53
C ILE F 427 4.24 27.57 -34.88
N ALA F 428 5.18 26.79 -35.41
CA ALA F 428 5.15 26.26 -36.78
C ALA F 428 5.89 24.94 -36.88
N VAL F 429 5.69 24.21 -37.98
CA VAL F 429 6.45 22.97 -38.25
C VAL F 429 7.75 23.30 -39.04
N MET F 430 7.77 24.45 -39.72
CA MET F 430 8.93 24.98 -40.50
C MET F 430 9.49 24.02 -41.57
N GLY F 431 8.64 23.25 -42.24
CA GLY F 431 9.06 22.41 -43.38
C GLY F 431 8.31 22.84 -44.62
N ALA F 432 7.55 23.95 -44.55
CA ALA F 432 6.71 24.40 -45.69
C ALA F 432 7.61 24.64 -46.89
N GLU F 433 8.68 25.39 -46.68
CA GLU F 433 9.73 25.48 -47.72
C GLU F 433 10.19 24.01 -47.86
N GLY F 434 10.08 23.42 -49.04
CA GLY F 434 10.39 21.98 -49.23
C GLY F 434 9.13 21.13 -49.35
N ALA F 435 8.06 21.38 -48.59
CA ALA F 435 6.75 20.71 -48.86
C ALA F 435 6.08 21.39 -50.05
N ALA F 436 6.39 22.69 -50.25
CA ALA F 436 5.72 23.58 -51.22
C ALA F 436 5.77 22.96 -52.63
N GLY F 437 6.92 22.39 -52.99
CA GLY F 437 7.13 21.61 -54.24
C GLY F 437 5.99 20.64 -54.54
N VAL F 438 5.70 19.72 -53.60
CA VAL F 438 4.65 18.65 -53.74
C VAL F 438 3.25 19.29 -53.62
N ILE F 439 3.02 20.14 -52.61
CA ILE F 439 1.66 20.64 -52.25
C ILE F 439 1.10 21.48 -53.41
N PHE F 440 1.94 22.30 -54.04
CA PHE F 440 1.56 23.29 -55.09
C PHE F 440 2.16 22.90 -56.45
N ARG F 441 2.41 21.62 -56.66
CA ARG F 441 3.12 21.17 -57.87
C ARG F 441 2.35 21.68 -59.09
N ARG F 442 1.02 21.64 -59.07
CA ARG F 442 0.25 22.10 -60.24
C ARG F 442 0.51 23.58 -60.51
N ASP F 443 0.47 24.43 -59.48
CA ASP F 443 0.68 25.89 -59.63
C ASP F 443 2.11 26.20 -60.05
N ILE F 444 3.10 25.52 -59.47
CA ILE F 444 4.52 25.79 -59.82
C ILE F 444 4.76 25.41 -61.29
N ASN F 445 4.23 24.26 -61.70
CA ASN F 445 4.44 23.73 -63.07
C ASN F 445 3.88 24.70 -64.11
N ALA F 446 2.81 25.43 -63.77
CA ALA F 446 2.13 26.50 -64.55
C ALA F 446 3.10 27.67 -64.79
N ALA F 447 4.03 27.86 -63.86
CA ALA F 447 5.22 28.71 -64.03
C ALA F 447 4.93 30.18 -64.22
N ASP F 448 5.57 30.76 -65.25
CA ASP F 448 5.61 32.24 -65.43
C ASP F 448 6.19 32.76 -64.12
N ASP F 449 7.40 32.25 -63.84
CA ASP F 449 8.26 32.47 -62.64
C ASP F 449 7.86 31.53 -61.52
N PRO F 450 8.26 30.25 -61.59
CA PRO F 450 7.92 29.25 -60.58
C PRO F 450 8.41 29.62 -59.18
N GLU F 451 9.58 30.22 -59.06
CA GLU F 451 10.11 30.60 -57.73
C GLU F 451 9.25 31.67 -57.04
N ALA F 452 8.70 32.61 -57.79
CA ALA F 452 7.90 33.74 -57.22
C ALA F 452 6.49 33.26 -56.88
N VAL F 453 5.97 32.26 -57.61
CA VAL F 453 4.65 31.60 -57.35
C VAL F 453 4.80 30.64 -56.16
N ARG F 454 5.96 29.98 -56.01
CA ARG F 454 6.31 29.19 -54.79
C ARG F 454 6.36 30.13 -53.58
N ARG F 455 7.23 31.13 -53.57
CA ARG F 455 7.37 32.12 -52.46
C ARG F 455 6.00 32.71 -52.09
N GLN F 456 5.10 32.89 -53.05
CA GLN F 456 3.73 33.46 -52.83
C GLN F 456 2.87 32.45 -52.06
N ARG F 457 2.78 31.21 -52.56
CA ARG F 457 1.97 30.10 -51.96
C ARG F 457 2.50 29.73 -50.56
N VAL F 458 3.80 29.79 -50.32
CA VAL F 458 4.41 29.63 -48.96
C VAL F 458 3.90 30.74 -48.03
N GLU F 459 3.90 31.99 -48.46
CA GLU F 459 3.39 33.16 -47.67
C GLU F 459 1.89 32.95 -47.37
N GLU F 460 1.09 32.48 -48.34
CA GLU F 460 -0.35 32.20 -48.18
C GLU F 460 -0.57 31.05 -47.19
N TYR F 461 0.23 29.98 -47.27
CA TYR F 461 0.24 28.84 -46.30
C TYR F 461 0.51 29.40 -44.89
N LYS F 462 1.60 30.14 -44.72
CA LYS F 462 2.04 30.71 -43.41
C LYS F 462 0.95 31.62 -42.84
N ALA F 463 0.26 32.41 -43.65
CA ALA F 463 -0.76 33.40 -43.24
C ALA F 463 -2.01 32.71 -42.72
N GLU F 464 -2.24 31.47 -43.16
CA GLU F 464 -3.42 30.67 -42.73
C GLU F 464 -3.11 29.67 -41.61
N LEU F 465 -1.94 29.06 -41.63
CA LEU F 465 -1.62 28.01 -40.63
C LEU F 465 -0.55 28.45 -39.63
N MET F 466 0.09 29.59 -39.84
CA MET F 466 1.17 29.98 -38.89
C MET F 466 1.00 31.39 -38.34
N HIS F 467 -0.20 31.93 -38.30
CA HIS F 467 -0.36 33.29 -37.72
C HIS F 467 -0.27 33.25 -36.20
N PRO F 468 -0.13 34.39 -35.51
CA PRO F 468 0.01 34.42 -34.06
C PRO F 468 -1.16 33.84 -33.24
N TYR F 469 -2.37 33.75 -33.80
CA TYR F 469 -3.52 33.20 -33.06
C TYR F 469 -3.89 31.77 -33.48
N TYR F 470 -3.12 31.15 -34.38
CA TYR F 470 -3.44 29.78 -34.86
C TYR F 470 -3.38 28.80 -33.68
N ALA F 471 -2.32 28.79 -32.86
CA ALA F 471 -2.17 27.82 -31.76
C ALA F 471 -3.35 27.99 -30.78
N ALA F 472 -3.65 29.23 -30.40
CA ALA F 472 -4.73 29.55 -29.44
C ALA F 472 -6.08 29.12 -29.98
N GLU F 473 -6.31 29.24 -31.28
CA GLU F 473 -7.61 28.92 -31.91
C GLU F 473 -7.81 27.40 -31.92
N ARG F 474 -6.73 26.62 -31.78
CA ARG F 474 -6.78 25.14 -31.86
C ARG F 474 -6.54 24.50 -30.49
N GLY F 475 -6.28 25.30 -29.44
CA GLY F 475 -6.08 24.77 -28.07
C GLY F 475 -4.67 24.25 -27.81
N LEU F 476 -3.71 24.47 -28.71
CA LEU F 476 -2.28 24.13 -28.45
C LEU F 476 -1.70 25.04 -27.38
N VAL F 477 -2.20 26.27 -27.26
CA VAL F 477 -1.93 27.16 -26.12
C VAL F 477 -3.27 27.58 -25.51
N ASP F 478 -3.23 27.88 -24.21
CA ASP F 478 -4.42 28.11 -23.37
C ASP F 478 -4.81 29.59 -23.47
N ASP F 479 -3.86 30.46 -23.79
CA ASP F 479 -4.13 31.90 -23.94
C ASP F 479 -2.98 32.59 -24.67
N VAL F 480 -3.28 33.71 -25.33
CA VAL F 480 -2.28 34.70 -25.80
C VAL F 480 -2.38 35.88 -24.86
N ILE F 481 -1.25 36.28 -24.26
CA ILE F 481 -1.25 37.27 -23.15
C ILE F 481 -0.47 38.51 -23.54
N ASP F 482 -0.82 39.61 -22.88
CA ASP F 482 -0.01 40.85 -22.83
C ASP F 482 1.34 40.47 -22.20
N PRO F 483 2.48 40.63 -22.91
CA PRO F 483 3.79 40.32 -22.32
C PRO F 483 3.95 40.92 -20.92
N ALA F 484 3.40 42.10 -20.69
CA ALA F 484 3.57 42.85 -19.43
C ALA F 484 2.79 42.19 -18.30
N ASP F 485 1.88 41.25 -18.61
CA ASP F 485 1.12 40.50 -17.57
C ASP F 485 1.82 39.18 -17.22
N THR F 486 2.95 38.85 -17.85
CA THR F 486 3.64 37.53 -17.69
C THR F 486 3.79 37.18 -16.19
N ARG F 487 4.40 38.07 -15.40
CA ARG F 487 4.65 37.79 -13.97
C ARG F 487 3.33 37.36 -13.30
N GLU F 488 2.25 38.14 -13.45
CA GLU F 488 0.97 37.86 -12.76
C GLU F 488 0.37 36.53 -13.23
N VAL F 489 0.40 36.26 -14.53
CA VAL F 489 -0.22 35.03 -15.12
C VAL F 489 0.51 33.80 -14.58
N LEU F 490 1.83 33.83 -14.53
CA LEU F 490 2.64 32.71 -13.99
C LEU F 490 2.29 32.52 -12.51
N ILE F 491 2.26 33.61 -11.72
CA ILE F 491 1.94 33.52 -10.27
C ILE F 491 0.59 32.81 -10.10
N ARG F 492 -0.41 33.19 -10.89
CA ARG F 492 -1.81 32.74 -10.68
C ARG F 492 -1.94 31.30 -11.15
N GLY F 493 -1.28 30.95 -12.25
CA GLY F 493 -1.15 29.58 -12.78
C GLY F 493 -0.53 28.63 -11.76
N LEU F 494 0.63 28.99 -11.24
CA LEU F 494 1.36 28.17 -10.24
C LEU F 494 0.51 28.04 -8.96
N ALA F 495 -0.26 29.06 -8.59
CA ALA F 495 -1.06 29.00 -7.34
C ALA F 495 -2.20 28.02 -7.56
N MET F 496 -2.77 27.97 -8.77
CA MET F 496 -3.87 27.05 -9.08
C MET F 496 -3.35 25.62 -9.11
N LEU F 497 -2.10 25.43 -9.52
CA LEU F 497 -1.48 24.10 -9.71
C LEU F 497 -0.76 23.61 -8.45
N ARG F 498 -0.68 24.40 -7.38
CA ARG F 498 0.14 24.08 -6.16
C ARG F 498 -0.24 22.69 -5.64
N THR F 499 -1.53 22.34 -5.65
CA THR F 499 -2.07 21.06 -5.08
C THR F 499 -2.04 19.92 -6.10
N LYS F 500 -1.45 20.11 -7.29
CA LYS F 500 -1.36 19.05 -8.32
C LYS F 500 -0.76 17.78 -7.69
N HIS F 501 -1.53 16.69 -7.66
CA HIS F 501 -0.96 15.33 -7.50
C HIS F 501 -1.02 14.71 -8.89
N ALA F 502 0.08 14.11 -9.33
CA ALA F 502 0.08 13.13 -10.45
C ALA F 502 0.80 11.87 -9.97
N ASP F 503 0.32 10.72 -10.45
CA ASP F 503 0.77 9.35 -10.09
C ASP F 503 1.79 8.93 -11.17
N LEU F 504 2.85 8.20 -10.77
CA LEU F 504 3.86 7.64 -11.70
C LEU F 504 3.56 6.16 -11.91
N PRO F 505 3.96 5.53 -13.03
CA PRO F 505 3.55 4.15 -13.30
C PRO F 505 4.22 3.15 -12.32
N MET F 506 3.68 1.94 -12.23
CA MET F 506 4.22 0.84 -11.39
C MET F 506 5.43 0.22 -12.12
N ARG F 507 6.64 0.52 -11.64
CA ARG F 507 7.92 0.01 -12.20
C ARG F 507 9.06 0.22 -11.20
N LYS F 508 10.11 -0.58 -11.29
CA LYS F 508 11.39 -0.33 -10.55
C LYS F 508 11.90 1.08 -10.86
N HIS F 509 11.94 1.43 -12.14
CA HIS F 509 12.45 2.70 -12.72
C HIS F 509 12.12 2.65 -14.20
N GLY F 510 11.97 3.80 -14.85
CA GLY F 510 11.99 3.88 -16.32
C GLY F 510 13.35 3.45 -16.85
N ASN F 511 13.48 3.32 -18.17
CA ASN F 511 14.78 3.19 -18.89
C ASN F 511 15.00 4.44 -19.71
N PRO F 512 15.31 5.59 -19.06
CA PRO F 512 15.60 6.82 -19.81
C PRO F 512 16.77 6.60 -20.74
N PRO F 513 16.91 7.40 -21.82
CA PRO F 513 18.04 7.26 -22.72
C PRO F 513 19.35 7.54 -21.97
N GLN F 514 20.39 6.72 -22.20
CA GLN F 514 21.77 6.91 -21.69
C GLN F 514 22.61 7.57 -22.79
S SO4 G . 27.91 0.13 13.59
O1 SO4 G . 26.69 0.81 13.90
O2 SO4 G . 27.94 -1.18 14.20
O3 SO4 G . 28.07 -0.02 12.16
O4 SO4 G . 28.98 0.96 14.11
S SO4 H . -36.06 -9.53 28.93
O1 SO4 H . -35.08 -10.51 29.29
O2 SO4 H . -37.38 -10.11 29.03
O3 SO4 H . -35.80 -9.05 27.57
O4 SO4 H . -35.99 -8.44 29.86
S SO4 I . -11.85 6.82 -27.92
O1 SO4 I . -12.35 6.19 -29.14
O2 SO4 I . -11.57 5.74 -27.00
O3 SO4 I . -12.84 7.75 -27.40
O4 SO4 I . -10.64 7.55 -28.20
S SO4 J . -16.25 15.05 -41.31
O1 SO4 J . -15.99 14.42 -42.61
O2 SO4 J . -16.75 14.06 -40.37
O3 SO4 J . -15.03 15.61 -40.81
O4 SO4 J . -17.23 16.10 -41.47
C1 GOL K . -40.81 -4.35 9.18
O1 GOL K . -41.81 -3.35 9.31
C2 GOL K . -40.55 -5.08 10.48
O2 GOL K . -41.73 -4.94 11.27
C3 GOL K . -40.14 -6.53 10.30
O3 GOL K . -40.28 -7.33 11.49
C1 GOL L . -20.29 -16.88 19.16
O1 GOL L . -20.80 -18.13 18.68
C2 GOL L . -18.77 -16.71 19.04
O2 GOL L . -18.43 -15.43 18.62
C3 GOL L . -18.01 -16.77 20.31
O3 GOL L . -16.84 -16.01 20.09
S SO4 M . 10.76 18.12 -36.91
O1 SO4 M . 9.83 19.22 -37.12
O2 SO4 M . 10.01 16.93 -36.58
O3 SO4 M . 11.66 18.46 -35.86
O4 SO4 M . 11.53 17.89 -38.11
S SO4 N . 30.18 -6.53 0.84
O1 SO4 N . 28.95 -6.89 0.19
O2 SO4 N . 31.05 -7.72 0.85
O3 SO4 N . 29.96 -6.12 2.20
O4 SO4 N . 30.79 -5.43 0.12
C1 GOL O . -24.80 -2.84 17.72
O1 GOL O . -26.16 -3.12 17.45
C2 GOL O . -24.57 -3.14 19.15
O2 GOL O . -23.19 -2.90 19.32
C3 GOL O . -25.49 -2.31 20.03
O3 GOL O . -25.07 -2.15 21.40
C1 GOL P . 40.42 5.22 -8.19
O1 GOL P . 40.90 5.13 -6.84
C2 GOL P . 41.48 4.86 -9.22
O2 GOL P . 40.96 4.80 -10.55
C3 GOL P . 42.63 5.84 -9.27
O3 GOL P . 42.65 6.53 -10.51
#